data_7AP5
#
_entry.id   7AP5
#
_cell.length_a   192.759
_cell.length_b   192.759
_cell.length_c   524.486
_cell.angle_alpha   90.000
_cell.angle_beta   90.000
_cell.angle_gamma   120.000
#
_symmetry.space_group_name_H-M   'H 3 2'
#
loop_
_entity.id
_entity.type
_entity.pdbx_description
1 polymer 'Alpha subunit of cyanobacterial protein phycoerythrin'
2 polymer 'Beta subunit of cyanobacterial protein phycoerythrin'
3 non-polymer PHYCOERYTHROBILIN
4 non-polymer 'TETRAETHYLENE GLYCOL'
5 non-polymer 'TRIETHYLENE GLYCOL'
6 non-polymer DI(HYDROXYETHYL)ETHER
7 non-polymer 'PHOSPHATE ION'
8 non-polymer 'NITRATE ION'
9 non-polymer 'dodecaethylene glycol monomethyl ether'
10 non-polymer 3,6,9,12,15,18,21-HEPTAOXATRICOSANE-1,23-DIOL
11 non-polymer 'PENTAETHYLENE GLYCOL'
12 non-polymer 3,6,9,12,15,18-HEXAOXAICOSANE-1,20-DIOL
13 non-polymer 'HEXAETHYLENE GLYCOL'
14 non-polymer 1,2-ETHANEDIOL
15 non-polymer 3,6,9,12,15,18,21,24-OCTAOXAHEXACOSAN-1-OL
16 water water
#
loop_
_entity_poly.entity_id
_entity_poly.type
_entity_poly.pdbx_seq_one_letter_code
_entity_poly.pdbx_strand_id
1 'polypeptide(L)'
;MKSVVTTVIAAADAAGRFPSSSDLESVQGSIQRAAARLEAAEKLAGNIDAVATEAYNACIKKYPYLNNAGEANSTDTFKA
KCARDIKHYLRLIQYCLVVGGTGPLDEWGIAGQREVYRALGLPTAPYVEALSFARNRGCAPRDMSAQALTEYNALLDYAI
NSLS
;
AAA,CCC,EEE,GGG,III,KKK,MMM,OOO
2 'polypeptide(L)'
;MLDAFSRAVVSADASTSTVSDIAALRAFVASGNRRLDAVNAIASNASCMVSDAVAGMICENQGLIQAGG(MEN)CYPNRR
MAACLRDAEIILRYVTYALLAGDASVLDDRCLNGLKETYAALGVPTTSTVRAVQIMKAQAAAHIQDTPSEARAGAKLRKM
GSPVVEDRCASLVAEASSYFDRVISALS
;
BBB,DDD,FFF,HHH,JJJ,LLL,NNN,PPP
#
# COMPACT_ATOMS: atom_id res chain seq x y z
N MET A 1 85.65 1.33 54.55
CA MET A 1 86.07 2.74 54.82
CA MET A 1 86.07 2.74 54.82
C MET A 1 86.33 2.89 56.32
N LYS A 2 87.59 2.97 56.72
CA LYS A 2 87.98 2.86 58.16
C LYS A 2 87.35 3.99 58.97
N SER A 3 86.59 3.59 59.98
CA SER A 3 85.95 4.44 60.99
C SER A 3 85.92 3.63 62.28
N VAL A 4 85.41 4.21 63.37
CA VAL A 4 85.29 3.47 64.66
C VAL A 4 84.43 2.23 64.38
N VAL A 5 83.26 2.44 63.78
CA VAL A 5 82.22 1.38 63.74
C VAL A 5 82.61 0.32 62.71
N THR A 6 83.21 0.70 61.59
CA THR A 6 83.60 -0.31 60.55
C THR A 6 84.76 -1.14 61.10
N THR A 7 85.64 -0.53 61.89
CA THR A 7 86.78 -1.27 62.49
C THR A 7 86.25 -2.33 63.45
N VAL A 8 85.35 -1.98 64.36
CA VAL A 8 84.88 -2.98 65.36
C VAL A 8 84.03 -4.03 64.64
N ILE A 9 83.26 -3.65 63.63
CA ILE A 9 82.43 -4.66 62.89
C ILE A 9 83.37 -5.61 62.15
N ALA A 10 84.40 -5.11 61.49
CA ALA A 10 85.34 -5.98 60.72
C ALA A 10 86.02 -6.96 61.70
N ALA A 11 86.37 -6.50 62.90
CA ALA A 11 87.04 -7.39 63.89
C ALA A 11 85.99 -8.39 64.40
N ALA A 12 84.77 -7.96 64.65
CA ALA A 12 83.67 -8.87 65.09
C ALA A 12 83.45 -9.92 64.00
N ASP A 13 83.42 -9.52 62.74
CA ASP A 13 83.04 -10.42 61.63
C ASP A 13 84.13 -11.47 61.43
N ALA A 14 85.39 -11.07 61.55
CA ALA A 14 86.53 -11.99 61.37
C ALA A 14 86.44 -13.12 62.40
N ALA A 15 85.87 -12.88 63.58
CA ALA A 15 85.73 -13.89 64.67
C ALA A 15 84.31 -14.46 64.75
N GLY A 16 83.39 -14.08 63.85
CA GLY A 16 81.99 -14.57 63.84
C GLY A 16 81.18 -14.12 65.06
N ARG A 17 81.44 -12.92 65.58
CA ARG A 17 80.89 -12.40 66.85
C ARG A 17 79.77 -11.39 66.57
N PHE A 18 78.73 -11.43 67.38
CA PHE A 18 77.81 -10.29 67.55
C PHE A 18 78.60 -9.13 68.14
N PRO A 19 78.13 -7.88 67.91
CA PRO A 19 78.64 -6.75 68.69
C PRO A 19 78.54 -7.08 70.19
N SER A 20 79.58 -6.75 70.94
CA SER A 20 79.70 -7.01 72.40
C SER A 20 80.13 -5.71 73.12
N SER A 21 80.33 -5.81 74.42
N SER A 21 80.34 -5.81 74.43
CA SER A 21 80.67 -4.69 75.34
CA SER A 21 80.67 -4.69 75.34
C SER A 21 81.68 -3.73 74.66
C SER A 21 81.68 -3.73 74.67
N SER A 22 82.82 -4.23 74.20
CA SER A 22 83.91 -3.37 73.66
C SER A 22 83.48 -2.68 72.35
N ASP A 23 82.59 -3.28 71.59
CA ASP A 23 82.12 -2.70 70.30
C ASP A 23 81.24 -1.49 70.60
N LEU A 24 80.27 -1.62 71.50
CA LEU A 24 79.35 -0.52 71.80
C LEU A 24 80.15 0.60 72.47
N GLU A 25 81.08 0.23 73.37
CA GLU A 25 81.90 1.20 74.13
C GLU A 25 82.67 2.05 73.13
N SER A 26 83.24 1.43 72.09
CA SER A 26 84.03 2.13 71.05
C SER A 26 83.13 3.16 70.38
N VAL A 27 81.91 2.77 70.03
CA VAL A 27 80.97 3.68 69.33
C VAL A 27 80.57 4.83 70.27
N GLN A 28 80.50 4.61 71.57
CA GLN A 28 80.25 5.73 72.53
C GLN A 28 81.32 6.81 72.31
N GLY A 29 82.55 6.42 72.00
CA GLY A 29 83.64 7.38 71.71
C GLY A 29 83.30 8.29 70.53
N SER A 30 82.73 7.75 69.47
CA SER A 30 82.22 8.53 68.32
C SER A 30 81.15 9.51 68.76
N ILE A 31 80.21 9.06 69.59
CA ILE A 31 79.10 9.92 70.10
C ILE A 31 79.71 11.13 70.83
N GLN A 32 80.76 10.94 71.62
CA GLN A 32 81.44 12.04 72.37
CA GLN A 32 81.44 12.04 72.37
C GLN A 32 82.23 12.94 71.42
N ARG A 33 82.93 12.38 70.45
CA ARG A 33 83.92 13.14 69.64
C ARG A 33 83.24 13.78 68.43
N ALA A 34 82.04 13.38 68.05
CA ALA A 34 81.40 13.81 66.79
C ALA A 34 81.26 15.33 66.76
N ALA A 35 80.84 15.94 67.84
CA ALA A 35 80.61 17.43 67.92
C ALA A 35 81.87 18.16 67.44
N ALA A 36 83.04 17.79 67.98
CA ALA A 36 84.33 18.42 67.66
C ALA A 36 84.60 18.23 66.16
N ARG A 37 84.53 17.00 65.65
CA ARG A 37 84.96 16.76 64.27
C ARG A 37 83.90 17.25 63.27
N LEU A 38 82.62 17.23 63.63
CA LEU A 38 81.57 17.82 62.75
C LEU A 38 81.68 19.35 62.75
N GLU A 39 82.12 19.96 63.85
CA GLU A 39 82.40 21.40 63.89
C GLU A 39 83.49 21.71 62.86
N ALA A 40 84.59 20.94 62.89
CA ALA A 40 85.69 21.07 61.91
C ALA A 40 85.17 20.83 60.48
N ALA A 41 84.38 19.77 60.28
CA ALA A 41 83.86 19.39 58.96
C ALA A 41 83.01 20.52 58.38
N GLU A 42 82.20 21.17 59.21
CA GLU A 42 81.28 22.26 58.81
C GLU A 42 82.12 23.50 58.47
N LYS A 43 83.13 23.83 59.27
CA LYS A 43 84.00 25.01 59.01
C LYS A 43 84.70 24.78 57.67
N LEU A 44 85.22 23.59 57.44
CA LEU A 44 86.00 23.24 56.22
C LEU A 44 85.07 23.26 55.01
N ALA A 45 83.87 22.72 55.12
CA ALA A 45 82.85 22.76 54.04
C ALA A 45 82.56 24.21 53.69
N GLY A 46 82.36 25.04 54.71
CA GLY A 46 82.05 26.49 54.52
C GLY A 46 83.18 27.27 53.86
N ASN A 47 84.45 26.93 54.07
CA ASN A 47 85.59 27.84 53.77
C ASN A 47 86.70 27.10 53.01
N ILE A 48 86.41 25.96 52.38
CA ILE A 48 87.48 25.07 51.84
C ILE A 48 88.26 25.84 50.77
N ASP A 49 87.60 26.61 49.92
CA ASP A 49 88.28 27.31 48.81
C ASP A 49 89.33 28.28 49.36
N ALA A 50 89.01 29.03 50.41
CA ALA A 50 89.95 30.01 51.01
C ALA A 50 91.10 29.25 51.67
N VAL A 51 90.80 28.16 52.35
CA VAL A 51 91.81 27.34 53.09
C VAL A 51 92.79 26.74 52.07
N ALA A 52 92.28 26.16 50.98
CA ALA A 52 93.06 25.51 49.91
C ALA A 52 93.89 26.56 49.16
N THR A 53 93.30 27.71 48.87
CA THR A 53 93.97 28.78 48.08
C THR A 53 95.20 29.25 48.88
N GLU A 54 95.05 29.51 50.17
CA GLU A 54 96.19 30.07 50.94
C GLU A 54 97.27 29.00 51.10
N ALA A 55 96.92 27.71 51.20
CA ALA A 55 97.90 26.60 51.25
C ALA A 55 98.63 26.49 49.90
N TYR A 56 97.92 26.57 48.79
CA TYR A 56 98.50 26.55 47.43
C TYR A 56 99.50 27.72 47.29
N ASN A 57 99.06 28.92 47.68
CA ASN A 57 99.87 30.16 47.55
C ASN A 57 101.14 30.00 48.39
N ALA A 58 101.03 29.38 49.57
CA ALA A 58 102.17 29.16 50.47
C ALA A 58 103.20 28.26 49.77
N CYS A 59 102.77 27.18 49.11
CA CYS A 59 103.75 26.20 48.58
C CYS A 59 104.45 26.83 47.36
N ILE A 60 103.75 27.69 46.59
CA ILE A 60 104.38 28.35 45.41
C ILE A 60 105.31 29.46 45.90
N LYS A 61 104.93 30.14 46.97
CA LYS A 61 105.83 31.16 47.60
C LYS A 61 107.14 30.49 48.04
N LYS A 62 107.07 29.26 48.55
CA LYS A 62 108.28 28.53 49.06
C LYS A 62 109.10 28.04 47.87
N TYR A 63 108.48 27.69 46.74
CA TYR A 63 109.15 27.01 45.60
C TYR A 63 108.84 27.74 44.30
N PRO A 64 109.26 29.03 44.18
CA PRO A 64 108.95 29.80 42.98
C PRO A 64 109.56 29.20 41.70
N TYR A 65 110.59 28.36 41.79
CA TYR A 65 111.13 27.61 40.63
C TYR A 65 110.00 26.86 39.90
N LEU A 66 108.91 26.51 40.57
CA LEU A 66 107.76 25.80 39.93
C LEU A 66 107.15 26.68 38.83
N ASN A 67 107.38 28.00 38.88
CA ASN A 67 106.84 28.95 37.86
C ASN A 67 107.68 28.96 36.59
N ASN A 68 108.91 28.44 36.61
CA ASN A 68 109.80 28.43 35.41
C ASN A 68 109.23 27.50 34.35
N ALA A 69 109.45 27.86 33.08
CA ALA A 69 109.07 27.08 31.88
C ALA A 69 109.39 25.61 32.12
N GLY A 70 108.40 24.75 31.91
CA GLY A 70 108.54 23.28 31.97
C GLY A 70 108.32 22.73 33.36
N GLU A 71 108.24 23.57 34.41
CA GLU A 71 108.03 23.12 35.80
C GLU A 71 106.53 23.04 36.13
N ALA A 72 106.22 22.47 37.30
CA ALA A 72 104.89 21.94 37.64
C ALA A 72 103.85 23.04 37.85
N ASN A 73 104.22 24.31 38.00
CA ASN A 73 103.25 25.42 38.22
C ASN A 73 103.37 26.45 37.10
N SER A 74 103.88 26.06 35.93
CA SER A 74 104.39 27.01 34.90
C SER A 74 103.29 27.40 33.89
N THR A 75 102.23 26.64 33.75
CA THR A 75 101.12 26.95 32.80
C THR A 75 99.83 27.15 33.58
N ASP A 76 98.79 27.70 32.93
CA ASP A 76 97.49 27.99 33.59
C ASP A 76 96.84 26.64 33.99
N THR A 77 96.92 25.63 33.12
CA THR A 77 96.43 24.26 33.41
C THR A 77 97.14 23.69 34.65
N PHE A 78 98.46 23.77 34.69
CA PHE A 78 99.29 23.26 35.82
C PHE A 78 98.89 23.99 37.09
N LYS A 79 98.81 25.31 37.04
CA LYS A 79 98.44 26.15 38.22
C LYS A 79 97.08 25.69 38.73
N ALA A 80 96.12 25.50 37.84
CA ALA A 80 94.74 25.11 38.20
C ALA A 80 94.76 23.67 38.78
N LYS A 81 95.57 22.78 38.22
CA LYS A 81 95.59 21.38 38.69
C LYS A 81 96.24 21.33 40.08
N CYS A 82 97.26 22.14 40.30
CA CYS A 82 98.00 22.11 41.59
C CYS A 82 97.05 22.57 42.70
N ALA A 83 96.34 23.69 42.47
CA ALA A 83 95.38 24.25 43.44
C ALA A 83 94.25 23.24 43.66
N ARG A 84 93.78 22.62 42.59
CA ARG A 84 92.75 21.55 42.65
C ARG A 84 93.24 20.42 43.54
N ASP A 85 94.49 19.98 43.38
CA ASP A 85 95.02 18.83 44.16
C ASP A 85 94.98 19.17 45.65
N ILE A 86 95.34 20.39 46.03
CA ILE A 86 95.34 20.78 47.47
C ILE A 86 93.89 20.75 47.97
N LYS A 87 92.95 21.24 47.16
CA LYS A 87 91.52 21.20 47.52
C LYS A 87 91.04 19.75 47.66
N HIS A 88 91.48 18.85 46.78
CA HIS A 88 91.21 17.38 46.87
C HIS A 88 91.61 16.86 48.25
N TYR A 89 92.84 17.11 48.68
CA TYR A 89 93.32 16.64 50.01
C TYR A 89 92.42 17.20 51.12
N LEU A 90 92.08 18.48 51.06
CA LEU A 90 91.24 19.12 52.10
C LEU A 90 89.81 18.55 52.08
N ARG A 91 89.28 18.25 50.89
CA ARG A 91 87.95 17.63 50.79
C ARG A 91 88.02 16.22 51.42
N LEU A 92 89.09 15.47 51.16
CA LEU A 92 89.24 14.11 51.77
C LEU A 92 89.35 14.25 53.28
N ILE A 93 89.98 15.32 53.75
CA ILE A 93 90.10 15.57 55.21
C ILE A 93 88.71 15.89 55.76
N GLN A 94 87.92 16.69 55.05
CA GLN A 94 86.51 16.96 55.44
C GLN A 94 85.78 15.61 55.56
N TYR A 95 85.98 14.69 54.62
CA TYR A 95 85.32 13.35 54.63
C TYR A 95 85.76 12.57 55.88
N CYS A 96 87.05 12.58 56.22
CA CYS A 96 87.60 11.90 57.43
C CYS A 96 87.00 12.48 58.70
N LEU A 97 86.79 13.79 58.78
CA LEU A 97 86.15 14.44 59.94
C LEU A 97 84.67 14.00 60.06
N VAL A 98 84.01 13.81 58.93
CA VAL A 98 82.58 13.36 58.89
C VAL A 98 82.51 11.91 59.42
N VAL A 99 83.47 11.09 59.02
CA VAL A 99 83.48 9.62 59.23
C VAL A 99 84.15 9.28 60.58
N GLY A 100 85.07 10.10 61.05
CA GLY A 100 85.87 9.87 62.27
C GLY A 100 86.91 8.76 62.04
N GLY A 101 87.50 8.74 60.86
CA GLY A 101 88.62 7.85 60.56
C GLY A 101 89.31 8.26 59.28
N THR A 102 90.42 7.64 58.96
CA THR A 102 91.30 8.00 57.82
C THR A 102 90.80 7.36 56.53
N GLY A 103 89.78 6.52 56.58
CA GLY A 103 89.26 5.75 55.42
C GLY A 103 89.29 6.52 54.11
N PRO A 104 88.54 7.64 54.01
CA PRO A 104 88.46 8.42 52.76
C PRO A 104 89.84 8.89 52.25
N LEU A 105 90.71 9.29 53.18
CA LEU A 105 92.08 9.77 52.82
C LEU A 105 92.93 8.56 52.38
N ASP A 106 92.82 7.45 53.09
CA ASP A 106 93.50 6.17 52.77
C ASP A 106 93.15 5.73 51.35
N GLU A 107 91.86 5.66 51.04
CA GLU A 107 91.36 4.97 49.82
C GLU A 107 91.43 5.90 48.62
N TRP A 108 91.19 7.20 48.79
CA TRP A 108 90.99 8.15 47.65
C TRP A 108 92.14 9.14 47.48
N GLY A 109 92.98 9.34 48.49
CA GLY A 109 94.09 10.31 48.37
C GLY A 109 95.45 9.65 48.40
N ILE A 110 95.69 8.86 49.43
CA ILE A 110 97.05 8.32 49.71
C ILE A 110 97.35 7.13 48.80
N ALA A 111 96.43 6.20 48.62
CA ALA A 111 96.67 5.02 47.76
C ALA A 111 96.97 5.51 46.33
N GLY A 112 98.15 5.19 45.81
CA GLY A 112 98.59 5.57 44.46
C GLY A 112 99.26 6.93 44.37
N GLN A 113 99.22 7.78 45.40
CA GLN A 113 99.68 9.19 45.29
C GLN A 113 101.14 9.19 44.81
N ARG A 114 101.97 8.33 45.39
CA ARG A 114 103.43 8.34 45.09
C ARG A 114 103.66 7.85 43.66
N GLU A 115 102.96 6.82 43.19
CA GLU A 115 103.08 6.33 41.79
C GLU A 115 102.68 7.47 40.84
N VAL A 116 101.63 8.22 41.13
CA VAL A 116 101.13 9.28 40.21
C VAL A 116 102.19 10.38 40.13
N TYR A 117 102.67 10.87 41.27
CA TYR A 117 103.56 12.04 41.32
C TYR A 117 104.91 11.67 40.67
N ARG A 118 105.37 10.47 40.93
CA ARG A 118 106.62 9.93 40.33
C ARG A 118 106.44 9.88 38.80
N ALA A 119 105.31 9.39 38.32
CA ALA A 119 105.08 9.17 36.88
C ALA A 119 105.02 10.51 36.15
N LEU A 120 104.51 11.56 36.78
CA LEU A 120 104.32 12.88 36.12
C LEU A 120 105.45 13.85 36.53
N GLY A 121 106.46 13.37 37.24
CA GLY A 121 107.59 14.20 37.69
C GLY A 121 107.12 15.33 38.57
N LEU A 122 106.07 15.13 39.35
CA LEU A 122 105.58 16.15 40.31
C LEU A 122 106.36 16.00 41.60
N PRO A 123 107.12 17.03 42.03
CA PRO A 123 107.84 16.99 43.28
C PRO A 123 106.85 16.91 44.44
N THR A 124 107.19 16.17 45.49
N THR A 124 107.22 16.16 45.48
CA THR A 124 106.30 15.98 46.65
CA THR A 124 106.44 15.91 46.69
C THR A 124 106.45 17.15 47.62
C THR A 124 106.46 17.14 47.61
N ALA A 125 107.57 17.85 47.64
CA ALA A 125 107.84 18.92 48.63
C ALA A 125 106.72 19.96 48.63
N PRO A 126 106.23 20.45 47.46
CA PRO A 126 105.18 21.46 47.47
C PRO A 126 103.88 20.92 48.10
N TYR A 127 103.56 19.65 47.89
CA TYR A 127 102.35 19.05 48.52
C TYR A 127 102.53 19.10 50.04
N VAL A 128 103.71 18.72 50.50
CA VAL A 128 104.01 18.66 51.96
C VAL A 128 103.94 20.07 52.54
N GLU A 129 104.45 21.07 51.80
CA GLU A 129 104.49 22.47 52.26
C GLU A 129 103.07 23.01 52.38
N ALA A 130 102.21 22.73 51.39
CA ALA A 130 100.79 23.17 51.39
C ALA A 130 100.11 22.59 52.64
N LEU A 131 100.23 21.29 52.88
CA LEU A 131 99.55 20.64 54.04
C LEU A 131 100.19 21.15 55.34
N SER A 132 101.50 21.28 55.34
CA SER A 132 102.26 21.76 56.50
C SER A 132 101.84 23.19 56.84
N PHE A 133 101.70 24.05 55.85
CA PHE A 133 101.14 25.40 56.05
C PHE A 133 99.77 25.29 56.72
N ALA A 134 98.88 24.47 56.19
CA ALA A 134 97.50 24.32 56.70
C ALA A 134 97.53 23.83 58.15
N ARG A 135 98.45 22.91 58.45
CA ARG A 135 98.64 22.32 59.79
C ARG A 135 99.05 23.40 60.80
N ASN A 136 99.90 24.34 60.40
CA ASN A 136 100.44 25.37 61.33
C ASN A 136 99.52 26.60 61.40
N ARG A 137 98.55 26.70 60.50
CA ARG A 137 97.76 27.94 60.28
C ARG A 137 96.71 28.12 61.38
N GLY A 138 96.00 27.04 61.73
CA GLY A 138 94.81 27.12 62.55
C GLY A 138 95.17 27.44 63.98
N CYS A 139 94.26 28.08 64.69
CA CYS A 139 94.36 28.23 66.15
C CYS A 139 92.97 28.25 66.75
N ALA A 140 92.87 27.73 67.97
CA ALA A 140 91.63 27.63 68.75
C ALA A 140 91.75 28.57 69.95
N PRO A 141 90.64 29.20 70.39
CA PRO A 141 89.33 29.03 69.78
C PRO A 141 88.97 29.94 68.61
N ARG A 142 89.91 30.73 68.10
CA ARG A 142 89.62 31.63 66.95
C ARG A 142 88.85 30.88 65.84
N ASP A 143 89.44 29.81 65.28
CA ASP A 143 88.97 29.17 64.03
C ASP A 143 87.87 28.13 64.31
N MET A 144 87.87 27.55 65.51
CA MET A 144 87.01 26.44 65.94
C MET A 144 87.52 26.00 67.32
N SER A 145 86.81 25.12 68.01
CA SER A 145 87.17 24.67 69.37
C SER A 145 88.49 23.92 69.32
N ALA A 146 89.18 23.82 70.47
CA ALA A 146 90.49 23.14 70.59
C ALA A 146 90.39 21.70 70.05
N GLN A 147 89.33 20.97 70.38
CA GLN A 147 89.19 19.54 69.99
C GLN A 147 88.90 19.44 68.49
N ALA A 148 88.11 20.34 67.93
CA ALA A 148 87.83 20.41 66.48
C ALA A 148 89.17 20.59 65.77
N LEU A 149 89.99 21.53 66.24
CA LEU A 149 91.28 21.85 65.59
C LEU A 149 92.25 20.68 65.78
N THR A 150 92.19 19.97 66.90
CA THR A 150 93.04 18.80 67.17
C THR A 150 92.78 17.73 66.10
N GLU A 151 91.49 17.47 65.82
CA GLU A 151 91.02 16.47 64.83
C GLU A 151 91.52 16.88 63.45
N TYR A 152 91.37 18.14 63.07
CA TYR A 152 91.79 18.70 61.76
C TYR A 152 93.31 18.57 61.60
N ASN A 153 94.05 18.97 62.63
CA ASN A 153 95.54 18.94 62.64
C ASN A 153 96.03 17.50 62.53
N ALA A 154 95.38 16.57 63.23
CA ALA A 154 95.80 15.14 63.21
C ALA A 154 95.67 14.58 61.79
N LEU A 155 94.62 14.96 61.06
CA LEU A 155 94.38 14.44 59.70
C LEU A 155 95.38 15.09 58.73
N LEU A 156 95.72 16.36 58.93
CA LEU A 156 96.75 17.01 58.11
C LEU A 156 98.10 16.33 58.36
N ASP A 157 98.44 16.05 59.63
CA ASP A 157 99.71 15.39 59.99
C ASP A 157 99.72 13.98 59.39
N TYR A 158 98.58 13.31 59.36
CA TYR A 158 98.44 11.95 58.77
C TYR A 158 98.78 12.03 57.27
N ALA A 159 98.21 12.99 56.55
CA ALA A 159 98.52 13.19 55.11
C ALA A 159 100.00 13.49 54.96
N ILE A 160 100.53 14.38 55.78
CA ILE A 160 101.96 14.79 55.71
C ILE A 160 102.83 13.55 55.91
N ASN A 161 102.55 12.76 56.94
CA ASN A 161 103.27 11.49 57.23
C ASN A 161 103.25 10.57 56.00
N SER A 162 102.12 10.46 55.29
CA SER A 162 101.93 9.57 54.11
C SER A 162 102.87 9.99 52.99
N LEU A 163 103.26 11.26 52.93
CA LEU A 163 104.14 11.81 51.88
C LEU A 163 105.59 11.90 52.35
N SER A 164 105.88 11.53 53.59
CA SER A 164 107.21 11.68 54.24
C SER A 164 107.78 10.30 54.57
N MET B 1 83.18 -1.80 53.98
CA MET B 1 81.77 -1.53 54.22
C MET B 1 81.63 -0.04 54.53
N LEU B 2 80.41 0.46 54.43
CA LEU B 2 80.09 1.85 54.80
C LEU B 2 79.28 1.83 56.09
N ASP B 3 79.32 2.97 56.78
CA ASP B 3 78.38 3.28 57.86
C ASP B 3 77.57 4.49 57.37
N ALA B 4 76.66 4.99 58.18
CA ALA B 4 75.75 6.09 57.77
C ALA B 4 76.57 7.30 57.33
N PHE B 5 77.73 7.52 57.95
CA PHE B 5 78.53 8.75 57.72
C PHE B 5 79.32 8.58 56.44
N SER B 6 79.95 7.44 56.24
CA SER B 6 80.74 7.19 54.99
C SER B 6 79.75 7.01 53.82
N ARG B 7 78.51 6.65 54.08
CA ARG B 7 77.46 6.67 53.01
C ARG B 7 77.28 8.12 52.52
N ALA B 8 77.19 9.10 53.42
CA ALA B 8 77.05 10.53 53.05
C ALA B 8 78.30 10.99 52.27
N VAL B 9 79.49 10.55 52.68
CA VAL B 9 80.75 10.85 51.95
C VAL B 9 80.71 10.29 50.52
N VAL B 10 80.37 9.01 50.34
CA VAL B 10 80.32 8.37 49.00
C VAL B 10 79.31 9.10 48.11
N SER B 11 78.15 9.47 48.63
CA SER B 11 77.13 10.25 47.89
C SER B 11 77.71 11.60 47.46
N ALA B 12 78.40 12.30 48.36
CA ALA B 12 79.01 13.61 48.06
C ALA B 12 80.10 13.45 47.00
N ASP B 13 80.86 12.34 47.04
CA ASP B 13 82.01 12.16 46.13
C ASP B 13 81.53 11.96 44.68
N ALA B 14 80.25 11.63 44.47
CA ALA B 14 79.67 11.48 43.12
C ALA B 14 79.68 12.82 42.38
N SER B 15 79.78 13.94 43.09
CA SER B 15 79.94 15.29 42.49
C SER B 15 81.21 15.96 43.02
N THR B 16 82.17 15.18 43.53
CA THR B 16 83.43 15.67 44.17
C THR B 16 83.12 16.90 45.01
N SER B 17 82.09 16.82 45.86
CA SER B 17 81.64 17.91 46.76
CA SER B 17 81.64 17.91 46.76
C SER B 17 81.95 17.55 48.21
N THR B 18 82.11 18.56 49.06
CA THR B 18 82.14 18.39 50.54
C THR B 18 80.78 17.92 51.00
N VAL B 19 80.73 17.27 52.15
CA VAL B 19 79.44 16.96 52.83
C VAL B 19 78.98 18.23 53.52
N SER B 20 77.86 18.79 53.10
CA SER B 20 77.38 20.13 53.56
C SER B 20 76.24 19.98 54.56
N ASP B 21 75.48 18.87 54.50
CA ASP B 21 74.33 18.64 55.40
C ASP B 21 74.83 18.06 56.73
N ILE B 22 75.45 18.92 57.54
CA ILE B 22 76.00 18.52 58.86
C ILE B 22 74.84 18.32 59.83
N ALA B 23 73.71 18.98 59.61
CA ALA B 23 72.51 18.86 60.47
C ALA B 23 72.06 17.39 60.52
N ALA B 24 71.97 16.73 59.37
CA ALA B 24 71.57 15.31 59.29
C ALA B 24 72.56 14.46 60.09
N LEU B 25 73.86 14.79 60.00
CA LEU B 25 74.89 13.99 60.70
C LEU B 25 74.71 14.20 62.19
N ARG B 26 74.39 15.41 62.63
CA ARG B 26 74.18 15.73 64.07
C ARG B 26 72.96 14.95 64.56
N ALA B 27 71.94 14.79 63.72
CA ALA B 27 70.73 14.02 64.04
C ALA B 27 71.13 12.55 64.26
N PHE B 28 72.00 11.99 63.41
CA PHE B 28 72.49 10.60 63.59
C PHE B 28 73.11 10.49 64.98
N VAL B 29 73.99 11.43 65.33
CA VAL B 29 74.78 11.40 66.59
C VAL B 29 73.83 11.47 67.80
N ALA B 30 72.78 12.29 67.71
CA ALA B 30 71.83 12.51 68.82
C ALA B 30 71.05 11.21 69.10
N SER B 31 70.85 10.34 68.12
CA SER B 31 70.18 9.03 68.32
CA SER B 31 70.18 9.03 68.32
C SER B 31 71.23 7.92 68.58
N GLY B 32 72.50 8.28 68.72
CA GLY B 32 73.60 7.33 68.97
C GLY B 32 73.33 6.40 70.15
N ASN B 33 73.02 6.96 71.32
CA ASN B 33 72.81 6.12 72.53
C ASN B 33 71.64 5.18 72.32
N ARG B 34 70.53 5.66 71.76
CA ARG B 34 69.35 4.75 71.59
C ARG B 34 69.72 3.67 70.58
N ARG B 35 70.53 3.97 69.58
CA ARG B 35 70.99 2.97 68.60
C ARG B 35 71.79 1.88 69.33
N LEU B 36 72.68 2.27 70.24
CA LEU B 36 73.46 1.29 71.03
C LEU B 36 72.51 0.47 71.87
N ASP B 37 71.47 1.07 72.45
CA ASP B 37 70.45 0.30 73.21
C ASP B 37 69.78 -0.72 72.28
N ALA B 38 69.48 -0.34 71.04
CA ALA B 38 68.76 -1.21 70.09
C ALA B 38 69.64 -2.42 69.74
N VAL B 39 70.93 -2.21 69.49
CA VAL B 39 71.91 -3.29 69.16
C VAL B 39 72.05 -4.19 70.39
N ASN B 40 72.17 -3.61 71.57
CA ASN B 40 72.28 -4.34 72.85
C ASN B 40 71.05 -5.24 73.05
N ALA B 41 69.86 -4.73 72.75
CA ALA B 41 68.60 -5.48 72.91
C ALA B 41 68.61 -6.73 72.00
N ILE B 42 69.11 -6.61 70.76
CA ILE B 42 69.17 -7.79 69.86
C ILE B 42 70.30 -8.75 70.29
N ALA B 43 71.53 -8.28 70.38
CA ALA B 43 72.69 -9.13 70.73
C ALA B 43 72.41 -9.90 72.03
N SER B 44 71.90 -9.22 73.07
CA SER B 44 71.65 -9.80 74.41
C SER B 44 70.59 -10.93 74.34
N ASN B 45 69.71 -10.93 73.33
CA ASN B 45 68.57 -11.88 73.24
C ASN B 45 68.69 -12.77 71.98
N ALA B 46 69.85 -12.78 71.33
CA ALA B 46 70.03 -13.41 70.01
C ALA B 46 69.72 -14.92 70.06
N SER B 47 70.19 -15.65 71.08
CA SER B 47 69.97 -17.12 71.17
C SER B 47 68.48 -17.40 71.30
N CYS B 48 67.79 -16.67 72.17
CA CYS B 48 66.34 -16.85 72.36
C CYS B 48 65.61 -16.52 71.04
N MET B 49 66.03 -15.47 70.34
CA MET B 49 65.39 -15.06 69.06
C MET B 49 65.57 -16.16 68.01
N VAL B 50 66.80 -16.65 67.82
CA VAL B 50 67.10 -17.66 66.76
C VAL B 50 66.30 -18.92 67.05
N SER B 51 66.36 -19.46 68.26
CA SER B 51 65.74 -20.78 68.54
C SER B 51 64.22 -20.64 68.41
N ASP B 52 63.66 -19.50 68.84
CA ASP B 52 62.19 -19.25 68.78
C ASP B 52 61.76 -19.07 67.31
N ALA B 53 62.59 -18.41 66.52
CA ALA B 53 62.28 -18.11 65.11
C ALA B 53 62.30 -19.40 64.30
N VAL B 54 63.34 -20.22 64.49
CA VAL B 54 63.49 -21.51 63.75
C VAL B 54 62.43 -22.50 64.22
N ALA B 55 62.18 -22.56 65.53
CA ALA B 55 61.10 -23.39 66.12
C ALA B 55 59.73 -22.95 65.55
N GLY B 56 59.55 -21.64 65.35
CA GLY B 56 58.29 -21.08 64.82
C GLY B 56 58.10 -21.46 63.38
N MET B 57 59.14 -21.29 62.58
CA MET B 57 59.15 -21.74 61.17
C MET B 57 58.71 -23.21 61.12
N ILE B 58 59.24 -24.03 62.02
CA ILE B 58 59.00 -25.51 62.03
C ILE B 58 57.59 -25.82 62.53
N CYS B 59 57.08 -25.11 63.55
CA CYS B 59 55.74 -25.45 64.07
C CYS B 59 54.68 -25.07 63.02
N GLU B 60 54.98 -24.13 62.14
CA GLU B 60 54.07 -23.71 61.03
C GLU B 60 54.27 -24.62 59.81
N ASN B 61 55.45 -25.24 59.64
CA ASN B 61 55.68 -26.21 58.52
C ASN B 61 56.42 -27.44 59.07
N GLN B 62 55.67 -28.47 59.41
CA GLN B 62 56.16 -29.73 60.03
C GLN B 62 57.00 -30.55 59.05
N GLY B 63 56.87 -30.30 57.75
CA GLY B 63 57.63 -31.02 56.72
C GLY B 63 59.12 -30.79 56.85
N LEU B 64 59.54 -29.67 57.42
CA LEU B 64 60.98 -29.36 57.57
C LEU B 64 61.67 -30.43 58.43
N ILE B 65 60.92 -31.11 59.31
CA ILE B 65 61.46 -32.15 60.24
C ILE B 65 60.86 -33.53 59.94
N GLN B 66 60.38 -33.75 58.71
CA GLN B 66 59.92 -35.07 58.24
C GLN B 66 60.83 -35.51 57.07
N ALA B 67 60.68 -36.74 56.62
CA ALA B 67 61.43 -37.32 55.47
C ALA B 67 61.50 -36.30 54.35
N GLY B 68 62.72 -35.99 53.92
CA GLY B 68 62.99 -35.10 52.77
C GLY B 68 62.92 -33.63 53.15
N GLY B 69 62.62 -33.29 54.40
CA GLY B 69 62.55 -31.90 54.85
C GLY B 69 63.95 -31.34 55.08
N CYS B 71 65.28 -29.35 57.37
CA CYS B 71 65.83 -29.37 58.72
C CYS B 71 66.00 -30.82 59.25
N TYR B 72 66.06 -31.79 58.36
CA TYR B 72 66.29 -33.22 58.63
C TYR B 72 67.49 -33.67 57.83
N PRO B 73 68.46 -34.42 58.40
CA PRO B 73 68.45 -34.81 59.81
C PRO B 73 69.11 -33.77 60.74
N ASN B 74 69.76 -34.21 61.80
CA ASN B 74 70.37 -33.33 62.85
C ASN B 74 71.30 -32.30 62.18
N ARG B 75 72.15 -32.73 61.29
CA ARG B 75 73.12 -31.87 60.57
C ARG B 75 72.40 -30.67 59.91
N ARG B 76 71.23 -30.89 59.32
CA ARG B 76 70.52 -29.78 58.61
C ARG B 76 69.84 -28.85 59.61
N MET B 77 69.22 -29.37 60.65
CA MET B 77 68.69 -28.51 61.73
C MET B 77 69.80 -27.60 62.26
N ALA B 78 70.98 -28.15 62.52
CA ALA B 78 72.14 -27.40 63.05
C ALA B 78 72.54 -26.33 62.04
N ALA B 79 72.62 -26.67 60.76
CA ALA B 79 73.02 -25.74 59.68
C ALA B 79 72.03 -24.58 59.63
N CYS B 80 70.75 -24.86 59.84
CA CYS B 80 69.67 -23.84 59.74
C CYS B 80 69.74 -22.91 60.95
N LEU B 81 69.91 -23.44 62.14
CA LEU B 81 70.13 -22.61 63.36
C LEU B 81 71.33 -21.70 63.12
N ARG B 82 72.40 -22.21 62.53
CA ARG B 82 73.62 -21.43 62.22
CA ARG B 82 73.62 -21.43 62.22
CA ARG B 82 73.62 -21.43 62.22
C ARG B 82 73.25 -20.29 61.25
N ASP B 83 72.49 -20.57 60.20
CA ASP B 83 72.15 -19.54 59.18
C ASP B 83 71.27 -18.44 59.79
N ALA B 84 70.30 -18.79 60.61
CA ALA B 84 69.42 -17.79 61.27
C ALA B 84 70.30 -16.89 62.13
N GLU B 85 71.25 -17.45 62.87
CA GLU B 85 72.16 -16.64 63.72
C GLU B 85 73.04 -15.75 62.82
N ILE B 86 73.54 -16.26 61.71
CA ILE B 86 74.43 -15.48 60.80
C ILE B 86 73.61 -14.28 60.27
N ILE B 87 72.43 -14.54 59.75
CA ILE B 87 71.58 -13.46 59.18
C ILE B 87 71.33 -12.44 60.29
N LEU B 88 71.00 -12.87 61.50
CA LEU B 88 70.69 -11.93 62.59
C LEU B 88 71.95 -11.11 62.91
N ARG B 89 73.12 -11.76 62.86
CA ARG B 89 74.40 -11.08 63.14
C ARG B 89 74.61 -9.95 62.12
N TYR B 90 74.44 -10.22 60.83
CA TYR B 90 74.69 -9.21 59.78
C TYR B 90 73.65 -8.09 59.90
N VAL B 91 72.43 -8.41 60.31
CA VAL B 91 71.39 -7.37 60.50
C VAL B 91 71.80 -6.48 61.67
N THR B 92 72.33 -7.04 62.75
CA THR B 92 72.76 -6.25 63.92
CA THR B 92 72.76 -6.25 63.92
C THR B 92 73.95 -5.38 63.51
N TYR B 93 74.85 -5.88 62.63
CA TYR B 93 75.99 -5.07 62.15
C TYR B 93 75.46 -3.84 61.41
N ALA B 94 74.50 -4.07 60.52
CA ALA B 94 73.86 -3.00 59.72
C ALA B 94 73.23 -1.96 60.64
N LEU B 95 72.54 -2.40 61.68
CA LEU B 95 71.87 -1.50 62.65
C LEU B 95 72.94 -0.72 63.42
N LEU B 96 74.06 -1.35 63.77
CA LEU B 96 75.11 -0.64 64.54
C LEU B 96 75.73 0.44 63.64
N ALA B 97 75.91 0.14 62.35
CA ALA B 97 76.57 1.02 61.36
C ALA B 97 75.59 2.06 60.82
N GLY B 98 74.29 1.81 60.91
CA GLY B 98 73.29 2.65 60.23
C GLY B 98 73.40 2.55 58.72
N ASP B 99 73.77 1.40 58.19
CA ASP B 99 73.90 1.18 56.73
C ASP B 99 73.87 -0.32 56.40
N ALA B 100 73.22 -0.67 55.28
CA ALA B 100 73.01 -2.07 54.87
C ALA B 100 74.24 -2.64 54.14
N SER B 101 75.25 -1.83 53.80
CA SER B 101 76.39 -2.31 52.98
C SER B 101 76.92 -3.65 53.52
N VAL B 102 77.20 -3.76 54.80
CA VAL B 102 77.85 -4.99 55.36
C VAL B 102 76.92 -6.20 55.16
N LEU B 103 75.62 -6.00 55.34
CA LEU B 103 74.60 -7.05 55.17
C LEU B 103 74.53 -7.46 53.69
N ASP B 104 74.44 -6.47 52.82
CA ASP B 104 74.35 -6.66 51.35
C ASP B 104 75.60 -7.40 50.87
N ASP B 105 76.79 -6.95 51.26
CA ASP B 105 78.05 -7.41 50.63
C ASP B 105 78.47 -8.75 51.22
N ARG B 106 78.30 -8.96 52.52
CA ARG B 106 78.94 -10.10 53.20
C ARG B 106 77.92 -11.22 53.46
N CYS B 107 76.62 -10.97 53.30
CA CYS B 107 75.60 -11.96 53.66
C CYS B 107 74.62 -12.22 52.49
N LEU B 108 74.09 -11.20 51.84
CA LEU B 108 72.94 -11.39 50.91
C LEU B 108 73.39 -11.65 49.48
N ASN B 109 74.59 -11.18 49.12
CA ASN B 109 75.16 -11.33 47.75
C ASN B 109 75.40 -12.83 47.47
N GLY B 110 74.62 -13.41 46.56
CA GLY B 110 74.71 -14.84 46.19
C GLY B 110 73.97 -15.76 47.16
N LEU B 111 73.23 -15.23 48.15
CA LEU B 111 72.56 -16.12 49.13
C LEU B 111 71.51 -16.96 48.39
N LYS B 112 70.66 -16.32 47.59
CA LYS B 112 69.56 -17.04 46.89
C LYS B 112 70.15 -18.18 46.04
N GLU B 113 71.23 -17.89 45.31
CA GLU B 113 71.87 -18.85 44.38
C GLU B 113 72.45 -20.00 45.19
N THR B 114 73.06 -19.71 46.33
CA THR B 114 73.60 -20.76 47.24
C THR B 114 72.46 -21.66 47.71
N TYR B 115 71.37 -21.05 48.18
CA TYR B 115 70.21 -21.82 48.70
C TYR B 115 69.60 -22.63 47.57
N ALA B 116 69.55 -22.08 46.36
CA ALA B 116 69.01 -22.81 45.18
C ALA B 116 69.86 -24.07 44.96
N ALA B 117 71.18 -23.91 44.97
CA ALA B 117 72.15 -24.99 44.72
C ALA B 117 72.08 -26.04 45.84
N LEU B 118 71.74 -25.68 47.06
CA LEU B 118 71.73 -26.64 48.21
C LEU B 118 70.34 -27.27 48.37
N GLY B 119 69.30 -26.67 47.81
CA GLY B 119 67.90 -27.08 48.06
C GLY B 119 67.35 -26.53 49.37
N VAL B 120 67.91 -25.44 49.87
CA VAL B 120 67.38 -24.79 51.10
C VAL B 120 66.13 -24.01 50.69
N PRO B 121 64.97 -24.25 51.32
CA PRO B 121 63.73 -23.52 50.97
C PRO B 121 63.82 -22.05 51.36
N THR B 122 63.67 -21.15 50.39
CA THR B 122 63.72 -19.70 50.62
C THR B 122 62.41 -19.24 51.28
N THR B 123 61.30 -19.89 50.99
CA THR B 123 60.00 -19.60 51.61
C THR B 123 60.14 -19.77 53.12
N SER B 124 60.57 -20.95 53.58
CA SER B 124 60.64 -21.24 55.02
C SER B 124 61.66 -20.29 55.66
N THR B 125 62.72 -19.95 54.93
CA THR B 125 63.76 -19.05 55.46
C THR B 125 63.13 -17.68 55.68
N VAL B 126 62.32 -17.22 54.71
CA VAL B 126 61.63 -15.91 54.78
C VAL B 126 60.76 -15.89 56.03
N ARG B 127 60.10 -16.99 56.37
CA ARG B 127 59.26 -17.03 57.58
C ARG B 127 60.14 -16.88 58.84
N ALA B 128 61.27 -17.60 58.94
CA ALA B 128 62.20 -17.47 60.08
C ALA B 128 62.62 -15.99 60.23
N VAL B 129 62.93 -15.32 59.13
CA VAL B 129 63.39 -13.91 59.12
C VAL B 129 62.22 -13.02 59.54
N GLN B 130 60.99 -13.30 59.09
CA GLN B 130 59.79 -12.52 59.54
C GLN B 130 59.70 -12.56 61.06
N ILE B 131 59.87 -13.72 61.66
CA ILE B 131 59.69 -13.88 63.13
C ILE B 131 60.80 -13.09 63.82
N MET B 132 62.03 -13.20 63.34
CA MET B 132 63.17 -12.45 63.94
C MET B 132 62.90 -10.94 63.81
N LYS B 133 62.33 -10.51 62.68
CA LYS B 133 61.97 -9.09 62.48
C LYS B 133 60.98 -8.64 63.58
N ALA B 134 59.95 -9.44 63.86
CA ALA B 134 58.96 -9.13 64.90
C ALA B 134 59.65 -9.14 66.27
N GLN B 135 60.53 -10.12 66.51
CA GLN B 135 61.20 -10.26 67.82
C GLN B 135 62.02 -8.99 68.03
N ALA B 136 62.79 -8.60 67.01
CA ALA B 136 63.72 -7.45 67.08
C ALA B 136 62.94 -6.17 67.39
N ALA B 137 61.82 -5.95 66.73
CA ALA B 137 60.92 -4.80 66.95
C ALA B 137 60.55 -4.71 68.44
N ALA B 138 60.06 -5.81 69.00
CA ALA B 138 59.66 -5.89 70.42
C ALA B 138 60.87 -5.63 71.33
N HIS B 139 62.03 -6.25 71.08
CA HIS B 139 63.22 -6.07 71.96
C HIS B 139 63.73 -4.63 71.88
N ILE B 140 63.71 -4.01 70.72
CA ILE B 140 64.18 -2.60 70.57
C ILE B 140 63.27 -1.68 71.40
N GLN B 141 61.95 -1.91 71.33
CA GLN B 141 60.92 -1.15 72.07
C GLN B 141 60.87 -1.55 73.55
N ASP B 142 61.57 -2.62 73.93
CA ASP B 142 61.59 -3.16 75.30
C ASP B 142 60.16 -3.49 75.72
N THR B 143 59.38 -4.11 74.82
CA THR B 143 57.97 -4.53 75.05
C THR B 143 57.75 -5.98 74.60
N PRO B 144 58.66 -6.93 74.90
CA PRO B 144 58.40 -8.34 74.57
C PRO B 144 57.18 -8.79 75.37
N SER B 145 56.32 -9.61 74.77
CA SER B 145 55.13 -10.17 75.46
C SER B 145 55.53 -11.36 76.33
N GLU B 146 54.88 -11.50 77.48
CA GLU B 146 55.00 -12.69 78.36
C GLU B 146 54.41 -13.89 77.62
N ALA B 147 53.35 -13.69 76.83
CA ALA B 147 52.69 -14.78 76.07
C ALA B 147 53.70 -15.53 75.19
N ARG B 148 54.65 -14.84 74.54
CA ARG B 148 55.57 -15.47 73.57
CA ARG B 148 55.57 -15.48 73.56
C ARG B 148 56.90 -15.82 74.25
N ALA B 149 57.18 -15.26 75.42
CA ALA B 149 58.49 -15.39 76.13
C ALA B 149 58.40 -16.39 77.28
N GLY B 150 57.29 -16.42 77.99
CA GLY B 150 57.17 -17.15 79.28
C GLY B 150 58.30 -16.81 80.23
N ALA B 151 58.97 -17.81 80.77
CA ALA B 151 60.07 -17.67 81.75
C ALA B 151 61.34 -17.07 81.12
N LYS B 152 61.39 -16.94 79.79
CA LYS B 152 62.59 -16.40 79.07
C LYS B 152 62.47 -14.90 78.86
N LEU B 153 61.37 -14.28 79.31
CA LEU B 153 61.15 -12.82 79.16
C LEU B 153 62.37 -12.06 79.68
N ARG B 154 62.85 -11.08 78.90
CA ARG B 154 63.94 -10.15 79.31
C ARG B 154 63.49 -8.71 79.13
N LYS B 155 63.86 -7.87 80.10
CA LYS B 155 63.66 -6.40 80.10
C LYS B 155 65.04 -5.75 80.09
N MET B 156 65.28 -4.82 79.18
CA MET B 156 66.60 -4.16 78.96
C MET B 156 66.76 -2.96 79.89
N GLY B 157 65.67 -2.23 80.18
CA GLY B 157 65.70 -1.08 81.10
C GLY B 157 66.37 0.15 80.47
N SER B 158 66.28 0.29 79.15
CA SER B 158 66.66 1.54 78.46
C SER B 158 65.73 2.68 78.92
N PRO B 159 66.19 3.94 78.93
CA PRO B 159 65.36 5.10 79.22
C PRO B 159 64.23 5.28 78.19
N VAL B 160 63.00 5.29 78.67
CA VAL B 160 61.78 5.21 77.83
C VAL B 160 61.48 6.58 77.23
N VAL B 161 61.11 6.62 75.95
CA VAL B 161 60.39 7.76 75.30
C VAL B 161 59.06 7.23 74.74
N GLU B 162 58.11 8.13 74.49
CA GLU B 162 56.71 7.75 74.11
C GLU B 162 56.73 6.93 72.82
N ASP B 163 57.53 7.32 71.81
CA ASP B 163 57.58 6.63 70.49
C ASP B 163 58.34 5.27 70.55
N ARG B 164 59.10 5.01 71.61
CA ARG B 164 59.83 3.73 71.82
C ARG B 164 60.74 3.43 70.62
N CYS B 165 61.40 4.46 70.10
CA CYS B 165 62.42 4.36 69.03
C CYS B 165 61.77 3.81 67.76
N ALA B 166 60.62 4.35 67.40
CA ALA B 166 59.88 3.97 66.18
C ALA B 166 60.82 3.99 64.94
N SER B 167 61.66 5.01 64.85
CA SER B 167 62.58 5.22 63.70
C SER B 167 63.62 4.09 63.67
N LEU B 168 64.20 3.71 64.81
CA LEU B 168 65.13 2.55 64.86
C LEU B 168 64.37 1.24 64.56
N VAL B 169 63.14 1.10 65.03
CA VAL B 169 62.34 -0.10 64.72
C VAL B 169 62.17 -0.21 63.20
N ALA B 170 61.83 0.89 62.53
CA ALA B 170 61.58 0.90 61.08
C ALA B 170 62.88 0.55 60.33
N GLU B 171 63.99 1.11 60.80
CA GLU B 171 65.33 0.89 60.20
C GLU B 171 65.67 -0.60 60.32
N ALA B 172 65.62 -1.14 61.53
CA ALA B 172 65.89 -2.57 61.79
C ALA B 172 64.99 -3.40 60.88
N SER B 173 63.70 -3.08 60.83
CA SER B 173 62.72 -3.82 60.00
C SER B 173 63.12 -3.77 58.53
N SER B 174 63.58 -2.63 58.05
CA SER B 174 64.03 -2.46 56.64
C SER B 174 65.22 -3.38 56.33
N TYR B 175 66.11 -3.66 57.30
CA TYR B 175 67.27 -4.56 57.08
C TYR B 175 66.77 -6.00 56.94
N PHE B 176 65.85 -6.43 57.80
CA PHE B 176 65.23 -7.77 57.72
C PHE B 176 64.52 -7.87 56.36
N ASP B 177 63.88 -6.80 55.92
CA ASP B 177 63.15 -6.77 54.62
C ASP B 177 64.16 -6.90 53.47
N ARG B 178 65.38 -6.39 53.60
CA ARG B 178 66.40 -6.62 52.54
C ARG B 178 66.72 -8.11 52.46
N VAL B 179 66.77 -8.80 53.59
CA VAL B 179 67.06 -10.27 53.59
C VAL B 179 65.93 -10.94 52.81
N ILE B 180 64.69 -10.65 53.20
CA ILE B 180 63.49 -11.25 52.57
C ILE B 180 63.51 -10.93 51.08
N SER B 181 63.78 -9.69 50.68
CA SER B 181 63.85 -9.30 49.25
CA SER B 181 63.85 -9.30 49.25
C SER B 181 64.94 -10.12 48.54
N ALA B 182 66.09 -10.35 49.20
CA ALA B 182 67.22 -11.07 48.59
C ALA B 182 66.85 -12.53 48.35
N LEU B 183 65.89 -13.09 49.09
CA LEU B 183 65.51 -14.52 49.01
C LEU B 183 64.20 -14.69 48.25
N SER B 184 63.52 -13.59 47.90
CA SER B 184 62.18 -13.59 47.28
C SER B 184 62.32 -13.31 45.77
N MET C 1 50.05 -9.40 40.57
CA MET C 1 48.84 -9.61 41.39
CA MET C 1 48.84 -9.61 41.39
C MET C 1 47.80 -8.54 41.02
N LYS C 2 46.75 -8.94 40.32
CA LYS C 2 45.79 -7.99 39.70
C LYS C 2 45.10 -7.16 40.77
N SER C 3 45.24 -5.84 40.64
CA SER C 3 44.58 -4.80 41.45
C SER C 3 44.33 -3.61 40.53
N VAL C 4 43.69 -2.56 41.01
CA VAL C 4 43.48 -1.31 40.21
C VAL C 4 44.86 -0.82 39.77
N VAL C 5 45.79 -0.67 40.71
CA VAL C 5 47.05 0.07 40.44
C VAL C 5 47.98 -0.80 39.59
N THR C 6 48.03 -2.12 39.81
CA THR C 6 48.94 -2.99 39.01
C THR C 6 48.38 -3.07 37.58
N THR C 7 47.06 -3.04 37.40
CA THR C 7 46.47 -3.08 36.05
C THR C 7 46.88 -1.82 35.28
N VAL C 8 46.72 -0.62 35.84
CA VAL C 8 47.03 0.61 35.07
C VAL C 8 48.55 0.69 34.87
N ILE C 9 49.36 0.25 35.84
CA ILE C 9 50.84 0.30 35.66
C ILE C 9 51.23 -0.67 34.54
N ALA C 10 50.68 -1.87 34.51
CA ALA C 10 51.03 -2.86 33.47
C ALA C 10 50.63 -2.32 32.09
N ALA C 11 49.49 -1.62 31.99
CA ALA C 11 49.04 -1.07 30.69
C ALA C 11 49.96 0.10 30.35
N ALA C 12 50.32 0.95 31.31
CA ALA C 12 51.25 2.08 31.06
C ALA C 12 52.60 1.52 30.60
N ASP C 13 53.07 0.44 31.24
CA ASP C 13 54.43 -0.09 30.95
C ASP C 13 54.47 -0.67 29.54
N ALA C 14 53.42 -1.36 29.13
CA ALA C 14 53.35 -1.99 27.79
C ALA C 14 53.48 -0.91 26.71
N ALA C 15 53.02 0.31 26.97
CA ALA C 15 53.05 1.44 26.00
C ALA C 15 54.21 2.42 26.30
N GLY C 16 55.04 2.16 27.30
CA GLY C 16 56.19 3.03 27.65
C GLY C 16 55.78 4.38 28.23
N ARG C 17 54.64 4.44 28.94
CA ARG C 17 54.01 5.69 29.39
C ARG C 17 54.29 5.94 30.87
N PHE C 18 54.50 7.21 31.22
CA PHE C 18 54.34 7.69 32.61
C PHE C 18 52.90 7.52 33.00
N PRO C 19 52.59 7.41 34.32
CA PRO C 19 51.22 7.53 34.78
C PRO C 19 50.63 8.84 34.25
N SER C 20 49.39 8.78 33.77
CA SER C 20 48.66 9.90 33.16
C SER C 20 47.28 10.05 33.81
N SER C 21 46.48 11.01 33.34
N SER C 21 46.48 11.01 33.34
CA SER C 21 45.15 11.37 33.89
CA SER C 21 45.16 11.37 33.90
C SER C 21 44.36 10.11 34.27
C SER C 21 44.36 10.11 34.27
N SER C 22 44.19 9.16 33.34
CA SER C 22 43.34 7.96 33.54
C SER C 22 43.94 7.05 34.60
N ASP C 23 45.26 7.03 34.79
CA ASP C 23 45.92 6.15 35.78
C ASP C 23 45.59 6.68 37.17
N LEU C 24 45.77 7.98 37.40
CA LEU C 24 45.53 8.56 38.75
C LEU C 24 44.03 8.44 39.05
N GLU C 25 43.20 8.70 38.04
CA GLU C 25 41.72 8.68 38.19
C GLU C 25 41.32 7.28 38.67
N SER C 26 41.91 6.24 38.09
CA SER C 26 41.60 4.83 38.44
C SER C 26 41.90 4.62 39.91
N VAL C 27 43.06 5.11 40.36
CA VAL C 27 43.50 4.91 41.76
C VAL C 27 42.56 5.71 42.70
N GLN C 28 42.01 6.85 42.27
CA GLN C 28 41.01 7.58 43.09
C GLN C 28 39.84 6.63 43.40
N GLY C 29 39.49 5.72 42.47
CA GLY C 29 38.44 4.71 42.71
C GLY C 29 38.76 3.83 43.91
N SER C 30 40.00 3.38 44.01
CA SER C 30 40.47 2.60 45.18
C SER C 30 40.35 3.42 46.46
N ILE C 31 40.72 4.69 46.42
CA ILE C 31 40.64 5.58 47.62
C ILE C 31 39.17 5.63 48.10
N GLN C 32 38.19 5.71 47.20
CA GLN C 32 36.75 5.75 47.53
CA GLN C 32 36.75 5.75 47.53
C GLN C 32 36.26 4.39 48.04
N ARG C 33 36.69 3.30 47.41
CA ARG C 33 36.11 1.96 47.67
C ARG C 33 36.81 1.27 48.84
N ALA C 34 38.00 1.71 49.25
CA ALA C 34 38.84 0.94 50.18
C ALA C 34 38.10 0.74 51.50
N ALA C 35 37.43 1.76 52.01
CA ALA C 35 36.71 1.72 53.31
C ALA C 35 35.77 0.51 53.33
N ALA C 36 34.96 0.35 52.28
CA ALA C 36 33.97 -0.74 52.17
C ALA C 36 34.71 -2.07 52.18
N ARG C 37 35.72 -2.23 51.32
CA ARG C 37 36.33 -3.58 51.18
C ARG C 37 37.25 -3.89 52.35
N LEU C 38 37.88 -2.88 52.97
CA LEU C 38 38.69 -3.09 54.19
C LEU C 38 37.76 -3.38 55.38
N GLU C 39 36.55 -2.83 55.39
CA GLU C 39 35.54 -3.21 56.40
C GLU C 39 35.25 -4.70 56.28
N ALA C 40 34.98 -5.18 55.07
CA ALA C 40 34.74 -6.63 54.78
C ALA C 40 35.99 -7.44 55.17
N ALA C 41 37.19 -6.99 54.79
CA ALA C 41 38.45 -7.71 55.04
C ALA C 41 38.65 -7.87 56.55
N GLU C 42 38.33 -6.85 57.33
CA GLU C 42 38.51 -6.83 58.81
C GLU C 42 37.49 -7.77 59.45
N LYS C 43 36.24 -7.74 58.98
CA LYS C 43 35.18 -8.64 59.51
C LYS C 43 35.60 -10.09 59.24
N LEU C 44 36.07 -10.37 58.03
CA LEU C 44 36.42 -11.75 57.60
C LEU C 44 37.66 -12.21 58.40
N ALA C 45 38.65 -11.34 58.59
CA ALA C 45 39.84 -11.66 59.41
C ALA C 45 39.40 -12.00 60.83
N GLY C 46 38.48 -11.21 61.39
CA GLY C 46 37.96 -11.40 62.75
C GLY C 46 37.20 -12.70 62.94
N ASN C 47 36.49 -13.20 61.91
CA ASN C 47 35.45 -14.25 62.12
C ASN C 47 35.58 -15.37 61.08
N ILE C 48 36.75 -15.53 60.46
CA ILE C 48 36.91 -16.45 59.30
C ILE C 48 36.57 -17.88 59.73
N ASP C 49 37.00 -18.31 60.90
CA ASP C 49 36.78 -19.70 61.36
C ASP C 49 35.28 -20.01 61.43
N ALA C 50 34.48 -19.10 61.98
CA ALA C 50 33.02 -19.30 62.12
C ALA C 50 32.37 -19.31 60.73
N VAL C 51 32.81 -18.42 59.85
CA VAL C 51 32.24 -18.27 58.49
C VAL C 51 32.53 -19.54 57.67
N ALA C 52 33.78 -20.02 57.73
CA ALA C 52 34.24 -21.22 57.03
C ALA C 52 33.56 -22.47 57.58
N THR C 53 33.43 -22.56 58.90
CA THR C 53 32.84 -23.74 59.57
C THR C 53 31.39 -23.89 59.10
N GLU C 54 30.61 -22.82 59.10
CA GLU C 54 29.18 -22.94 58.76
C GLU C 54 29.04 -23.25 57.26
N ALA C 55 29.92 -22.75 56.40
CA ALA C 55 29.92 -23.08 54.95
C ALA C 55 30.26 -24.56 54.76
N TYR C 56 31.29 -25.06 55.47
CA TYR C 56 31.68 -26.49 55.42
C TYR C 56 30.47 -27.37 55.84
N ASN C 57 29.85 -27.01 56.96
CA ASN C 57 28.70 -27.78 57.55
C ASN C 57 27.55 -27.77 56.55
N ALA C 58 27.34 -26.67 55.83
CA ALA C 58 26.27 -26.54 54.84
C ALA C 58 26.54 -27.54 53.70
N CYS C 59 27.78 -27.66 53.22
CA CYS C 59 28.04 -28.50 52.02
C CYS C 59 27.90 -29.97 52.42
N ILE C 60 28.25 -30.35 53.64
CA ILE C 60 28.13 -31.76 54.12
C ILE C 60 26.65 -32.07 54.38
N LYS C 61 25.90 -31.10 54.89
CA LYS C 61 24.44 -31.26 55.08
C LYS C 61 23.78 -31.52 53.72
N LYS C 62 24.25 -30.89 52.64
CA LYS C 62 23.66 -31.05 51.29
C LYS C 62 24.08 -32.40 50.70
N TYR C 63 25.27 -32.90 51.02
CA TYR C 63 25.88 -34.11 50.38
C TYR C 63 26.35 -35.08 51.45
N PRO C 64 25.43 -35.62 52.28
CA PRO C 64 25.82 -36.53 53.35
C PRO C 64 26.48 -37.82 52.85
N TYR C 65 26.29 -38.20 51.59
CA TYR C 65 27.00 -39.36 50.98
C TYR C 65 28.52 -39.20 51.16
N LEU C 66 29.03 -37.97 51.30
CA LEU C 66 30.48 -37.73 51.50
C LEU C 66 30.96 -38.38 52.80
N ASN C 67 30.04 -38.68 53.73
CA ASN C 67 30.39 -39.31 55.04
C ASN C 67 30.59 -40.82 54.91
N ASN C 68 30.11 -41.44 53.83
CA ASN C 68 30.18 -42.91 53.62
C ASN C 68 31.64 -43.31 53.40
N ALA C 69 32.00 -44.50 53.87
CA ALA C 69 33.33 -45.13 53.72
C ALA C 69 33.81 -44.91 52.28
N GLY C 70 35.04 -44.39 52.15
CA GLY C 70 35.74 -44.21 50.87
C GLY C 70 35.43 -42.89 50.21
N GLU C 71 34.45 -42.13 50.70
CA GLU C 71 34.07 -40.82 50.12
C GLU C 71 34.88 -39.69 50.78
N ALA C 72 34.78 -38.49 50.23
CA ALA C 72 35.74 -37.38 50.43
C ALA C 72 35.64 -36.76 51.82
N ASN C 73 34.59 -37.04 52.62
CA ASN C 73 34.45 -36.46 53.99
C ASN C 73 34.39 -37.60 55.03
N SER C 74 34.93 -38.77 54.71
CA SER C 74 34.64 -40.03 55.44
C SER C 74 35.63 -40.28 56.58
N THR C 75 36.80 -39.65 56.58
CA THR C 75 37.82 -39.82 57.64
C THR C 75 38.06 -38.48 58.31
N ASP C 76 38.74 -38.48 59.45
CA ASP C 76 39.02 -37.26 60.25
C ASP C 76 39.98 -36.37 59.45
N THR C 77 40.97 -36.96 58.78
CA THR C 77 41.91 -36.25 57.87
C THR C 77 41.13 -35.56 56.74
N PHE C 78 40.23 -36.28 56.08
CA PHE C 78 39.42 -35.77 54.95
C PHE C 78 38.56 -34.63 55.46
N LYS C 79 37.88 -34.83 56.59
CA LYS C 79 37.00 -33.81 57.19
C LYS C 79 37.82 -32.54 57.44
N ALA C 80 39.00 -32.68 58.02
CA ALA C 80 39.88 -31.54 58.36
C ALA C 80 40.37 -30.86 57.07
N LYS C 81 40.70 -31.63 56.03
CA LYS C 81 41.20 -31.06 54.77
C LYS C 81 40.07 -30.29 54.08
N CYS C 82 38.87 -30.81 54.13
CA CYS C 82 37.71 -30.19 53.44
C CYS C 82 37.44 -28.82 54.06
N ALA C 83 37.36 -28.78 55.38
CA ALA C 83 37.10 -27.56 56.17
C ALA C 83 38.24 -26.57 55.92
N ARG C 84 39.48 -27.06 55.90
CA ARG C 84 40.69 -26.28 55.60
C ARG C 84 40.54 -25.65 54.21
N ASP C 85 40.10 -26.42 53.23
CA ASP C 85 39.99 -25.90 51.83
C ASP C 85 38.99 -24.72 51.81
N ILE C 86 37.87 -24.83 52.53
CA ILE C 86 36.85 -23.73 52.55
C ILE C 86 37.50 -22.49 53.18
N LYS C 87 38.26 -22.69 54.26
CA LYS C 87 38.97 -21.56 54.92
C LYS C 87 40.00 -20.95 53.97
N HIS C 88 40.72 -21.77 53.20
CA HIS C 88 41.69 -21.31 52.15
C HIS C 88 40.97 -20.33 51.20
N TYR C 89 39.84 -20.74 50.64
CA TYR C 89 39.10 -19.87 49.69
C TYR C 89 38.71 -18.54 50.37
N LEU C 90 38.22 -18.61 51.59
CA LEU C 90 37.82 -17.38 52.34
C LEU C 90 39.05 -16.51 52.66
N ARG C 91 40.19 -17.10 52.97
CA ARG C 91 41.43 -16.35 53.24
C ARG C 91 41.85 -15.66 51.92
N LEU C 92 41.76 -16.35 50.80
CA LEU C 92 42.12 -15.73 49.49
C LEU C 92 41.14 -14.60 49.19
N ILE C 93 39.87 -14.74 49.59
CA ILE C 93 38.85 -13.67 49.40
C ILE C 93 39.23 -12.49 50.30
N GLN C 94 39.65 -12.75 51.55
CA GLN C 94 40.14 -11.68 52.45
C GLN C 94 41.29 -10.95 51.74
N TYR C 95 42.21 -11.66 51.10
CA TYR C 95 43.35 -11.06 50.38
C TYR C 95 42.86 -10.16 49.24
N CYS C 96 41.86 -10.63 48.47
CA CYS C 96 41.26 -9.87 47.34
C CYS C 96 40.61 -8.58 47.86
N LEU C 97 39.94 -8.63 49.00
CA LEU C 97 39.30 -7.43 49.61
C LEU C 97 40.38 -6.43 50.04
N VAL C 98 41.53 -6.92 50.53
CA VAL C 98 42.67 -6.04 50.94
C VAL C 98 43.23 -5.33 49.70
N VAL C 99 43.36 -6.07 48.62
CA VAL C 99 44.09 -5.66 47.38
C VAL C 99 43.14 -4.90 46.43
N GLY C 100 41.84 -5.21 46.47
CA GLY C 100 40.84 -4.63 45.54
C GLY C 100 40.98 -5.25 44.16
N GLY C 101 41.27 -6.54 44.11
CA GLY C 101 41.32 -7.28 42.84
C GLY C 101 41.31 -8.77 43.07
N THR C 102 41.15 -9.54 41.99
CA THR C 102 41.01 -11.01 42.06
C THR C 102 42.38 -11.68 42.10
N GLY C 103 43.46 -10.92 42.00
CA GLY C 103 44.84 -11.44 41.90
C GLY C 103 45.10 -12.65 42.82
N PRO C 104 44.94 -12.48 44.15
CA PRO C 104 45.24 -13.57 45.09
C PRO C 104 44.41 -14.84 44.84
N LEU C 105 43.14 -14.66 44.48
CA LEU C 105 42.23 -15.79 44.20
C LEU C 105 42.65 -16.45 42.87
N ASP C 106 42.95 -15.63 41.87
CA ASP C 106 43.42 -16.06 40.54
C ASP C 106 44.66 -16.95 40.69
N GLU C 107 45.66 -16.46 41.42
CA GLU C 107 47.01 -17.06 41.38
C GLU C 107 47.10 -18.22 42.38
N TRP C 108 46.41 -18.14 43.53
CA TRP C 108 46.64 -19.08 44.65
C TRP C 108 45.47 -20.03 44.88
N GLY C 109 44.30 -19.74 44.34
CA GLY C 109 43.13 -20.64 44.53
C GLY C 109 42.68 -21.27 43.22
N ILE C 110 42.42 -20.46 42.22
CA ILE C 110 41.72 -20.91 40.99
C ILE C 110 42.71 -21.64 40.07
N ALA C 111 43.90 -21.09 39.84
CA ALA C 111 44.89 -21.75 38.93
C ALA C 111 45.21 -23.16 39.50
N GLY C 112 44.93 -24.20 38.72
CA GLY C 112 45.19 -25.60 39.08
C GLY C 112 44.07 -26.28 39.89
N GLN C 113 43.04 -25.55 40.33
CA GLN C 113 42.04 -26.13 41.25
C GLN C 113 41.40 -27.35 40.56
N ARG C 114 41.05 -27.23 39.29
CA ARG C 114 40.28 -28.31 38.60
C ARG C 114 41.20 -29.51 38.37
N GLU C 115 42.48 -29.32 38.02
CA GLU C 115 43.45 -30.44 37.88
CA GLU C 115 43.45 -30.44 37.88
C GLU C 115 43.56 -31.18 39.22
N VAL C 116 43.65 -30.45 40.34
CA VAL C 116 43.86 -31.09 41.66
C VAL C 116 42.63 -31.92 42.01
N TYR C 117 41.43 -31.35 41.91
CA TYR C 117 40.18 -32.01 42.37
C TYR C 117 39.92 -33.23 41.50
N ARG C 118 40.15 -33.09 40.21
CA ARG C 118 39.98 -34.22 39.24
C ARG C 118 40.97 -35.35 39.64
N ALA C 119 42.22 -35.02 39.94
CA ALA C 119 43.27 -36.01 40.20
C ALA C 119 42.96 -36.78 41.47
N LEU C 120 42.34 -36.15 42.47
CA LEU C 120 42.08 -36.78 43.78
C LEU C 120 40.61 -37.26 43.88
N GLY C 121 39.86 -37.17 42.79
CA GLY C 121 38.45 -37.57 42.78
C GLY C 121 37.62 -36.78 43.77
N LEU C 122 37.96 -35.51 43.98
CA LEU C 122 37.17 -34.61 44.85
C LEU C 122 36.06 -34.01 43.99
N PRO C 123 34.78 -34.25 44.32
CA PRO C 123 33.69 -33.63 43.57
C PRO C 123 33.72 -32.13 43.80
N THR C 124 33.38 -31.36 42.77
CA THR C 124 33.40 -29.87 42.84
C THR C 124 32.11 -29.37 43.50
N ALA C 125 31.02 -30.11 43.42
CA ALA C 125 29.70 -29.63 43.90
C ALA C 125 29.77 -29.15 45.36
N PRO C 126 30.41 -29.89 46.29
CA PRO C 126 30.47 -29.45 47.68
C PRO C 126 31.23 -28.11 47.83
N TYR C 127 32.28 -27.89 47.04
CA TYR C 127 33.01 -26.60 47.06
C TYR C 127 32.03 -25.49 46.66
N VAL C 128 31.28 -25.73 45.60
CA VAL C 128 30.32 -24.72 45.06
C VAL C 128 29.25 -24.44 46.11
N GLU C 129 28.76 -25.48 46.79
CA GLU C 129 27.67 -25.37 47.79
C GLU C 129 28.18 -24.55 48.99
N ALA C 130 29.40 -24.81 49.46
CA ALA C 130 30.03 -24.07 50.58
C ALA C 130 30.08 -22.59 50.22
N LEU C 131 30.60 -22.25 49.04
CA LEU C 131 30.77 -20.82 48.64
C LEU C 131 29.39 -20.21 48.41
N SER C 132 28.50 -20.97 47.79
CA SER C 132 27.13 -20.53 47.49
C SER C 132 26.40 -20.24 48.81
N PHE C 133 26.54 -21.11 49.80
CA PHE C 133 25.98 -20.86 51.15
C PHE C 133 26.53 -19.52 51.67
N ALA C 134 27.85 -19.33 51.62
CA ALA C 134 28.50 -18.10 52.13
C ALA C 134 27.95 -16.87 51.40
N ARG C 135 27.76 -17.00 50.09
CA ARG C 135 27.25 -15.91 49.19
C ARG C 135 25.83 -15.50 49.62
N ASN C 136 24.98 -16.46 49.99
CA ASN C 136 23.56 -16.18 50.31
C ASN C 136 23.38 -15.81 51.79
N ARG C 137 24.41 -15.98 52.61
CA ARG C 137 24.31 -15.91 54.09
C ARG C 137 24.27 -14.46 54.56
N GLY C 138 25.13 -13.63 54.00
CA GLY C 138 25.39 -12.28 54.47
C GLY C 138 24.22 -11.36 54.21
N CYS C 139 24.01 -10.40 55.11
CA CYS C 139 23.06 -9.30 54.88
C CYS C 139 23.58 -8.05 55.57
N ALA C 140 23.23 -6.91 55.01
CA ALA C 140 23.62 -5.57 55.48
C ALA C 140 22.37 -4.87 56.01
N PRO C 141 22.47 -4.06 57.07
CA PRO C 141 23.74 -3.77 57.74
C PRO C 141 24.16 -4.74 58.87
N ARG C 142 23.45 -5.84 59.07
CA ARG C 142 23.78 -6.79 60.17
C ARG C 142 25.28 -7.12 60.16
N ASP C 143 25.81 -7.65 59.05
CA ASP C 143 27.14 -8.28 58.98
C ASP C 143 28.21 -7.23 58.70
N MET C 144 27.84 -6.16 58.01
CA MET C 144 28.75 -5.12 57.46
C MET C 144 27.89 -4.19 56.59
N SER C 145 28.43 -3.09 56.15
CA SER C 145 27.72 -2.10 55.30
C SER C 145 27.35 -2.74 53.96
N ALA C 146 26.38 -2.18 53.26
CA ALA C 146 25.88 -2.67 51.95
C ALA C 146 27.05 -2.81 50.97
N GLN C 147 27.94 -1.81 50.89
CA GLN C 147 29.04 -1.82 49.88
C GLN C 147 30.10 -2.84 50.28
N ALA C 148 30.39 -3.00 51.58
CA ALA C 148 31.32 -4.03 52.08
C ALA C 148 30.77 -5.39 51.63
N LEU C 149 29.49 -5.63 51.84
CA LEU C 149 28.87 -6.95 51.54
C LEU C 149 28.82 -7.15 50.01
N THR C 150 28.65 -6.08 49.24
CA THR C 150 28.65 -6.15 47.76
C THR C 150 30.00 -6.71 47.28
N GLU C 151 31.09 -6.16 47.82
CA GLU C 151 32.50 -6.54 47.49
C GLU C 151 32.71 -8.02 47.87
N TYR C 152 32.30 -8.43 49.06
CA TYR C 152 32.42 -9.82 49.57
C TYR C 152 31.66 -10.78 48.66
N ASN C 153 30.41 -10.43 48.36
CA ASN C 153 29.52 -11.28 47.53
C ASN C 153 30.11 -11.42 46.11
N ALA C 154 30.64 -10.34 45.55
CA ALA C 154 31.22 -10.36 44.19
C ALA C 154 32.40 -11.35 44.12
N LEU C 155 33.23 -11.40 45.15
CA LEU C 155 34.42 -12.29 45.19
C LEU C 155 33.98 -13.73 45.39
N LEU C 156 32.94 -13.97 46.19
CA LEU C 156 32.36 -15.34 46.32
C LEU C 156 31.80 -15.78 44.97
N ASP C 157 31.06 -14.90 44.28
CA ASP C 157 30.46 -15.23 42.95
C ASP C 157 31.60 -15.51 41.94
N TYR C 158 32.70 -14.77 42.05
CA TYR C 158 33.87 -14.95 41.18
C TYR C 158 34.45 -16.35 41.39
N ALA C 159 34.64 -16.77 42.64
CA ALA C 159 35.13 -18.13 42.96
C ALA C 159 34.14 -19.16 42.42
N ILE C 160 32.85 -18.92 42.65
CA ILE C 160 31.78 -19.86 42.22
C ILE C 160 31.85 -20.00 40.70
N ASN C 161 31.92 -18.89 39.99
CA ASN C 161 32.02 -18.87 38.50
C ASN C 161 33.22 -19.71 38.05
N SER C 162 34.36 -19.63 38.74
CA SER C 162 35.62 -20.33 38.37
C SER C 162 35.42 -21.83 38.45
N LEU C 163 34.50 -22.31 39.28
CA LEU C 163 34.23 -23.75 39.51
C LEU C 163 33.04 -24.22 38.69
N SER C 164 32.38 -23.32 37.95
CA SER C 164 31.09 -23.59 37.25
C SER C 164 31.31 -23.44 35.73
N MET D 1 53.63 -7.76 39.48
CA MET D 1 54.20 -6.82 40.42
C MET D 1 53.29 -6.75 41.63
N LEU D 2 53.81 -6.22 42.72
CA LEU D 2 53.02 -5.97 43.93
C LEU D 2 52.82 -4.47 44.08
N ASP D 3 51.78 -4.13 44.82
CA ASP D 3 51.58 -2.77 45.36
C ASP D 3 51.66 -2.92 46.88
N ALA D 4 51.47 -1.83 47.62
CA ALA D 4 51.64 -1.83 49.07
C ALA D 4 50.69 -2.85 49.69
N PHE D 5 49.51 -3.07 49.10
CA PHE D 5 48.45 -3.89 49.70
C PHE D 5 48.77 -5.36 49.42
N SER D 6 49.13 -5.69 48.19
CA SER D 6 49.48 -7.09 47.84
C SER D 6 50.82 -7.44 48.50
N ARG D 7 51.65 -6.47 48.85
CA ARG D 7 52.86 -6.73 49.66
C ARG D 7 52.42 -7.27 51.04
N ALA D 8 51.43 -6.67 51.68
CA ALA D 8 50.89 -7.12 52.98
C ALA D 8 50.30 -8.54 52.84
N VAL D 9 49.61 -8.82 51.76
CA VAL D 9 49.06 -10.17 51.45
C VAL D 9 50.19 -11.21 51.32
N VAL D 10 51.23 -10.94 50.54
CA VAL D 10 52.35 -11.89 50.32
C VAL D 10 53.06 -12.17 51.67
N SER D 11 53.27 -11.15 52.48
CA SER D 11 53.85 -11.29 53.84
C SER D 11 52.97 -12.22 54.69
N ALA D 12 51.66 -11.98 54.69
CA ALA D 12 50.70 -12.80 55.47
C ALA D 12 50.69 -14.25 54.98
N ASP D 13 50.84 -14.45 53.66
CA ASP D 13 50.70 -15.81 53.06
C ASP D 13 51.89 -16.66 53.48
N ALA D 14 53.00 -16.08 53.93
CA ALA D 14 54.19 -16.83 54.39
C ALA D 14 53.83 -17.66 55.64
N SER D 15 52.77 -17.29 56.36
CA SER D 15 52.23 -18.10 57.49
C SER D 15 50.77 -18.50 57.22
N THR D 16 50.33 -18.51 55.96
CA THR D 16 48.92 -18.77 55.54
C THR D 16 47.95 -18.12 56.53
N SER D 17 48.18 -16.84 56.85
CA SER D 17 47.36 -16.04 57.80
CA SER D 17 47.36 -16.04 57.80
C SER D 17 46.58 -14.96 57.02
N THR D 18 45.44 -14.55 57.59
CA THR D 18 44.69 -13.36 57.13
C THR D 18 45.54 -12.13 57.40
N VAL D 19 45.28 -11.06 56.65
CA VAL D 19 45.89 -9.73 56.94
C VAL D 19 45.09 -9.12 58.08
N SER D 20 45.71 -8.92 59.23
CA SER D 20 45.03 -8.45 60.48
C SER D 20 45.28 -6.95 60.73
N ASP D 21 46.40 -6.39 60.25
CA ASP D 21 46.72 -4.95 60.47
C ASP D 21 46.00 -4.08 59.44
N ILE D 22 44.68 -3.96 59.57
CA ILE D 22 43.83 -3.17 58.66
C ILE D 22 44.08 -1.68 58.92
N ALA D 23 44.48 -1.31 60.13
CA ALA D 23 44.78 0.09 60.50
C ALA D 23 45.88 0.65 59.58
N ALA D 24 46.95 -0.10 59.38
CA ALA D 24 48.05 0.32 58.47
C ALA D 24 47.51 0.50 57.05
N LEU D 25 46.60 -0.36 56.61
CA LEU D 25 46.04 -0.27 55.23
C LEU D 25 45.19 0.99 55.15
N ARG D 26 44.45 1.32 56.21
CA ARG D 26 43.61 2.53 56.25
C ARG D 26 44.53 3.78 56.19
N ALA D 27 45.70 3.69 56.82
CA ALA D 27 46.69 4.78 56.80
C ALA D 27 47.17 4.97 55.35
N PHE D 28 47.44 3.90 54.60
CA PHE D 28 47.84 4.01 53.18
C PHE D 28 46.77 4.79 52.43
N VAL D 29 45.51 4.43 52.61
CA VAL D 29 44.35 5.02 51.89
C VAL D 29 44.23 6.51 52.23
N ALA D 30 44.44 6.88 53.48
CA ALA D 30 44.30 8.27 53.97
C ALA D 30 45.37 9.16 53.32
N SER D 31 46.53 8.62 52.94
CA SER D 31 47.59 9.39 52.21
CA SER D 31 47.59 9.39 52.21
C SER D 31 47.42 9.23 50.69
N GLY D 32 46.34 8.58 50.24
CA GLY D 32 46.08 8.33 48.81
C GLY D 32 46.12 9.60 47.97
N ASN D 33 45.38 10.65 48.36
CA ASN D 33 45.31 11.88 47.53
C ASN D 33 46.71 12.51 47.48
N ARG D 34 47.43 12.59 48.59
CA ARG D 34 48.76 13.25 48.53
C ARG D 34 49.69 12.39 47.67
N ARG D 35 49.54 11.08 47.68
CA ARG D 35 50.35 10.17 46.83
C ARG D 35 50.09 10.49 45.35
N LEU D 36 48.82 10.69 44.99
CA LEU D 36 48.46 11.05 43.60
C LEU D 36 49.07 12.41 43.27
N ASP D 37 49.06 13.37 44.20
CA ASP D 37 49.75 14.67 43.96
C ASP D 37 51.24 14.43 43.72
N ALA D 38 51.87 13.53 44.45
CA ALA D 38 53.32 13.29 44.35
C ALA D 38 53.66 12.73 42.96
N VAL D 39 52.86 11.76 42.49
CA VAL D 39 53.07 11.13 41.15
C VAL D 39 52.83 12.18 40.08
N ASN D 40 51.77 12.98 40.21
CA ASN D 40 51.43 14.05 39.25
C ASN D 40 52.59 15.08 39.19
N ALA D 41 53.20 15.42 40.32
CA ALA D 41 54.32 16.38 40.39
C ALA D 41 55.51 15.85 39.59
N ILE D 42 55.81 14.56 39.67
CA ILE D 42 56.94 13.99 38.87
C ILE D 42 56.54 13.85 37.40
N ALA D 43 55.46 13.14 37.08
CA ALA D 43 55.03 12.91 35.69
C ALA D 43 54.93 14.25 34.94
N SER D 44 54.30 15.26 35.53
CA SER D 44 54.05 16.57 34.89
C SER D 44 55.36 17.29 34.58
N ASN D 45 56.46 16.99 35.31
CA ASN D 45 57.75 17.72 35.17
C ASN D 45 58.87 16.78 34.66
N ALA D 46 58.53 15.60 34.16
CA ALA D 46 59.51 14.53 33.84
C ALA D 46 60.51 15.00 32.77
N SER D 47 60.08 15.70 31.71
CA SER D 47 61.01 16.12 30.62
C SER D 47 62.00 17.12 31.19
N CYS D 48 61.53 18.09 31.96
CA CYS D 48 62.42 19.10 32.59
C CYS D 48 63.43 18.37 33.51
N MET D 49 62.95 17.40 34.28
CA MET D 49 63.81 16.64 35.23
C MET D 49 64.90 15.86 34.45
N VAL D 50 64.51 15.11 33.43
CA VAL D 50 65.46 14.25 32.68
C VAL D 50 66.52 15.14 32.02
N SER D 51 66.12 16.18 31.30
CA SER D 51 67.10 16.97 30.52
C SER D 51 68.05 17.68 31.50
N ASP D 52 67.53 18.14 32.63
CA ASP D 52 68.33 18.89 33.64
C ASP D 52 69.29 17.91 34.32
N ALA D 53 68.83 16.68 34.59
CA ALA D 53 69.62 15.67 35.30
C ALA D 53 70.78 15.21 34.40
N VAL D 54 70.50 14.93 33.14
CA VAL D 54 71.54 14.44 32.19
C VAL D 54 72.51 15.59 31.86
N ALA D 55 71.98 16.80 31.65
CA ALA D 55 72.81 18.02 31.43
C ALA D 55 73.70 18.26 32.65
N GLY D 56 73.19 17.99 33.86
CA GLY D 56 73.94 18.19 35.11
C GLY D 56 75.06 17.20 35.24
N MET D 57 74.75 15.94 35.01
CA MET D 57 75.77 14.87 34.94
C MET D 57 76.91 15.31 34.01
N ILE D 58 76.56 15.86 32.84
CA ILE D 58 77.53 16.24 31.79
C ILE D 58 78.30 17.50 32.20
N CYS D 59 77.66 18.49 32.81
CA CYS D 59 78.39 19.74 33.13
C CYS D 59 79.39 19.45 34.26
N GLU D 60 79.15 18.40 35.07
CA GLU D 60 80.09 17.96 36.14
C GLU D 60 81.17 17.03 35.55
N ASN D 61 80.89 16.31 34.47
CA ASN D 61 81.89 15.41 33.82
C ASN D 61 81.83 15.61 32.29
N GLN D 62 82.70 16.48 31.78
CA GLN D 62 82.80 16.91 30.37
C GLN D 62 83.30 15.75 29.48
N GLY D 63 83.94 14.73 30.06
CA GLY D 63 84.45 13.59 29.29
C GLY D 63 83.33 12.80 28.65
N LEU D 64 82.13 12.83 29.19
CA LEU D 64 80.96 12.11 28.61
C LEU D 64 80.68 12.59 27.17
N ILE D 65 81.05 13.81 26.84
CA ILE D 65 80.81 14.45 25.50
C ILE D 65 82.14 14.77 24.79
N GLN D 66 83.22 14.06 25.15
CA GLN D 66 84.52 14.15 24.46
C GLN D 66 84.84 12.79 23.87
N ALA D 67 85.90 12.71 23.04
CA ALA D 67 86.36 11.47 22.40
C ALA D 67 86.35 10.33 23.43
N GLY D 68 85.65 9.25 23.08
CA GLY D 68 85.57 8.01 23.87
C GLY D 68 84.60 8.11 25.02
N GLY D 69 83.93 9.25 25.22
CA GLY D 69 82.94 9.42 26.30
C GLY D 69 81.62 8.73 25.93
N CYS D 71 78.42 9.55 26.32
CA CYS D 71 77.36 10.33 25.69
C CYS D 71 77.81 10.89 24.31
N TYR D 72 78.82 10.28 23.70
CA TYR D 72 79.36 10.61 22.35
C TYR D 72 79.30 9.34 21.51
N PRO D 73 78.81 9.38 20.26
CA PRO D 73 78.28 10.59 19.63
C PRO D 73 76.77 10.76 19.87
N ASN D 74 76.05 11.34 18.91
CA ASN D 74 74.60 11.69 19.05
C ASN D 74 73.81 10.47 19.55
N ARG D 75 74.01 9.29 18.95
CA ARG D 75 73.30 8.04 19.29
C ARG D 75 73.40 7.75 20.80
N ARG D 76 74.56 7.97 21.41
CA ARG D 76 74.77 7.63 22.84
C ARG D 76 74.10 8.68 23.73
N MET D 77 74.22 9.97 23.42
CA MET D 77 73.47 11.01 24.17
C MET D 77 71.98 10.66 24.15
N ALA D 78 71.43 10.29 23.00
CA ALA D 78 69.99 9.94 22.85
C ALA D 78 69.66 8.73 23.73
N ALA D 79 70.52 7.70 23.71
CA ALA D 79 70.31 6.45 24.48
C ALA D 79 70.29 6.79 25.97
N CYS D 80 71.13 7.72 26.40
CA CYS D 80 71.28 8.08 27.82
C CYS D 80 70.05 8.89 28.28
N LEU D 81 69.60 9.85 27.48
CA LEU D 81 68.35 10.57 27.76
C LEU D 81 67.21 9.57 27.90
N ARG D 82 67.15 8.56 27.02
CA ARG D 82 66.11 7.49 27.06
CA ARG D 82 66.11 7.49 27.06
C ARG D 82 66.22 6.75 28.40
N ASP D 83 67.43 6.36 28.83
CA ASP D 83 67.60 5.55 30.07
C ASP D 83 67.20 6.37 31.30
N ALA D 84 67.55 7.66 31.37
CA ALA D 84 67.17 8.52 32.51
C ALA D 84 65.63 8.59 32.57
N GLU D 85 64.97 8.73 31.43
CA GLU D 85 63.48 8.76 31.39
C GLU D 85 62.92 7.38 31.84
N ILE D 86 63.52 6.28 31.40
CA ILE D 86 63.03 4.92 31.76
C ILE D 86 63.14 4.76 33.28
N ILE D 87 64.30 5.06 33.83
CA ILE D 87 64.53 4.91 35.29
C ILE D 87 63.50 5.79 36.02
N LEU D 88 63.29 7.02 35.57
CA LEU D 88 62.34 7.91 36.27
C LEU D 88 60.93 7.32 36.16
N ARG D 89 60.61 6.72 35.02
CA ARG D 89 59.27 6.12 34.79
C ARG D 89 59.06 5.00 35.82
N TYR D 90 60.02 4.10 35.97
CA TYR D 90 59.87 2.94 36.90
C TYR D 90 59.80 3.45 38.35
N VAL D 91 60.51 4.52 38.66
CA VAL D 91 60.45 5.11 40.03
C VAL D 91 59.05 5.69 40.25
N THR D 92 58.47 6.33 39.26
CA THR D 92 57.10 6.91 39.40
CA THR D 92 57.10 6.91 39.40
C THR D 92 56.09 5.75 39.55
N TYR D 93 56.32 4.63 38.87
CA TYR D 93 55.43 3.44 38.99
C TYR D 93 55.46 2.95 40.44
N ALA D 94 56.67 2.83 40.99
CA ALA D 94 56.90 2.36 42.37
C ALA D 94 56.18 3.29 43.35
N LEU D 95 56.27 4.61 43.14
CA LEU D 95 55.61 5.60 44.01
C LEU D 95 54.10 5.46 43.87
N LEU D 96 53.59 5.21 42.67
CA LEU D 96 52.12 5.10 42.48
C LEU D 96 51.62 3.83 43.20
N ALA D 97 52.40 2.75 43.14
CA ALA D 97 52.05 1.43 43.72
C ALA D 97 52.34 1.38 45.22
N GLY D 98 53.22 2.25 45.71
CA GLY D 98 53.72 2.15 47.09
C GLY D 98 54.55 0.88 47.31
N ASP D 99 55.28 0.44 46.29
CA ASP D 99 56.12 -0.78 46.38
C ASP D 99 57.17 -0.77 45.24
N ALA D 100 58.37 -1.24 45.55
CA ALA D 100 59.52 -1.24 44.62
C ALA D 100 59.49 -2.44 43.68
N SER D 101 58.61 -3.41 43.86
CA SER D 101 58.62 -4.65 43.02
CA SER D 101 58.62 -4.65 43.02
C SER D 101 58.75 -4.30 41.53
N VAL D 102 57.93 -3.40 41.00
CA VAL D 102 57.93 -3.12 39.54
C VAL D 102 59.30 -2.55 39.12
N LEU D 103 59.88 -1.70 39.95
CA LEU D 103 61.20 -1.09 39.70
C LEU D 103 62.28 -2.19 39.74
N ASP D 104 62.25 -3.01 40.78
CA ASP D 104 63.22 -4.10 41.00
C ASP D 104 63.14 -5.08 39.83
N ASP D 105 61.95 -5.50 39.45
CA ASP D 105 61.79 -6.65 38.52
C ASP D 105 61.94 -6.18 37.08
N ARG D 106 61.44 -5.00 36.74
CA ARG D 106 61.33 -4.60 35.32
C ARG D 106 62.45 -3.64 34.91
N CYS D 107 63.21 -3.10 35.84
CA CYS D 107 64.22 -2.06 35.53
C CYS D 107 65.60 -2.43 36.09
N LEU D 108 65.71 -2.82 37.36
CA LEU D 108 67.03 -2.88 38.05
C LEU D 108 67.69 -4.27 37.89
N ASN D 109 66.88 -5.31 37.71
CA ASN D 109 67.33 -6.71 37.58
C ASN D 109 68.20 -6.84 36.31
N GLY D 110 69.50 -7.06 36.48
CA GLY D 110 70.48 -7.18 35.37
C GLY D 110 70.93 -5.83 34.81
N LEU D 111 70.55 -4.70 35.40
CA LEU D 111 70.92 -3.39 34.83
C LEU D 111 72.44 -3.25 34.91
N LYS D 112 73.05 -3.52 36.07
CA LYS D 112 74.50 -3.32 36.24
C LYS D 112 75.26 -4.16 35.20
N GLU D 113 74.84 -5.40 35.00
CA GLU D 113 75.50 -6.37 34.07
C GLU D 113 75.34 -5.86 32.65
N THR D 114 74.17 -5.33 32.30
CA THR D 114 73.91 -4.72 30.97
C THR D 114 74.89 -3.55 30.75
N TYR D 115 74.96 -2.66 31.73
CA TYR D 115 75.82 -1.46 31.63
C TYR D 115 77.28 -1.90 31.56
N ALA D 116 77.67 -2.93 32.30
CA ALA D 116 79.06 -3.46 32.28
C ALA D 116 79.38 -3.91 30.86
N ALA D 117 78.47 -4.68 30.26
CA ALA D 117 78.61 -5.25 28.91
C ALA D 117 78.67 -4.13 27.85
N LEU D 118 77.99 -3.00 28.06
CA LEU D 118 77.93 -1.92 27.06
C LEU D 118 79.06 -0.91 27.26
N GLY D 119 79.67 -0.87 28.44
CA GLY D 119 80.62 0.19 28.82
C GLY D 119 79.92 1.48 29.27
N VAL D 120 78.68 1.39 29.74
CA VAL D 120 77.96 2.57 30.27
C VAL D 120 78.50 2.81 31.67
N PRO D 121 79.01 4.04 31.99
CA PRO D 121 79.55 4.33 33.31
C PRO D 121 78.44 4.37 34.37
N THR D 122 78.56 3.52 35.39
CA THR D 122 77.57 3.43 36.47
C THR D 122 77.76 4.63 37.41
N THR D 123 78.98 5.11 37.56
CA THR D 123 79.27 6.32 38.37
C THR D 123 78.45 7.51 37.83
N SER D 124 78.59 7.82 36.55
CA SER D 124 77.93 9.00 35.97
C SER D 124 76.42 8.77 36.01
N THR D 125 75.97 7.54 35.85
CA THR D 125 74.52 7.20 35.92
C THR D 125 74.02 7.51 37.31
N VAL D 126 74.78 7.10 38.34
CA VAL D 126 74.43 7.36 39.76
C VAL D 126 74.26 8.87 39.96
N ARG D 127 75.12 9.68 39.36
CA ARG D 127 75.01 11.15 39.52
C ARG D 127 73.70 11.65 38.86
N ALA D 128 73.35 11.20 37.65
CA ALA D 128 72.08 11.57 37.00
C ALA D 128 70.91 11.23 37.93
N VAL D 129 70.94 10.04 38.54
CA VAL D 129 69.84 9.57 39.44
C VAL D 129 69.85 10.43 40.70
N GLN D 130 71.01 10.82 41.24
CA GLN D 130 71.06 11.73 42.43
C GLN D 130 70.29 13.02 42.12
N ILE D 131 70.52 13.59 40.94
CA ILE D 131 69.91 14.91 40.58
C ILE D 131 68.40 14.68 40.45
N MET D 132 67.97 13.61 39.81
CA MET D 132 66.52 13.32 39.66
C MET D 132 65.89 13.12 41.05
N LYS D 133 66.62 12.48 41.96
CA LYS D 133 66.14 12.30 43.35
C LYS D 133 65.91 13.67 44.01
N ALA D 134 66.83 14.62 43.85
CA ALA D 134 66.71 15.98 44.41
C ALA D 134 65.55 16.71 43.71
N GLN D 135 65.42 16.53 42.40
CA GLN D 135 64.36 17.23 41.64
C GLN D 135 63.02 16.72 42.17
N ALA D 136 62.88 15.41 42.29
CA ALA D 136 61.63 14.75 42.71
C ALA D 136 61.21 15.25 44.10
N ALA D 137 62.15 15.31 45.02
CA ALA D 137 61.93 15.80 46.39
C ALA D 137 61.30 17.20 46.33
N ALA D 138 61.91 18.11 45.59
CA ALA D 138 61.44 19.50 45.43
C ALA D 138 60.04 19.52 44.80
N HIS D 139 59.81 18.76 43.72
CA HIS D 139 58.48 18.79 43.04
C HIS D 139 57.40 18.19 43.94
N ILE D 140 57.69 17.16 44.71
CA ILE D 140 56.69 16.55 45.63
C ILE D 140 56.28 17.59 46.69
N GLN D 141 57.27 18.32 47.22
CA GLN D 141 57.06 19.38 48.24
C GLN D 141 56.51 20.67 47.62
N ASP D 142 56.48 20.74 46.29
CA ASP D 142 56.04 21.95 45.54
C ASP D 142 56.92 23.15 45.97
N THR D 143 58.22 22.94 46.09
CA THR D 143 59.23 23.97 46.44
C THR D 143 60.42 23.95 45.48
N PRO D 144 60.24 23.82 44.15
CA PRO D 144 61.36 23.98 43.22
C PRO D 144 61.87 25.41 43.36
N SER D 145 63.18 25.61 43.33
CA SER D 145 63.82 26.95 43.38
C SER D 145 63.77 27.60 41.98
N GLU D 146 63.63 28.91 41.93
CA GLU D 146 63.80 29.71 40.69
C GLU D 146 65.25 29.59 40.21
N ALA D 147 66.21 29.53 41.14
CA ALA D 147 67.66 29.43 40.81
C ALA D 147 67.91 28.22 39.89
N ARG D 148 67.27 27.08 40.11
CA ARG D 148 67.56 25.84 39.33
CA ARG D 148 67.56 25.84 39.33
C ARG D 148 66.58 25.68 38.17
N ALA D 149 65.46 26.41 38.16
CA ALA D 149 64.36 26.25 37.19
C ALA D 149 64.37 27.38 36.14
N GLY D 150 64.73 28.59 36.55
CA GLY D 150 64.57 29.81 35.71
C GLY D 150 63.15 29.93 35.20
N ALA D 151 63.00 30.16 33.90
CA ALA D 151 61.69 30.37 33.23
C ALA D 151 60.88 29.07 33.17
N LYS D 152 61.47 27.91 33.51
CA LYS D 152 60.80 26.58 33.42
C LYS D 152 60.12 26.22 34.76
N LEU D 153 60.23 27.09 35.76
CA LEU D 153 59.62 26.86 37.09
C LEU D 153 58.14 26.47 36.92
N ARG D 154 57.72 25.42 37.62
CA ARG D 154 56.30 25.00 37.72
C ARG D 154 55.86 24.91 39.19
N LYS D 155 54.61 25.32 39.43
CA LYS D 155 53.91 25.16 40.72
CA LYS D 155 53.91 25.16 40.72
C LYS D 155 52.72 24.23 40.49
N MET D 156 52.57 23.22 41.33
CA MET D 156 51.46 22.22 41.24
C MET D 156 50.18 22.72 41.94
N GLY D 157 50.32 23.48 43.03
CA GLY D 157 49.17 24.02 43.78
C GLY D 157 48.43 22.98 44.60
N SER D 158 49.14 21.94 45.04
CA SER D 158 48.60 20.95 46.01
C SER D 158 48.35 21.65 47.34
N PRO D 159 47.34 21.22 48.14
CA PRO D 159 47.06 21.85 49.43
C PRO D 159 48.19 21.63 50.44
N VAL D 160 48.77 22.70 50.97
CA VAL D 160 50.03 22.66 51.75
C VAL D 160 49.78 22.18 53.17
N VAL D 161 50.64 21.30 53.67
CA VAL D 161 50.79 20.96 55.11
C VAL D 161 52.22 21.27 55.54
N GLU D 162 52.45 21.43 56.84
CA GLU D 162 53.73 21.88 57.43
C GLU D 162 54.88 20.96 56.97
N ASP D 163 54.69 19.64 57.04
CA ASP D 163 55.74 18.63 56.69
C ASP D 163 55.97 18.51 55.18
N ARG D 164 55.05 19.02 54.34
CA ARG D 164 55.16 19.01 52.85
C ARG D 164 55.38 17.56 52.36
N CYS D 165 54.69 16.60 52.94
CA CYS D 165 54.68 15.18 52.52
C CYS D 165 56.08 14.59 52.68
N ALA D 166 56.71 14.85 53.83
CA ALA D 166 58.06 14.34 54.16
C ALA D 166 58.10 12.83 53.96
N SER D 167 57.05 12.13 54.38
CA SER D 167 56.95 10.65 54.30
CA SER D 167 56.96 10.65 54.30
C SER D 167 56.99 10.19 52.83
N LEU D 168 56.24 10.86 51.94
CA LEU D 168 56.27 10.55 50.50
C LEU D 168 57.64 10.93 49.93
N VAL D 169 58.24 12.03 50.37
CA VAL D 169 59.59 12.42 49.88
C VAL D 169 60.59 11.30 50.23
N ALA D 170 60.53 10.78 51.45
CA ALA D 170 61.47 9.74 51.93
C ALA D 170 61.27 8.47 51.09
N GLU D 171 60.00 8.13 50.85
CA GLU D 171 59.64 6.91 50.08
C GLU D 171 60.19 7.05 48.66
N ALA D 172 59.87 8.15 47.98
CA ALA D 172 60.37 8.42 46.61
C ALA D 172 61.90 8.33 46.62
N SER D 173 62.54 8.97 47.60
CA SER D 173 64.02 8.99 47.70
C SER D 173 64.56 7.56 47.86
N SER D 174 63.88 6.72 48.65
CA SER D 174 64.30 5.31 48.86
C SER D 174 64.26 4.53 47.53
N TYR D 175 63.35 4.85 46.62
CA TYR D 175 63.26 4.16 45.30
C TYR D 175 64.46 4.57 44.44
N PHE D 176 64.78 5.87 44.40
CA PHE D 176 65.98 6.37 43.68
C PHE D 176 67.22 5.69 44.30
N ASP D 177 67.24 5.53 45.61
CA ASP D 177 68.38 4.89 46.32
C ASP D 177 68.46 3.41 45.94
N ARG D 178 67.35 2.74 45.64
CA ARG D 178 67.45 1.34 45.14
C ARG D 178 68.15 1.33 43.78
N VAL D 179 67.89 2.34 42.94
CA VAL D 179 68.56 2.42 41.62
C VAL D 179 70.06 2.54 41.87
N ILE D 180 70.43 3.52 42.70
CA ILE D 180 71.85 3.79 43.03
C ILE D 180 72.47 2.53 43.60
N SER D 181 71.83 1.84 44.54
CA SER D 181 72.35 0.59 45.13
CA SER D 181 72.35 0.59 45.13
C SER D 181 72.54 -0.46 44.02
N ALA D 182 71.61 -0.56 43.08
CA ALA D 182 71.65 -1.58 42.01
C ALA D 182 72.82 -1.31 41.07
N LEU D 183 73.31 -0.07 40.97
CA LEU D 183 74.40 0.31 40.03
C LEU D 183 75.72 0.48 40.78
N SER D 184 75.70 0.40 42.11
CA SER D 184 76.90 0.65 42.98
C SER D 184 77.49 -0.70 43.42
N MET E 1 40.60 4.61 22.28
CA MET E 1 40.77 5.98 22.86
CA MET E 1 40.77 5.98 22.86
C MET E 1 40.99 5.85 24.37
N LYS E 2 42.21 6.05 24.84
CA LYS E 2 42.58 5.75 26.24
C LYS E 2 41.76 6.61 27.22
N SER E 3 41.07 5.91 28.11
CA SER E 3 40.28 6.45 29.23
C SER E 3 40.36 5.43 30.35
N VAL E 4 39.76 5.69 31.51
CA VAL E 4 39.75 4.70 32.62
C VAL E 4 39.12 3.41 32.09
N VAL E 5 37.94 3.52 31.48
CA VAL E 5 37.09 2.33 31.20
C VAL E 5 37.67 1.57 30.02
N THR E 6 38.22 2.24 29.00
CA THR E 6 38.80 1.52 27.84
C THR E 6 40.09 0.81 28.28
N THR E 7 40.85 1.40 29.21
CA THR E 7 42.07 0.74 29.72
C THR E 7 41.70 -0.57 30.44
N VAL E 8 40.75 -0.54 31.36
CA VAL E 8 40.43 -1.77 32.14
C VAL E 8 39.76 -2.78 31.21
N ILE E 9 38.95 -2.35 30.24
CA ILE E 9 38.29 -3.32 29.31
C ILE E 9 39.38 -3.97 28.45
N ALA E 10 40.33 -3.20 27.93
CA ALA E 10 41.39 -3.75 27.07
C ALA E 10 42.21 -4.77 27.87
N ALA E 11 42.48 -4.50 29.16
CA ALA E 11 43.27 -5.43 29.99
C ALA E 11 42.40 -6.65 30.27
N ALA E 12 41.10 -6.48 30.54
CA ALA E 12 40.18 -7.62 30.76
C ALA E 12 40.16 -8.49 29.49
N ASP E 13 40.07 -7.86 28.32
CA ASP E 13 39.87 -8.59 27.05
C ASP E 13 41.13 -9.38 26.70
N ALA E 14 42.31 -8.83 26.96
CA ALA E 14 43.60 -9.50 26.66
C ALA E 14 43.68 -10.80 27.46
N ALA E 15 43.06 -10.87 28.64
CA ALA E 15 43.09 -12.07 29.51
C ALA E 15 41.78 -12.87 29.43
N GLY E 16 40.82 -12.48 28.58
CA GLY E 16 39.53 -13.19 28.41
C GLY E 16 38.63 -13.12 29.66
N ARG E 17 38.66 -12.01 30.38
CA ARG E 17 38.01 -11.85 31.70
C ARG E 17 36.75 -11.01 31.54
N PHE E 18 35.72 -11.37 32.30
CA PHE E 18 34.58 -10.46 32.59
C PHE E 18 35.14 -9.30 33.41
N PRO E 19 34.44 -8.15 33.40
CA PRO E 19 34.73 -7.09 34.39
C PRO E 19 34.70 -7.71 35.80
N SER E 20 35.66 -7.32 36.62
CA SER E 20 35.83 -7.82 38.00
C SER E 20 36.02 -6.64 38.97
N SER E 21 36.22 -6.93 40.24
N SER E 21 36.23 -6.94 40.24
CA SER E 21 36.35 -5.95 41.36
CA SER E 21 36.35 -5.95 41.36
C SER E 21 37.20 -4.74 40.92
C SER E 21 37.19 -4.74 40.92
N SER E 22 38.41 -4.96 40.42
CA SER E 22 39.35 -3.86 40.09
C SER E 22 38.83 -3.01 38.92
N ASP E 23 38.04 -3.58 38.02
CA ASP E 23 37.52 -2.85 36.84
C ASP E 23 36.46 -1.86 37.33
N LEU E 24 35.51 -2.32 38.15
CA LEU E 24 34.42 -1.45 38.63
C LEU E 24 35.02 -0.37 39.53
N GLU E 25 35.98 -0.75 40.36
CA GLU E 25 36.63 0.16 41.33
C GLU E 25 37.26 1.31 40.55
N SER E 26 37.93 0.98 39.43
CA SER E 26 38.61 1.99 38.57
C SER E 26 37.55 3.00 38.10
N VAL E 27 36.41 2.50 37.64
CA VAL E 27 35.35 3.36 37.07
C VAL E 27 34.75 4.23 38.19
N GLN E 28 34.70 3.75 39.44
CA GLN E 28 34.26 4.60 40.56
C GLN E 28 35.14 5.87 40.61
N GLY E 29 36.42 5.75 40.27
CA GLY E 29 37.34 6.90 40.24
C GLY E 29 36.88 7.95 39.26
N SER E 30 36.41 7.54 38.08
CA SER E 30 35.83 8.46 37.06
C SER E 30 34.60 9.15 37.63
N ILE E 31 33.73 8.41 38.32
CA ILE E 31 32.49 8.97 38.91
C ILE E 31 32.88 10.10 39.89
N GLN E 32 33.94 9.93 40.69
CA GLN E 32 34.39 10.95 41.68
CA GLN E 32 34.39 10.95 41.68
C GLN E 32 35.05 12.13 40.95
N ARG E 33 35.88 11.87 39.94
CA ARG E 33 36.73 12.92 39.33
C ARG E 33 36.00 13.68 38.23
N ALA E 34 34.90 13.17 37.70
CA ALA E 34 34.24 13.74 36.50
C ALA E 34 33.85 15.19 36.75
N ALA E 35 33.31 15.51 37.93
CA ALA E 35 32.82 16.89 38.26
C ALA E 35 33.94 17.90 37.99
N ALA E 36 35.15 17.63 38.48
CA ALA E 36 36.32 18.52 38.33
C ALA E 36 36.65 18.67 36.85
N ARG E 37 36.78 17.55 36.12
CA ARG E 37 37.26 17.65 34.72
C ARG E 37 36.16 18.14 33.81
N LEU E 38 34.89 17.85 34.10
CA LEU E 38 33.75 18.38 33.28
C LEU E 38 33.59 19.89 33.56
N GLU E 39 33.90 20.33 34.78
CA GLU E 39 33.95 21.78 35.09
C GLU E 39 34.98 22.45 34.18
N ALA E 40 36.20 21.89 34.12
CA ALA E 40 37.29 22.38 33.25
C ALA E 40 36.86 22.31 31.77
N ALA E 41 36.25 21.20 31.35
CA ALA E 41 35.82 21.00 29.95
C ALA E 41 34.83 22.08 29.55
N GLU E 42 33.91 22.42 30.44
CA GLU E 42 32.83 23.41 30.19
C GLU E 42 33.44 24.81 30.13
N LYS E 43 34.35 25.14 31.04
CA LYS E 43 35.06 26.45 31.03
C LYS E 43 35.81 26.61 29.71
N LEU E 44 36.53 25.57 29.31
CA LEU E 44 37.39 25.60 28.09
C LEU E 44 36.50 25.70 26.85
N ALA E 45 35.40 24.96 26.79
CA ALA E 45 34.43 25.05 25.68
C ALA E 45 33.90 26.48 25.59
N GLY E 46 33.54 27.06 26.73
CA GLY E 46 33.00 28.43 26.83
C GLY E 46 33.98 29.50 26.37
N ASN E 47 35.29 29.33 26.57
CA ASN E 47 36.25 30.45 26.47
C ASN E 47 37.49 30.06 25.65
N ILE E 48 37.39 29.03 24.82
CA ILE E 48 38.58 28.45 24.13
C ILE E 48 39.21 29.53 23.25
N ASP E 49 38.43 30.34 22.54
CA ASP E 49 39.00 31.36 21.62
C ASP E 49 39.88 32.36 22.37
N ALA E 50 39.44 32.82 23.54
CA ALA E 50 40.20 33.81 24.33
C ALA E 50 41.46 33.13 24.88
N VAL E 51 41.33 31.89 25.34
CA VAL E 51 42.46 31.13 25.96
C VAL E 51 43.53 30.87 24.89
N ALA E 52 43.12 30.43 23.70
CA ALA E 52 44.00 30.15 22.55
C ALA E 52 44.67 31.43 22.06
N THR E 53 43.91 32.51 21.95
CA THR E 53 44.41 33.80 21.43
C THR E 53 45.55 34.30 22.34
N GLU E 54 45.34 34.28 23.65
CA GLU E 54 46.36 34.85 24.55
C GLU E 54 47.60 33.93 24.57
N ALA E 55 47.45 32.62 24.42
CA ALA E 55 48.59 31.69 24.32
C ALA E 55 49.36 31.94 23.01
N TYR E 56 48.65 32.11 21.90
CA TYR E 56 49.27 32.43 20.60
C TYR E 56 50.09 33.74 20.71
N ASN E 57 49.46 34.76 21.28
CA ASN E 57 50.06 36.12 21.43
C ASN E 57 51.31 36.02 22.31
N ALA E 58 51.27 35.17 23.33
CA ALA E 58 52.42 34.96 24.24
C ALA E 58 53.59 34.38 23.44
N CYS E 59 53.36 33.39 22.57
CA CYS E 59 54.48 32.68 21.91
C CYS E 59 55.08 33.63 20.86
N ILE E 60 54.28 34.50 20.22
CA ILE E 60 54.82 35.45 19.21
C ILE E 60 55.56 36.59 19.93
N LYS E 61 55.06 36.99 21.09
CA LYS E 61 55.76 37.99 21.92
C LYS E 61 57.13 37.46 22.31
N LYS E 62 57.26 36.16 22.59
CA LYS E 62 58.55 35.55 23.00
C LYS E 62 59.48 35.42 21.78
N TYR E 63 58.95 35.19 20.57
CA TYR E 63 59.73 34.86 19.35
C TYR E 63 59.32 35.78 18.20
N PRO E 64 59.53 37.10 18.32
CA PRO E 64 59.12 38.03 17.28
C PRO E 64 59.85 37.82 15.94
N TYR E 65 61.00 37.13 15.93
CA TYR E 65 61.67 36.70 14.67
C TYR E 65 60.69 35.95 13.76
N LEU E 66 59.66 35.31 14.31
CA LEU E 66 58.65 34.56 13.51
C LEU E 66 57.93 35.51 12.55
N ASN E 67 57.94 36.81 12.84
CA ASN E 67 57.25 37.84 12.00
C ASN E 67 58.08 38.20 10.77
N ASN E 68 59.38 37.90 10.75
CA ASN E 68 60.30 38.25 9.63
C ASN E 68 59.91 37.43 8.39
N ALA E 69 60.09 38.04 7.21
CA ALA E 69 59.85 37.45 5.88
C ALA E 69 60.40 36.03 5.87
N GLY E 70 59.57 35.06 5.46
CA GLY E 70 59.95 33.66 5.27
C GLY E 70 59.80 32.83 6.53
N GLU E 71 59.56 33.45 7.70
CA GLU E 71 59.41 32.72 8.98
C GLU E 71 57.93 32.35 9.21
N ALA E 72 57.68 31.54 10.23
CA ALA E 72 56.44 30.75 10.40
C ALA E 72 55.23 31.63 10.78
N ASN E 73 55.44 32.90 11.18
CA ASN E 73 54.31 33.79 11.55
C ASN E 73 54.27 35.02 10.63
N SER E 74 54.84 34.92 9.43
CA SER E 74 55.22 36.10 8.61
C SER E 74 54.09 36.51 7.65
N THR E 75 53.14 35.64 7.33
CA THR E 75 52.01 35.94 6.41
C THR E 75 50.71 35.79 7.19
N ASP E 76 49.60 36.26 6.60
CA ASP E 76 48.25 36.23 7.20
C ASP E 76 47.81 34.76 7.32
N THR E 77 48.08 33.95 6.30
CA THR E 77 47.79 32.49 6.30
C THR E 77 48.56 31.81 7.44
N PHE E 78 49.86 32.08 7.56
CA PHE E 78 50.73 31.48 8.60
C PHE E 78 50.20 31.88 9.97
N LYS E 79 49.92 33.17 10.16
CA LYS E 79 49.40 33.69 11.44
C LYS E 79 48.12 32.95 11.82
N ALA E 80 47.22 32.79 10.86
CA ALA E 80 45.91 32.12 11.10
C ALA E 80 46.13 30.63 11.41
N LYS E 81 47.07 29.98 10.72
CA LYS E 81 47.33 28.54 10.92
C LYS E 81 47.96 28.33 12.31
N CYS E 82 48.83 29.23 12.73
CA CYS E 82 49.54 29.09 14.01
C CYS E 82 48.52 29.17 15.15
N ALA E 83 47.66 30.18 15.11
CA ALA E 83 46.60 30.41 16.12
C ALA E 83 45.64 29.22 16.10
N ARG E 84 45.29 28.74 14.91
CA ARG E 84 44.45 27.53 14.72
C ARG E 84 45.11 26.34 15.41
N ASP E 85 46.41 26.15 15.23
CA ASP E 85 47.12 24.99 15.83
C ASP E 85 47.00 25.03 17.35
N ILE E 86 47.15 26.21 17.96
CA ILE E 86 47.04 26.35 19.44
C ILE E 86 45.62 25.96 19.85
N LYS E 87 44.62 26.41 19.11
CA LYS E 87 43.22 26.09 19.40
C LYS E 87 42.99 24.57 19.23
N HIS E 88 43.56 23.94 18.21
CA HIS E 88 43.55 22.45 18.02
C HIS E 88 44.02 21.75 19.31
N TYR E 89 45.18 22.11 19.83
CA TYR E 89 45.72 21.49 21.07
C TYR E 89 44.72 21.70 22.22
N LEU E 90 44.19 22.90 22.38
CA LEU E 90 43.23 23.19 23.48
C LEU E 90 41.92 22.41 23.28
N ARG E 91 41.47 22.25 22.05
CA ARG E 91 40.25 21.44 21.75
C ARG E 91 40.55 19.98 22.13
N LEU E 92 41.73 19.46 21.79
CA LEU E 92 42.07 18.06 22.13
C LEU E 92 42.16 17.94 23.66
N ILE E 93 42.60 18.99 24.35
CA ILE E 93 42.65 18.98 25.83
C ILE E 93 41.22 18.98 26.38
N GLN E 94 40.32 19.77 25.78
CA GLN E 94 38.87 19.74 26.14
C GLN E 94 38.37 18.29 25.99
N TYR E 95 38.72 17.61 24.90
CA TYR E 95 38.29 16.22 24.64
C TYR E 95 38.82 15.28 25.76
N CYS E 96 40.09 15.45 26.16
CA CYS E 96 40.74 14.63 27.23
C CYS E 96 40.02 14.86 28.55
N LEU E 97 39.61 16.08 28.86
CA LEU E 97 38.84 16.39 30.09
C LEU E 97 37.47 15.71 30.07
N VAL E 98 36.84 15.63 28.89
CA VAL E 98 35.52 14.96 28.71
C VAL E 98 35.70 13.47 28.96
N VAL E 99 36.77 12.90 28.44
CA VAL E 99 37.02 11.42 28.38
C VAL E 99 37.72 10.94 29.66
N GLY E 100 38.50 11.80 30.31
CA GLY E 100 39.30 11.43 31.50
C GLY E 100 40.49 10.57 31.11
N GLY E 101 41.10 10.86 29.97
CA GLY E 101 42.34 10.22 29.54
C GLY E 101 42.98 11.00 28.41
N THR E 102 44.20 10.62 28.05
CA THR E 102 45.03 11.33 27.05
C THR E 102 44.69 10.87 25.64
N GLY E 103 43.82 9.88 25.47
CA GLY E 103 43.46 9.29 24.18
C GLY E 103 43.36 10.30 23.05
N PRO E 104 42.44 11.29 23.13
CA PRO E 104 42.26 12.26 22.04
C PRO E 104 43.53 13.02 21.69
N LEU E 105 44.31 13.40 22.70
CA LEU E 105 45.58 14.14 22.51
C LEU E 105 46.62 13.19 21.88
N ASP E 106 46.71 11.97 22.39
CA ASP E 106 47.60 10.90 21.88
C ASP E 106 47.36 10.67 20.39
N GLU E 107 46.10 10.45 20.01
CA GLU E 107 45.75 9.93 18.67
C GLU E 107 45.69 11.06 17.65
N TRP E 108 45.23 12.25 18.03
CA TRP E 108 44.87 13.33 17.07
C TRP E 108 45.83 14.52 17.14
N GLY E 109 46.61 14.67 18.20
CA GLY E 109 47.55 15.80 18.31
C GLY E 109 48.99 15.33 18.27
N ILE E 110 49.34 14.39 19.14
CA ILE E 110 50.77 14.05 19.40
C ILE E 110 51.29 13.12 18.30
N ALA E 111 50.54 12.09 17.92
CA ALA E 111 50.99 11.15 16.88
C ALA E 111 51.24 11.94 15.57
N GLY E 112 52.47 11.89 15.07
CA GLY E 112 52.89 12.57 13.83
C GLY E 112 53.29 14.03 14.00
N GLN E 113 53.07 14.66 15.16
CA GLN E 113 53.30 16.12 15.31
C GLN E 113 54.76 16.44 14.92
N ARG E 114 55.71 15.62 15.35
CA ARG E 114 57.15 15.89 15.14
C ARG E 114 57.49 15.75 13.65
N GLU E 115 56.98 14.74 12.97
CA GLU E 115 57.19 14.55 11.51
C GLU E 115 56.62 15.78 10.77
N VAL E 116 55.46 16.27 11.16
CA VAL E 116 54.81 17.41 10.45
C VAL E 116 55.67 18.66 10.62
N TYR E 117 56.04 18.99 11.85
CA TYR E 117 56.74 20.27 12.15
C TYR E 117 58.12 20.25 11.52
N ARG E 118 58.78 19.09 11.57
CA ARG E 118 60.11 18.90 10.93
C ARG E 118 59.95 19.13 9.41
N ALA E 119 58.93 18.56 8.79
CA ALA E 119 58.77 18.59 7.32
C ALA E 119 58.50 20.02 6.85
N LEU E 120 57.79 20.83 7.66
CA LEU E 120 57.41 22.20 7.25
C LEU E 120 58.34 23.24 7.88
N GLY E 121 59.41 22.81 8.54
CA GLY E 121 60.38 23.71 9.18
C GLY E 121 59.71 24.59 10.24
N LEU E 122 58.69 24.07 10.91
CA LEU E 122 58.03 24.79 12.02
C LEU E 122 58.83 24.51 13.29
N PRO E 123 59.37 25.54 13.94
CA PRO E 123 60.04 25.37 15.23
C PRO E 123 59.03 24.92 16.29
N THR E 124 59.46 24.04 17.18
CA THR E 124 58.66 23.45 18.27
CA THR E 124 58.58 23.49 18.24
C THR E 124 58.51 24.47 19.42
N ALA E 125 59.53 25.32 19.61
CA ALA E 125 59.61 26.18 20.81
C ALA E 125 58.35 27.03 20.95
N PRO E 126 57.81 27.67 19.88
CA PRO E 126 56.62 28.48 20.02
C PRO E 126 55.42 27.67 20.51
N TYR E 127 55.27 26.43 20.04
CA TYR E 127 54.17 25.55 20.51
C TYR E 127 54.32 25.34 22.03
N VAL E 128 55.55 25.07 22.46
CA VAL E 128 55.85 24.80 23.90
C VAL E 128 55.55 26.06 24.72
N GLU E 129 55.92 27.23 24.21
CA GLU E 129 55.72 28.52 24.91
C GLU E 129 54.22 28.82 25.05
N ALA E 130 53.45 28.60 23.99
CA ALA E 130 51.98 28.79 23.99
C ALA E 130 51.38 27.93 25.10
N LEU E 131 51.71 26.63 25.12
CA LEU E 131 51.10 25.68 26.09
C LEU E 131 51.60 26.04 27.49
N SER E 132 52.89 26.35 27.59
CA SER E 132 53.53 26.72 28.87
C SER E 132 52.86 27.98 29.44
N PHE E 133 52.62 28.97 28.61
CA PHE E 133 51.84 30.17 29.03
C PHE E 133 50.48 29.74 29.59
N ALA E 134 49.74 28.91 28.86
CA ALA E 134 48.39 28.45 29.27
C ALA E 134 48.48 27.72 30.61
N ARG E 135 49.53 26.90 30.77
CA ARG E 135 49.80 26.10 32.00
C ARG E 135 50.00 27.02 33.20
N ASN E 136 50.70 28.15 33.03
CA ASN E 136 51.06 29.05 34.16
C ASN E 136 49.96 30.09 34.40
N ARG E 137 48.97 30.19 33.52
CA ARG E 137 48.00 31.31 33.52
C ARG E 137 46.93 31.13 34.60
N GLY E 138 46.40 29.93 34.72
CA GLY E 138 45.18 29.67 35.49
C GLY E 138 45.43 29.76 36.98
N CYS E 139 44.42 30.15 37.75
CA CYS E 139 44.43 30.03 39.21
C CYS E 139 43.01 29.78 39.71
N ALA E 140 42.92 29.07 40.84
CA ALA E 140 41.67 28.70 41.51
C ALA E 140 41.56 29.50 42.81
N PRO E 141 40.34 29.91 43.23
CA PRO E 141 39.11 29.58 42.51
C PRO E 141 38.67 30.56 41.41
N ARG E 142 39.50 31.55 41.07
CA ARG E 142 39.12 32.57 40.05
C ARG E 142 38.57 31.88 38.80
N ASP E 143 39.37 31.02 38.15
CA ASP E 143 39.12 30.48 36.79
C ASP E 143 38.22 29.24 36.87
N MET E 144 38.30 28.49 37.96
CA MET E 144 37.62 27.17 38.15
C MET E 144 38.11 26.61 39.49
N SER E 145 37.56 25.51 39.96
CA SER E 145 37.95 24.89 41.25
C SER E 145 39.39 24.37 41.13
N ALA E 146 40.04 24.17 42.27
CA ALA E 146 41.45 23.70 42.34
C ALA E 146 41.60 22.38 41.57
N GLN E 147 40.67 21.43 41.72
CA GLN E 147 40.78 20.09 41.09
C GLN E 147 40.53 20.21 39.58
N ALA E 148 39.60 21.07 39.16
CA ALA E 148 39.37 21.34 37.72
C ALA E 148 40.67 21.84 37.11
N LEU E 149 41.31 22.81 37.76
CA LEU E 149 42.55 23.44 37.24
C LEU E 149 43.70 22.41 37.27
N THR E 150 43.71 21.50 38.25
CA THR E 150 44.74 20.45 38.35
C THR E 150 44.67 19.56 37.09
N GLU E 151 43.45 19.16 36.71
CA GLU E 151 43.16 18.32 35.52
C GLU E 151 43.63 19.03 34.27
N TYR E 152 43.26 20.29 34.12
CA TYR E 152 43.62 21.14 32.95
C TYR E 152 45.15 21.28 32.85
N ASN E 153 45.80 21.59 33.97
CA ASN E 153 47.26 21.80 34.04
C ASN E 153 47.98 20.49 33.70
N ALA E 154 47.49 19.36 34.18
CA ALA E 154 48.13 18.05 33.92
C ALA E 154 48.13 17.74 32.42
N LEU E 155 47.04 18.08 31.72
CA LEU E 155 46.92 17.79 30.27
C LEU E 155 47.79 18.77 29.48
N LEU E 156 47.91 20.01 29.92
CA LEU E 156 48.86 20.97 29.29
C LEU E 156 50.29 20.45 29.48
N ASP E 157 50.65 20.00 30.68
CA ASP E 157 52.01 19.49 30.97
C ASP E 157 52.27 18.25 30.11
N TYR E 158 51.24 17.41 29.90
CA TYR E 158 51.35 16.19 29.08
C TYR E 158 51.69 16.60 27.64
N ALA E 159 50.97 17.57 27.07
CA ALA E 159 51.24 18.07 25.70
C ALA E 159 52.66 18.66 25.66
N ILE E 160 53.02 19.44 26.67
CA ILE E 160 54.37 20.07 26.73
C ILE E 160 55.42 18.96 26.72
N ASN E 161 55.27 17.96 27.56
CA ASN E 161 56.20 16.80 27.66
C ASN E 161 56.33 16.11 26.28
N SER E 162 55.24 15.97 25.52
CA SER E 162 55.22 15.31 24.20
C SER E 162 56.10 16.06 23.20
N LEU E 163 56.28 17.36 23.38
CA LEU E 163 57.05 18.24 22.47
C LEU E 163 58.45 18.48 23.01
N SER E 164 58.79 17.93 24.18
CA SER E 164 60.08 18.19 24.90
C SER E 164 60.89 16.89 24.97
N MET F 1 38.71 1.10 21.09
CA MET F 1 37.29 1.12 21.35
C MET F 1 36.90 2.49 21.88
N LEU F 2 35.62 2.80 21.81
CA LEU F 2 35.07 4.03 22.40
C LEU F 2 34.25 3.66 23.62
N ASP F 3 34.09 4.63 24.51
CA ASP F 3 33.11 4.58 25.61
C ASP F 3 32.12 5.71 25.33
N ALA F 4 31.14 5.92 26.19
CA ALA F 4 30.08 6.92 25.96
C ALA F 4 30.69 8.31 25.76
N PHE F 5 31.79 8.58 26.46
CA PHE F 5 32.38 9.94 26.50
C PHE F 5 33.21 10.15 25.24
N SER F 6 34.03 9.18 24.87
CA SER F 6 34.85 9.30 23.64
C SER F 6 33.93 9.20 22.40
N ARG F 7 32.74 8.61 22.53
CA ARG F 7 31.73 8.67 21.45
C ARG F 7 31.33 10.13 21.22
N ALA F 8 31.08 10.90 22.28
CA ALA F 8 30.71 12.34 22.19
C ALA F 8 31.86 13.12 21.55
N VAL F 9 33.09 12.81 21.91
CA VAL F 9 34.30 13.45 21.32
C VAL F 9 34.38 13.16 19.81
N VAL F 10 34.25 11.91 19.38
CA VAL F 10 34.34 11.52 17.95
C VAL F 10 33.24 12.25 17.16
N SER F 11 32.03 12.33 17.67
CA SER F 11 30.91 13.05 17.04
C SER F 11 31.27 14.54 16.90
N ALA F 12 31.82 15.16 17.94
CA ALA F 12 32.20 16.57 17.92
C ALA F 12 33.33 16.80 16.90
N ASP F 13 34.26 15.85 16.79
CA ASP F 13 35.46 16.03 15.91
C ASP F 13 35.05 16.04 14.44
N ALA F 14 33.86 15.53 14.10
CA ALA F 14 33.34 15.53 12.72
C ALA F 14 33.12 16.96 12.22
N SER F 15 32.98 17.93 13.13
CA SER F 15 32.89 19.37 12.81
C SER F 15 34.01 20.14 13.53
N THR F 16 35.10 19.46 13.93
CA THR F 16 36.24 20.04 14.71
C THR F 16 35.68 21.04 15.73
N SER F 17 34.67 20.62 16.50
CA SER F 17 34.01 21.42 17.56
CA SER F 17 34.01 21.41 17.55
C SER F 17 34.37 20.85 18.93
N THR F 18 34.34 21.71 19.95
CA THR F 18 34.41 21.29 21.37
C THR F 18 33.13 20.54 21.70
N VAL F 19 33.18 19.67 22.71
CA VAL F 19 31.95 19.03 23.24
C VAL F 19 31.27 20.06 24.14
N SER F 20 30.08 20.52 23.79
CA SER F 20 29.38 21.63 24.50
C SER F 20 28.26 21.11 25.41
N ASP F 21 27.69 19.94 25.09
CA ASP F 21 26.60 19.34 25.89
C ASP F 21 27.17 18.62 27.13
N ILE F 22 27.63 19.39 28.10
CA ILE F 22 28.24 18.83 29.34
C ILE F 22 27.12 18.27 30.21
N ALA F 23 25.90 18.80 30.09
CA ALA F 23 24.73 18.32 30.86
C ALA F 23 24.52 16.82 30.61
N ALA F 24 24.55 16.40 29.34
CA ALA F 24 24.37 14.97 28.97
C ALA F 24 25.48 14.14 29.63
N LEU F 25 26.71 14.66 29.67
CA LEU F 25 27.86 13.93 30.24
C LEU F 25 27.63 13.81 31.75
N ARG F 26 27.10 14.85 32.38
CA ARG F 26 26.82 14.83 33.85
C ARG F 26 25.73 13.79 34.13
N ALA F 27 24.78 13.65 33.23
CA ALA F 27 23.70 12.64 33.36
C ALA F 27 24.32 11.24 33.30
N PHE F 28 25.28 11.00 32.39
CA PHE F 28 25.99 9.69 32.31
C PHE F 28 26.60 9.40 33.68
N VAL F 29 27.30 10.37 34.26
CA VAL F 29 28.06 10.21 35.53
C VAL F 29 27.09 9.89 36.67
N ALA F 30 25.94 10.56 36.71
CA ALA F 30 24.94 10.39 37.78
C ALA F 30 24.35 8.96 37.76
N SER F 31 24.33 8.29 36.61
CA SER F 31 23.86 6.88 36.52
CA SER F 31 23.86 6.88 36.52
C SER F 31 25.05 5.93 36.62
N GLY F 32 26.25 6.44 36.90
CA GLY F 32 27.48 5.63 37.01
C GLY F 32 27.34 4.47 37.99
N ASN F 33 26.90 4.74 39.22
CA ASN F 33 26.80 3.71 40.28
C ASN F 33 25.80 2.63 39.82
N ARG F 34 24.64 3.01 39.29
CA ARG F 34 23.65 1.98 38.90
C ARG F 34 24.22 1.17 37.73
N ARG F 35 24.99 1.80 36.85
CA ARG F 35 25.65 1.10 35.71
C ARG F 35 26.60 0.03 36.28
N LEU F 36 27.39 0.38 37.29
CA LEU F 36 28.32 -0.59 37.90
C LEU F 36 27.50 -1.71 38.55
N ASP F 37 26.38 -1.41 39.18
CA ASP F 37 25.50 -2.47 39.73
C ASP F 37 25.03 -3.38 38.59
N ALA F 38 24.67 -2.83 37.43
CA ALA F 38 24.13 -3.61 36.31
C ALA F 38 25.22 -4.59 35.79
N VAL F 39 26.45 -4.10 35.64
CA VAL F 39 27.60 -4.93 35.16
C VAL F 39 27.88 -6.03 36.20
N ASN F 40 27.90 -5.66 37.47
CA ASN F 40 28.12 -6.61 38.59
C ASN F 40 27.04 -7.71 38.56
N ALA F 41 25.78 -7.36 38.31
CA ALA F 41 24.65 -8.32 38.26
C ALA F 41 24.88 -9.36 37.15
N ILE F 42 25.37 -8.94 35.99
CA ILE F 42 25.64 -9.89 34.88
C ILE F 42 26.91 -10.70 35.17
N ALA F 43 28.04 -10.06 35.39
CA ALA F 43 29.33 -10.77 35.63
C ALA F 43 29.17 -11.81 36.78
N SER F 44 28.54 -11.42 37.89
CA SER F 44 28.37 -12.28 39.09
C SER F 44 27.51 -13.52 38.78
N ASN F 45 26.65 -13.47 37.74
CA ASN F 45 25.70 -14.58 37.44
C ASN F 45 25.98 -15.18 36.05
N ALA F 46 27.12 -14.87 35.44
CA ALA F 46 27.43 -15.23 34.03
C ALA F 46 27.41 -16.75 33.82
N SER F 47 27.97 -17.56 34.73
CA SER F 47 28.01 -19.03 34.56
C SER F 47 26.59 -19.58 34.55
N CYS F 48 25.76 -19.14 35.51
CA CYS F 48 24.36 -19.60 35.58
C CYS F 48 23.63 -19.18 34.29
N MET F 49 23.87 -17.96 33.81
CA MET F 49 23.20 -17.44 32.61
C MET F 49 23.59 -18.29 31.38
N VAL F 50 24.88 -18.53 31.18
CA VAL F 50 25.38 -19.25 29.97
C VAL F 50 24.79 -20.67 29.98
N SER F 51 24.92 -21.40 31.09
CA SER F 51 24.53 -22.82 31.09
C SER F 51 23.02 -22.91 30.91
N ASP F 52 22.26 -21.99 31.49
CA ASP F 52 20.78 -22.00 31.43
C ASP F 52 20.34 -21.61 30.00
N ALA F 53 21.06 -20.68 29.38
CA ALA F 53 20.71 -20.18 28.03
C ALA F 53 20.97 -21.28 27.00
N VAL F 54 22.13 -21.95 27.10
CA VAL F 54 22.50 -23.02 26.13
C VAL F 54 21.61 -24.23 26.37
N ALA F 55 21.36 -24.59 27.63
CA ALA F 55 20.42 -25.69 27.99
C ALA F 55 19.01 -25.37 27.46
N GLY F 56 18.61 -24.10 27.48
CA GLY F 56 17.28 -23.65 27.03
C GLY F 56 17.17 -23.78 25.51
N MET F 57 18.17 -23.29 24.81
CA MET F 57 18.28 -23.45 23.35
C MET F 57 18.10 -24.94 23.00
N ILE F 58 18.76 -25.83 23.76
CA ILE F 58 18.79 -27.29 23.47
C ILE F 58 17.44 -27.91 23.84
N CYS F 59 16.81 -27.52 24.95
CA CYS F 59 15.53 -28.18 25.34
C CYS F 59 14.44 -27.78 24.34
N GLU F 60 14.59 -26.65 23.65
CA GLU F 60 13.65 -26.21 22.59
C GLU F 60 14.01 -26.84 21.23
N ASN F 61 15.27 -27.21 21.01
CA ASN F 61 15.69 -27.89 19.76
C ASN F 61 16.63 -29.04 20.11
N GLN F 62 16.07 -30.23 20.23
CA GLN F 62 16.76 -31.49 20.63
C GLN F 62 17.71 -31.97 19.52
N GLY F 63 17.56 -31.49 18.29
CA GLY F 63 18.43 -31.87 17.18
C GLY F 63 19.86 -31.43 17.40
N LEU F 64 20.08 -30.38 18.20
CA LEU F 64 21.44 -29.88 18.50
C LEU F 64 22.29 -30.98 19.15
N ILE F 65 21.67 -31.92 19.85
CA ILE F 65 22.33 -33.03 20.59
C ILE F 65 21.96 -34.40 20.00
N GLN F 66 21.55 -34.45 18.74
CA GLN F 66 21.31 -35.71 17.99
C GLN F 66 22.29 -35.75 16.81
N ALA F 67 22.33 -36.89 16.11
CA ALA F 67 23.23 -37.12 14.95
C ALA F 67 23.18 -35.89 14.03
N GLY F 68 24.36 -35.32 13.75
CA GLY F 68 24.56 -34.20 12.82
C GLY F 68 24.20 -32.86 13.44
N GLY F 69 23.79 -32.82 14.72
CA GLY F 69 23.46 -31.56 15.42
C GLY F 69 24.73 -30.82 15.81
N CYS F 71 25.67 -29.14 18.50
CA CYS F 71 26.19 -29.33 19.86
C CYS F 71 26.57 -30.79 20.11
N TYR F 72 26.79 -31.57 19.04
CA TYR F 72 27.24 -32.98 19.08
C TYR F 72 28.52 -33.08 18.26
N PRO F 73 29.59 -33.76 18.72
CA PRO F 73 29.62 -34.40 20.04
C PRO F 73 30.12 -33.47 21.16
N ASN F 74 30.82 -33.99 22.16
CA ASN F 74 31.27 -33.24 23.36
C ASN F 74 32.00 -31.96 22.94
N ARG F 75 32.95 -32.07 22.02
CA ARG F 75 33.77 -30.94 21.52
C ARG F 75 32.87 -29.76 21.07
N ARG F 76 31.75 -30.05 20.40
CA ARG F 76 30.88 -28.97 19.88
C ARG F 76 30.06 -28.34 21.00
N MET F 77 29.51 -29.14 21.92
CA MET F 77 28.82 -28.58 23.10
C MET F 77 29.78 -27.63 23.84
N ALA F 78 31.03 -28.05 24.05
CA ALA F 78 32.03 -27.22 24.76
C ALA F 78 32.27 -25.91 23.99
N ALA F 79 32.43 -26.01 22.66
CA ALA F 79 32.68 -24.82 21.80
C ALA F 79 31.51 -23.83 21.91
N CYS F 80 30.29 -24.35 22.00
CA CYS F 80 29.06 -23.53 22.04
C CYS F 80 28.95 -22.85 23.41
N LEU F 81 29.18 -23.58 24.49
CA LEU F 81 29.23 -22.95 25.84
C LEU F 81 30.26 -21.83 25.84
N ARG F 82 31.42 -22.03 25.22
CA ARG F 82 32.49 -21.02 25.12
CA ARG F 82 32.49 -21.02 25.12
C ARG F 82 31.95 -19.79 24.37
N ASP F 83 31.26 -19.98 23.24
CA ASP F 83 30.78 -18.85 22.41
C ASP F 83 29.71 -18.04 23.15
N ALA F 84 28.80 -18.70 23.86
CA ALA F 84 27.76 -18.00 24.64
C ALA F 84 28.45 -17.13 25.70
N GLU F 85 29.47 -17.65 26.36
CA GLU F 85 30.23 -16.89 27.38
C GLU F 85 30.93 -15.70 26.71
N ILE F 86 31.54 -15.91 25.54
CA ILE F 86 32.29 -14.84 24.84
C ILE F 86 31.32 -13.71 24.49
N ILE F 87 30.21 -14.06 23.85
CA ILE F 87 29.20 -13.05 23.45
C ILE F 87 28.76 -12.29 24.72
N LEU F 88 28.47 -13.00 25.81
CA LEU F 88 27.97 -12.34 27.04
C LEU F 88 29.07 -11.40 27.56
N ARG F 89 30.33 -11.81 27.46
CA ARG F 89 31.47 -11.01 27.94
C ARG F 89 31.51 -9.69 27.15
N TYR F 90 31.41 -9.74 25.82
CA TYR F 90 31.52 -8.52 24.99
C TYR F 90 30.29 -7.61 25.26
N VAL F 91 29.14 -8.20 25.54
CA VAL F 91 27.93 -7.41 25.88
C VAL F 91 28.16 -6.69 27.21
N THR F 92 28.78 -7.37 28.18
CA THR F 92 29.04 -6.75 29.49
CA THR F 92 29.05 -6.75 29.50
C THR F 92 30.08 -5.63 29.31
N TYR F 93 31.05 -5.80 28.42
CA TYR F 93 32.05 -4.74 28.13
C TYR F 93 31.32 -3.49 27.60
N ALA F 94 30.43 -3.71 26.64
CA ALA F 94 29.65 -2.62 26.02
C ALA F 94 28.84 -1.88 27.10
N LEU F 95 28.21 -2.62 28.02
CA LEU F 95 27.41 -2.01 29.09
C LEU F 95 28.32 -1.25 30.05
N LEU F 96 29.52 -1.75 30.32
CA LEU F 96 30.45 -1.05 31.25
C LEU F 96 30.92 0.25 30.59
N ALA F 97 31.15 0.23 29.27
CA ALA F 97 31.66 1.38 28.49
C ALA F 97 30.53 2.35 28.13
N GLY F 98 29.29 1.88 28.12
CA GLY F 98 28.17 2.66 27.56
C GLY F 98 28.31 2.90 26.09
N ASP F 99 28.87 1.94 25.35
CA ASP F 99 29.08 2.03 23.89
C ASP F 99 29.32 0.64 23.29
N ALA F 100 28.76 0.40 22.11
CA ALA F 100 28.77 -0.91 21.42
C ALA F 100 30.07 -1.11 20.64
N SER F 101 30.93 -0.10 20.51
CA SER F 101 32.15 -0.22 19.68
C SER F 101 32.89 -1.55 19.96
N VAL F 102 33.18 -1.85 21.22
CA VAL F 102 34.01 -3.04 21.57
C VAL F 102 33.29 -4.32 21.12
N LEU F 103 31.98 -4.38 21.27
CA LEU F 103 31.14 -5.54 20.87
C LEU F 103 31.17 -5.67 19.35
N ASP F 104 30.93 -4.54 18.65
CA ASP F 104 30.88 -4.51 17.17
C ASP F 104 32.23 -4.93 16.62
N ASP F 105 33.32 -4.37 17.15
CA ASP F 105 34.64 -4.49 16.49
C ASP F 105 35.29 -5.82 16.86
N ARG F 106 35.15 -6.27 18.10
CA ARG F 106 35.95 -7.41 18.59
C ARG F 106 35.15 -8.71 18.60
N CYS F 107 33.84 -8.67 18.43
CA CYS F 107 33.00 -9.88 18.54
C CYS F 107 32.09 -10.10 17.32
N LEU F 108 31.41 -9.06 16.83
CA LEU F 108 30.34 -9.25 15.81
C LEU F 108 30.86 -9.17 14.39
N ASN F 109 31.96 -8.46 14.18
CA ASN F 109 32.56 -8.23 12.83
C ASN F 109 33.06 -9.57 12.26
N GLY F 110 32.40 -10.09 11.22
CA GLY F 110 32.71 -11.39 10.60
C GLY F 110 32.15 -12.60 11.35
N LEU F 111 31.34 -12.40 12.39
CA LEU F 111 30.80 -13.55 13.16
C LEU F 111 29.91 -14.39 12.23
N LYS F 112 28.96 -13.75 11.53
CA LYS F 112 28.01 -14.51 10.67
C LYS F 112 28.78 -15.35 9.65
N GLU F 113 29.81 -14.78 9.04
CA GLU F 113 30.61 -15.44 7.97
C GLU F 113 31.38 -16.60 8.59
N THR F 114 31.92 -16.44 9.80
CA THR F 114 32.62 -17.52 10.53
C THR F 114 31.64 -18.67 10.76
N TYR F 115 30.45 -18.35 11.28
CA TYR F 115 29.43 -19.37 11.60
C TYR F 115 28.99 -20.05 10.30
N ALA F 116 28.85 -19.30 9.22
CA ALA F 116 28.45 -19.86 7.91
C ALA F 116 29.50 -20.90 7.49
N ALA F 117 30.78 -20.53 7.58
CA ALA F 117 31.92 -21.39 7.20
C ALA F 117 31.99 -22.63 8.09
N LEU F 118 31.59 -22.56 9.37
CA LEU F 118 31.71 -23.70 10.32
C LEU F 118 30.46 -24.58 10.31
N GLY F 119 29.33 -24.06 9.80
CA GLY F 119 28.02 -24.74 9.91
C GLY F 119 27.36 -24.54 11.27
N VAL F 120 27.70 -23.47 11.98
CA VAL F 120 27.06 -23.16 13.28
C VAL F 120 25.72 -22.52 12.95
N PRO F 121 24.58 -23.06 13.46
CA PRO F 121 23.27 -22.49 13.19
C PRO F 121 23.11 -21.10 13.85
N THR F 122 22.80 -20.09 13.05
CA THR F 122 22.58 -18.72 13.54
C THR F 122 21.22 -18.65 14.24
N THR F 123 20.25 -19.43 13.79
CA THR F 123 18.92 -19.48 14.40
C THR F 123 19.06 -19.89 15.86
N SER F 124 19.69 -21.03 16.11
CA SER F 124 19.78 -21.58 17.49
C SER F 124 20.63 -20.62 18.32
N THR F 125 21.63 -19.98 17.72
CA THR F 125 22.50 -19.02 18.45
C THR F 125 21.64 -17.84 18.89
N VAL F 126 20.78 -17.34 17.99
CA VAL F 126 19.87 -16.21 18.28
C VAL F 126 18.99 -16.58 19.48
N ARG F 127 18.53 -17.82 19.56
CA ARG F 127 17.70 -18.25 20.70
C ARG F 127 18.51 -18.19 22.01
N ALA F 128 19.74 -18.70 22.03
CA ALA F 128 20.63 -18.61 23.22
C ALA F 128 20.77 -17.15 23.65
N VAL F 129 20.99 -16.25 22.69
CA VAL F 129 21.18 -14.79 22.97
C VAL F 129 19.85 -14.23 23.49
N GLN F 130 18.70 -14.61 22.95
CA GLN F 130 17.38 -14.14 23.48
C GLN F 130 17.28 -14.48 24.96
N ILE F 131 17.66 -15.69 25.35
CA ILE F 131 17.48 -16.15 26.75
C ILE F 131 18.43 -15.32 27.62
N MET F 132 19.67 -15.13 27.18
CA MET F 132 20.65 -14.32 27.96
C MET F 132 20.15 -12.89 28.09
N LYS F 133 19.51 -12.35 27.03
CA LYS F 133 18.93 -10.99 27.08
C LYS F 133 17.86 -10.93 28.19
N ALA F 134 16.98 -11.93 28.27
CA ALA F 134 15.94 -11.97 29.31
C ALA F 134 16.60 -12.14 30.69
N GLN F 135 17.62 -12.97 30.79
CA GLN F 135 18.29 -13.25 32.08
C GLN F 135 18.89 -11.92 32.56
N ALA F 136 19.59 -11.22 31.65
CA ALA F 136 20.32 -9.97 31.98
C ALA F 136 19.32 -8.93 32.50
N ALA F 137 18.19 -8.77 31.82
CA ALA F 137 17.12 -7.83 32.20
C ALA F 137 16.71 -8.11 33.66
N ALA F 138 16.41 -9.37 33.99
CA ALA F 138 15.99 -9.78 35.34
C ALA F 138 17.10 -9.49 36.35
N HIS F 139 18.36 -9.84 36.06
CA HIS F 139 19.46 -9.64 37.04
C HIS F 139 19.73 -8.14 37.25
N ILE F 140 19.64 -7.32 36.20
CA ILE F 140 19.84 -5.85 36.33
C ILE F 140 18.76 -5.27 37.25
N GLN F 141 17.52 -5.69 37.08
CA GLN F 141 16.33 -5.27 37.89
C GLN F 141 16.32 -5.95 39.26
N ASP F 142 17.20 -6.93 39.48
CA ASP F 142 17.27 -7.73 40.73
C ASP F 142 15.91 -8.37 40.98
N THR F 143 15.28 -8.92 39.94
CA THR F 143 13.98 -9.64 40.00
C THR F 143 14.04 -10.99 39.28
N PRO F 144 15.09 -11.81 39.44
CA PRO F 144 15.09 -13.16 38.89
C PRO F 144 13.95 -13.94 39.57
N SER F 145 13.23 -14.77 38.80
CA SER F 145 12.14 -15.61 39.34
C SER F 145 12.75 -16.86 39.98
N GLU F 146 12.13 -17.33 41.07
CA GLU F 146 12.47 -18.63 41.69
C GLU F 146 12.13 -19.75 40.73
N ALA F 147 11.06 -19.60 39.96
CA ALA F 147 10.58 -20.61 38.97
C ALA F 147 11.73 -20.99 38.01
N ARG F 148 12.54 -20.04 37.53
CA ARG F 148 13.57 -20.32 36.49
CA ARG F 148 13.57 -20.32 36.49
C ARG F 148 14.93 -20.55 37.14
N ALA F 149 15.11 -20.17 38.40
CA ALA F 149 16.41 -20.20 39.10
C ALA F 149 16.51 -21.40 40.06
N GLY F 150 15.39 -21.78 40.70
CA GLY F 150 15.40 -22.75 41.80
C GLY F 150 16.41 -22.37 42.88
N ALA F 151 17.25 -23.31 43.27
CA ALA F 151 18.27 -23.17 44.34
C ALA F 151 19.41 -22.25 43.90
N LYS F 152 19.48 -21.88 42.61
CA LYS F 152 20.58 -21.05 42.06
C LYS F 152 20.22 -19.55 42.10
N LEU F 153 19.03 -19.23 42.58
CA LEU F 153 18.56 -17.82 42.68
C LEU F 153 19.62 -16.99 43.43
N ARG F 154 19.94 -15.81 42.89
CA ARG F 154 20.80 -14.80 43.55
C ARG F 154 20.09 -13.45 43.63
N LYS F 155 20.29 -12.75 44.75
CA LYS F 155 19.83 -11.36 44.97
C LYS F 155 21.07 -10.49 45.14
N MET F 156 21.15 -9.38 44.40
CA MET F 156 22.31 -8.47 44.34
C MET F 156 22.24 -7.42 45.47
N GLY F 157 21.03 -6.99 45.85
CA GLY F 157 20.83 -6.04 46.95
C GLY F 157 21.21 -4.61 46.59
N SER F 158 21.12 -4.26 45.32
CA SER F 158 21.28 -2.86 44.86
C SER F 158 20.12 -2.03 45.42
N PRO F 159 20.32 -0.73 45.70
CA PRO F 159 19.25 0.11 46.25
C PRO F 159 18.12 0.34 45.25
N VAL F 160 16.89 -0.01 45.62
CA VAL F 160 15.75 -0.12 44.68
C VAL F 160 15.20 1.27 44.36
N VAL F 161 14.90 1.52 43.07
CA VAL F 161 14.07 2.65 42.58
C VAL F 161 12.89 2.05 41.82
N GLU F 162 11.82 2.83 41.63
CA GLU F 162 10.53 2.34 41.10
C GLU F 162 10.74 1.71 39.71
N ASP F 163 11.50 2.37 38.83
CA ASP F 163 11.74 1.95 37.42
C ASP F 163 12.72 0.76 37.34
N ARG F 164 13.48 0.47 38.41
CA ARG F 164 14.44 -0.66 38.47
C ARG F 164 15.43 -0.58 37.30
N CYS F 165 15.90 0.63 37.00
CA CYS F 165 16.97 0.90 36.00
C CYS F 165 16.45 0.50 34.61
N ALA F 166 15.24 0.89 34.29
CA ALA F 166 14.59 0.59 32.98
C ALA F 166 15.51 1.02 31.83
N SER F 167 16.14 2.18 31.98
CA SER F 167 17.02 2.77 30.94
C SER F 167 18.25 1.87 30.73
N LEU F 168 18.86 1.38 31.80
CA LEU F 168 20.00 0.41 31.68
C LEU F 168 19.49 -0.92 31.11
N VAL F 169 18.31 -1.36 31.48
CA VAL F 169 17.74 -2.62 30.92
C VAL F 169 17.61 -2.46 29.40
N ALA F 170 17.10 -1.32 28.94
CA ALA F 170 16.88 -1.07 27.49
C ALA F 170 18.24 -1.06 26.77
N GLU F 171 19.23 -0.42 27.39
CA GLU F 171 20.59 -0.29 26.82
C GLU F 171 21.18 -1.70 26.68
N ALA F 172 21.20 -2.47 27.76
CA ALA F 172 21.72 -3.85 27.78
C ALA F 172 21.00 -4.64 26.69
N SER F 173 19.67 -4.54 26.63
CA SER F 173 18.85 -5.29 25.65
C SER F 173 19.25 -4.88 24.21
N SER F 174 19.52 -3.60 23.98
CA SER F 174 19.93 -3.12 22.64
C SER F 174 21.28 -3.75 22.23
N TYR F 175 22.18 -4.04 23.17
CA TYR F 175 23.48 -4.68 22.83
C TYR F 175 23.24 -6.14 22.42
N PHE F 176 22.41 -6.87 23.16
CA PHE F 176 22.03 -8.26 22.79
C PHE F 176 21.35 -8.21 21.42
N ASP F 177 20.54 -7.19 21.16
CA ASP F 177 19.85 -7.05 19.85
C ASP F 177 20.87 -6.78 18.74
N ARG F 178 22.00 -6.12 19.03
CA ARG F 178 23.05 -5.97 17.99
C ARG F 178 23.63 -7.34 17.65
N VAL F 179 23.78 -8.22 18.64
CA VAL F 179 24.27 -9.60 18.36
C VAL F 179 23.27 -10.27 17.43
N ILE F 180 22.01 -10.26 17.81
CA ILE F 180 20.93 -10.90 17.03
C ILE F 180 20.90 -10.31 15.62
N SER F 181 20.97 -8.98 15.47
CA SER F 181 21.01 -8.33 14.14
CA SER F 181 21.01 -8.33 14.14
C SER F 181 22.21 -8.84 13.35
N ALA F 182 23.38 -8.98 13.99
CA ALA F 182 24.63 -9.38 13.31
C ALA F 182 24.52 -10.82 12.80
N LEU F 183 23.66 -11.65 13.40
CA LEU F 183 23.52 -13.09 13.06
C LEU F 183 22.27 -13.32 12.22
N SER F 184 21.43 -12.31 12.02
CA SER F 184 20.11 -12.41 11.34
C SER F 184 20.22 -11.84 9.92
N MET G 1 7.51 -9.12 5.10
CA MET G 1 6.30 -9.65 5.81
CA MET G 1 6.31 -9.65 5.78
C MET G 1 5.13 -8.71 5.49
N LYS G 2 4.19 -9.15 4.68
CA LYS G 2 3.09 -8.28 4.21
C LYS G 2 2.23 -7.79 5.39
N SER G 3 2.13 -6.49 5.50
CA SER G 3 1.30 -5.73 6.47
C SER G 3 0.88 -4.45 5.77
N VAL G 4 0.10 -3.60 6.45
CA VAL G 4 -0.31 -2.30 5.87
C VAL G 4 0.95 -1.53 5.55
N VAL G 5 1.85 -1.40 6.53
CA VAL G 5 2.95 -0.41 6.45
C VAL G 5 4.02 -0.95 5.51
N THR G 6 4.29 -2.26 5.48
CA THR G 6 5.35 -2.80 4.57
C THR G 6 4.84 -2.69 3.13
N THR G 7 3.53 -2.84 2.91
CA THR G 7 2.97 -2.71 1.56
C THR G 7 3.18 -1.28 1.04
N VAL G 8 2.82 -0.26 1.82
CA VAL G 8 2.91 1.14 1.31
C VAL G 8 4.40 1.51 1.20
N ILE G 9 5.25 1.02 2.10
CA ILE G 9 6.70 1.35 2.01
C ILE G 9 7.27 0.70 0.73
N ALA G 10 6.94 -0.55 0.46
CA ALA G 10 7.48 -1.24 -0.73
C ALA G 10 7.01 -0.52 -2.00
N ALA G 11 5.77 -0.02 -2.03
CA ALA G 11 5.25 0.68 -3.22
C ALA G 11 5.96 2.03 -3.31
N ALA G 12 6.14 2.73 -2.19
CA ALA G 12 6.89 4.01 -2.18
C ALA G 12 8.33 3.77 -2.68
N ASP G 13 8.97 2.71 -2.21
CA ASP G 13 10.41 2.47 -2.53
C ASP G 13 10.58 2.15 -4.02
N ALA G 14 9.65 1.39 -4.60
CA ALA G 14 9.74 1.01 -6.02
C ALA G 14 9.71 2.28 -6.89
N ALA G 15 9.06 3.34 -6.45
CA ALA G 15 8.92 4.62 -7.19
C ALA G 15 9.86 5.70 -6.65
N GLY G 16 10.71 5.39 -5.68
CA GLY G 16 11.71 6.34 -5.11
C GLY G 16 11.07 7.48 -4.31
N ARG G 17 9.95 7.22 -3.65
CA ARG G 17 9.09 8.24 -3.01
C ARG G 17 9.28 8.21 -1.50
N PHE G 18 9.30 9.38 -0.88
CA PHE G 18 9.04 9.55 0.57
C PHE G 18 7.62 9.09 0.83
N PRO G 19 7.32 8.70 2.09
CA PRO G 19 5.94 8.55 2.54
C PRO G 19 5.15 9.82 2.19
N SER G 20 3.94 9.64 1.69
CA SER G 20 3.04 10.73 1.24
C SER G 20 1.65 10.52 1.85
N SER G 21 0.71 11.40 1.51
N SER G 21 0.71 11.40 1.51
CA SER G 21 -0.68 11.45 2.04
CA SER G 21 -0.68 11.45 2.06
C SER G 21 -1.26 10.03 2.14
C SER G 21 -1.27 10.03 2.13
N SER G 22 -1.26 9.26 1.04
CA SER G 22 -1.91 7.93 0.97
C SER G 22 -1.19 6.92 1.90
N ASP G 23 0.11 7.09 2.13
CA ASP G 23 0.87 6.15 2.98
C ASP G 23 0.44 6.36 4.44
N LEU G 24 0.41 7.59 4.90
CA LEU G 24 0.05 7.87 6.31
C LEU G 24 -1.41 7.46 6.53
N GLU G 25 -2.26 7.77 5.55
CA GLU G 25 -3.70 7.50 5.63
C GLU G 25 -3.90 5.98 5.82
N SER G 26 -3.13 5.16 5.09
CA SER G 26 -3.22 3.68 5.16
C SER G 26 -2.88 3.25 6.58
N VAL G 27 -1.83 3.82 7.15
CA VAL G 27 -1.38 3.44 8.52
C VAL G 27 -2.44 3.88 9.56
N GLN G 28 -3.18 4.96 9.31
CA GLN G 28 -4.31 5.34 10.20
C GLN G 28 -5.29 4.17 10.28
N GLY G 29 -5.47 3.42 9.19
CA GLY G 29 -6.35 2.23 9.16
C GLY G 29 -5.89 1.19 10.18
N SER G 30 -4.60 0.94 10.29
CA SER G 30 -4.01 0.05 11.30
C SER G 30 -4.31 0.56 12.71
N ILE G 31 -4.16 1.87 12.93
CA ILE G 31 -4.43 2.48 14.25
C ILE G 31 -5.89 2.20 14.66
N GLN G 32 -6.85 2.29 13.73
CA GLN G 32 -8.28 2.01 13.99
C GLN G 32 -8.53 0.51 14.21
N ARG G 33 -7.92 -0.36 13.42
CA ARG G 33 -8.28 -1.80 13.38
C ARG G 33 -7.49 -2.60 14.41
N ALA G 34 -6.41 -2.06 14.97
CA ALA G 34 -5.49 -2.85 15.81
C ALA G 34 -6.25 -3.42 17.01
N ALA G 35 -7.09 -2.62 17.66
CA ALA G 35 -7.84 -3.04 18.87
C ALA G 35 -8.55 -4.38 18.61
N ALA G 36 -9.29 -4.49 17.51
CA ALA G 36 -10.08 -5.68 17.16
C ALA G 36 -9.11 -6.86 16.96
N ARG G 37 -8.07 -6.69 16.15
CA ARG G 37 -7.21 -7.85 15.81
C ARG G 37 -6.29 -8.20 16.98
N LEU G 38 -5.87 -7.23 17.80
CA LEU G 38 -5.06 -7.52 19.01
C LEU G 38 -5.95 -8.19 20.07
N GLU G 39 -7.24 -7.87 20.10
CA GLU G 39 -8.20 -8.58 20.99
C GLU G 39 -8.21 -10.06 20.59
N ALA G 40 -8.35 -10.34 19.30
CA ALA G 40 -8.31 -11.71 18.74
C ALA G 40 -6.95 -12.37 19.04
N ALA G 41 -5.86 -11.65 18.82
CA ALA G 41 -4.49 -12.17 19.02
C ALA G 41 -4.30 -12.58 20.48
N GLU G 42 -4.83 -11.80 21.41
CA GLU G 42 -4.69 -12.04 22.87
C GLU G 42 -5.54 -13.25 23.26
N LYS G 43 -6.77 -13.34 22.75
CA LYS G 43 -7.66 -14.50 23.03
C LYS G 43 -6.99 -15.77 22.52
N LEU G 44 -6.45 -15.74 21.32
CA LEU G 44 -5.85 -16.93 20.66
C LEU G 44 -4.57 -17.32 21.41
N ALA G 45 -3.75 -16.36 21.81
CA ALA G 45 -2.53 -16.62 22.62
C ALA G 45 -2.94 -17.30 23.93
N GLY G 46 -3.99 -16.79 24.58
CA GLY G 46 -4.51 -17.31 25.85
C GLY G 46 -5.05 -18.73 25.74
N ASN G 47 -5.63 -19.15 24.61
CA ASN G 47 -6.47 -20.37 24.57
C ASN G 47 -6.11 -21.26 23.35
N ILE G 48 -4.92 -21.08 22.78
CA ILE G 48 -4.59 -21.71 21.47
C ILE G 48 -4.67 -23.23 21.63
N ASP G 49 -4.17 -23.80 22.72
CA ASP G 49 -4.15 -25.27 22.89
C ASP G 49 -5.57 -25.85 22.83
N ALA G 50 -6.54 -25.22 23.49
CA ALA G 50 -7.93 -25.71 23.54
C ALA G 50 -8.54 -25.56 22.14
N VAL G 51 -8.27 -24.43 21.47
CA VAL G 51 -8.85 -24.12 20.13
C VAL G 51 -8.30 -25.14 19.11
N ALA G 52 -7.00 -25.39 19.14
CA ALA G 52 -6.31 -26.33 18.24
C ALA G 52 -6.78 -27.77 18.52
N THR G 53 -6.89 -28.13 19.77
CA THR G 53 -7.30 -29.50 20.19
C THR G 53 -8.71 -29.80 19.64
N GLU G 54 -9.65 -28.89 19.82
CA GLU G 54 -11.03 -29.17 19.38
C GLU G 54 -11.10 -29.20 17.84
N ALA G 55 -10.29 -28.39 17.13
CA ALA G 55 -10.19 -28.44 15.65
C ALA G 55 -9.59 -29.78 15.19
N TYR G 56 -8.53 -30.23 15.85
CA TYR G 56 -7.89 -31.54 15.56
C TYR G 56 -8.92 -32.66 15.74
N ASN G 57 -9.62 -32.65 16.88
CA ASN G 57 -10.63 -33.67 17.24
C ASN G 57 -11.74 -33.68 16.20
N ALA G 58 -12.14 -32.51 15.71
CA ALA G 58 -13.18 -32.38 14.67
C ALA G 58 -12.71 -33.07 13.39
N CYS G 59 -11.48 -32.88 12.96
CA CYS G 59 -11.05 -33.40 11.64
C CYS G 59 -10.90 -34.94 11.74
N ILE G 60 -10.52 -35.48 12.89
CA ILE G 60 -10.41 -36.95 13.09
C ILE G 60 -11.81 -37.56 13.22
N LYS G 61 -12.72 -36.84 13.84
CA LYS G 61 -14.14 -37.25 13.93
C LYS G 61 -14.72 -37.37 12.51
N LYS G 62 -14.35 -36.47 11.60
CA LYS G 62 -14.87 -36.49 10.22
C LYS G 62 -14.21 -37.61 9.41
N TYR G 63 -12.95 -37.95 9.69
CA TYR G 63 -12.14 -38.89 8.87
C TYR G 63 -11.53 -39.96 9.78
N PRO G 64 -12.36 -40.79 10.45
CA PRO G 64 -11.83 -41.82 11.36
C PRO G 64 -10.94 -42.86 10.65
N TYR G 65 -11.04 -43.00 9.34
CA TYR G 65 -10.13 -43.87 8.55
C TYR G 65 -8.67 -43.49 8.84
N LEU G 66 -8.38 -42.26 9.23
CA LEU G 66 -6.99 -41.82 9.53
C LEU G 66 -6.42 -42.63 10.70
N ASN G 67 -7.29 -43.24 11.52
CA ASN G 67 -6.86 -44.06 12.69
C ASN G 67 -6.41 -45.47 12.27
N ASN G 68 -6.76 -45.93 11.06
CA ASN G 68 -6.42 -47.29 10.58
C ASN G 68 -4.92 -47.38 10.34
N ALA G 69 -4.36 -48.57 10.58
CA ALA G 69 -2.94 -48.92 10.38
C ALA G 69 -2.47 -48.33 9.04
N GLY G 70 -1.36 -47.59 9.08
CA GLY G 70 -0.70 -47.05 7.89
C GLY G 70 -1.22 -45.68 7.50
N GLU G 71 -2.33 -45.21 8.10
CA GLU G 71 -2.93 -43.90 7.76
C GLU G 71 -2.34 -42.80 8.67
N ALA G 72 -2.64 -41.54 8.34
CA ALA G 72 -1.90 -40.36 8.80
C ALA G 72 -2.13 -40.05 10.29
N ASN G 73 -3.10 -40.68 10.97
CA ASN G 73 -3.37 -40.42 12.42
C ASN G 73 -3.24 -41.73 13.20
N SER G 74 -2.50 -42.71 12.69
CA SER G 74 -2.57 -44.12 13.14
C SER G 74 -1.57 -44.41 14.26
N THR G 75 -0.52 -43.62 14.43
CA THR G 75 0.51 -43.81 15.48
C THR G 75 0.49 -42.60 16.42
N ASP G 76 1.17 -42.72 17.55
CA ASP G 76 1.24 -41.66 18.60
C ASP G 76 2.02 -40.48 18.02
N THR G 77 3.10 -40.75 17.28
CA THR G 77 3.91 -39.71 16.58
C THR G 77 3.02 -38.95 15.59
N PHE G 78 2.28 -39.67 14.76
CA PHE G 78 1.38 -39.08 13.72
C PHE G 78 0.33 -38.22 14.40
N LYS G 79 -0.30 -38.75 15.45
CA LYS G 79 -1.36 -38.04 16.19
C LYS G 79 -0.79 -36.73 16.72
N ALA G 80 0.40 -36.78 17.31
CA ALA G 80 1.06 -35.60 17.91
C ALA G 80 1.44 -34.60 16.80
N LYS G 81 1.89 -35.08 15.65
CA LYS G 81 2.33 -34.19 14.55
C LYS G 81 1.10 -33.52 13.97
N CYS G 82 0.00 -34.24 13.83
CA CYS G 82 -1.23 -33.70 13.21
C CYS G 82 -1.76 -32.56 14.07
N ALA G 83 -1.87 -32.79 15.38
CA ALA G 83 -2.35 -31.78 16.35
C ALA G 83 -1.39 -30.58 16.35
N ARG G 84 -0.09 -30.86 16.31
CA ARG G 84 0.97 -29.82 16.21
C ARG G 84 0.74 -28.98 14.96
N ASP G 85 0.47 -29.61 13.82
CA ASP G 85 0.28 -28.88 12.54
C ASP G 85 -0.90 -27.90 12.67
N ILE G 86 -1.98 -28.31 13.30
CA ILE G 86 -3.19 -27.43 13.46
C ILE G 86 -2.78 -26.25 14.35
N LYS G 87 -2.03 -26.52 15.42
CA LYS G 87 -1.55 -25.44 16.30
C LYS G 87 -0.60 -24.49 15.55
N HIS G 88 0.27 -25.02 14.68
CA HIS G 88 1.15 -24.21 13.77
C HIS G 88 0.29 -23.20 13.00
N TYR G 89 -0.75 -23.66 12.31
CA TYR G 89 -1.63 -22.78 11.50
C TYR G 89 -2.25 -21.70 12.40
N LEU G 90 -2.75 -22.07 13.58
CA LEU G 90 -3.38 -21.10 14.52
C LEU G 90 -2.34 -20.12 15.07
N ARG G 91 -1.11 -20.57 15.31
CA ARG G 91 -0.02 -19.67 15.76
C ARG G 91 0.28 -18.68 14.62
N LEU G 92 0.33 -19.14 13.38
CA LEU G 92 0.61 -18.21 12.24
C LEU G 92 -0.55 -17.24 12.10
N ILE G 93 -1.77 -17.68 12.42
CA ILE G 93 -2.95 -16.76 12.39
C ILE G 93 -2.81 -15.74 13.52
N GLN G 94 -2.37 -16.16 14.71
CA GLN G 94 -2.07 -15.22 15.81
C GLN G 94 -1.06 -14.17 15.31
N TYR G 95 -0.02 -14.59 14.59
CA TYR G 95 1.02 -13.69 14.05
C TYR G 95 0.39 -12.69 13.06
N CYS G 96 -0.47 -13.15 12.17
CA CYS G 96 -1.18 -12.31 11.18
C CYS G 96 -2.05 -11.26 11.89
N LEU G 97 -2.72 -11.63 12.98
CA LEU G 97 -3.55 -10.69 13.76
C LEU G 97 -2.67 -9.62 14.42
N VAL G 98 -1.46 -10.00 14.84
CA VAL G 98 -0.50 -9.05 15.48
C VAL G 98 -0.04 -8.03 14.42
N VAL G 99 0.23 -8.52 13.23
CA VAL G 99 0.89 -7.77 12.12
C VAL G 99 -0.16 -7.01 11.29
N GLY G 100 -1.39 -7.53 11.21
CA GLY G 100 -2.47 -6.96 10.36
C GLY G 100 -2.20 -7.26 8.89
N GLY G 101 -1.68 -8.44 8.60
CA GLY G 101 -1.49 -8.91 7.23
C GLY G 101 -1.24 -10.40 7.19
N THR G 102 -1.26 -10.97 6.00
CA THR G 102 -1.13 -12.43 5.79
C THR G 102 0.33 -12.85 5.75
N GLY G 103 1.27 -11.92 5.83
CA GLY G 103 2.71 -12.17 5.73
C GLY G 103 3.15 -13.47 6.41
N PRO G 104 2.96 -13.60 7.73
CA PRO G 104 3.41 -14.79 8.47
C PRO G 104 2.82 -16.10 7.93
N LEU G 105 1.55 -16.06 7.55
CA LEU G 105 0.86 -17.25 6.98
C LEU G 105 1.41 -17.55 5.59
N ASP G 106 1.59 -16.52 4.78
CA ASP G 106 2.16 -16.60 3.42
C ASP G 106 3.53 -17.26 3.46
N GLU G 107 4.41 -16.77 4.32
CA GLU G 107 5.84 -17.12 4.26
C GLU G 107 6.10 -18.44 5.01
N TRP G 108 5.40 -18.70 6.12
CA TRP G 108 5.76 -19.79 7.06
C TRP G 108 4.76 -20.94 7.06
N GLY G 109 3.55 -20.75 6.55
CA GLY G 109 2.57 -21.84 6.49
C GLY G 109 2.30 -22.27 5.05
N ILE G 110 1.91 -21.33 4.20
CA ILE G 110 1.33 -21.64 2.88
C ILE G 110 2.44 -22.02 1.88
N ALA G 111 3.53 -21.25 1.82
CA ALA G 111 4.62 -21.55 0.86
C ALA G 111 5.15 -22.97 1.13
N GLY G 112 5.03 -23.86 0.15
CA GLY G 112 5.50 -25.26 0.19
C GLY G 112 4.54 -26.25 0.86
N GLN G 113 3.41 -25.80 1.42
CA GLN G 113 2.50 -26.71 2.17
C GLN G 113 2.09 -27.86 1.23
N ARG G 114 1.75 -27.54 -0.02
CA ARG G 114 1.22 -28.56 -0.97
C ARG G 114 2.33 -29.53 -1.34
N GLU G 115 3.55 -29.07 -1.60
CA GLU G 115 4.70 -29.96 -1.89
C GLU G 115 4.92 -30.92 -0.70
N VAL G 116 4.84 -30.42 0.53
CA VAL G 116 5.14 -31.26 1.73
C VAL G 116 4.07 -32.35 1.84
N TYR G 117 2.78 -31.97 1.78
CA TYR G 117 1.66 -32.91 2.06
C TYR G 117 1.64 -33.97 0.95
N ARG G 118 1.87 -33.54 -0.28
CA ARG G 118 1.92 -34.45 -1.44
C ARG G 118 3.06 -35.47 -1.22
N ALA G 119 4.24 -34.99 -0.79
CA ALA G 119 5.45 -35.84 -0.68
C ALA G 119 5.25 -36.88 0.42
N LEU G 120 4.52 -36.56 1.49
CA LEU G 120 4.34 -37.46 2.66
C LEU G 120 2.98 -38.17 2.59
N GLY G 121 2.24 -38.02 1.51
CA GLY G 121 0.93 -38.66 1.33
C GLY G 121 -0.04 -38.22 2.41
N LEU G 122 0.06 -36.97 2.90
CA LEU G 122 -0.89 -36.42 3.87
C LEU G 122 -2.06 -35.85 3.10
N PRO G 123 -3.29 -36.36 3.32
CA PRO G 123 -4.48 -35.78 2.71
C PRO G 123 -4.69 -34.35 3.21
N THR G 124 -5.13 -33.45 2.34
CA THR G 124 -5.37 -32.03 2.68
C THR G 124 -6.74 -31.87 3.35
N ALA G 125 -7.69 -32.75 3.06
CA ALA G 125 -9.08 -32.60 3.55
C ALA G 125 -9.12 -32.43 5.07
N PRO G 126 -8.37 -33.22 5.87
CA PRO G 126 -8.41 -33.05 7.33
C PRO G 126 -7.92 -31.66 7.76
N TYR G 127 -6.92 -31.11 7.09
CA TYR G 127 -6.42 -29.74 7.39
C TYR G 127 -7.55 -28.76 7.16
N VAL G 128 -8.24 -28.91 6.04
CA VAL G 128 -9.35 -28.00 5.64
C VAL G 128 -10.49 -28.12 6.66
N GLU G 129 -10.79 -29.33 7.10
CA GLU G 129 -11.89 -29.62 8.06
C GLU G 129 -11.57 -28.98 9.41
N ALA G 130 -10.32 -29.13 9.87
CA ALA G 130 -9.86 -28.53 11.16
C ALA G 130 -10.07 -27.02 11.10
N LEU G 131 -9.59 -26.36 10.05
CA LEU G 131 -9.65 -24.88 9.93
C LEU G 131 -11.10 -24.48 9.75
N SER G 132 -11.84 -25.24 8.95
CA SER G 132 -13.27 -24.99 8.68
C SER G 132 -14.06 -25.09 9.98
N PHE G 133 -13.79 -26.09 10.78
CA PHE G 133 -14.41 -26.21 12.13
C PHE G 133 -14.11 -24.94 12.94
N ALA G 134 -12.85 -24.52 13.00
CA ALA G 134 -12.43 -23.34 13.78
C ALA G 134 -13.16 -22.10 13.27
N ARG G 135 -13.29 -21.99 11.94
CA ARG G 135 -13.97 -20.86 11.24
C ARG G 135 -15.45 -20.79 11.66
N ASN G 136 -16.13 -21.92 11.81
CA ASN G 136 -17.59 -21.97 12.09
C ASN G 136 -17.85 -21.95 13.61
N ARG G 137 -16.83 -22.07 14.43
CA ARG G 137 -16.98 -22.32 15.89
C ARG G 137 -17.33 -21.03 16.62
N GLY G 138 -16.62 -19.96 16.29
CA GLY G 138 -16.64 -18.72 17.10
C GLY G 138 -17.95 -17.99 16.96
N CYS G 139 -18.34 -17.27 17.99
CA CYS G 139 -19.47 -16.31 17.89
C CYS G 139 -19.20 -15.14 18.83
N ALA G 140 -19.70 -13.98 18.45
CA ALA G 140 -19.56 -12.71 19.19
C ALA G 140 -20.92 -12.33 19.72
N PRO G 141 -21.02 -11.75 20.93
CA PRO G 141 -19.85 -11.38 21.73
C PRO G 141 -19.30 -12.43 22.71
N ARG G 142 -19.81 -13.65 22.66
CA ARG G 142 -19.38 -14.72 23.60
C ARG G 142 -17.85 -14.80 23.64
N ASP G 143 -17.22 -15.08 22.49
CA ASP G 143 -15.79 -15.47 22.39
C ASP G 143 -14.91 -14.21 22.29
N MET G 144 -15.44 -13.11 21.76
CA MET G 144 -14.67 -11.84 21.50
C MET G 144 -15.63 -10.88 20.77
N SER G 145 -15.23 -9.64 20.54
CA SER G 145 -16.08 -8.65 19.83
C SER G 145 -16.31 -9.10 18.39
N ALA G 146 -17.36 -8.61 17.75
CA ALA G 146 -17.72 -8.94 16.35
C ALA G 146 -16.52 -8.65 15.42
N GLN G 147 -15.84 -7.52 15.57
CA GLN G 147 -14.73 -7.13 14.66
C GLN G 147 -13.51 -8.02 14.93
N ALA G 148 -13.23 -8.38 16.18
CA ALA G 148 -12.15 -9.32 16.53
C ALA G 148 -12.43 -10.65 15.82
N LEU G 149 -13.66 -11.13 15.89
CA LEU G 149 -14.04 -12.45 15.30
C LEU G 149 -13.98 -12.35 13.78
N THR G 150 -14.31 -11.18 13.22
CA THR G 150 -14.26 -10.96 11.76
C THR G 150 -12.82 -11.18 11.27
N GLU G 151 -11.87 -10.58 11.97
CA GLU G 151 -10.41 -10.64 11.68
C GLU G 151 -9.95 -12.09 11.75
N TYR G 152 -10.31 -12.79 12.81
CA TYR G 152 -9.95 -14.21 13.03
C TYR G 152 -10.51 -15.09 11.89
N ASN G 153 -11.78 -14.90 11.59
CA ASN G 153 -12.51 -15.71 10.57
C ASN G 153 -11.89 -15.45 9.19
N ALA G 154 -11.53 -14.20 8.87
CA ALA G 154 -10.95 -13.85 7.56
C ALA G 154 -9.64 -14.60 7.36
N LEU G 155 -8.82 -14.70 8.41
CA LEU G 155 -7.50 -15.37 8.32
C LEU G 155 -7.68 -16.87 8.23
N LEU G 156 -8.65 -17.44 8.92
CA LEU G 156 -9.00 -18.87 8.78
C LEU G 156 -9.46 -19.15 7.33
N ASP G 157 -10.31 -18.30 6.78
CA ASP G 157 -10.83 -18.47 5.39
C ASP G 157 -9.66 -18.35 4.41
N TYR G 158 -8.71 -17.45 4.69
CA TYR G 158 -7.51 -17.26 3.85
C TYR G 158 -6.71 -18.56 3.83
N ALA G 159 -6.45 -19.17 5.00
CA ALA G 159 -5.73 -20.46 5.08
C ALA G 159 -6.52 -21.54 4.33
N ILE G 160 -7.83 -21.57 4.53
CA ILE G 160 -8.71 -22.58 3.88
C ILE G 160 -8.59 -22.42 2.36
N ASN G 161 -8.71 -21.20 1.87
CA ASN G 161 -8.59 -20.87 0.43
C ASN G 161 -7.24 -21.37 -0.11
N SER G 162 -6.15 -21.22 0.63
CA SER G 162 -4.78 -21.60 0.21
C SER G 162 -4.70 -23.12 -0.01
N LEU G 163 -5.54 -23.90 0.67
CA LEU G 163 -5.55 -25.37 0.59
C LEU G 163 -6.61 -25.87 -0.38
N SER G 164 -7.41 -24.98 -0.96
CA SER G 164 -8.61 -25.31 -1.78
C SER G 164 -8.38 -24.84 -3.23
N MET H 1 10.89 -6.78 4.40
CA MET H 1 11.26 -5.92 5.52
C MET H 1 10.32 -6.23 6.67
N LEU H 2 10.71 -5.85 7.87
CA LEU H 2 9.86 -5.97 9.05
C LEU H 2 9.40 -4.57 9.47
N ASP H 3 8.30 -4.54 10.20
CA ASP H 3 7.87 -3.35 10.97
C ASP H 3 7.94 -3.77 12.44
N ALA H 4 7.57 -2.88 13.35
CA ALA H 4 7.69 -3.14 14.80
C ALA H 4 6.91 -4.40 15.17
N PHE H 5 5.80 -4.67 14.49
CA PHE H 5 4.88 -5.76 14.87
C PHE H 5 5.44 -7.07 14.34
N SER H 6 5.88 -7.10 13.08
CA SER H 6 6.47 -8.34 12.50
C SER H 6 7.84 -8.59 13.15
N ARG H 7 8.48 -7.59 13.70
CA ARG H 7 9.71 -7.80 14.52
C ARG H 7 9.35 -8.65 15.75
N ALA H 8 8.24 -8.35 16.43
CA ALA H 8 7.77 -9.11 17.61
C ALA H 8 7.44 -10.55 17.19
N VAL H 9 6.83 -10.73 16.03
CA VAL H 9 6.52 -12.08 15.48
C VAL H 9 7.82 -12.87 15.23
N VAL H 10 8.79 -12.28 14.55
CA VAL H 10 10.07 -12.98 14.22
C VAL H 10 10.79 -13.38 15.53
N SER H 11 10.80 -12.52 16.53
CA SER H 11 11.38 -12.84 17.87
C SER H 11 10.65 -14.03 18.48
N ALA H 12 9.32 -14.04 18.45
CA ALA H 12 8.50 -15.12 19.02
C ALA H 12 8.76 -16.43 18.26
N ASP H 13 8.95 -16.36 16.94
CA ASP H 13 9.07 -17.57 16.11
C ASP H 13 10.40 -18.29 16.41
N ALA H 14 11.38 -17.62 17.03
CA ALA H 14 12.67 -18.23 17.43
C ALA H 14 12.44 -19.33 18.46
N SER H 15 11.31 -19.31 19.18
CA SER H 15 10.90 -20.39 20.11
C SER H 15 9.54 -20.98 19.69
N THR H 16 9.14 -20.82 18.43
CA THR H 16 7.80 -21.21 17.90
C THR H 16 6.73 -20.95 18.96
N SER H 17 6.72 -19.74 19.52
CA SER H 17 5.76 -19.28 20.55
CA SER H 17 5.76 -19.28 20.55
C SER H 17 4.80 -18.24 19.94
N THR H 18 3.61 -18.13 20.51
CA THR H 18 2.68 -17.01 20.20
C THR H 18 3.29 -15.73 20.75
N VAL H 19 2.88 -14.60 20.21
CA VAL H 19 3.20 -13.26 20.78
C VAL H 19 2.26 -13.04 21.96
N SER H 20 2.80 -12.96 23.16
CA SER H 20 1.99 -12.87 24.42
C SER H 20 1.99 -11.44 24.98
N ASP H 21 3.01 -10.63 24.68
CA ASP H 21 3.08 -9.23 25.17
C ASP H 21 2.25 -8.30 24.28
N ILE H 22 0.93 -8.41 24.40
CA ILE H 22 -0.01 -7.60 23.58
C ILE H 22 0.00 -6.15 24.13
N ALA H 23 0.30 -5.95 25.39
CA ALA H 23 0.37 -4.62 26.04
C ALA H 23 1.39 -3.74 25.30
N ALA H 24 2.57 -4.28 25.00
CA ALA H 24 3.61 -3.53 24.25
C ALA H 24 3.08 -3.15 22.87
N LEU H 25 2.32 -4.04 22.23
CA LEU H 25 1.79 -3.76 20.88
C LEU H 25 0.73 -2.66 21.00
N ARG H 26 -0.06 -2.67 22.06
CA ARG H 26 -1.09 -1.62 22.29
C ARG H 26 -0.40 -0.27 22.51
N ALA H 27 0.76 -0.29 23.16
CA ALA H 27 1.58 0.93 23.39
C ALA H 27 2.04 1.47 22.04
N PHE H 28 2.48 0.62 21.11
CA PHE H 28 2.91 1.05 19.76
C PHE H 28 1.71 1.79 19.12
N VAL H 29 0.53 1.19 19.18
CA VAL H 29 -0.69 1.72 18.50
C VAL H 29 -1.06 3.09 19.09
N ALA H 30 -0.94 3.25 20.41
CA ALA H 30 -1.31 4.50 21.12
C ALA H 30 -0.39 5.65 20.69
N SER H 31 0.86 5.37 20.27
CA SER H 31 1.79 6.40 19.76
CA SER H 31 1.78 6.41 19.77
C SER H 31 1.69 6.50 18.24
N GLY H 32 0.74 5.81 17.62
CA GLY H 32 0.55 5.79 16.16
C GLY H 32 0.44 7.19 15.57
N ASN H 33 -0.48 8.00 16.09
CA ASN H 33 -0.74 9.36 15.55
C ASN H 33 0.52 10.20 15.66
N ARG H 34 1.21 10.17 16.79
CA ARG H 34 2.41 11.04 16.93
C ARG H 34 3.47 10.54 15.96
N ARG H 35 3.56 9.23 15.73
CA ARG H 35 4.53 8.68 14.75
C ARG H 35 4.22 9.24 13.36
N LEU H 36 2.94 9.27 12.97
CA LEU H 36 2.56 9.81 11.65
C LEU H 36 2.93 11.30 11.60
N ASP H 37 2.73 12.03 12.69
CA ASP H 37 3.18 13.46 12.74
C ASP H 37 4.70 13.54 12.52
N ALA H 38 5.46 12.64 13.13
CA ALA H 38 6.94 12.67 13.04
C ALA H 38 7.38 12.42 11.58
N VAL H 39 6.77 11.46 10.90
CA VAL H 39 7.10 11.13 9.48
C VAL H 39 6.71 12.33 8.61
N ASN H 40 5.52 12.89 8.84
CA ASN H 40 5.03 14.07 8.09
C ASN H 40 5.99 15.24 8.26
N ALA H 41 6.53 15.46 9.47
CA ALA H 41 7.47 16.57 9.75
C ALA H 41 8.74 16.40 8.93
N ILE H 42 9.26 15.18 8.79
CA ILE H 42 10.49 14.96 7.97
C ILE H 42 10.15 15.04 6.46
N ALA H 43 9.21 14.24 5.98
CA ALA H 43 8.85 14.20 4.55
C ALA H 43 8.52 15.62 4.04
N SER H 44 7.73 16.37 4.78
CA SER H 44 7.27 17.73 4.38
C SER H 44 8.46 18.72 4.27
N ASN H 45 9.57 18.46 4.97
CA ASN H 45 10.74 19.39 5.03
C ASN H 45 11.99 18.75 4.41
N ALA H 46 11.86 17.66 3.67
CA ALA H 46 12.98 16.84 3.18
C ALA H 46 13.91 17.65 2.28
N SER H 47 13.37 18.46 1.35
CA SER H 47 14.20 19.25 0.39
C SER H 47 15.02 20.27 1.18
N CYS H 48 14.41 20.97 2.11
CA CYS H 48 15.12 21.96 2.94
C CYS H 48 16.21 21.25 3.74
N MET H 49 15.91 20.08 4.31
CA MET H 49 16.87 19.32 5.13
C MET H 49 18.08 18.89 4.28
N VAL H 50 17.83 18.31 3.11
CA VAL H 50 18.93 17.78 2.27
C VAL H 50 19.84 18.94 1.85
N SER H 51 19.28 20.02 1.30
CA SER H 51 20.12 21.10 0.72
C SER H 51 20.91 21.76 1.86
N ASP H 52 20.30 21.91 3.03
CA ASP H 52 20.93 22.56 4.20
C ASP H 52 22.04 21.65 4.75
N ALA H 53 21.82 20.34 4.75
CA ALA H 53 22.75 19.37 5.31
C ALA H 53 23.98 19.30 4.41
N VAL H 54 23.78 19.21 3.10
CA VAL H 54 24.90 19.10 2.12
C VAL H 54 25.64 20.43 2.07
N ALA H 55 24.92 21.55 2.06
CA ALA H 55 25.53 22.91 2.12
C ALA H 55 26.36 23.06 3.41
N GLY H 56 25.88 22.49 4.52
CA GLY H 56 26.55 22.55 5.83
C GLY H 56 27.84 21.75 5.81
N MET H 57 27.76 20.52 5.32
CA MET H 57 28.93 19.66 5.12
C MET H 57 30.00 20.45 4.34
N ILE H 58 29.58 21.16 3.28
CA ILE H 58 30.51 21.88 2.37
C ILE H 58 31.06 23.14 3.05
N CYS H 59 30.24 23.87 3.79
CA CYS H 59 30.75 25.14 4.38
C CYS H 59 31.76 24.80 5.49
N GLU H 60 31.69 23.60 6.07
CA GLU H 60 32.66 23.11 7.08
C GLU H 60 33.89 22.49 6.41
N ASN H 61 33.77 21.96 5.18
CA ASN H 61 34.92 21.40 4.42
C ASN H 61 34.85 21.88 2.98
N GLN H 62 35.57 22.97 2.68
CA GLN H 62 35.60 23.65 1.37
C GLN H 62 36.31 22.79 0.31
N GLY H 63 37.10 21.81 0.71
CA GLY H 63 37.82 20.92 -0.22
C GLY H 63 36.86 20.09 -1.06
N LEU H 64 35.65 19.85 -0.57
CA LEU H 64 34.64 19.06 -1.33
C LEU H 64 34.32 19.75 -2.67
N ILE H 65 34.49 21.08 -2.75
CA ILE H 65 34.17 21.90 -3.94
C ILE H 65 35.43 22.55 -4.51
N GLN H 66 36.61 21.98 -4.24
CA GLN H 66 37.88 22.39 -4.87
C GLN H 66 38.42 21.21 -5.69
N ALA H 67 39.43 21.46 -6.50
CA ALA H 67 40.12 20.45 -7.33
C ALA H 67 40.29 19.16 -6.52
N GLY H 68 39.79 18.06 -7.07
CA GLY H 68 39.92 16.70 -6.53
C GLY H 68 38.94 16.42 -5.41
N GLY H 69 38.10 17.39 -5.02
CA GLY H 69 37.06 17.21 -3.99
C GLY H 69 35.89 16.40 -4.56
N CYS H 71 32.60 16.59 -4.19
CA CYS H 71 31.42 17.29 -4.71
C CYS H 71 31.77 18.17 -5.92
N TYR H 72 32.90 17.88 -6.59
CA TYR H 72 33.37 18.55 -7.82
C TYR H 72 33.55 17.47 -8.89
N PRO H 73 33.08 17.67 -10.14
CA PRO H 73 32.36 18.86 -10.56
C PRO H 73 30.84 18.77 -10.34
N ASN H 74 30.04 19.41 -11.20
CA ASN H 74 28.56 19.46 -11.06
C ASN H 74 27.98 18.06 -10.86
N ARG H 75 28.38 17.09 -11.67
CA ARG H 75 27.91 15.68 -11.63
C ARG H 75 28.04 15.11 -10.21
N ARG H 76 29.15 15.40 -9.51
CA ARG H 76 29.38 14.81 -8.16
C ARG H 76 28.52 15.54 -7.12
N MET H 77 28.42 16.85 -7.16
CA MET H 77 27.49 17.57 -6.26
C MET H 77 26.08 16.99 -6.41
N ALA H 78 25.63 16.78 -7.65
CA ALA H 78 24.28 16.21 -7.93
C ALA H 78 24.16 14.81 -7.32
N ALA H 79 25.18 13.97 -7.49
CA ALA H 79 25.19 12.58 -6.97
C ALA H 79 25.08 12.61 -5.44
N CYS H 80 25.73 13.58 -4.80
CA CYS H 80 25.79 13.69 -3.34
C CYS H 80 24.43 14.17 -2.81
N LEU H 81 23.85 15.18 -3.43
CA LEU H 81 22.47 15.61 -3.09
C LEU H 81 21.51 14.43 -3.20
N ARG H 82 21.66 13.60 -4.24
CA ARG H 82 20.82 12.39 -4.44
C ARG H 82 21.02 11.44 -3.26
N ASP H 83 22.26 11.18 -2.85
CA ASP H 83 22.56 10.21 -1.76
C ASP H 83 21.99 10.70 -0.43
N ALA H 84 22.11 11.98 -0.10
CA ALA H 84 21.56 12.55 1.15
C ALA H 84 20.04 12.34 1.15
N GLU H 85 19.38 12.58 0.01
CA GLU H 85 17.91 12.37 -0.10
C GLU H 85 17.60 10.86 0.09
N ILE H 86 18.37 9.98 -0.52
CA ILE H 86 18.12 8.51 -0.43
C ILE H 86 18.23 8.09 1.04
N ILE H 87 19.32 8.46 1.68
CA ILE H 87 19.56 8.10 3.10
C ILE H 87 18.37 8.61 3.92
N LEU H 88 17.97 9.87 3.71
CA LEU H 88 16.87 10.45 4.52
C LEU H 88 15.58 9.67 4.25
N ARG H 89 15.38 9.24 3.00
CA ARG H 89 14.16 8.49 2.61
C ARG H 89 14.13 7.18 3.38
N TYR H 90 15.22 6.42 3.42
CA TYR H 90 15.24 5.10 4.09
C TYR H 90 15.07 5.31 5.60
N VAL H 91 15.60 6.40 6.15
CA VAL H 91 15.43 6.68 7.60
C VAL H 91 13.95 6.99 7.86
N THR H 92 13.28 7.72 6.99
CA THR H 92 11.84 8.02 7.16
CA THR H 92 11.83 8.02 7.15
C THR H 92 11.04 6.72 7.03
N TYR H 93 11.44 5.79 6.18
CA TYR H 93 10.76 4.47 6.04
C TYR H 93 10.85 3.72 7.37
N ALA H 94 12.07 3.69 7.94
CA ALA H 94 12.34 3.01 9.21
C ALA H 94 11.46 3.62 10.32
N LEU H 95 11.36 4.95 10.36
CA LEU H 95 10.53 5.65 11.37
C LEU H 95 9.06 5.33 11.13
N LEU H 96 8.61 5.23 9.88
CA LEU H 96 7.19 4.91 9.59
C LEU H 96 6.88 3.49 10.04
N ALA H 97 7.83 2.56 9.85
CA ALA H 97 7.68 1.13 10.16
C ALA H 97 7.95 0.84 11.63
N GLY H 98 8.67 1.73 12.31
CA GLY H 98 9.17 1.45 13.67
C GLY H 98 10.17 0.30 13.69
N ASP H 99 11.00 0.17 12.65
CA ASP H 99 12.01 -0.90 12.52
C ASP H 99 13.06 -0.52 11.46
N ALA H 100 14.33 -0.83 11.75
CA ALA H 100 15.49 -0.47 10.92
C ALA H 100 15.67 -1.44 9.75
N SER H 101 14.97 -2.56 9.71
CA SER H 101 15.20 -3.62 8.67
CA SER H 101 15.20 -3.62 8.67
C SER H 101 15.30 -2.97 7.28
N VAL H 102 14.35 -2.13 6.88
CA VAL H 102 14.32 -1.59 5.50
C VAL H 102 15.58 -0.74 5.25
N LEU H 103 16.00 0.03 6.24
CA LEU H 103 17.19 0.89 6.17
C LEU H 103 18.43 0.01 6.05
N ASP H 104 18.54 -0.98 6.94
CA ASP H 104 19.69 -1.92 6.99
C ASP H 104 19.79 -2.65 5.66
N ASP H 105 18.69 -3.20 5.15
CA ASP H 105 18.76 -4.16 4.03
C ASP H 105 18.85 -3.41 2.71
N ARG H 106 18.16 -2.30 2.56
CA ARG H 106 18.00 -1.68 1.23
C ARG H 106 18.94 -0.49 1.04
N CYS H 107 19.56 0.02 2.10
CA CYS H 107 20.39 1.24 1.98
C CYS H 107 21.79 1.04 2.56
N LEU H 108 21.96 0.42 3.74
CA LEU H 108 23.26 0.43 4.46
C LEU H 108 24.13 -0.77 4.09
N ASN H 109 23.51 -1.86 3.66
CA ASN H 109 24.20 -3.12 3.28
C ASN H 109 25.07 -2.86 2.04
N GLY H 110 26.39 -2.91 2.21
CA GLY H 110 27.39 -2.64 1.16
C GLY H 110 27.63 -1.16 0.90
N LEU H 111 27.06 -0.24 1.68
CA LEU H 111 27.22 1.20 1.39
C LEU H 111 28.71 1.57 1.56
N LYS H 112 29.32 1.20 2.67
CA LYS H 112 30.73 1.58 2.94
C LYS H 112 31.62 1.08 1.81
N GLU H 113 31.42 -0.16 1.36
CA GLU H 113 32.25 -0.82 0.32
C GLU H 113 32.04 -0.07 -1.00
N THR H 114 30.81 0.31 -1.31
CA THR H 114 30.48 1.11 -2.51
C THR H 114 31.25 2.44 -2.47
N TYR H 115 31.15 3.14 -1.34
CA TYR H 115 31.80 4.46 -1.17
C TYR H 115 33.32 4.28 -1.26
N ALA H 116 33.86 3.20 -0.69
CA ALA H 116 35.31 2.92 -0.75
C ALA H 116 35.73 2.80 -2.22
N ALA H 117 34.98 2.02 -2.99
CA ALA H 117 35.24 1.74 -4.41
C ALA H 117 35.13 3.03 -5.24
N LEU H 118 34.25 3.97 -4.87
CA LEU H 118 34.03 5.20 -5.68
C LEU H 118 34.96 6.34 -5.23
N GLY H 119 35.53 6.26 -4.02
CA GLY H 119 36.30 7.36 -3.41
C GLY H 119 35.38 8.40 -2.77
N VAL H 120 34.17 8.03 -2.38
CA VAL H 120 33.26 8.96 -1.67
C VAL H 120 33.74 9.04 -0.22
N PRO H 121 34.03 10.24 0.33
CA PRO H 121 34.48 10.37 1.70
C PRO H 121 33.39 10.01 2.72
N THR H 122 33.65 9.03 3.56
CA THR H 122 32.67 8.57 4.59
C THR H 122 32.61 9.61 5.72
N THR H 123 33.71 10.26 6.02
CA THR H 123 33.79 11.32 7.04
C THR H 123 32.80 12.41 6.68
N SER H 124 32.91 12.99 5.49
CA SER H 124 32.06 14.14 5.11
C SER H 124 30.61 13.65 5.06
N THR H 125 30.38 12.40 4.64
CA THR H 125 29.01 11.85 4.55
C THR H 125 28.43 11.79 5.96
N VAL H 126 29.22 11.33 6.92
CA VAL H 126 28.81 11.23 8.35
C VAL H 126 28.39 12.61 8.83
N ARG H 127 29.09 13.66 8.43
CA ARG H 127 28.75 15.03 8.86
C ARG H 127 27.38 15.42 8.27
N ALA H 128 27.13 15.17 6.98
CA ALA H 128 25.83 15.47 6.35
C ALA H 128 24.72 14.74 7.14
N VAL H 129 24.94 13.49 7.50
CA VAL H 129 23.94 12.68 8.27
C VAL H 129 23.77 13.28 9.67
N GLN H 130 24.83 13.73 10.33
CA GLN H 130 24.72 14.40 11.67
C GLN H 130 23.77 15.58 11.55
N ILE H 131 23.90 16.40 10.51
CA ILE H 131 23.10 17.64 10.36
C ILE H 131 21.64 17.22 10.15
N MET H 132 21.40 16.22 9.30
CA MET H 132 20.02 15.74 9.03
C MET H 132 19.44 15.18 10.33
N LYS H 133 20.25 14.51 11.15
CA LYS H 133 19.78 13.99 12.46
C LYS H 133 19.31 15.16 13.34
N ALA H 134 20.07 16.25 13.41
CA ALA H 134 19.69 17.43 14.19
C ALA H 134 18.43 18.07 13.59
N GLN H 135 18.36 18.15 12.26
CA GLN H 135 17.21 18.78 11.59
C GLN H 135 15.95 17.98 11.96
N ALA H 136 16.05 16.66 11.83
CA ALA H 136 14.90 15.74 12.04
C ALA H 136 14.37 15.89 13.46
N ALA H 137 15.28 15.92 14.44
CA ALA H 137 14.95 16.07 15.87
C ALA H 137 14.11 17.34 16.04
N ALA H 138 14.56 18.47 15.51
CA ALA H 138 13.87 19.77 15.61
C ALA H 138 12.50 19.69 14.92
N HIS H 139 12.41 19.14 13.72
CA HIS H 139 11.12 19.09 12.97
C HIS H 139 10.12 18.16 13.70
N ILE H 140 10.57 17.05 14.27
CA ILE H 140 9.67 16.13 15.02
C ILE H 140 9.09 16.86 16.22
N GLN H 141 9.92 17.62 16.94
CA GLN H 141 9.54 18.42 18.14
C GLN H 141 8.80 19.71 17.73
N ASP H 142 8.77 20.03 16.44
CA ASP H 142 8.16 21.27 15.91
C ASP H 142 8.81 22.48 16.58
N THR H 143 10.15 22.47 16.73
CA THR H 143 10.95 23.58 17.29
C THR H 143 12.14 23.93 16.40
N PRO H 144 12.00 24.02 15.06
CA PRO H 144 13.10 24.53 14.23
C PRO H 144 13.39 25.98 14.64
N SER H 145 14.65 26.38 14.70
CA SER H 145 15.08 27.75 15.02
C SER H 145 14.93 28.64 13.78
N GLU H 146 14.56 29.91 13.98
CA GLU H 146 14.56 30.93 12.90
C GLU H 146 16.01 31.18 12.46
N ALA H 147 16.95 31.12 13.40
CA ALA H 147 18.39 31.36 13.13
C ALA H 147 18.88 30.45 11.99
N ARG H 148 18.48 29.17 11.94
CA ARG H 148 19.01 28.20 10.95
CA ARG H 148 19.01 28.21 10.94
C ARG H 148 18.07 28.10 9.74
N ALA H 149 16.83 28.56 9.85
CA ALA H 149 15.78 28.40 8.82
C ALA H 149 15.58 29.68 8.00
N GLY H 150 15.69 30.85 8.64
CA GLY H 150 15.28 32.14 8.05
C GLY H 150 13.86 32.07 7.48
N ALA H 151 13.69 32.47 6.21
CA ALA H 151 12.38 32.55 5.52
C ALA H 151 11.83 31.16 5.22
N LYS H 152 12.62 30.09 5.39
CA LYS H 152 12.22 28.70 5.05
C LYS H 152 11.63 28.00 6.28
N LEU H 153 11.57 28.69 7.43
CA LEU H 153 10.99 28.13 8.68
C LEU H 153 9.60 27.56 8.39
N ARG H 154 9.34 26.35 8.88
CA ARG H 154 8.01 25.69 8.84
C ARG H 154 7.56 25.27 10.24
N LYS H 155 6.27 25.43 10.50
CA LYS H 155 5.56 24.98 11.72
C LYS H 155 4.54 23.94 11.28
N MET H 156 4.53 22.78 11.92
CA MET H 156 3.66 21.63 11.56
C MET H 156 2.29 21.75 12.27
N GLY H 157 2.27 22.27 13.49
CA GLY H 157 1.04 22.47 14.28
C GLY H 157 0.48 21.16 14.83
N SER H 158 1.33 20.16 15.06
CA SER H 158 0.95 18.94 15.80
C SER H 158 0.62 19.32 17.25
N PRO H 159 -0.32 18.60 17.91
CA PRO H 159 -0.71 18.93 19.29
C PRO H 159 0.43 18.71 20.29
N VAL H 160 0.81 19.74 21.02
CA VAL H 160 2.05 19.77 21.84
C VAL H 160 1.86 18.98 23.14
N VAL H 161 2.86 18.18 23.48
CA VAL H 161 3.04 17.58 24.85
C VAL H 161 4.39 18.05 25.41
N GLU H 162 4.56 17.99 26.73
CA GLU H 162 5.73 18.52 27.46
C GLU H 162 7.03 17.92 26.89
N ASP H 163 7.08 16.60 26.68
CA ASP H 163 8.29 15.87 26.22
C ASP H 163 8.55 16.08 24.72
N ARG H 164 7.59 16.59 23.96
CA ARG H 164 7.69 16.87 22.49
C ARG H 164 8.17 15.60 21.75
N CYS H 165 7.64 14.45 22.11
CA CYS H 165 7.87 13.15 21.42
C CYS H 165 9.33 12.77 21.56
N ALA H 166 9.89 12.91 22.76
CA ALA H 166 11.29 12.56 23.09
C ALA H 166 11.59 11.13 22.61
N SER H 167 10.67 10.20 22.83
CA SER H 167 10.85 8.77 22.48
CA SER H 167 10.85 8.77 22.49
C SER H 167 10.97 8.61 20.95
N LEU H 168 10.13 9.30 20.18
CA LEU H 168 10.24 9.28 18.70
C LEU H 168 11.54 9.99 18.27
N VAL H 169 11.92 11.07 18.93
CA VAL H 169 13.20 11.77 18.60
C VAL H 169 14.37 10.79 18.78
N ALA H 170 14.38 10.04 19.88
CA ALA H 170 15.47 9.10 20.19
C ALA H 170 15.51 8.00 19.12
N GLU H 171 14.32 7.51 18.76
CA GLU H 171 14.18 6.42 17.76
C GLU H 171 14.72 6.92 16.42
N ALA H 172 14.23 8.07 15.93
CA ALA H 172 14.69 8.68 14.67
C ALA H 172 16.22 8.83 14.74
N SER H 173 16.72 9.37 15.84
CA SER H 173 18.17 9.61 16.02
C SER H 173 18.95 8.28 15.94
N SER H 174 18.42 7.22 16.52
CA SER H 174 19.07 5.89 16.47
C SER H 174 19.17 5.38 15.02
N TYR H 175 18.22 5.71 14.14
CA TYR H 175 18.27 5.28 12.72
C TYR H 175 19.41 6.03 11.99
N PHE H 176 19.50 7.35 12.20
CA PHE H 176 20.61 8.16 11.66
C PHE H 176 21.94 7.59 12.18
N ASP H 177 21.96 7.18 13.44
CA ASP H 177 23.19 6.61 14.06
C ASP H 177 23.53 5.25 13.43
N ARG H 178 22.55 4.49 12.95
CA ARG H 178 22.87 3.25 12.20
C ARG H 178 23.60 3.62 10.90
N VAL H 179 23.18 4.70 10.25
CA VAL H 179 23.85 5.15 9.00
C VAL H 179 25.31 5.46 9.33
N ILE H 180 25.50 6.30 10.34
CA ILE H 180 26.87 6.73 10.76
C ILE H 180 27.68 5.49 11.13
N SER H 181 27.14 4.55 11.90
CA SER H 181 27.86 3.30 12.27
CA SER H 181 27.86 3.30 12.27
C SER H 181 28.22 2.53 10.99
N ALA H 182 27.34 2.49 10.00
CA ALA H 182 27.55 1.71 8.76
C ALA H 182 28.68 2.32 7.94
N LEU H 183 28.97 3.61 8.10
CA LEU H 183 30.00 4.33 7.32
C LEU H 183 31.26 4.54 8.14
N SER H 184 31.25 4.21 9.43
CA SER H 184 32.37 4.46 10.38
C SER H 184 33.11 3.15 10.64
N MET I 1 -3.85 6.37 -10.79
CA MET I 1 -3.92 7.62 -9.98
CA MET I 1 -3.92 7.62 -9.98
C MET I 1 -3.71 7.25 -8.51
N LYS I 2 -2.53 7.56 -7.96
CA LYS I 2 -2.14 7.06 -6.63
C LYS I 2 -3.10 7.55 -5.54
N SER I 3 -3.67 6.60 -4.83
CA SER I 3 -4.55 6.78 -3.65
C SER I 3 -4.30 5.60 -2.73
N VAL I 4 -4.93 5.55 -1.56
CA VAL I 4 -4.81 4.37 -0.67
C VAL I 4 -5.23 3.12 -1.44
N VAL I 5 -6.41 3.16 -2.06
CA VAL I 5 -7.04 1.93 -2.59
C VAL I 5 -6.33 1.50 -3.88
N THR I 6 -5.89 2.42 -4.73
CA THR I 6 -5.21 2.04 -5.99
C THR I 6 -3.83 1.48 -5.65
N THR I 7 -3.18 1.99 -4.60
CA THR I 7 -1.88 1.46 -4.17
C THR I 7 -2.03 0.01 -3.73
N VAL I 8 -2.98 -0.32 -2.85
CA VAL I 8 -3.08 -1.71 -2.33
C VAL I 8 -3.56 -2.61 -3.46
N ILE I 9 -4.42 -2.13 -4.36
CA ILE I 9 -4.90 -2.99 -5.48
C ILE I 9 -3.71 -3.29 -6.41
N ALA I 10 -2.91 -2.28 -6.74
CA ALA I 10 -1.76 -2.49 -7.66
C ALA I 10 -0.79 -3.49 -7.03
N ALA I 11 -0.58 -3.42 -5.71
CA ALA I 11 0.37 -4.33 -5.03
C ALA I 11 -0.27 -5.72 -5.02
N ALA I 12 -1.57 -5.83 -4.74
CA ALA I 12 -2.27 -7.14 -4.77
C ALA I 12 -2.15 -7.74 -6.19
N ASP I 13 -2.36 -6.92 -7.22
CA ASP I 13 -2.42 -7.43 -8.62
C ASP I 13 -1.03 -7.93 -9.05
N ALA I 14 0.03 -7.23 -8.66
CA ALA I 14 1.40 -7.62 -9.03
C ALA I 14 1.71 -9.00 -8.46
N ALA I 15 1.11 -9.39 -7.34
CA ALA I 15 1.32 -10.71 -6.70
C ALA I 15 0.18 -11.69 -6.98
N GLY I 16 -0.83 -11.32 -7.78
CA GLY I 16 -1.97 -12.19 -8.15
C GLY I 16 -2.89 -12.51 -6.98
N ARG I 17 -3.05 -11.57 -6.05
CA ARG I 17 -3.73 -11.77 -4.76
C ARG I 17 -5.11 -11.13 -4.82
N PHE I 18 -6.07 -11.79 -4.19
CA PHE I 18 -7.34 -11.14 -3.78
C PHE I 18 -7.00 -10.08 -2.74
N PRO I 19 -7.88 -9.07 -2.57
CA PRO I 19 -7.82 -8.21 -1.39
C PRO I 19 -7.76 -9.07 -0.12
N SER I 20 -6.90 -8.70 0.81
CA SER I 20 -6.68 -9.44 2.08
C SER I 20 -6.72 -8.46 3.27
N SER I 21 -6.50 -8.97 4.48
N SER I 21 -6.50 -8.97 4.48
CA SER I 21 -6.59 -8.23 5.76
CA SER I 21 -6.61 -8.22 5.76
C SER I 21 -5.96 -6.83 5.61
C SER I 21 -5.96 -6.83 5.61
N SER I 22 -4.71 -6.74 5.16
CA SER I 22 -3.96 -5.45 5.11
C SER I 22 -4.58 -4.49 4.09
N ASP I 23 -5.23 -5.00 3.03
CA ASP I 23 -5.84 -4.14 1.99
C ASP I 23 -7.07 -3.46 2.59
N LEU I 24 -7.94 -4.22 3.25
CA LEU I 24 -9.18 -3.64 3.82
C LEU I 24 -8.78 -2.67 4.93
N GLU I 25 -7.80 -3.05 5.74
CA GLU I 25 -7.33 -2.24 6.88
C GLU I 25 -6.89 -0.87 6.35
N SER I 26 -6.14 -0.86 5.23
CA SER I 26 -5.60 0.38 4.63
C SER I 26 -6.79 1.27 4.25
N VAL I 27 -7.83 0.68 3.65
CA VAL I 27 -9.01 1.46 3.20
C VAL I 27 -9.76 2.02 4.43
N GLN I 28 -9.75 1.31 5.56
CA GLN I 28 -10.36 1.87 6.80
C GLN I 28 -9.69 3.22 7.12
N GLY I 29 -8.40 3.36 6.84
CA GLY I 29 -7.68 4.63 7.06
C GLY I 29 -8.29 5.77 6.26
N SER I 30 -8.66 5.53 5.02
CA SER I 30 -9.38 6.51 4.15
C SER I 30 -10.72 6.87 4.77
N ILE I 31 -11.45 5.87 5.27
CA ILE I 31 -12.78 6.10 5.91
C ILE I 31 -12.60 7.08 7.08
N GLN I 32 -11.55 6.93 7.90
CA GLN I 32 -11.26 7.81 9.06
C GLN I 32 -10.81 9.19 8.61
N ARG I 33 -9.96 9.29 7.60
CA ARG I 33 -9.29 10.56 7.23
C ARG I 33 -10.12 11.37 6.25
N ALA I 34 -11.10 10.79 5.60
CA ALA I 34 -11.86 11.45 4.52
C ALA I 34 -12.48 12.75 5.03
N ALA I 35 -13.08 12.75 6.23
CA ALA I 35 -13.78 13.94 6.77
C ALA I 35 -12.83 15.16 6.75
N ALA I 36 -11.61 14.99 7.24
CA ALA I 36 -10.60 16.07 7.32
C ALA I 36 -10.28 16.56 5.92
N ARG I 37 -9.95 15.65 5.00
CA ARG I 37 -9.47 16.08 3.66
C ARG I 37 -10.64 16.56 2.80
N LEU I 38 -11.85 16.04 2.99
CA LEU I 38 -13.04 16.53 2.23
C LEU I 38 -13.45 17.90 2.78
N GLU I 39 -13.22 18.14 4.08
CA GLU I 39 -13.43 19.49 4.67
C GLU I 39 -12.51 20.48 3.94
N ALA I 40 -11.22 20.14 3.82
CA ALA I 40 -10.21 20.96 3.11
C ALA I 40 -10.61 21.10 1.63
N ALA I 41 -11.01 20.02 0.98
CA ALA I 41 -11.38 20.01 -0.45
C ALA I 41 -12.55 20.97 -0.68
N GLU I 42 -13.51 20.98 0.21
CA GLU I 42 -14.75 21.81 0.09
C GLU I 42 -14.37 23.27 0.30
N LYS I 43 -13.54 23.57 1.32
CA LYS I 43 -13.09 24.96 1.57
C LYS I 43 -12.35 25.48 0.35
N LEU I 44 -11.46 24.67 -0.22
CA LEU I 44 -10.59 25.05 -1.35
C LEU I 44 -11.45 25.25 -2.60
N ALA I 45 -12.41 24.37 -2.84
CA ALA I 45 -13.36 24.50 -3.98
C ALA I 45 -14.12 25.83 -3.83
N GLY I 46 -14.60 26.12 -2.63
CA GLY I 46 -15.38 27.34 -2.33
C GLY I 46 -14.58 28.62 -2.51
N ASN I 47 -13.27 28.62 -2.27
CA ASN I 47 -12.50 29.89 -2.11
C ASN I 47 -11.21 29.88 -2.93
N ILE I 48 -11.11 29.01 -3.94
CA ILE I 48 -9.82 28.79 -4.66
C ILE I 48 -9.35 30.10 -5.29
N ASP I 49 -10.24 30.89 -5.88
CA ASP I 49 -9.81 32.15 -6.55
C ASP I 49 -9.14 33.11 -5.57
N ALA I 50 -9.69 33.27 -4.38
CA ALA I 50 -9.12 34.19 -3.36
C ALA I 50 -7.78 33.63 -2.86
N VAL I 51 -7.71 32.31 -2.66
CA VAL I 51 -6.49 31.64 -2.14
C VAL I 51 -5.36 31.77 -3.18
N ALA I 52 -5.67 31.50 -4.45
CA ALA I 52 -4.72 31.57 -5.58
C ALA I 52 -4.27 33.02 -5.80
N THR I 53 -5.19 33.96 -5.74
CA THR I 53 -4.91 35.39 -6.00
C THR I 53 -3.89 35.89 -4.96
N GLU I 54 -4.12 35.60 -3.68
CA GLU I 54 -3.24 36.14 -2.64
C GLU I 54 -1.86 35.46 -2.75
N ALA I 55 -1.78 34.18 -3.13
CA ALA I 55 -0.50 33.48 -3.36
C ALA I 55 0.26 34.11 -4.55
N TYR I 56 -0.46 34.37 -5.65
CA TYR I 56 0.13 35.01 -6.86
C TYR I 56 0.69 36.39 -6.47
N ASN I 57 -0.12 37.18 -5.75
CA ASN I 57 0.25 38.56 -5.33
C ASN I 57 1.49 38.49 -4.44
N ALA I 58 1.57 37.48 -3.58
CA ALA I 58 2.73 37.30 -2.68
C ALA I 58 3.99 37.07 -3.52
N CYS I 59 3.94 36.23 -4.55
CA CYS I 59 5.17 35.85 -5.29
C CYS I 59 5.63 37.07 -6.12
N ILE I 60 4.70 37.91 -6.62
CA ILE I 60 5.07 39.12 -7.41
C ILE I 60 5.60 40.20 -6.46
N LYS I 61 5.04 40.28 -5.25
CA LYS I 61 5.55 41.19 -4.21
C LYS I 61 7.01 40.83 -3.88
N LYS I 62 7.35 39.54 -3.85
CA LYS I 62 8.71 39.08 -3.50
C LYS I 62 9.66 39.32 -4.69
N TYR I 63 9.17 39.25 -5.94
CA TYR I 63 10.01 39.28 -7.16
C TYR I 63 9.46 40.32 -8.13
N PRO I 64 9.45 41.61 -7.75
CA PRO I 64 8.92 42.65 -8.62
C PRO I 64 9.67 42.78 -9.95
N TYR I 65 10.91 42.29 -10.04
CA TYR I 65 11.68 42.25 -11.31
C TYR I 65 10.86 41.54 -12.38
N LEU I 66 9.94 40.65 -12.02
CA LEU I 66 9.10 39.90 -13.00
C LEU I 66 8.24 40.89 -13.79
N ASN I 67 8.01 42.10 -13.26
CA ASN I 67 7.19 43.13 -13.92
C ASN I 67 7.97 43.86 -15.02
N ASN I 68 9.30 43.79 -15.03
CA ASN I 68 10.16 44.50 -16.01
C ASN I 68 9.95 43.89 -17.39
N ALA I 69 10.05 44.74 -18.42
CA ALA I 69 9.95 44.38 -19.86
C ALA I 69 10.74 43.10 -20.10
N GLY I 70 10.08 42.11 -20.71
CA GLY I 70 10.71 40.86 -21.15
C GLY I 70 10.69 39.78 -20.08
N GLU I 71 10.31 40.11 -18.83
CA GLU I 71 10.28 39.12 -17.71
C GLU I 71 8.88 38.48 -17.64
N ALA I 72 8.76 37.46 -16.81
CA ALA I 72 7.68 36.44 -16.85
C ALA I 72 6.33 37.01 -16.38
N ASN I 73 6.28 38.20 -15.75
CA ASN I 73 5.00 38.79 -15.28
C ASN I 73 4.76 40.15 -15.95
N SER I 74 5.38 40.38 -17.11
CA SER I 74 5.55 41.74 -17.69
C SER I 74 4.38 42.11 -18.63
N THR I 75 3.63 41.15 -19.15
CA THR I 75 2.46 41.43 -20.04
C THR I 75 1.18 40.93 -19.38
N ASP I 76 0.03 41.32 -19.91
CA ASP I 76 -1.30 40.96 -19.37
C ASP I 76 -1.49 39.46 -19.55
N THR I 77 -1.09 38.90 -20.70
CA THR I 77 -1.12 37.44 -20.96
C THR I 77 -0.25 36.70 -19.94
N PHE I 78 0.98 37.15 -19.70
CA PHE I 78 1.92 36.53 -18.73
C PHE I 78 1.30 36.58 -17.34
N LYS I 79 0.80 37.74 -16.94
CA LYS I 79 0.18 37.93 -15.61
C LYS I 79 -0.97 36.94 -15.45
N ALA I 80 -1.82 36.82 -16.45
CA ALA I 80 -2.98 35.92 -16.41
C ALA I 80 -2.51 34.45 -16.39
N LYS I 81 -1.48 34.11 -17.12
CA LYS I 81 -0.97 32.71 -17.18
C LYS I 81 -0.35 32.36 -15.82
N CYS I 82 0.37 33.29 -15.20
CA CYS I 82 1.08 33.01 -13.94
C CYS I 82 0.02 32.73 -12.86
N ALA I 83 -1.00 33.58 -12.75
CA ALA I 83 -2.09 33.45 -11.77
C ALA I 83 -2.83 32.15 -12.05
N ARG I 84 -3.08 31.85 -13.33
CA ARG I 84 -3.72 30.59 -13.77
C ARG I 84 -2.90 29.40 -13.28
N ASP I 85 -1.58 29.45 -13.44
CA ASP I 85 -0.70 28.32 -13.04
C ASP I 85 -0.86 28.07 -11.54
N ILE I 86 -0.91 29.12 -10.72
CA ILE I 86 -1.04 28.95 -9.25
C ILE I 86 -2.39 28.30 -8.96
N LYS I 87 -3.45 28.74 -9.64
CA LYS I 87 -4.78 28.13 -9.48
C LYS I 87 -4.76 26.66 -9.93
N HIS I 88 -4.06 26.32 -11.03
CA HIS I 88 -3.85 24.93 -11.49
C HIS I 88 -3.29 24.08 -10.34
N TYR I 89 -2.21 24.52 -9.71
CA TYR I 89 -1.59 23.75 -8.59
C TYR I 89 -2.61 23.56 -7.46
N LEU I 90 -3.34 24.60 -7.10
CA LEU I 90 -4.36 24.52 -6.01
C LEU I 90 -5.52 23.61 -6.44
N ARG I 91 -5.93 23.61 -7.72
CA ARG I 91 -6.99 22.71 -8.20
C ARG I 91 -6.47 21.27 -8.11
N LEU I 92 -5.22 21.01 -8.49
CA LEU I 92 -4.66 19.64 -8.41
C LEU I 92 -4.57 19.24 -6.93
N ILE I 93 -4.32 20.20 -6.03
CA ILE I 93 -4.28 19.92 -4.57
C ILE I 93 -5.70 19.59 -4.11
N GLN I 94 -6.71 20.32 -4.58
CA GLN I 94 -8.13 19.98 -4.30
C GLN I 94 -8.38 18.53 -4.74
N TYR I 95 -7.92 18.13 -5.93
CA TYR I 95 -8.10 16.75 -6.45
C TYR I 95 -7.41 15.74 -5.52
N CYS I 96 -6.20 16.02 -5.04
CA CYS I 96 -5.44 15.15 -4.11
C CYS I 96 -6.22 14.99 -2.80
N LEU I 97 -6.83 16.05 -2.29
CA LEU I 97 -7.65 16.00 -1.05
C LEU I 97 -8.89 15.13 -1.27
N VAL I 98 -9.47 15.18 -2.47
CA VAL I 98 -10.66 14.35 -2.84
C VAL I 98 -10.27 12.88 -2.86
N VAL I 99 -9.10 12.59 -3.42
CA VAL I 99 -8.62 11.22 -3.74
C VAL I 99 -7.86 10.62 -2.53
N GLY I 100 -7.25 11.45 -1.70
CA GLY I 100 -6.42 11.03 -0.55
C GLY I 100 -5.07 10.48 -1.03
N GLY I 101 -4.52 11.05 -2.09
CA GLY I 101 -3.19 10.70 -2.60
C GLY I 101 -2.65 11.76 -3.53
N THR I 102 -1.37 11.65 -3.90
CA THR I 102 -0.67 12.68 -4.71
C THR I 102 -0.91 12.46 -6.20
N GLY I 103 -1.61 11.40 -6.58
CA GLY I 103 -1.84 11.00 -7.98
C GLY I 103 -2.08 12.19 -8.91
N PRO I 104 -3.14 12.99 -8.69
CA PRO I 104 -3.47 14.09 -9.59
C PRO I 104 -2.35 15.12 -9.73
N LEU I 105 -1.67 15.41 -8.63
CA LEU I 105 -0.53 16.36 -8.63
C LEU I 105 0.67 15.72 -9.36
N ASP I 106 0.95 14.46 -9.11
CA ASP I 106 2.02 13.67 -9.77
C ASP I 106 1.83 13.69 -11.29
N GLU I 107 0.63 13.35 -11.76
CA GLU I 107 0.39 13.03 -13.18
C GLU I 107 0.13 14.30 -13.98
N TRP I 108 -0.52 15.32 -13.38
CA TRP I 108 -1.02 16.49 -14.15
C TRP I 108 -0.25 17.78 -13.82
N GLY I 109 0.48 17.84 -12.72
CA GLY I 109 1.21 19.06 -12.36
C GLY I 109 2.72 18.85 -12.42
N ILE I 110 3.22 17.86 -11.71
CA ILE I 110 4.66 17.70 -11.45
C ILE I 110 5.35 17.08 -12.66
N ALA I 111 4.79 16.02 -13.26
CA ALA I 111 5.41 15.38 -14.45
C ALA I 111 5.53 16.44 -15.56
N GLY I 112 6.75 16.71 -16.01
CA GLY I 112 7.06 17.66 -17.10
C GLY I 112 7.23 19.10 -16.64
N GLN I 113 6.90 19.46 -15.39
CA GLN I 113 6.88 20.88 -14.96
C GLN I 113 8.26 21.50 -15.23
N ARG I 114 9.33 20.78 -14.90
CA ARG I 114 10.70 21.32 -15.01
C ARG I 114 11.08 21.52 -16.47
N GLU I 115 10.76 20.58 -17.37
CA GLU I 115 11.02 20.74 -18.81
C GLU I 115 10.28 21.98 -19.34
N VAL I 116 9.03 22.20 -18.94
CA VAL I 116 8.21 23.33 -19.45
C VAL I 116 8.86 24.64 -19.00
N TYR I 117 9.15 24.78 -17.71
CA TYR I 117 9.60 26.06 -17.13
C TYR I 117 10.99 26.38 -17.69
N ARG I 118 11.83 25.37 -17.83
CA ARG I 118 13.19 25.53 -18.41
C ARG I 118 13.03 26.03 -19.87
N ALA I 119 12.12 25.44 -20.64
CA ALA I 119 11.98 25.73 -22.08
C ALA I 119 11.49 27.17 -22.28
N LEU I 120 10.65 27.68 -21.38
CA LEU I 120 10.06 29.03 -21.51
C LEU I 120 10.81 30.07 -20.65
N GLY I 121 11.92 29.67 -20.04
CA GLY I 121 12.70 30.57 -19.14
C GLY I 121 11.87 31.08 -17.98
N LEU I 122 10.93 30.28 -17.47
CA LEU I 122 10.12 30.64 -16.29
C LEU I 122 10.93 30.25 -15.05
N PRO I 123 11.27 31.21 -14.18
CA PRO I 123 11.99 30.90 -12.95
C PRO I 123 11.07 30.12 -12.02
N THR I 124 11.60 29.18 -11.28
CA THR I 124 10.81 28.30 -10.37
C THR I 124 10.56 29.00 -9.04
N ALA I 125 11.42 29.93 -8.64
CA ALA I 125 11.33 30.58 -7.31
C ALA I 125 9.96 31.20 -7.10
N PRO I 126 9.36 31.93 -8.06
CA PRO I 126 8.03 32.51 -7.83
C PRO I 126 6.97 31.43 -7.56
N TYR I 127 7.05 30.28 -8.25
CA TYR I 127 6.08 29.17 -7.99
C TYR I 127 6.25 28.72 -6.54
N VAL I 128 7.49 28.56 -6.09
CA VAL I 128 7.81 28.08 -4.72
C VAL I 128 7.31 29.10 -3.70
N GLU I 129 7.48 30.40 -3.97
CA GLU I 129 7.07 31.49 -3.06
C GLU I 129 5.56 31.51 -2.94
N ALA I 130 4.83 31.36 -4.05
CA ALA I 130 3.34 31.32 -4.07
C ALA I 130 2.87 30.18 -3.18
N LEU I 131 3.42 28.98 -3.38
CA LEU I 131 2.96 27.77 -2.63
C LEU I 131 3.38 27.92 -1.18
N SER I 132 4.59 28.42 -0.97
CA SER I 132 5.16 28.63 0.38
C SER I 132 4.28 29.63 1.16
N PHE I 133 3.88 30.71 0.51
CA PHE I 133 2.92 31.66 1.10
C PHE I 133 1.64 30.92 1.52
N ALA I 134 1.07 30.13 0.61
CA ALA I 134 -0.20 29.40 0.87
C ALA I 134 -0.01 28.44 2.06
N ARG I 135 1.15 27.79 2.11
CA ARG I 135 1.54 26.83 3.17
C ARG I 135 1.57 27.51 4.54
N ASN I 136 2.07 28.75 4.61
CA ASN I 136 2.27 29.46 5.90
C ASN I 136 0.99 30.24 6.29
N ARG I 137 0.01 30.35 5.40
CA ARG I 137 -1.13 31.29 5.54
C ARG I 137 -2.17 30.74 6.52
N GLY I 138 -2.48 29.46 6.39
CA GLY I 138 -3.67 28.89 7.04
C GLY I 138 -3.45 28.71 8.53
N CYS I 139 -4.53 28.78 9.30
CA CYS I 139 -4.52 28.40 10.71
C CYS I 139 -5.88 27.82 11.09
N ALA I 140 -5.86 26.93 12.08
CA ALA I 140 -7.04 26.24 12.61
C ALA I 140 -7.29 26.75 14.03
N PRO I 141 -8.56 26.89 14.46
CA PRO I 141 -9.72 26.49 13.64
C PRO I 141 -10.31 27.57 12.72
N ARG I 142 -9.65 28.72 12.59
CA ARG I 142 -10.16 29.84 11.77
C ARG I 142 -10.59 29.32 10.40
N ASP I 143 -9.66 28.74 9.64
CA ASP I 143 -9.79 28.43 8.19
C ASP I 143 -10.48 27.07 8.00
N MET I 144 -10.28 26.15 8.95
CA MET I 144 -10.74 24.74 8.85
C MET I 144 -10.19 24.01 10.08
N SER I 145 -10.58 22.76 10.30
CA SER I 145 -10.09 21.97 11.47
C SER I 145 -8.59 21.72 11.34
N ALA I 146 -7.92 21.42 12.44
CA ALA I 146 -6.45 21.19 12.47
C ALA I 146 -6.07 20.06 11.49
N GLN I 147 -6.83 18.97 11.44
CA GLN I 147 -6.51 17.81 10.57
C GLN I 147 -6.75 18.17 9.10
N ALA I 148 -7.81 18.93 8.80
CA ALA I 148 -8.07 19.43 7.44
C ALA I 148 -6.85 20.25 6.99
N LEU I 149 -6.39 21.15 7.83
CA LEU I 149 -5.27 22.05 7.49
C LEU I 149 -3.96 21.24 7.37
N THR I 150 -3.79 20.19 8.17
CA THR I 150 -2.61 19.31 8.10
C THR I 150 -2.52 18.68 6.69
N GLU I 151 -3.65 18.17 6.20
CA GLU I 151 -3.80 17.54 4.87
C GLU I 151 -3.43 18.54 3.78
N TYR I 152 -3.99 19.73 3.86
CA TYR I 152 -3.78 20.83 2.89
C TYR I 152 -2.29 21.22 2.87
N ASN I 153 -1.73 21.44 4.05
CA ASN I 153 -0.31 21.87 4.20
C ASN I 153 0.61 20.77 3.64
N ALA I 154 0.33 19.51 3.90
CA ALA I 154 1.18 18.39 3.44
C ALA I 154 1.25 18.37 1.90
N LEU I 155 0.12 18.64 1.23
CA LEU I 155 0.08 18.62 -0.25
C LEU I 155 0.79 19.85 -0.80
N LEU I 156 0.69 20.99 -0.15
CA LEU I 156 1.47 22.20 -0.53
C LEU I 156 2.97 21.90 -0.39
N ASP I 157 3.37 21.28 0.72
CA ASP I 157 4.81 20.95 0.98
C ASP I 157 5.28 19.94 -0.08
N TYR I 158 4.41 19.02 -0.47
CA TYR I 158 4.73 18.01 -1.51
C TYR I 158 5.02 18.75 -2.84
N ALA I 159 4.17 19.68 -3.23
CA ALA I 159 4.36 20.48 -4.47
C ALA I 159 5.66 21.27 -4.34
N ILE I 160 5.88 21.90 -3.20
CA ILE I 160 7.09 22.73 -2.96
C ILE I 160 8.33 21.84 -3.14
N ASN I 161 8.34 20.68 -2.49
CA ASN I 161 9.45 19.70 -2.57
C ASN I 161 9.71 19.33 -4.05
N SER I 162 8.67 19.13 -4.86
CA SER I 162 8.78 18.71 -6.28
C SER I 162 9.51 19.78 -7.10
N LEU I 163 9.45 21.05 -6.67
CA LEU I 163 10.07 22.19 -7.38
C LEU I 163 11.42 22.54 -6.77
N SER I 164 11.84 21.87 -5.70
CA SER I 164 13.05 22.21 -4.91
C SER I 164 14.07 21.08 -5.00
N MET J 1 -5.14 2.98 -12.81
CA MET J 1 -6.55 2.69 -12.60
C MET J 1 -7.16 3.84 -11.82
N LEU J 2 -8.48 3.93 -11.90
CA LEU J 2 -9.24 4.92 -11.12
C LEU J 2 -10.01 4.19 -10.02
N ASP J 3 -10.37 4.93 -9.00
CA ASP J 3 -11.33 4.52 -7.97
C ASP J 3 -12.48 5.51 -8.09
N ALA J 4 -13.50 5.39 -7.25
CA ALA J 4 -14.71 6.22 -7.34
C ALA J 4 -14.32 7.70 -7.24
N PHE J 5 -13.29 8.01 -6.45
CA PHE J 5 -12.94 9.41 -6.12
C PHE J 5 -12.14 9.99 -7.28
N SER J 6 -11.16 9.26 -7.80
CA SER J 6 -10.35 9.75 -8.94
C SER J 6 -11.23 9.74 -10.20
N ARG J 7 -12.27 8.96 -10.26
CA ARG J 7 -13.27 9.05 -11.36
C ARG J 7 -13.92 10.43 -11.32
N ALA J 8 -14.32 10.93 -10.15
CA ALA J 8 -14.92 12.27 -10.00
C ALA J 8 -13.90 13.35 -10.43
N VAL J 9 -12.64 13.18 -10.07
CA VAL J 9 -11.54 14.10 -10.47
C VAL J 9 -11.41 14.13 -12.01
N VAL J 10 -11.31 12.98 -12.66
CA VAL J 10 -11.13 12.90 -14.14
C VAL J 10 -12.34 13.59 -14.83
N SER J 11 -13.55 13.36 -14.36
CA SER J 11 -14.77 14.01 -14.90
C SER J 11 -14.66 15.54 -14.75
N ALA J 12 -14.23 16.02 -13.59
CA ALA J 12 -14.07 17.47 -13.32
C ALA J 12 -12.98 18.05 -14.23
N ASP J 13 -11.90 17.29 -14.49
CA ASP J 13 -10.73 17.81 -15.25
C ASP J 13 -11.13 18.07 -16.71
N ALA J 14 -12.23 17.48 -17.20
CA ALA J 14 -12.72 17.68 -18.57
C ALA J 14 -13.12 19.15 -18.79
N SER J 15 -13.43 19.88 -17.71
CA SER J 15 -13.74 21.32 -17.76
C SER J 15 -12.76 22.09 -16.85
N THR J 16 -11.59 21.53 -16.53
CA THR J 16 -10.59 22.10 -15.58
C THR J 16 -11.33 22.77 -14.41
N SER J 17 -12.27 22.05 -13.80
CA SER J 17 -13.07 22.51 -12.65
CA SER J 17 -13.06 22.52 -12.64
C SER J 17 -12.63 21.76 -11.39
N THR J 18 -12.82 22.39 -10.23
CA THR J 18 -12.70 21.71 -8.92
C THR J 18 -13.84 20.71 -8.80
N VAL J 19 -13.66 19.69 -7.98
CA VAL J 19 -14.77 18.77 -7.60
C VAL J 19 -15.60 19.49 -6.54
N SER J 20 -16.84 19.82 -6.85
CA SER J 20 -17.74 20.64 -6.00
C SER J 20 -18.77 19.77 -5.27
N ASP J 21 -19.14 18.61 -5.81
CA ASP J 21 -20.13 17.70 -5.18
C ASP J 21 -19.47 16.85 -4.09
N ILE J 22 -19.14 17.47 -2.97
CA ILE J 22 -18.46 16.79 -1.85
C ILE J 22 -19.48 15.87 -1.15
N ALA J 23 -20.77 16.19 -1.21
CA ALA J 23 -21.84 15.38 -0.60
C ALA J 23 -21.80 13.96 -1.16
N ALA J 24 -21.68 13.80 -2.47
CA ALA J 24 -21.60 12.47 -3.11
C ALA J 24 -20.38 11.72 -2.58
N LEU J 25 -19.27 12.43 -2.38
CA LEU J 25 -18.03 11.78 -1.89
C LEU J 25 -18.26 11.32 -0.46
N ARG J 26 -18.96 12.12 0.34
CA ARG J 26 -19.26 11.78 1.75
C ARG J 26 -20.16 10.54 1.79
N ALA J 27 -21.07 10.43 0.82
CA ALA J 27 -21.97 9.26 0.69
C ALA J 27 -21.13 8.01 0.41
N PHE J 28 -20.11 8.09 -0.46
CA PHE J 28 -19.21 6.95 -0.74
C PHE J 28 -18.57 6.52 0.59
N VAL J 29 -18.06 7.47 1.37
CA VAL J 29 -17.31 7.20 2.63
C VAL J 29 -18.23 6.52 3.64
N ALA J 30 -19.49 6.97 3.72
CA ALA J 30 -20.48 6.44 4.70
C ALA J 30 -20.78 4.97 4.40
N SER J 31 -20.69 4.53 3.14
CA SER J 31 -20.90 3.11 2.76
CA SER J 31 -20.91 3.11 2.77
C SER J 31 -19.56 2.34 2.76
N GLY J 32 -18.48 2.99 3.21
CA GLY J 32 -17.13 2.39 3.24
C GLY J 32 -17.09 1.05 3.96
N ASN J 33 -17.59 0.99 5.18
CA ASN J 33 -17.52 -0.24 6.01
C ASN J 33 -18.33 -1.34 5.32
N ARG J 34 -19.52 -1.05 4.82
CA ARG J 34 -20.32 -2.13 4.19
C ARG J 34 -19.60 -2.59 2.92
N ARG J 35 -18.93 -1.70 2.22
CA ARG J 35 -18.14 -2.08 1.00
C ARG J 35 -17.03 -3.05 1.42
N LEU J 36 -16.34 -2.77 2.52
CA LEU J 36 -15.28 -3.68 3.02
C LEU J 36 -15.90 -5.01 3.40
N ASP J 37 -17.08 -5.03 3.99
CA ASP J 37 -17.77 -6.31 4.27
C ASP J 37 -18.06 -7.05 2.97
N ALA J 38 -18.47 -6.34 1.93
CA ALA J 38 -18.84 -6.98 0.64
C ALA J 38 -17.60 -7.63 0.02
N VAL J 39 -16.45 -6.94 0.03
CA VAL J 39 -15.18 -7.46 -0.53
C VAL J 39 -14.74 -8.66 0.29
N ASN J 40 -14.81 -8.55 1.62
CA ASN J 40 -14.46 -9.66 2.56
C ASN J 40 -15.35 -10.88 2.27
N ALA J 41 -16.64 -10.70 2.01
CA ALA J 41 -17.59 -11.80 1.72
C ALA J 41 -17.17 -12.55 0.46
N ILE J 42 -16.72 -11.83 -0.57
CA ILE J 42 -16.29 -12.50 -1.83
C ILE J 42 -14.91 -13.14 -1.63
N ALA J 43 -13.89 -12.38 -1.24
CA ALA J 43 -12.51 -12.90 -1.06
C ALA J 43 -12.53 -14.14 -0.15
N SER J 44 -13.25 -14.09 0.98
CA SER J 44 -13.27 -15.18 1.98
C SER J 44 -13.87 -16.47 1.39
N ASN J 45 -14.73 -16.37 0.35
CA ASN J 45 -15.47 -17.53 -0.21
C ASN J 45 -15.06 -17.78 -1.68
N ALA J 46 -13.97 -17.18 -2.16
CA ALA J 46 -13.57 -17.19 -3.58
C ALA J 46 -13.35 -18.62 -4.10
N SER J 47 -12.68 -19.49 -3.34
CA SER J 47 -12.38 -20.88 -3.79
C SER J 47 -13.69 -21.64 -3.95
N CYS J 48 -14.58 -21.54 -2.97
CA CYS J 48 -15.90 -22.21 -3.05
C CYS J 48 -16.68 -21.67 -4.25
N MET J 49 -16.64 -20.35 -4.49
CA MET J 49 -17.37 -19.72 -5.62
C MET J 49 -16.82 -20.25 -6.95
N VAL J 50 -15.51 -20.24 -7.13
CA VAL J 50 -14.90 -20.63 -8.43
C VAL J 50 -15.23 -22.10 -8.71
N SER J 51 -15.00 -23.00 -7.76
CA SER J 51 -15.15 -24.45 -8.03
C SER J 51 -16.62 -24.74 -8.30
N ASP J 52 -17.53 -24.08 -7.58
CA ASP J 52 -18.98 -24.30 -7.71
C ASP J 52 -19.45 -23.74 -9.06
N ALA J 53 -18.90 -22.59 -9.47
CA ALA J 53 -19.30 -21.90 -10.71
C ALA J 53 -18.84 -22.73 -11.91
N VAL J 54 -17.60 -23.21 -11.89
CA VAL J 54 -17.03 -24.00 -13.01
C VAL J 54 -17.71 -25.37 -13.06
N ALA J 55 -17.92 -26.01 -11.91
CA ALA J 55 -18.67 -27.28 -11.81
C ALA J 55 -20.10 -27.09 -12.33
N GLY J 56 -20.72 -25.93 -12.07
CA GLY J 56 -22.09 -25.61 -12.50
C GLY J 56 -22.16 -25.45 -14.00
N MET J 57 -21.23 -24.67 -14.55
CA MET J 57 -21.08 -24.51 -16.01
C MET J 57 -21.03 -25.91 -16.64
N ILE J 58 -20.25 -26.81 -16.06
CA ILE J 58 -19.99 -28.17 -16.60
C ILE J 58 -21.23 -29.05 -16.43
N CYS J 59 -21.92 -28.99 -15.30
CA CYS J 59 -23.08 -29.90 -15.10
C CYS J 59 -24.22 -29.50 -16.03
N GLU J 60 -24.25 -28.24 -16.48
CA GLU J 60 -25.25 -27.74 -17.48
C GLU J 60 -24.76 -28.02 -18.90
N ASN J 61 -23.45 -28.13 -19.14
CA ASN J 61 -22.90 -28.47 -20.48
C ASN J 61 -21.80 -29.51 -20.32
N GLN J 62 -22.17 -30.78 -20.47
CA GLN J 62 -21.29 -31.97 -20.28
C GLN J 62 -20.24 -32.04 -21.41
N GLY J 63 -20.46 -31.36 -22.52
CA GLY J 63 -19.51 -31.36 -23.65
C GLY J 63 -18.17 -30.77 -23.28
N LEU J 64 -18.13 -29.88 -22.28
CA LEU J 64 -16.86 -29.25 -21.83
C LEU J 64 -15.87 -30.31 -21.34
N ILE J 65 -16.36 -31.48 -20.89
CA ILE J 65 -15.55 -32.59 -20.32
C ILE J 65 -15.68 -33.85 -21.19
N GLN J 66 -16.04 -33.72 -22.46
CA GLN J 66 -16.06 -34.84 -23.43
C GLN J 66 -15.05 -34.54 -24.54
N ALA J 67 -14.81 -35.51 -25.41
CA ALA J 67 -13.88 -35.36 -26.55
C ALA J 67 -14.15 -34.01 -27.25
N GLY J 68 -13.09 -33.22 -27.39
CA GLY J 68 -13.11 -31.92 -28.09
C GLY J 68 -13.63 -30.80 -27.23
N GLY J 69 -14.02 -31.08 -25.99
CA GLY J 69 -14.54 -30.05 -25.07
C GLY J 69 -13.42 -29.20 -24.49
N CYS J 71 -12.81 -27.91 -21.50
CA CYS J 71 -12.28 -28.27 -20.19
C CYS J 71 -11.66 -29.68 -20.19
N TYR J 72 -11.29 -30.18 -21.36
CA TYR J 72 -10.61 -31.48 -21.59
C TYR J 72 -9.33 -31.19 -22.36
N PRO J 73 -8.17 -31.77 -21.99
CA PRO J 73 -8.05 -32.65 -20.82
C PRO J 73 -7.71 -31.87 -19.53
N ASN J 74 -6.93 -32.47 -18.62
CA ASN J 74 -6.66 -31.89 -17.28
C ASN J 74 -6.16 -30.46 -17.41
N ARG J 75 -5.18 -30.22 -18.26
CA ARG J 75 -4.57 -28.88 -18.49
C ARG J 75 -5.66 -27.81 -18.77
N ARG J 76 -6.69 -28.15 -19.53
CA ARG J 76 -7.74 -27.15 -19.90
C ARG J 76 -8.67 -26.89 -18.71
N MET J 77 -9.09 -27.93 -17.99
CA MET J 77 -9.88 -27.73 -16.76
C MET J 77 -9.10 -26.80 -15.81
N ALA J 78 -7.80 -27.04 -15.63
CA ALA J 78 -6.95 -26.22 -14.74
C ALA J 78 -6.93 -24.77 -15.23
N ALA J 79 -6.74 -24.57 -16.54
CA ALA J 79 -6.66 -23.21 -17.14
C ALA J 79 -7.98 -22.47 -16.91
N CYS J 80 -9.10 -23.19 -16.97
CA CYS J 80 -10.45 -22.61 -16.82
C CYS J 80 -10.70 -22.23 -15.36
N LEU J 81 -10.37 -23.10 -14.43
CA LEU J 81 -10.44 -22.74 -12.98
C LEU J 81 -9.60 -21.48 -12.73
N ARG J 82 -8.42 -21.38 -13.33
CA ARG J 82 -7.53 -20.21 -13.19
CA ARG J 82 -7.53 -20.21 -13.20
C ARG J 82 -8.26 -18.96 -13.72
N ASP J 83 -8.89 -19.05 -14.90
CA ASP J 83 -9.55 -17.87 -15.52
C ASP J 83 -10.75 -17.41 -14.69
N ALA J 84 -11.56 -18.33 -14.17
CA ALA J 84 -12.71 -17.98 -13.32
C ALA J 84 -12.19 -17.23 -12.08
N GLU J 85 -11.09 -17.69 -11.48
CA GLU J 85 -10.50 -17.02 -10.30
C GLU J 85 -9.99 -15.63 -10.71
N ILE J 86 -9.34 -15.50 -11.86
CA ILE J 86 -8.79 -14.20 -12.33
C ILE J 86 -9.95 -13.22 -12.49
N ILE J 87 -10.97 -13.62 -13.22
CA ILE J 87 -12.13 -12.75 -13.47
C ILE J 87 -12.71 -12.33 -12.11
N LEU J 88 -12.88 -13.27 -11.19
CA LEU J 88 -13.49 -12.94 -9.88
C LEU J 88 -12.58 -11.95 -9.14
N ARG J 89 -11.27 -12.13 -9.26
CA ARG J 89 -10.27 -11.25 -8.60
C ARG J 89 -10.45 -9.82 -9.12
N TYR J 90 -10.52 -9.63 -10.42
CA TYR J 90 -10.62 -8.26 -11.01
C TYR J 90 -11.99 -7.66 -10.63
N VAL J 91 -13.02 -8.47 -10.53
CA VAL J 91 -14.36 -7.96 -10.11
C VAL J 91 -14.27 -7.48 -8.65
N THR J 92 -13.56 -8.23 -7.80
CA THR J 92 -13.42 -7.85 -6.38
CA THR J 92 -13.42 -7.84 -6.38
C THR J 92 -12.59 -6.55 -6.29
N TYR J 93 -11.60 -6.38 -7.15
CA TYR J 93 -10.78 -5.13 -7.19
C TYR J 93 -11.70 -3.95 -7.52
N ALA J 94 -12.53 -4.12 -8.55
CA ALA J 94 -13.49 -3.09 -9.00
C ALA J 94 -14.42 -2.71 -7.84
N LEU J 95 -14.92 -3.70 -7.11
CA LEU J 95 -15.84 -3.47 -5.96
C LEU J 95 -15.07 -2.75 -4.85
N LEU J 96 -13.81 -3.08 -4.62
CA LEU J 96 -13.03 -2.42 -3.54
C LEU J 96 -12.79 -0.95 -3.94
N ALA J 97 -12.54 -0.69 -5.22
CA ALA J 97 -12.23 0.66 -5.76
C ALA J 97 -13.51 1.48 -5.99
N GLY J 98 -14.65 0.83 -6.14
CA GLY J 98 -15.89 1.49 -6.58
C GLY J 98 -15.79 2.01 -7.99
N ASP J 99 -15.06 1.31 -8.85
CA ASP J 99 -14.87 1.72 -10.27
C ASP J 99 -14.39 0.51 -11.11
N ALA J 100 -14.88 0.43 -12.34
CA ALA J 100 -14.62 -0.71 -13.26
C ALA J 100 -13.27 -0.57 -13.98
N SER J 101 -12.59 0.58 -13.89
CA SER J 101 -11.35 0.81 -14.68
CA SER J 101 -11.36 0.82 -14.67
C SER J 101 -10.40 -0.39 -14.57
N VAL J 102 -10.11 -0.88 -13.38
CA VAL J 102 -9.09 -1.95 -13.21
C VAL J 102 -9.55 -3.22 -13.94
N LEU J 103 -10.84 -3.53 -13.87
CA LEU J 103 -11.44 -4.71 -14.53
C LEU J 103 -11.36 -4.52 -16.05
N ASP J 104 -11.79 -3.35 -16.52
CA ASP J 104 -11.80 -3.01 -17.96
C ASP J 104 -10.37 -3.10 -18.51
N ASP J 105 -9.41 -2.49 -17.83
CA ASP J 105 -8.07 -2.27 -18.42
C ASP J 105 -7.21 -3.52 -18.30
N ARG J 106 -7.31 -4.23 -17.17
CA ARG J 106 -6.32 -5.30 -16.87
C ARG J 106 -6.91 -6.67 -17.16
N CYS J 107 -8.22 -6.80 -17.40
CA CYS J 107 -8.86 -8.13 -17.55
C CYS J 107 -9.69 -8.23 -18.82
N LEU J 108 -10.54 -7.26 -19.15
CA LEU J 108 -11.55 -7.42 -20.21
C LEU J 108 -11.02 -6.98 -21.58
N ASN J 109 -10.04 -6.08 -21.60
CA ASN J 109 -9.43 -5.53 -22.84
C ASN J 109 -8.74 -6.66 -23.62
N GLY J 110 -9.28 -7.04 -24.78
CA GLY J 110 -8.80 -8.14 -25.63
C GLY J 110 -9.19 -9.54 -25.14
N LEU J 111 -10.04 -9.67 -24.11
CA LEU J 111 -10.38 -11.01 -23.59
C LEU J 111 -11.11 -11.79 -24.69
N LYS J 112 -12.14 -11.21 -25.31
CA LYS J 112 -12.92 -11.93 -26.33
C LYS J 112 -12.03 -12.40 -27.46
N GLU J 113 -11.11 -11.56 -27.91
CA GLU J 113 -10.18 -11.84 -29.04
C GLU J 113 -9.24 -12.98 -28.63
N THR J 114 -8.76 -12.97 -27.39
CA THR J 114 -7.90 -14.04 -26.84
C THR J 114 -8.67 -15.35 -26.88
N TYR J 115 -9.90 -15.34 -26.36
CA TYR J 115 -10.73 -16.55 -26.29
C TYR J 115 -11.03 -17.03 -27.72
N ALA J 116 -11.28 -16.13 -28.65
CA ALA J 116 -11.55 -16.47 -30.06
C ALA J 116 -10.34 -17.22 -30.62
N ALA J 117 -9.15 -16.68 -30.40
CA ALA J 117 -7.88 -17.23 -30.89
C ALA J 117 -7.61 -18.60 -30.24
N LEU J 118 -8.03 -18.84 -29.01
CA LEU J 118 -7.74 -20.12 -28.30
C LEU J 118 -8.83 -21.17 -28.55
N GLY J 119 -10.03 -20.74 -28.98
CA GLY J 119 -11.21 -21.62 -29.06
C GLY J 119 -11.87 -21.81 -27.69
N VAL J 120 -11.70 -20.87 -26.78
CA VAL J 120 -12.42 -20.91 -25.48
C VAL J 120 -13.85 -20.47 -25.73
N PRO J 121 -14.89 -21.26 -25.37
CA PRO J 121 -16.28 -20.87 -25.57
C PRO J 121 -16.67 -19.69 -24.65
N THR J 122 -17.09 -18.59 -25.25
CA THR J 122 -17.55 -17.38 -24.53
C THR J 122 -18.93 -17.66 -23.92
N THR J 123 -19.76 -18.49 -24.56
CA THR J 123 -21.08 -18.84 -24.00
C THR J 123 -20.90 -19.49 -22.63
N SER J 124 -20.12 -20.56 -22.57
CA SER J 124 -19.94 -21.32 -21.32
C SER J 124 -19.26 -20.41 -20.29
N THR J 125 -18.36 -19.52 -20.73
CA THR J 125 -17.67 -18.59 -19.81
C THR J 125 -18.72 -17.67 -19.20
N VAL J 126 -19.62 -17.14 -20.02
CA VAL J 126 -20.72 -16.25 -19.57
C VAL J 126 -21.54 -16.98 -18.50
N ARG J 127 -21.80 -18.27 -18.68
CA ARG J 127 -22.58 -19.04 -17.66
C ARG J 127 -21.79 -19.12 -16.35
N ALA J 128 -20.49 -19.42 -16.39
CA ALA J 128 -19.64 -19.44 -15.16
C ALA J 128 -19.73 -18.09 -14.45
N VAL J 129 -19.68 -16.99 -15.19
CA VAL J 129 -19.73 -15.61 -14.63
C VAL J 129 -21.13 -15.37 -14.07
N GLN J 130 -22.20 -15.83 -14.72
CA GLN J 130 -23.59 -15.69 -14.18
C GLN J 130 -23.65 -16.34 -12.81
N ILE J 131 -23.08 -17.52 -12.64
CA ILE J 131 -23.18 -18.28 -11.37
C ILE J 131 -22.39 -17.51 -10.32
N MET J 132 -21.22 -17.02 -10.65
CA MET J 132 -20.39 -16.24 -9.69
C MET J 132 -21.15 -14.96 -9.31
N LYS J 133 -21.85 -14.33 -10.26
CA LYS J 133 -22.67 -13.12 -9.98
C LYS J 133 -23.74 -13.47 -8.94
N ALA J 134 -24.44 -14.60 -9.09
CA ALA J 134 -25.45 -15.05 -8.12
C ALA J 134 -24.79 -15.37 -6.78
N GLN J 135 -23.65 -16.01 -6.80
CA GLN J 135 -22.94 -16.42 -5.56
C GLN J 135 -22.55 -15.14 -4.81
N ALA J 136 -22.00 -14.17 -5.54
CA ALA J 136 -21.50 -12.91 -4.95
C ALA J 136 -22.66 -12.19 -4.28
N ALA J 137 -23.79 -12.09 -4.96
CA ALA J 137 -25.01 -11.44 -4.44
C ALA J 137 -25.37 -12.07 -3.09
N ALA J 138 -25.46 -13.39 -3.02
CA ALA J 138 -25.81 -14.15 -1.80
C ALA J 138 -24.76 -13.87 -0.71
N HIS J 139 -23.48 -13.95 -1.00
CA HIS J 139 -22.42 -13.77 0.03
C HIS J 139 -22.43 -12.30 0.54
N ILE J 140 -22.66 -11.32 -0.33
CA ILE J 140 -22.70 -9.90 0.10
C ILE J 140 -23.87 -9.69 1.07
N GLN J 141 -25.02 -10.29 0.75
CA GLN J 141 -26.28 -10.24 1.56
C GLN J 141 -26.18 -11.17 2.79
N ASP J 142 -25.14 -12.00 2.87
CA ASP J 142 -24.96 -13.01 3.93
C ASP J 142 -26.21 -13.92 3.98
N THR J 143 -26.72 -14.34 2.81
CA THR J 143 -27.87 -15.27 2.68
C THR J 143 -27.57 -16.42 1.72
N PRO J 144 -26.39 -17.07 1.77
CA PRO J 144 -26.18 -18.29 0.98
C PRO J 144 -27.18 -19.34 1.48
N SER J 145 -27.76 -20.12 0.57
CA SER J 145 -28.69 -21.22 0.90
C SER J 145 -27.87 -22.46 1.32
N GLU J 146 -28.40 -23.23 2.26
CA GLU J 146 -27.83 -24.54 2.63
C GLU J 146 -27.97 -25.50 1.43
N ALA J 147 -29.06 -25.38 0.66
CA ALA J 147 -29.31 -26.24 -0.52
C ALA J 147 -28.12 -26.21 -1.48
N ARG J 148 -27.50 -25.05 -1.73
CA ARG J 148 -26.44 -24.91 -2.78
CA ARG J 148 -26.44 -24.90 -2.77
C ARG J 148 -25.05 -25.01 -2.13
N ALA J 149 -24.96 -24.89 -0.80
CA ALA J 149 -23.67 -24.85 -0.06
C ALA J 149 -23.37 -26.17 0.63
N GLY J 150 -24.39 -26.86 1.13
CA GLY J 150 -24.22 -28.03 2.02
C GLY J 150 -23.32 -27.70 3.19
N ALA J 151 -22.32 -28.54 3.44
CA ALA J 151 -21.38 -28.42 4.59
C ALA J 151 -20.41 -27.25 4.38
N LYS J 152 -20.37 -26.64 3.19
CA LYS J 152 -19.43 -25.55 2.86
C LYS J 152 -20.05 -24.17 3.14
N LEU J 153 -21.30 -24.16 3.62
CA LEU J 153 -22.01 -22.91 4.00
C LEU J 153 -21.11 -22.10 4.93
N ARG J 154 -21.01 -20.79 4.64
CA ARG J 154 -20.35 -19.80 5.51
C ARG J 154 -21.32 -18.66 5.79
N LYS J 155 -21.28 -18.19 7.04
CA LYS J 155 -21.94 -16.95 7.51
C LYS J 155 -20.83 -15.95 7.88
N MET J 156 -20.95 -14.72 7.38
CA MET J 156 -19.96 -13.65 7.58
C MET J 156 -20.19 -12.92 8.90
N GLY J 157 -21.47 -12.75 9.32
CA GLY J 157 -21.82 -12.06 10.57
C GLY J 157 -21.62 -10.55 10.47
N SER J 158 -21.72 -9.98 9.26
CA SER J 158 -21.79 -8.51 9.07
C SER J 158 -23.09 -8.00 9.67
N PRO J 159 -23.17 -6.76 10.17
CA PRO J 159 -24.40 -6.24 10.77
C PRO J 159 -25.53 -6.09 9.74
N VAL J 160 -26.64 -6.79 9.95
CA VAL J 160 -27.75 -6.88 8.96
C VAL J 160 -28.59 -5.61 9.01
N VAL J 161 -28.96 -5.13 7.83
CA VAL J 161 -30.03 -4.14 7.56
C VAL J 161 -31.04 -4.79 6.62
N GLU J 162 -32.26 -4.27 6.56
CA GLU J 162 -33.39 -4.94 5.84
C GLU J 162 -33.03 -5.12 4.36
N ASP J 163 -32.44 -4.10 3.70
CA ASP J 163 -32.09 -4.12 2.25
C ASP J 163 -30.90 -5.04 1.94
N ARG J 164 -30.10 -5.42 2.96
CA ARG J 164 -28.95 -6.35 2.81
C ARG J 164 -27.98 -5.82 1.72
N CYS J 165 -27.72 -4.51 1.73
CA CYS J 165 -26.72 -3.85 0.87
C CYS J 165 -27.13 -4.00 -0.59
N ALA J 166 -28.40 -3.74 -0.88
CA ALA J 166 -28.97 -3.86 -2.25
C ALA J 166 -28.11 -3.06 -3.25
N SER J 167 -27.69 -1.87 -2.85
CA SER J 167 -26.92 -0.94 -3.71
CA SER J 167 -26.93 -0.95 -3.72
C SER J 167 -25.55 -1.55 -4.04
N LEU J 168 -24.87 -2.14 -3.05
CA LEU J 168 -23.58 -2.85 -3.30
C LEU J 168 -23.84 -4.10 -4.13
N VAL J 169 -24.94 -4.82 -3.92
CA VAL J 169 -25.26 -6.00 -4.75
C VAL J 169 -25.41 -5.57 -6.21
N ALA J 170 -26.10 -4.48 -6.46
CA ALA J 170 -26.35 -3.99 -7.84
C ALA J 170 -25.02 -3.60 -8.48
N GLU J 171 -24.15 -2.93 -7.70
CA GLU J 171 -22.83 -2.48 -8.18
C GLU J 171 -22.00 -3.72 -8.56
N ALA J 172 -21.86 -4.66 -7.64
CA ALA J 172 -21.12 -5.92 -7.86
C ALA J 172 -21.69 -6.59 -9.12
N SER J 173 -23.01 -6.69 -9.21
CA SER J 173 -23.69 -7.33 -10.36
C SER J 173 -23.35 -6.60 -11.67
N SER J 174 -23.28 -5.29 -11.64
CA SER J 174 -22.94 -4.49 -12.84
C SER J 174 -21.50 -4.80 -13.30
N TYR J 175 -20.57 -5.12 -12.41
CA TYR J 175 -19.18 -5.46 -12.78
C TYR J 175 -19.17 -6.83 -13.48
N PHE J 176 -19.89 -7.82 -12.92
CA PHE J 176 -20.04 -9.15 -13.56
C PHE J 176 -20.66 -8.95 -14.94
N ASP J 177 -21.64 -8.05 -15.05
CA ASP J 177 -22.33 -7.77 -16.33
C ASP J 177 -21.35 -7.13 -17.31
N ARG J 178 -20.36 -6.35 -16.87
CA ARG J 178 -19.33 -5.84 -17.81
C ARG J 178 -18.53 -7.02 -18.39
N VAL J 179 -18.24 -8.03 -17.58
CA VAL J 179 -17.51 -9.23 -18.07
C VAL J 179 -18.37 -9.88 -19.17
N ILE J 180 -19.62 -10.15 -18.84
CA ILE J 180 -20.57 -10.80 -19.78
C ILE J 180 -20.68 -9.95 -21.05
N SER J 181 -20.82 -8.63 -20.95
CA SER J 181 -20.89 -7.74 -22.13
CA SER J 181 -20.88 -7.73 -22.13
C SER J 181 -19.59 -7.87 -22.94
N ALA J 182 -18.44 -7.96 -22.28
CA ALA J 182 -17.13 -8.00 -22.96
C ALA J 182 -16.97 -9.32 -23.72
N LEU J 183 -17.69 -10.37 -23.34
CA LEU J 183 -17.57 -11.71 -23.96
C LEU J 183 -18.75 -11.99 -24.88
N SER J 184 -19.75 -11.10 -24.92
CA SER J 184 -21.03 -11.29 -25.68
C SER J 184 -20.96 -10.47 -26.98
N MET K 1 -33.91 -8.67 -31.98
CA MET K 1 -34.97 -9.54 -31.41
CA MET K 1 -34.97 -9.53 -31.43
C MET K 1 -36.31 -8.77 -31.49
N LYS K 2 -37.19 -9.18 -32.40
CA LYS K 2 -38.41 -8.42 -32.71
C LYS K 2 -39.32 -8.29 -31.48
N SER K 3 -39.60 -7.04 -31.14
CA SER K 3 -40.56 -6.61 -30.09
C SER K 3 -41.18 -5.31 -30.58
N VAL K 4 -42.12 -4.76 -29.83
CA VAL K 4 -42.72 -3.43 -30.20
C VAL K 4 -41.59 -2.42 -30.29
N VAL K 5 -40.74 -2.34 -29.27
CA VAL K 5 -39.80 -1.20 -29.13
C VAL K 5 -38.64 -1.38 -30.11
N THR K 6 -38.17 -2.60 -30.35
CA THR K 6 -37.04 -2.81 -31.28
C THR K 6 -37.54 -2.56 -32.71
N THR K 7 -38.80 -2.87 -33.01
CA THR K 7 -39.35 -2.59 -34.35
C THR K 7 -39.38 -1.08 -34.60
N VAL K 8 -39.91 -0.29 -33.70
CA VAL K 8 -40.02 1.18 -33.96
C VAL K 8 -38.61 1.78 -33.94
N ILE K 9 -37.71 1.29 -33.09
CA ILE K 9 -36.31 1.84 -33.07
C ILE K 9 -35.63 1.51 -34.41
N ALA K 10 -35.77 0.30 -34.91
CA ALA K 10 -35.12 -0.09 -36.18
C ALA K 10 -35.66 0.78 -37.31
N ALA K 11 -36.96 1.09 -37.31
CA ALA K 11 -37.57 1.91 -38.38
C ALA K 11 -37.05 3.34 -38.20
N ALA K 12 -36.98 3.84 -36.97
CA ALA K 12 -36.46 5.20 -36.70
C ALA K 12 -35.00 5.27 -37.18
N ASP K 13 -34.20 4.24 -36.88
CA ASP K 13 -32.75 4.28 -37.16
C ASP K 13 -32.52 4.28 -38.68
N ALA K 14 -33.30 3.49 -39.42
CA ALA K 14 -33.14 3.39 -40.88
C ALA K 14 -33.36 4.76 -41.52
N ALA K 15 -34.17 5.63 -40.93
CA ALA K 15 -34.48 6.98 -41.45
C ALA K 15 -33.72 8.09 -40.70
N GLY K 16 -32.86 7.74 -39.74
CA GLY K 16 -32.04 8.72 -38.98
C GLY K 16 -32.87 9.59 -38.04
N ARG K 17 -33.95 9.04 -37.48
CA ARG K 17 -34.95 9.80 -36.71
C ARG K 17 -34.80 9.54 -35.21
N PHE K 18 -34.96 10.57 -34.40
CA PHE K 18 -35.30 10.46 -32.97
C PHE K 18 -36.63 9.77 -32.83
N PRO K 19 -36.88 9.14 -31.66
CA PRO K 19 -38.23 8.67 -31.34
C PRO K 19 -39.21 9.85 -31.50
N SER K 20 -40.36 9.58 -32.12
CA SER K 20 -41.41 10.58 -32.37
C SER K 20 -42.77 10.06 -31.87
N SER K 21 -43.82 10.83 -32.09
CA SER K 21 -45.21 10.55 -31.65
CA SER K 21 -45.21 10.55 -31.63
C SER K 21 -45.55 9.06 -31.83
N SER K 22 -45.39 8.51 -33.04
CA SER K 22 -45.84 7.13 -33.35
C SER K 22 -44.99 6.10 -32.60
N ASP K 23 -43.74 6.42 -32.28
CA ASP K 23 -42.84 5.47 -31.58
C ASP K 23 -43.32 5.34 -30.12
N LEU K 24 -43.57 6.47 -29.44
CA LEU K 24 -44.00 6.42 -28.03
C LEU K 24 -45.37 5.76 -27.96
N GLU K 25 -46.24 6.11 -28.91
CA GLU K 25 -47.63 5.59 -28.94
C GLU K 25 -47.58 4.06 -29.02
N SER K 26 -46.69 3.52 -29.86
CA SER K 26 -46.54 2.05 -30.05
C SER K 26 -46.16 1.44 -28.70
N VAL K 27 -45.23 2.05 -27.98
CA VAL K 27 -44.76 1.51 -26.68
C VAL K 27 -45.89 1.59 -25.65
N GLN K 28 -46.79 2.58 -25.73
CA GLN K 28 -47.97 2.60 -24.84
C GLN K 28 -48.77 1.30 -25.02
N GLY K 29 -48.79 0.72 -26.23
CA GLY K 29 -49.46 -0.57 -26.48
C GLY K 29 -48.89 -1.67 -25.62
N SER K 30 -47.57 -1.73 -25.49
CA SER K 30 -46.88 -2.69 -24.62
C SER K 30 -47.28 -2.47 -23.16
N ILE K 31 -47.34 -1.23 -22.73
CA ILE K 31 -47.73 -0.87 -21.34
C ILE K 31 -49.12 -1.45 -21.05
N GLN K 32 -50.07 -1.35 -21.98
CA GLN K 32 -51.44 -1.89 -21.82
C GLN K 32 -51.46 -3.42 -21.86
N ARG K 33 -50.70 -4.05 -22.76
CA ARG K 33 -50.82 -5.49 -23.04
C ARG K 33 -49.93 -6.32 -22.12
N ALA K 34 -48.95 -5.71 -21.44
CA ALA K 34 -47.93 -6.48 -20.70
C ALA K 34 -48.58 -7.36 -19.63
N ALA K 35 -49.56 -6.84 -18.89
CA ALA K 35 -50.23 -7.57 -17.80
C ALA K 35 -50.72 -8.94 -18.29
N ALA K 36 -51.41 -8.96 -19.43
CA ALA K 36 -52.00 -10.19 -20.00
C ALA K 36 -50.86 -11.15 -20.34
N ARG K 37 -49.85 -10.67 -21.08
CA ARG K 37 -48.82 -11.61 -21.60
C ARG K 37 -47.86 -12.01 -20.48
N LEU K 38 -47.62 -11.15 -19.49
CA LEU K 38 -46.78 -11.51 -18.31
C LEU K 38 -47.55 -12.50 -17.43
N GLU K 39 -48.87 -12.40 -17.37
CA GLU K 39 -49.72 -13.40 -16.67
C GLU K 39 -49.47 -14.75 -17.34
N ALA K 40 -49.57 -14.83 -18.66
CA ALA K 40 -49.32 -16.06 -19.45
C ALA K 40 -47.87 -16.53 -19.23
N ALA K 41 -46.90 -15.63 -19.28
CA ALA K 41 -45.46 -15.95 -19.12
C ALA K 41 -45.23 -16.61 -17.74
N GLU K 42 -45.88 -16.10 -16.71
CA GLU K 42 -45.71 -16.57 -15.31
C GLU K 42 -46.38 -17.94 -15.19
N LYS K 43 -47.58 -18.12 -15.75
CA LYS K 43 -48.28 -19.43 -15.72
C LYS K 43 -47.41 -20.48 -16.41
N LEU K 44 -46.86 -20.15 -17.58
CA LEU K 44 -46.08 -21.09 -18.41
C LEU K 44 -44.76 -21.41 -17.69
N ALA K 45 -44.10 -20.43 -17.09
CA ALA K 45 -42.87 -20.64 -16.30
C ALA K 45 -43.19 -21.59 -15.15
N GLY K 46 -44.31 -21.37 -14.46
CA GLY K 46 -44.73 -22.19 -13.31
C GLY K 46 -45.03 -23.63 -13.68
N ASN K 47 -45.55 -23.91 -14.87
CA ASN K 47 -46.18 -25.23 -15.17
C ASN K 47 -45.69 -25.80 -16.51
N ILE K 48 -44.54 -25.34 -17.00
CA ILE K 48 -44.08 -25.68 -18.37
C ILE K 48 -43.93 -27.20 -18.49
N ASP K 49 -43.40 -27.89 -17.49
CA ASP K 49 -43.16 -29.35 -17.57
C ASP K 49 -44.47 -30.09 -17.80
N ALA K 50 -45.53 -29.74 -17.09
CA ALA K 50 -46.84 -30.40 -17.21
C ALA K 50 -47.45 -30.08 -18.59
N VAL K 51 -47.32 -28.83 -19.04
CA VAL K 51 -47.87 -28.36 -20.34
C VAL K 51 -47.18 -29.09 -21.48
N ALA K 52 -45.85 -29.17 -21.43
CA ALA K 52 -45.01 -29.84 -22.45
C ALA K 52 -45.27 -31.35 -22.44
N THR K 53 -45.39 -31.95 -21.27
CA THR K 53 -45.60 -33.41 -21.12
C THR K 53 -46.91 -33.80 -21.79
N GLU K 54 -47.98 -33.06 -21.52
CA GLU K 54 -49.31 -33.46 -22.06
C GLU K 54 -49.32 -33.24 -23.58
N ALA K 55 -48.64 -32.21 -24.09
CA ALA K 55 -48.50 -31.98 -25.55
C ALA K 55 -47.69 -33.11 -26.20
N TYR K 56 -46.58 -33.52 -25.58
CA TYR K 56 -45.73 -34.65 -26.07
C TYR K 56 -46.58 -35.92 -26.13
N ASN K 57 -47.30 -36.21 -25.04
CA ASN K 57 -48.13 -37.44 -24.92
C ASN K 57 -49.22 -37.40 -25.99
N ALA K 58 -49.77 -36.23 -26.30
CA ALA K 58 -50.81 -36.07 -27.33
C ALA K 58 -50.22 -36.44 -28.70
N CYS K 59 -49.01 -36.01 -29.02
CA CYS K 59 -48.46 -36.22 -30.39
C CYS K 59 -48.11 -37.70 -30.55
N ILE K 60 -47.67 -38.38 -29.48
CA ILE K 60 -47.35 -39.83 -29.53
C ILE K 60 -48.66 -40.64 -29.57
N LYS K 61 -49.67 -40.19 -28.88
CA LYS K 61 -51.02 -40.81 -28.92
C LYS K 61 -51.56 -40.75 -30.35
N LYS K 62 -51.31 -39.67 -31.08
CA LYS K 62 -51.78 -39.51 -32.48
C LYS K 62 -50.96 -40.38 -33.43
N TYR K 63 -49.66 -40.57 -33.15
CA TYR K 63 -48.71 -41.24 -34.08
C TYR K 63 -47.95 -42.33 -33.34
N PRO K 64 -48.65 -43.37 -32.84
CA PRO K 64 -47.99 -44.44 -32.10
C PRO K 64 -46.94 -45.20 -32.93
N TYR K 65 -47.01 -45.15 -34.26
CA TYR K 65 -45.97 -45.72 -35.14
C TYR K 65 -44.59 -45.20 -34.74
N LEU K 66 -44.49 -44.01 -34.13
CA LEU K 66 -43.19 -43.43 -33.71
C LEU K 66 -42.52 -44.35 -32.68
N ASN K 67 -43.29 -45.21 -32.01
CA ASN K 67 -42.76 -46.15 -30.98
C ASN K 67 -42.09 -47.38 -31.61
N ASN K 68 -42.35 -47.68 -32.88
CA ASN K 68 -41.80 -48.87 -33.59
C ASN K 68 -40.30 -48.71 -33.79
N ALA K 69 -39.59 -49.83 -33.73
CA ALA K 69 -38.12 -49.94 -33.95
C ALA K 69 -37.73 -49.07 -35.14
N GLY K 70 -36.74 -48.19 -34.93
CA GLY K 70 -36.13 -47.35 -35.97
C GLY K 70 -36.86 -46.03 -36.17
N GLU K 71 -38.04 -45.84 -35.54
CA GLU K 71 -38.82 -44.58 -35.68
C GLU K 71 -38.42 -43.59 -34.57
N ALA K 72 -38.90 -42.35 -34.68
CA ALA K 72 -38.36 -41.16 -34.00
C ALA K 72 -38.65 -41.16 -32.49
N ASN K 73 -39.52 -42.01 -31.97
CA ASN K 73 -39.86 -42.06 -30.51
C ASN K 73 -39.55 -43.45 -29.95
N SER K 74 -38.65 -44.20 -30.59
CA SER K 74 -38.52 -45.67 -30.38
C SER K 74 -37.50 -46.01 -29.29
N THR K 75 -36.58 -45.10 -28.96
CA THR K 75 -35.55 -45.34 -27.91
C THR K 75 -35.75 -44.33 -26.78
N ASP K 76 -35.09 -44.56 -25.65
CA ASP K 76 -35.17 -43.68 -24.45
C ASP K 76 -34.57 -42.31 -24.81
N THR K 77 -33.45 -42.29 -25.53
CA THR K 77 -32.80 -41.06 -26.01
C THR K 77 -33.76 -40.27 -26.91
N PHE K 78 -34.37 -40.94 -27.88
CA PHE K 78 -35.33 -40.32 -28.83
C PHE K 78 -36.52 -39.76 -28.04
N LYS K 79 -37.08 -40.55 -27.14
CA LYS K 79 -38.24 -40.13 -26.32
C LYS K 79 -37.88 -38.87 -25.56
N ALA K 80 -36.71 -38.85 -24.94
CA ALA K 80 -36.26 -37.71 -24.12
C ALA K 80 -36.03 -36.49 -25.03
N LYS K 81 -35.47 -36.68 -26.22
CA LYS K 81 -35.17 -35.55 -27.14
C LYS K 81 -36.48 -34.97 -27.67
N CYS K 82 -37.46 -35.82 -27.95
CA CYS K 82 -38.74 -35.36 -28.52
C CYS K 82 -39.46 -34.48 -27.49
N ALA K 83 -39.55 -34.97 -26.24
CA ALA K 83 -40.21 -34.23 -25.14
C ALA K 83 -39.44 -32.93 -24.88
N ARG K 84 -38.11 -32.99 -24.93
CA ARG K 84 -37.23 -31.81 -24.80
C ARG K 84 -37.57 -30.79 -25.89
N ASP K 85 -37.73 -31.24 -27.12
CA ASP K 85 -38.01 -30.31 -28.24
C ASP K 85 -39.33 -29.58 -27.98
N ILE K 86 -40.37 -30.28 -27.49
CA ILE K 86 -41.68 -29.64 -27.21
C ILE K 86 -41.48 -28.59 -26.12
N LYS K 87 -40.72 -28.91 -25.09
CA LYS K 87 -40.42 -27.95 -24.00
C LYS K 87 -39.64 -26.75 -24.54
N HIS K 88 -38.67 -26.96 -25.45
CA HIS K 88 -37.93 -25.87 -26.16
C HIS K 88 -38.94 -24.89 -26.79
N TYR K 89 -39.88 -25.38 -27.60
CA TYR K 89 -40.89 -24.52 -28.26
C TYR K 89 -41.68 -23.73 -27.21
N LEU K 90 -42.12 -24.38 -26.13
CA LEU K 90 -42.92 -23.72 -25.07
C LEU K 90 -42.04 -22.69 -24.34
N ARG K 91 -40.76 -22.98 -24.12
CA ARG K 91 -39.84 -22.01 -23.48
C ARG K 91 -39.69 -20.80 -24.41
N LEU K 92 -39.54 -21.01 -25.71
CA LEU K 92 -39.41 -19.89 -26.68
C LEU K 92 -40.70 -19.09 -26.69
N ILE K 93 -41.84 -19.76 -26.50
CA ILE K 93 -43.16 -19.06 -26.43
C ILE K 93 -43.20 -18.23 -25.12
N GLN K 94 -42.72 -18.78 -24.00
CA GLN K 94 -42.58 -18.02 -22.74
C GLN K 94 -41.74 -16.76 -23.02
N TYR K 95 -40.63 -16.88 -23.75
CA TYR K 95 -39.74 -15.73 -24.07
C TYR K 95 -40.51 -14.68 -24.89
N CYS K 96 -41.30 -15.11 -25.88
CA CYS K 96 -42.11 -14.22 -26.74
C CYS K 96 -43.15 -13.47 -25.89
N LEU K 97 -43.77 -14.14 -24.91
CA LEU K 97 -44.75 -13.50 -24.00
C LEU K 97 -44.05 -12.43 -23.13
N VAL K 98 -42.80 -12.68 -22.73
CA VAL K 98 -42.01 -11.73 -21.90
C VAL K 98 -41.71 -10.49 -22.74
N VAL K 99 -41.35 -10.69 -24.00
CA VAL K 99 -40.80 -9.66 -24.92
CA VAL K 99 -40.82 -9.59 -24.86
C VAL K 99 -41.95 -8.93 -25.64
N GLY K 100 -43.07 -9.61 -25.87
CA GLY K 100 -44.21 -9.09 -26.65
C GLY K 100 -43.90 -9.06 -28.14
N GLY K 101 -43.15 -10.06 -28.61
CA GLY K 101 -42.89 -10.24 -30.04
C GLY K 101 -42.40 -11.64 -30.31
N THR K 102 -42.29 -12.00 -31.59
CA THR K 102 -41.94 -13.36 -32.05
C THR K 102 -40.44 -13.55 -32.10
N GLY K 103 -39.67 -12.52 -31.82
CA GLY K 103 -38.19 -12.53 -31.94
C GLY K 103 -37.56 -13.85 -31.47
N PRO K 104 -37.73 -14.23 -30.19
CA PRO K 104 -37.10 -15.43 -29.65
C PRO K 104 -37.48 -16.70 -30.42
N LEU K 105 -38.73 -16.81 -30.84
CA LEU K 105 -39.22 -17.98 -31.59
C LEU K 105 -38.63 -17.94 -33.00
N ASP K 106 -38.62 -16.76 -33.63
CA ASP K 106 -38.04 -16.53 -34.97
C ASP K 106 -36.56 -16.98 -35.00
N GLU K 107 -35.77 -16.51 -34.03
CA GLU K 107 -34.30 -16.61 -34.09
C GLU K 107 -33.84 -17.96 -33.56
N TRP K 108 -34.50 -18.52 -32.54
CA TRP K 108 -33.98 -19.71 -31.80
C TRP K 108 -34.79 -20.99 -32.07
N GLY K 109 -36.01 -20.88 -32.59
CA GLY K 109 -36.80 -22.08 -32.88
C GLY K 109 -37.00 -22.27 -34.39
N ILE K 110 -37.52 -21.26 -35.06
CA ILE K 110 -38.07 -21.40 -36.43
C ILE K 110 -36.92 -21.40 -37.44
N ALA K 111 -35.97 -20.48 -37.34
CA ALA K 111 -34.81 -20.43 -38.26
C ALA K 111 -34.07 -21.77 -38.19
N GLY K 112 -33.98 -22.49 -39.30
CA GLY K 112 -33.28 -23.80 -39.41
C GLY K 112 -34.13 -25.00 -39.06
N GLN K 113 -35.33 -24.83 -38.50
CA GLN K 113 -36.11 -26.01 -37.98
C GLN K 113 -36.33 -27.01 -39.14
N ARG K 114 -36.68 -26.53 -40.32
CA ARG K 114 -37.03 -27.42 -41.46
C ARG K 114 -35.77 -28.14 -41.95
N GLU K 115 -34.63 -27.45 -42.06
CA GLU K 115 -33.35 -28.07 -42.45
C GLU K 115 -33.01 -29.19 -41.44
N VAL K 116 -33.18 -28.96 -40.16
CA VAL K 116 -32.77 -29.93 -39.11
C VAL K 116 -33.67 -31.17 -39.23
N TYR K 117 -34.99 -30.98 -39.28
CA TYR K 117 -35.95 -32.10 -39.23
C TYR K 117 -35.80 -32.93 -40.52
N ARG K 118 -35.60 -32.27 -41.65
CA ARG K 118 -35.38 -32.95 -42.94
C ARG K 118 -34.10 -33.79 -42.84
N ALA K 119 -33.03 -33.23 -42.30
CA ALA K 119 -31.71 -33.89 -42.26
C ALA K 119 -31.76 -35.14 -41.36
N LEU K 120 -32.55 -35.11 -40.29
CA LEU K 120 -32.62 -36.23 -39.32
C LEU K 120 -33.84 -37.12 -39.57
N GLY K 121 -34.58 -36.87 -40.65
CA GLY K 121 -35.79 -37.64 -40.98
C GLY K 121 -36.82 -37.57 -39.88
N LEU K 122 -36.91 -36.43 -39.18
CA LEU K 122 -37.95 -36.19 -38.15
C LEU K 122 -39.19 -35.70 -38.85
N PRO K 123 -40.32 -36.42 -38.77
CA PRO K 123 -41.58 -35.94 -39.34
C PRO K 123 -42.03 -34.68 -38.60
N THR K 124 -42.61 -33.73 -39.32
CA THR K 124 -43.04 -32.43 -38.75
C THR K 124 -44.41 -32.59 -38.08
N ALA K 125 -45.23 -33.53 -38.54
CA ALA K 125 -46.64 -33.67 -38.08
C ALA K 125 -46.70 -33.80 -36.57
N PRO K 126 -45.85 -34.60 -35.89
CA PRO K 126 -45.91 -34.71 -34.44
C PRO K 126 -45.66 -33.36 -33.75
N TYR K 127 -44.74 -32.55 -34.27
CA TYR K 127 -44.46 -31.20 -33.69
C TYR K 127 -45.74 -30.36 -33.80
N VAL K 128 -46.38 -30.42 -34.96
CA VAL K 128 -47.61 -29.64 -35.23
C VAL K 128 -48.73 -30.10 -34.29
N GLU K 129 -48.86 -31.40 -34.09
CA GLU K 129 -49.91 -32.03 -33.22
C GLU K 129 -49.68 -31.59 -31.78
N ALA K 130 -48.44 -31.62 -31.29
CA ALA K 130 -48.08 -31.18 -29.92
C ALA K 130 -48.54 -29.72 -29.74
N LEU K 131 -48.16 -28.82 -30.64
CA LEU K 131 -48.48 -27.39 -30.52
C LEU K 131 -49.99 -27.21 -30.67
N SER K 132 -50.58 -27.93 -31.61
CA SER K 132 -52.03 -27.88 -31.92
C SER K 132 -52.82 -28.32 -30.69
N PHE K 133 -52.39 -29.40 -30.05
CA PHE K 133 -53.01 -29.84 -28.78
C PHE K 133 -52.93 -28.70 -27.76
N ALA K 134 -51.76 -28.09 -27.58
CA ALA K 134 -51.56 -27.01 -26.59
C ALA K 134 -52.47 -25.84 -26.91
N ARG K 135 -52.61 -25.52 -28.20
CA ARG K 135 -53.45 -24.41 -28.72
C ARG K 135 -54.93 -24.63 -28.35
N ASN K 136 -55.41 -25.87 -28.44
CA ASN K 136 -56.85 -26.18 -28.23
C ASN K 136 -57.15 -26.45 -26.74
N ARG K 137 -56.13 -26.59 -25.91
CA ARG K 137 -56.28 -27.09 -24.52
C ARG K 137 -56.82 -26.01 -23.58
N GLY K 138 -56.30 -24.79 -23.70
CA GLY K 138 -56.48 -23.77 -22.67
C GLY K 138 -57.88 -23.20 -22.72
N CYS K 139 -58.40 -22.75 -21.58
CA CYS K 139 -59.65 -21.97 -21.55
C CYS K 139 -59.58 -20.96 -20.41
N ALA K 140 -60.27 -19.84 -20.60
CA ALA K 140 -60.35 -18.73 -19.64
C ALA K 140 -61.77 -18.69 -19.09
N PRO K 141 -61.96 -18.35 -17.80
CA PRO K 141 -60.86 -17.95 -16.92
C PRO K 141 -60.14 -19.04 -16.15
N ARG K 142 -60.46 -20.32 -16.40
CA ARG K 142 -59.86 -21.45 -15.64
C ARG K 142 -58.35 -21.30 -15.57
N ASP K 143 -57.66 -21.25 -16.72
CA ASP K 143 -56.19 -21.40 -16.83
C ASP K 143 -55.51 -20.04 -16.65
N MET K 144 -56.20 -18.95 -17.03
CA MET K 144 -55.65 -17.57 -17.04
C MET K 144 -56.73 -16.67 -17.64
N SER K 145 -56.54 -15.36 -17.64
CA SER K 145 -57.52 -14.40 -18.18
C SER K 145 -57.65 -14.60 -19.70
N ALA K 146 -58.76 -14.15 -20.28
CA ALA K 146 -59.06 -14.28 -21.72
C ALA K 146 -57.90 -13.68 -22.56
N GLN K 147 -57.39 -12.51 -22.18
CA GLN K 147 -56.35 -11.81 -22.98
C GLN K 147 -55.02 -12.54 -22.82
N ALA K 148 -54.70 -13.06 -21.62
CA ALA K 148 -53.48 -13.88 -21.40
C ALA K 148 -53.55 -15.08 -22.35
N LEU K 149 -54.68 -15.76 -22.39
CA LEU K 149 -54.84 -16.97 -23.22
C LEU K 149 -54.81 -16.61 -24.71
N THR K 150 -55.31 -15.43 -25.08
CA THR K 150 -55.28 -14.95 -26.49
C THR K 150 -53.83 -14.84 -26.93
N GLU K 151 -52.97 -14.23 -26.09
CA GLU K 151 -51.53 -14.02 -26.35
C GLU K 151 -50.85 -15.37 -26.51
N TYR K 152 -51.12 -16.30 -25.59
CA TYR K 152 -50.54 -17.67 -25.61
C TYR K 152 -50.95 -18.40 -26.89
N ASN K 153 -52.23 -18.36 -27.21
CA ASN K 153 -52.81 -19.06 -28.40
C ASN K 153 -52.21 -18.47 -29.68
N ALA K 154 -52.05 -17.14 -29.75
CA ALA K 154 -51.51 -16.48 -30.96
C ALA K 154 -50.06 -16.96 -31.23
N LEU K 155 -49.27 -17.14 -30.18
CA LEU K 155 -47.86 -17.57 -30.33
C LEU K 155 -47.80 -19.06 -30.70
N LEU K 156 -48.71 -19.87 -30.17
CA LEU K 156 -48.82 -21.29 -30.58
C LEU K 156 -49.21 -21.35 -32.06
N ASP K 157 -50.18 -20.54 -32.48
CA ASP K 157 -50.63 -20.51 -33.90
C ASP K 157 -49.48 -20.05 -34.80
N TYR K 158 -48.68 -19.11 -34.33
CA TYR K 158 -47.51 -18.59 -35.06
C TYR K 158 -46.52 -19.74 -35.29
N ALA K 159 -46.20 -20.51 -34.24
CA ALA K 159 -45.29 -21.68 -34.35
C ALA K 159 -45.91 -22.69 -35.33
N ILE K 160 -47.20 -22.95 -35.19
CA ILE K 160 -47.91 -23.92 -36.06
C ILE K 160 -47.79 -23.47 -37.51
N ASN K 161 -48.08 -22.20 -37.78
CA ASN K 161 -47.99 -21.60 -39.14
C ASN K 161 -46.57 -21.79 -39.70
N SER K 162 -45.52 -21.63 -38.88
CA SER K 162 -44.09 -21.73 -39.30
C SER K 162 -43.79 -23.14 -39.79
N LEU K 163 -44.51 -24.15 -39.30
CA LEU K 163 -44.30 -25.57 -39.66
C LEU K 163 -45.28 -26.02 -40.74
N SER K 164 -46.19 -25.15 -41.18
CA SER K 164 -47.29 -25.48 -42.10
C SER K 164 -47.13 -24.72 -43.42
N MET L 1 -30.93 -5.80 -31.96
CA MET L 1 -30.73 -5.10 -30.67
C MET L 1 -31.62 -5.79 -29.64
N LEU L 2 -31.30 -5.58 -28.37
CA LEU L 2 -32.15 -6.03 -27.26
C LEU L 2 -32.84 -4.83 -26.62
N ASP L 3 -33.92 -5.11 -25.91
CA ASP L 3 -34.56 -4.17 -24.99
C ASP L 3 -34.44 -4.82 -23.60
N ALA L 4 -34.97 -4.18 -22.57
CA ALA L 4 -34.81 -4.67 -21.19
C ALA L 4 -35.37 -6.08 -21.07
N PHE L 5 -36.42 -6.41 -21.83
CA PHE L 5 -37.16 -7.67 -21.68
C PHE L 5 -36.38 -8.77 -22.40
N SER L 6 -35.91 -8.50 -23.62
CA SER L 6 -35.13 -9.51 -24.39
C SER L 6 -33.75 -9.65 -23.77
N ARG L 7 -33.28 -8.66 -23.00
CA ARG L 7 -32.05 -8.84 -22.18
C ARG L 7 -32.27 -9.95 -21.17
N ALA L 8 -33.42 -9.95 -20.47
CA ALA L 8 -33.75 -11.00 -19.47
C ALA L 8 -33.86 -12.37 -20.17
N VAL L 9 -34.44 -12.41 -21.36
CA VAL L 9 -34.53 -13.66 -22.17
C VAL L 9 -33.13 -14.20 -22.52
N VAL L 10 -32.24 -13.36 -23.03
CA VAL L 10 -30.86 -13.78 -23.42
C VAL L 10 -30.12 -14.31 -22.18
N SER L 11 -30.24 -13.65 -21.03
CA SER L 11 -29.65 -14.12 -19.76
C SER L 11 -30.19 -15.51 -19.40
N ALA L 12 -31.50 -15.70 -19.48
CA ALA L 12 -32.18 -16.99 -19.17
C ALA L 12 -31.70 -18.06 -20.14
N ASP L 13 -31.49 -17.72 -21.42
CA ASP L 13 -31.17 -18.72 -22.46
C ASP L 13 -29.77 -19.29 -22.23
N ALA L 14 -28.92 -18.63 -21.46
CA ALA L 14 -27.55 -19.12 -21.14
C ALA L 14 -27.63 -20.40 -20.32
N SER L 15 -28.77 -20.66 -19.66
CA SER L 15 -29.03 -21.94 -18.94
C SER L 15 -30.28 -22.62 -19.53
N THR L 16 -30.69 -22.29 -20.75
CA THR L 16 -31.95 -22.78 -21.41
C THR L 16 -33.05 -22.86 -20.37
N SER L 17 -33.25 -21.79 -19.59
CA SER L 17 -34.30 -21.68 -18.55
CA SER L 17 -34.30 -21.68 -18.55
C SER L 17 -35.38 -20.70 -18.99
N THR L 18 -36.60 -20.87 -18.46
CA THR L 18 -37.69 -19.89 -18.57
C THR L 18 -37.29 -18.63 -17.82
N VAL L 19 -37.88 -17.50 -18.19
CA VAL L 19 -37.77 -16.25 -17.38
C VAL L 19 -38.73 -16.40 -16.21
N SER L 20 -38.21 -16.44 -14.99
CA SER L 20 -38.99 -16.71 -13.75
C SER L 20 -39.24 -15.41 -12.96
N ASP L 21 -38.38 -14.39 -13.08
CA ASP L 21 -38.54 -13.13 -12.30
C ASP L 21 -39.52 -12.20 -13.01
N ILE L 22 -40.80 -12.51 -12.95
CA ILE L 22 -41.85 -11.73 -13.66
C ILE L 22 -42.08 -10.43 -12.88
N ALA L 23 -41.81 -10.43 -11.58
CA ALA L 23 -41.97 -9.23 -10.72
C ALA L 23 -41.12 -8.09 -11.27
N ALA L 24 -39.84 -8.36 -11.61
CA ALA L 24 -38.94 -7.34 -12.18
C ALA L 24 -39.53 -6.81 -13.49
N LEU L 25 -40.12 -7.68 -14.31
CA LEU L 25 -40.67 -7.25 -15.62
C LEU L 25 -41.88 -6.36 -15.34
N ARG L 26 -42.68 -6.68 -14.33
CA ARG L 26 -43.87 -5.87 -13.97
C ARG L 26 -43.40 -4.48 -13.49
N ALA L 27 -42.28 -4.44 -12.79
CA ALA L 27 -41.69 -3.17 -12.32
C ALA L 27 -41.29 -2.32 -13.55
N PHE L 28 -40.69 -2.91 -14.58
CA PHE L 28 -40.32 -2.18 -15.81
C PHE L 28 -41.60 -1.53 -16.37
N VAL L 29 -42.67 -2.31 -16.49
CA VAL L 29 -43.95 -1.88 -17.12
C VAL L 29 -44.56 -0.73 -16.33
N ALA L 30 -44.50 -0.79 -15.00
CA ALA L 30 -45.09 0.23 -14.09
C ALA L 30 -44.37 1.57 -14.26
N SER L 31 -43.09 1.59 -14.66
CA SER L 31 -42.34 2.85 -14.93
CA SER L 31 -42.35 2.85 -14.93
C SER L 31 -42.43 3.21 -16.42
N GLY L 32 -43.22 2.47 -17.20
CA GLY L 32 -43.36 2.68 -18.66
C GLY L 32 -43.73 4.12 -19.02
N ASN L 33 -44.78 4.67 -18.41
CA ASN L 33 -45.25 6.03 -18.72
C ASN L 33 -44.15 7.05 -18.40
N ARG L 34 -43.50 6.94 -17.25
CA ARG L 34 -42.46 7.94 -16.90
C ARG L 34 -41.30 7.79 -17.89
N ARG L 35 -41.01 6.58 -18.35
CA ARG L 35 -39.95 6.35 -19.35
C ARG L 35 -40.30 7.10 -20.64
N LEU L 36 -41.56 7.02 -21.08
CA LEU L 36 -42.00 7.72 -22.31
C LEU L 36 -41.88 9.23 -22.07
N ASP L 37 -42.20 9.72 -20.88
CA ASP L 37 -41.98 11.16 -20.57
C ASP L 37 -40.51 11.50 -20.71
N ALA L 38 -39.61 10.64 -20.22
CA ALA L 38 -38.16 10.91 -20.23
C ALA L 38 -37.65 11.00 -21.68
N VAL L 39 -38.09 10.08 -22.56
CA VAL L 39 -37.68 10.07 -23.99
C VAL L 39 -38.22 11.33 -24.67
N ASN L 40 -39.49 11.65 -24.40
CA ASN L 40 -40.14 12.84 -24.98
C ASN L 40 -39.38 14.12 -24.55
N ALA L 41 -38.93 14.19 -23.29
CA ALA L 41 -38.19 15.36 -22.77
C ALA L 41 -36.89 15.56 -23.56
N ILE L 42 -36.18 14.48 -23.88
CA ILE L 42 -34.90 14.60 -24.64
C ILE L 42 -35.20 14.89 -26.13
N ALA L 43 -35.99 14.04 -26.81
CA ALA L 43 -36.29 14.22 -28.24
C ALA L 43 -36.83 15.63 -28.50
N SER L 44 -37.78 16.11 -27.70
CA SER L 44 -38.45 17.41 -27.88
C SER L 44 -37.44 18.58 -27.75
N ASN L 45 -36.32 18.39 -27.04
CA ASN L 45 -35.35 19.48 -26.75
C ASN L 45 -33.99 19.19 -27.39
N ALA L 46 -33.91 18.22 -28.32
CA ALA L 46 -32.64 17.73 -28.88
C ALA L 46 -31.86 18.85 -29.57
N SER L 47 -32.51 19.72 -30.36
CA SER L 47 -31.79 20.81 -31.09
C SER L 47 -31.17 21.77 -30.09
N CYS L 48 -31.93 22.17 -29.07
CA CYS L 48 -31.41 23.08 -28.04
C CYS L 48 -30.24 22.40 -27.31
N MET L 49 -30.36 21.11 -27.00
CA MET L 49 -29.31 20.36 -26.28
C MET L 49 -28.03 20.32 -27.12
N VAL L 50 -28.13 19.94 -28.38
CA VAL L 50 -26.95 19.77 -29.26
C VAL L 50 -26.25 21.12 -29.40
N SER L 51 -26.97 22.17 -29.77
CA SER L 51 -26.34 23.48 -30.07
C SER L 51 -25.64 23.99 -28.81
N ASP L 52 -26.28 23.82 -27.67
CA ASP L 52 -25.79 24.33 -26.37
C ASP L 52 -24.57 23.52 -25.94
N ALA L 53 -24.58 22.22 -26.19
CA ALA L 53 -23.53 21.29 -25.78
C ALA L 53 -22.27 21.57 -26.61
N VAL L 54 -22.44 21.71 -27.92
CA VAL L 54 -21.30 21.97 -28.84
C VAL L 54 -20.77 23.38 -28.61
N ALA L 55 -21.64 24.37 -28.43
CA ALA L 55 -21.27 25.75 -28.09
C ALA L 55 -20.52 25.78 -26.75
N GLY L 56 -20.91 24.94 -25.80
CA GLY L 56 -20.30 24.87 -24.46
C GLY L 56 -18.90 24.28 -24.56
N MET L 57 -18.78 23.17 -25.27
CA MET L 57 -17.47 22.55 -25.58
C MET L 57 -16.55 23.63 -26.14
N ILE L 58 -17.05 24.45 -27.06
CA ILE L 58 -16.25 25.47 -27.80
C ILE L 58 -15.92 26.64 -26.87
N CYS L 59 -16.84 27.10 -26.04
CA CYS L 59 -16.54 28.29 -25.20
C CYS L 59 -15.50 27.90 -24.13
N GLU L 60 -15.40 26.61 -23.79
CA GLU L 60 -14.38 26.08 -22.85
C GLU L 60 -13.06 25.78 -23.58
N ASN L 61 -13.09 25.49 -24.89
CA ASN L 61 -11.87 25.26 -25.70
C ASN L 61 -11.99 26.00 -27.03
N GLN L 62 -11.45 27.22 -27.09
CA GLN L 62 -11.51 28.15 -28.24
C GLN L 62 -10.66 27.63 -29.41
N GLY L 63 -9.72 26.72 -29.15
CA GLY L 63 -8.84 26.16 -30.19
C GLY L 63 -9.65 25.39 -31.23
N LEU L 64 -10.83 24.85 -30.86
CA LEU L 64 -11.65 24.06 -31.79
C LEU L 64 -12.07 24.93 -33.00
N ILE L 65 -12.12 26.26 -32.83
CA ILE L 65 -12.57 27.23 -33.88
C ILE L 65 -11.42 28.17 -34.29
N GLN L 66 -10.18 27.77 -34.06
CA GLN L 66 -8.98 28.51 -34.54
C GLN L 66 -8.23 27.61 -35.52
N ALA L 67 -7.20 28.15 -36.17
CA ALA L 67 -6.39 27.45 -37.19
C ALA L 67 -6.03 26.08 -36.63
N GLY L 68 -6.33 25.04 -37.41
CA GLY L 68 -5.97 23.64 -37.10
C GLY L 68 -6.93 23.01 -36.11
N GLY L 69 -7.93 23.73 -35.61
CA GLY L 69 -8.93 23.18 -34.66
C GLY L 69 -9.95 22.30 -35.39
N CYS L 71 -13.23 21.90 -35.16
CA CYS L 71 -14.49 22.50 -35.60
C CYS L 71 -14.26 23.64 -36.62
N TYR L 72 -13.10 23.66 -37.28
CA TYR L 72 -12.71 24.60 -38.35
C TYR L 72 -12.35 23.79 -39.58
N PRO L 73 -12.80 24.13 -40.81
CA PRO L 73 -13.70 25.26 -41.03
C PRO L 73 -15.18 24.89 -40.91
N ASN L 74 -16.05 25.53 -41.69
CA ASN L 74 -17.52 25.36 -41.62
C ASN L 74 -17.88 23.87 -41.69
N ARG L 75 -17.32 23.13 -42.64
CA ARG L 75 -17.60 21.70 -42.85
C ARG L 75 -17.39 20.91 -41.55
N ARG L 76 -16.36 21.21 -40.78
CA ARG L 76 -16.05 20.45 -39.53
C ARG L 76 -17.04 20.83 -38.41
N MET L 77 -17.34 22.10 -38.24
CA MET L 77 -18.41 22.51 -37.30
C MET L 77 -19.70 21.76 -37.61
N ALA L 78 -20.10 21.69 -38.87
CA ALA L 78 -21.33 20.98 -39.31
C ALA L 78 -21.23 19.50 -38.96
N ALA L 79 -20.09 18.87 -39.24
CA ALA L 79 -19.85 17.42 -38.98
C ALA L 79 -19.99 17.16 -37.48
N CYS L 80 -19.50 18.08 -36.65
CA CYS L 80 -19.49 17.93 -35.18
C CYS L 80 -20.92 18.08 -34.65
N LEU L 81 -21.66 19.07 -35.11
CA LEU L 81 -23.10 19.20 -34.75
C LEU L 81 -23.83 17.91 -35.11
N ARG L 82 -23.54 17.33 -36.27
CA ARG L 82 -24.15 16.06 -36.73
CA ARG L 82 -24.15 16.06 -36.74
CA ARG L 82 -24.14 16.06 -36.75
C ARG L 82 -23.81 14.95 -35.73
N ASP L 83 -22.54 14.84 -35.32
CA ASP L 83 -22.11 13.73 -34.42
C ASP L 83 -22.76 13.86 -33.05
N ALA L 84 -22.85 15.06 -32.49
CA ALA L 84 -23.49 15.27 -31.17
C ALA L 84 -24.96 14.82 -31.28
N GLU L 85 -25.64 15.17 -32.35
CA GLU L 85 -27.05 14.76 -32.56
C GLU L 85 -27.12 13.22 -32.70
N ILE L 86 -26.20 12.60 -33.42
CA ILE L 86 -26.22 11.12 -33.63
C ILE L 86 -26.05 10.44 -32.26
N ILE L 87 -25.05 10.87 -31.51
CA ILE L 87 -24.78 10.27 -30.18
C ILE L 87 -26.06 10.43 -29.34
N LEU L 88 -26.66 11.61 -29.33
CA LEU L 88 -27.86 11.85 -28.49
C LEU L 88 -28.99 10.94 -28.96
N ARG L 89 -29.10 10.72 -30.28
CA ARG L 89 -30.14 9.88 -30.87
C ARG L 89 -29.99 8.45 -30.34
N TYR L 90 -28.78 7.90 -30.38
CA TYR L 90 -28.57 6.49 -29.95
C TYR L 90 -28.79 6.39 -28.43
N VAL L 91 -28.47 7.43 -27.67
CA VAL L 91 -28.72 7.42 -26.21
C VAL L 91 -30.22 7.40 -25.98
N THR L 92 -31.00 8.16 -26.76
CA THR L 92 -32.47 8.20 -26.59
CA THR L 92 -32.47 8.20 -26.59
C THR L 92 -33.04 6.83 -26.97
N TYR L 93 -32.46 6.15 -27.96
CA TYR L 93 -32.90 4.79 -28.36
C TYR L 93 -32.73 3.85 -27.17
N ALA L 94 -31.54 3.90 -26.56
CA ALA L 94 -31.19 3.04 -25.41
C ALA L 94 -32.18 3.30 -24.26
N LEU L 95 -32.51 4.57 -24.00
CA LEU L 95 -33.46 4.93 -22.93
C LEU L 95 -34.84 4.41 -23.27
N LEU L 96 -35.25 4.47 -24.54
CA LEU L 96 -36.60 4.00 -24.93
C LEU L 96 -36.66 2.47 -24.75
N ALA L 97 -35.56 1.77 -25.07
CA ALA L 97 -35.48 0.29 -25.03
C ALA L 97 -35.19 -0.21 -23.61
N GLY L 98 -34.62 0.64 -22.76
CA GLY L 98 -34.11 0.20 -21.45
C GLY L 98 -32.93 -0.74 -21.58
N ASP L 99 -32.10 -0.54 -22.59
CA ASP L 99 -30.90 -1.40 -22.84
C ASP L 99 -29.91 -0.67 -23.74
N ALA L 100 -28.62 -0.85 -23.45
CA ALA L 100 -27.52 -0.16 -24.16
C ALA L 100 -27.16 -0.87 -25.47
N SER L 101 -27.68 -2.05 -25.76
CA SER L 101 -27.28 -2.82 -26.96
CA SER L 101 -27.28 -2.83 -26.95
C SER L 101 -27.26 -1.92 -28.21
N VAL L 102 -28.33 -1.18 -28.48
CA VAL L 102 -28.42 -0.40 -29.76
C VAL L 102 -27.32 0.67 -29.80
N LEU L 103 -27.04 1.29 -28.67
CA LEU L 103 -25.99 2.33 -28.53
C LEU L 103 -24.62 1.67 -28.74
N ASP L 104 -24.37 0.57 -28.05
CA ASP L 104 -23.09 -0.17 -28.11
C ASP L 104 -22.85 -0.64 -29.54
N ASP L 105 -23.85 -1.24 -30.18
CA ASP L 105 -23.61 -1.97 -31.46
C ASP L 105 -23.62 -0.99 -32.63
N ARG L 106 -24.49 0.00 -32.61
CA ARG L 106 -24.72 0.84 -33.82
C ARG L 106 -23.98 2.18 -33.74
N CYS L 107 -23.45 2.57 -32.58
CA CYS L 107 -22.84 3.90 -32.42
C CYS L 107 -21.43 3.84 -31.83
N LEU L 108 -21.18 3.06 -30.78
CA LEU L 108 -19.91 3.16 -30.01
C LEU L 108 -18.86 2.20 -30.56
N ASN L 109 -19.27 1.11 -31.20
CA ASN L 109 -18.36 0.06 -31.73
C ASN L 109 -17.50 0.65 -32.84
N GLY L 110 -16.19 0.81 -32.61
CA GLY L 110 -15.24 1.43 -33.55
C GLY L 110 -15.26 2.97 -33.56
N LEU L 111 -16.02 3.62 -32.68
CA LEU L 111 -16.09 5.10 -32.70
C LEU L 111 -14.70 5.67 -32.39
N LYS L 112 -14.07 5.21 -31.32
CA LYS L 112 -12.75 5.75 -30.92
C LYS L 112 -11.74 5.62 -32.08
N GLU L 113 -11.72 4.46 -32.74
CA GLU L 113 -10.78 4.16 -33.85
C GLU L 113 -11.08 5.09 -35.02
N THR L 114 -12.36 5.33 -35.31
CA THR L 114 -12.79 6.27 -36.37
C THR L 114 -12.26 7.67 -36.05
N TYR L 115 -12.49 8.12 -34.82
CA TYR L 115 -12.06 9.46 -34.38
C TYR L 115 -10.53 9.55 -34.43
N ALA L 116 -9.83 8.49 -34.05
CA ALA L 116 -8.36 8.45 -34.09
C ALA L 116 -7.89 8.66 -35.53
N ALA L 117 -8.49 7.93 -36.46
CA ALA L 117 -8.16 7.97 -37.90
C ALA L 117 -8.47 9.35 -38.49
N LEU L 118 -9.48 10.06 -38.01
CA LEU L 118 -9.89 11.37 -38.57
C LEU L 118 -9.17 12.53 -37.88
N GLY L 119 -8.62 12.32 -36.68
CA GLY L 119 -8.07 13.41 -35.84
C GLY L 119 -9.16 14.16 -35.08
N VAL L 120 -10.31 13.53 -34.83
CA VAL L 120 -11.38 14.14 -34.00
C VAL L 120 -10.95 14.02 -32.56
N PRO L 121 -10.86 15.13 -31.78
CA PRO L 121 -10.45 15.05 -30.38
C PRO L 121 -11.51 14.35 -29.51
N THR L 122 -11.12 13.27 -28.85
CA THR L 122 -12.02 12.48 -27.98
C THR L 122 -12.24 13.26 -26.68
N THR L 123 -11.25 14.01 -26.22
CA THR L 123 -11.36 14.83 -24.99
C THR L 123 -12.52 15.83 -25.19
N SER L 124 -12.47 16.63 -26.24
CA SER L 124 -13.48 17.67 -26.46
C SER L 124 -14.84 17.01 -26.66
N THR L 125 -14.86 15.84 -27.31
CA THR L 125 -16.14 15.13 -27.55
C THR L 125 -16.72 14.71 -26.20
N VAL L 126 -15.88 14.19 -25.31
CA VAL L 126 -16.30 13.76 -23.95
C VAL L 126 -16.94 14.95 -23.23
N ARG L 127 -16.39 16.16 -23.41
CA ARG L 127 -16.98 17.34 -22.75
C ARG L 127 -18.37 17.62 -23.33
N ALA L 128 -18.55 17.60 -24.66
CA ALA L 128 -19.87 17.79 -25.30
C ALA L 128 -20.86 16.78 -24.71
N VAL L 129 -20.46 15.52 -24.56
CA VAL L 129 -21.34 14.44 -24.03
C VAL L 129 -21.65 14.72 -22.55
N GLN L 130 -20.68 15.21 -21.75
CA GLN L 130 -20.93 15.57 -20.34
C GLN L 130 -22.06 16.60 -20.29
N ILE L 131 -22.03 17.61 -21.15
CA ILE L 131 -23.02 18.72 -21.12
C ILE L 131 -24.38 18.13 -21.49
N MET L 132 -24.44 17.28 -22.51
CA MET L 132 -25.71 16.66 -22.93
C MET L 132 -26.24 15.78 -21.79
N LYS L 133 -25.36 15.09 -21.07
CA LYS L 133 -25.76 14.28 -19.91
C LYS L 133 -26.43 15.17 -18.85
N ALA L 134 -25.85 16.33 -18.55
CA ALA L 134 -26.42 17.28 -17.57
C ALA L 134 -27.75 17.83 -18.11
N GLN L 135 -27.81 18.14 -19.41
CA GLN L 135 -29.02 18.72 -20.01
C GLN L 135 -30.12 17.67 -19.86
N ALA L 136 -29.83 16.42 -20.22
CA ALA L 136 -30.81 15.31 -20.23
C ALA L 136 -31.37 15.10 -18.83
N ALA L 137 -30.50 15.10 -17.82
CA ALA L 137 -30.89 14.96 -16.40
C ALA L 137 -31.93 16.02 -16.06
N ALA L 138 -31.66 17.29 -16.35
CA ALA L 138 -32.56 18.42 -16.08
C ALA L 138 -33.86 18.25 -16.85
N HIS L 139 -33.83 17.91 -18.15
CA HIS L 139 -35.08 17.80 -18.96
C HIS L 139 -35.92 16.61 -18.45
N ILE L 140 -35.31 15.50 -18.04
CA ILE L 140 -36.08 14.33 -17.54
C ILE L 140 -36.80 14.73 -16.24
N GLN L 141 -36.11 15.47 -15.37
CA GLN L 141 -36.64 15.97 -14.07
C GLN L 141 -37.57 17.16 -14.29
N ASP L 142 -37.63 17.71 -15.49
CA ASP L 142 -38.41 18.93 -15.82
C ASP L 142 -37.98 20.09 -14.91
N THR L 143 -36.67 20.26 -14.71
CA THR L 143 -36.07 21.34 -13.91
C THR L 143 -34.92 22.03 -14.67
N PRO L 144 -35.05 22.35 -15.97
CA PRO L 144 -34.05 23.18 -16.64
C PRO L 144 -34.03 24.55 -15.95
N SER L 145 -32.87 25.14 -15.78
CA SER L 145 -32.71 26.49 -15.17
C SER L 145 -32.96 27.57 -16.23
N GLU L 146 -33.55 28.68 -15.83
CA GLU L 146 -33.66 29.90 -16.68
C GLU L 146 -32.26 30.43 -16.99
N ALA L 147 -31.34 30.35 -16.02
CA ALA L 147 -29.95 30.84 -16.15
C ALA L 147 -29.28 30.23 -17.40
N ARG L 148 -29.49 28.95 -17.71
CA ARG L 148 -28.77 28.26 -18.80
CA ARG L 148 -28.78 28.26 -18.81
C ARG L 148 -29.64 28.25 -20.08
N ALA L 149 -30.94 28.50 -19.97
CA ALA L 149 -31.92 28.37 -21.08
C ALA L 149 -32.30 29.73 -21.66
N GLY L 150 -32.40 30.77 -20.82
CA GLY L 150 -32.99 32.07 -21.19
C GLY L 150 -34.34 31.89 -21.86
N ALA L 151 -34.53 32.52 -23.02
CA ALA L 151 -35.78 32.52 -23.82
C ALA L 151 -36.10 31.13 -24.40
N LYS L 152 -35.16 30.18 -24.35
CA LYS L 152 -35.34 28.83 -24.95
C LYS L 152 -35.87 27.83 -23.92
N LEU L 153 -36.07 28.28 -22.67
CA LEU L 153 -36.59 27.42 -21.58
C LEU L 153 -37.84 26.67 -22.06
N ARG L 154 -37.90 25.36 -21.81
CA ARG L 154 -39.10 24.54 -22.04
C ARG L 154 -39.50 23.81 -20.75
N LYS L 155 -40.81 23.73 -20.52
CA LYS L 155 -41.44 22.89 -19.47
C LYS L 155 -42.24 21.80 -20.17
N MET L 156 -42.06 20.56 -19.73
CA MET L 156 -42.76 19.37 -20.29
C MET L 156 -44.13 19.17 -19.62
N GLY L 157 -44.26 19.50 -18.34
CA GLY L 157 -45.51 19.37 -17.57
C GLY L 157 -45.87 17.94 -17.23
N SER L 158 -44.89 17.06 -17.12
CA SER L 158 -45.09 15.66 -16.67
C SER L 158 -45.54 15.70 -15.21
N PRO L 159 -46.35 14.71 -14.76
CA PRO L 159 -46.84 14.68 -13.38
C PRO L 159 -45.70 14.45 -12.37
N VAL L 160 -45.53 15.35 -11.42
CA VAL L 160 -44.34 15.40 -10.53
C VAL L 160 -44.45 14.35 -9.42
N VAL L 161 -43.35 13.65 -9.16
CA VAL L 161 -43.14 12.86 -7.90
C VAL L 161 -41.88 13.42 -7.21
N GLU L 162 -41.72 13.14 -5.92
CA GLU L 162 -40.68 13.78 -5.06
C GLU L 162 -39.28 13.50 -5.65
N ASP L 163 -39.01 12.26 -6.06
CA ASP L 163 -37.68 11.82 -6.59
C ASP L 163 -37.42 12.33 -8.01
N ARG L 164 -38.45 12.79 -8.74
CA ARG L 164 -38.34 13.34 -10.12
C ARG L 164 -37.64 12.33 -11.04
N CYS L 165 -37.99 11.06 -10.92
CA CYS L 165 -37.53 9.97 -11.81
C CYS L 165 -36.03 9.79 -11.66
N ALA L 166 -35.53 9.80 -10.42
CA ALA L 166 -34.08 9.66 -10.13
C ALA L 166 -33.53 8.42 -10.83
N SER L 167 -34.27 7.33 -10.80
CA SER L 167 -33.86 6.03 -11.35
C SER L 167 -33.71 6.14 -12.88
N LEU L 168 -34.64 6.79 -13.57
CA LEU L 168 -34.52 7.06 -15.03
C LEU L 168 -33.35 8.03 -15.29
N VAL L 169 -33.15 9.03 -14.45
CA VAL L 169 -32.00 9.96 -14.61
C VAL L 169 -30.69 9.16 -14.54
N ALA L 170 -30.56 8.24 -13.58
CA ALA L 170 -29.35 7.43 -13.38
C ALA L 170 -29.12 6.54 -14.60
N GLU L 171 -30.22 5.95 -15.11
CA GLU L 171 -30.16 5.05 -16.29
C GLU L 171 -29.66 5.87 -17.50
N ALA L 172 -30.33 6.99 -17.79
CA ALA L 172 -29.94 7.89 -18.89
C ALA L 172 -28.48 8.27 -18.71
N SER L 173 -28.08 8.66 -17.52
CA SER L 173 -26.69 9.09 -17.21
C SER L 173 -25.71 7.96 -17.51
N SER L 174 -26.08 6.73 -17.16
CA SER L 174 -25.22 5.54 -17.40
C SER L 174 -25.01 5.34 -18.91
N TYR L 175 -25.97 5.68 -19.77
CA TYR L 175 -25.81 5.54 -21.24
C TYR L 175 -24.81 6.58 -21.76
N PHE L 176 -24.94 7.82 -21.33
CA PHE L 176 -23.96 8.90 -21.66
C PHE L 176 -22.58 8.48 -21.16
N ASP L 177 -22.52 7.84 -19.99
CA ASP L 177 -21.23 7.39 -19.40
C ASP L 177 -20.65 6.26 -20.27
N ARG L 178 -21.48 5.42 -20.92
CA ARG L 178 -20.93 4.41 -21.86
C ARG L 178 -20.27 5.12 -23.04
N VAL L 179 -20.85 6.23 -23.51
CA VAL L 179 -20.24 7.00 -24.63
C VAL L 179 -18.86 7.47 -24.16
N ILE L 180 -18.82 8.14 -23.02
CA ILE L 180 -17.57 8.70 -22.47
C ILE L 180 -16.56 7.57 -22.28
N SER L 181 -16.96 6.43 -21.71
CA SER L 181 -16.05 5.27 -21.53
CA SER L 181 -16.05 5.27 -21.54
C SER L 181 -15.53 4.81 -22.91
N ALA L 182 -16.38 4.78 -23.92
CA ALA L 182 -16.01 4.29 -25.27
C ALA L 182 -14.99 5.23 -25.93
N LEU L 183 -14.93 6.49 -25.52
CA LEU L 183 -14.02 7.50 -26.12
C LEU L 183 -12.84 7.77 -25.21
N SER L 184 -12.81 7.20 -24.00
CA SER L 184 -11.76 7.47 -22.96
C SER L 184 -10.77 6.30 -22.94
N MET M 1 -47.36 7.53 -45.32
CA MET M 1 -47.64 8.58 -44.28
CA MET M 1 -47.65 8.57 -44.28
C MET M 1 -47.39 7.96 -42.90
N LYS M 2 -46.29 8.33 -42.26
CA LYS M 2 -45.83 7.65 -41.02
C LYS M 2 -46.84 7.80 -39.90
N SER M 3 -47.28 6.67 -39.39
CA SER M 3 -48.19 6.50 -38.23
C SER M 3 -47.78 5.21 -37.53
N VAL M 4 -48.43 4.86 -36.42
CA VAL M 4 -48.17 3.56 -35.73
C VAL M 4 -48.37 2.44 -36.75
N VAL M 5 -49.53 2.41 -37.40
CA VAL M 5 -49.95 1.22 -38.17
C VAL M 5 -49.16 1.14 -39.48
N THR M 6 -48.85 2.26 -40.12
CA THR M 6 -48.10 2.21 -41.42
C THR M 6 -46.67 1.81 -41.11
N THR M 7 -46.11 2.21 -39.96
CA THR M 7 -44.75 1.82 -39.58
C THR M 7 -44.69 0.30 -39.38
N VAL M 8 -45.60 -0.31 -38.63
CA VAL M 8 -45.50 -1.76 -38.34
C VAL M 8 -45.81 -2.51 -39.63
N ILE M 9 -46.72 -2.04 -40.47
CA ILE M 9 -47.02 -2.73 -41.75
C ILE M 9 -45.78 -2.67 -42.65
N ALA M 10 -45.13 -1.52 -42.76
CA ALA M 10 -43.95 -1.39 -43.64
C ALA M 10 -42.84 -2.32 -43.13
N ALA M 11 -42.68 -2.45 -41.81
CA ALA M 11 -41.62 -3.32 -41.24
C ALA M 11 -42.03 -4.77 -41.51
N ALA M 12 -43.31 -5.11 -41.34
CA ALA M 12 -43.81 -6.48 -41.63
C ALA M 12 -43.55 -6.80 -43.11
N ASP M 13 -43.86 -5.85 -44.00
CA ASP M 13 -43.82 -6.09 -45.46
C ASP M 13 -42.38 -6.29 -45.92
N ALA M 14 -41.45 -5.53 -45.37
CA ALA M 14 -40.01 -5.64 -45.73
C ALA M 14 -39.52 -7.05 -45.43
N ALA M 15 -40.07 -7.72 -44.41
CA ALA M 15 -39.65 -9.08 -44.00
C ALA M 15 -40.63 -10.17 -44.49
N GLY M 16 -41.66 -9.81 -45.26
CA GLY M 16 -42.66 -10.74 -45.81
C GLY M 16 -43.55 -11.39 -44.75
N ARG M 17 -43.86 -10.66 -43.68
CA ARG M 17 -44.53 -11.20 -42.48
C ARG M 17 -46.00 -10.76 -42.47
N PHE M 18 -46.89 -11.64 -42.06
CA PHE M 18 -48.23 -11.29 -41.55
C PHE M 18 -48.04 -10.43 -40.30
N PRO M 19 -49.04 -9.59 -39.96
CA PRO M 19 -49.11 -8.98 -38.65
C PRO M 19 -48.95 -10.07 -37.58
N SER M 20 -48.16 -9.76 -36.55
CA SER M 20 -47.87 -10.69 -35.43
C SER M 20 -48.07 -9.94 -34.10
N SER M 21 -47.79 -10.61 -32.98
CA SER M 21 -48.02 -10.11 -31.60
CA SER M 21 -48.07 -10.10 -31.61
C SER M 21 -47.61 -8.63 -31.49
N SER M 22 -46.37 -8.28 -31.87
CA SER M 22 -45.84 -6.90 -31.67
C SER M 22 -46.59 -5.89 -32.55
N ASP M 23 -47.14 -6.29 -33.68
CA ASP M 23 -47.87 -5.38 -34.59
C ASP M 23 -49.19 -5.01 -33.94
N LEU M 24 -49.94 -6.00 -33.46
CA LEU M 24 -51.27 -5.72 -32.84
C LEU M 24 -51.05 -4.90 -31.56
N GLU M 25 -50.02 -5.25 -30.80
CA GLU M 25 -49.69 -4.60 -29.52
C GLU M 25 -49.44 -3.10 -29.78
N SER M 26 -48.70 -2.79 -30.85
CA SER M 26 -48.36 -1.40 -31.23
C SER M 26 -49.67 -0.64 -31.48
N VAL M 27 -50.59 -1.26 -32.22
CA VAL M 27 -51.87 -0.61 -32.59
C VAL M 27 -52.72 -0.39 -31.31
N GLN M 28 -52.62 -1.28 -30.32
CA GLN M 28 -53.33 -1.05 -29.03
C GLN M 28 -52.88 0.29 -28.45
N GLY M 29 -51.63 0.69 -28.66
CA GLY M 29 -51.12 2.00 -28.20
C GLY M 29 -51.89 3.15 -28.81
N SER M 30 -52.20 3.07 -30.10
CA SER M 30 -53.07 4.07 -30.79
C SER M 30 -54.45 4.10 -30.16
N ILE M 31 -55.03 2.94 -29.87
CA ILE M 31 -56.39 2.84 -29.27
C ILE M 31 -56.38 3.60 -27.93
N GLN M 32 -55.33 3.47 -27.12
CA GLN M 32 -55.21 4.17 -25.80
C GLN M 32 -54.95 5.66 -26.00
N ARG M 33 -54.11 6.06 -26.94
CA ARG M 33 -53.62 7.46 -27.05
C ARG M 33 -54.54 8.29 -27.93
N ALA M 34 -55.45 7.70 -28.70
CA ALA M 34 -56.23 8.45 -29.70
C ALA M 34 -57.05 9.55 -29.02
N ALA M 35 -57.67 9.25 -27.89
CA ALA M 35 -58.54 10.21 -27.16
C ALA M 35 -57.79 11.53 -26.94
N ALA M 36 -56.56 11.47 -26.44
CA ALA M 36 -55.75 12.65 -26.13
C ALA M 36 -55.48 13.43 -27.40
N ARG M 37 -54.99 12.75 -28.45
CA ARG M 37 -54.56 13.49 -29.66
C ARG M 37 -55.77 13.93 -30.48
N LEU M 38 -56.88 13.19 -30.45
CA LEU M 38 -58.12 13.61 -31.16
C LEU M 38 -58.76 14.77 -30.40
N GLU M 39 -58.61 14.83 -29.08
CA GLU M 39 -59.04 16.00 -28.27
C GLU M 39 -58.28 17.23 -28.81
N ALA M 40 -56.95 17.13 -28.92
CA ALA M 40 -56.10 18.22 -29.45
C ALA M 40 -56.49 18.55 -30.91
N ALA M 41 -56.70 17.55 -31.73
CA ALA M 41 -57.05 17.71 -33.16
C ALA M 41 -58.37 18.48 -33.29
N GLU M 42 -59.34 18.18 -32.44
CA GLU M 42 -60.69 18.81 -32.46
C GLU M 42 -60.57 20.26 -31.98
N LYS M 43 -59.79 20.52 -30.92
CA LYS M 43 -59.59 21.89 -30.40
C LYS M 43 -58.94 22.72 -31.50
N LEU M 44 -57.93 22.18 -32.17
CA LEU M 44 -57.13 22.91 -33.18
C LEU M 44 -58.00 23.17 -34.41
N ALA M 45 -58.80 22.20 -34.83
CA ALA M 45 -59.76 22.38 -35.93
C ALA M 45 -60.73 23.51 -35.58
N GLY M 46 -61.24 23.51 -34.37
CA GLY M 46 -62.19 24.54 -33.86
C GLY M 46 -61.60 25.94 -33.82
N ASN M 47 -60.30 26.11 -33.53
CA ASN M 47 -59.75 27.42 -33.12
C ASN M 47 -58.46 27.77 -33.87
N ILE M 48 -58.21 27.13 -35.01
CA ILE M 48 -56.89 27.25 -35.69
C ILE M 48 -56.62 28.71 -36.05
N ASP M 49 -57.61 29.45 -36.53
CA ASP M 49 -57.38 30.86 -36.96
C ASP M 49 -56.87 31.71 -35.79
N ALA M 50 -57.46 31.57 -34.60
CA ALA M 50 -57.06 32.38 -33.42
C ALA M 50 -55.67 31.93 -32.98
N VAL M 51 -55.39 30.62 -33.00
CA VAL M 51 -54.10 30.06 -32.55
C VAL M 51 -52.98 30.55 -33.49
N ALA M 52 -53.23 30.49 -34.80
CA ALA M 52 -52.28 30.93 -35.84
C ALA M 52 -52.06 32.44 -35.78
N THR M 53 -53.12 33.20 -35.58
CA THR M 53 -53.07 34.68 -35.55
C THR M 53 -52.16 35.11 -34.40
N GLU M 54 -52.33 34.54 -33.22
CA GLU M 54 -51.56 35.01 -32.06
C GLU M 54 -50.09 34.58 -32.22
N ALA M 55 -49.81 33.43 -32.83
CA ALA M 55 -48.43 32.98 -33.13
C ALA M 55 -47.78 33.92 -34.17
N TYR M 56 -48.50 34.29 -35.22
CA TYR M 56 -48.02 35.23 -36.26
C TYR M 56 -47.68 36.57 -35.60
N ASN M 57 -48.61 37.09 -34.78
CA ASN M 57 -48.47 38.41 -34.10
C ASN M 57 -47.25 38.36 -33.19
N ALA M 58 -47.02 37.22 -32.53
CA ALA M 58 -45.86 37.05 -31.62
C ALA M 58 -44.56 37.16 -32.43
N CYS M 59 -44.48 36.53 -33.61
CA CYS M 59 -43.19 36.50 -34.35
C CYS M 59 -42.91 37.90 -34.91
N ILE M 60 -43.93 38.67 -35.29
CA ILE M 60 -43.74 40.05 -35.82
C ILE M 60 -43.40 40.99 -34.66
N LYS M 61 -44.00 40.77 -33.51
CA LYS M 61 -43.65 41.54 -32.30
C LYS M 61 -42.17 41.34 -31.95
N LYS M 62 -41.64 40.13 -32.13
CA LYS M 62 -40.23 39.79 -31.81
C LYS M 62 -39.30 40.40 -32.87
N TYR M 63 -39.72 40.48 -34.13
CA TYR M 63 -38.86 40.86 -35.27
C TYR M 63 -39.53 41.97 -36.08
N PRO M 64 -39.74 43.16 -35.48
CA PRO M 64 -40.40 44.25 -36.19
C PRO M 64 -39.62 44.72 -37.44
N TYR M 65 -38.31 44.42 -37.52
CA TYR M 65 -37.52 44.70 -38.75
C TYR M 65 -38.20 44.09 -39.99
N LEU M 66 -38.99 43.03 -39.82
CA LEU M 66 -39.70 42.38 -40.96
C LEU M 66 -40.67 43.37 -41.63
N ASN M 67 -41.05 44.45 -40.92
CA ASN M 67 -42.00 45.45 -41.44
C ASN M 67 -41.28 46.46 -42.36
N ASN M 68 -39.95 46.53 -42.31
CA ASN M 68 -39.15 47.50 -43.12
C ASN M 68 -39.23 47.11 -44.60
N ALA M 69 -39.20 48.13 -45.46
CA ALA M 69 -39.24 48.01 -46.93
C ALA M 69 -38.27 46.88 -47.35
N GLY M 70 -38.79 45.96 -48.16
CA GLY M 70 -38.04 44.86 -48.79
C GLY M 70 -37.94 43.63 -47.89
N GLU M 71 -38.38 43.71 -46.64
CA GLU M 71 -38.33 42.58 -45.69
C GLU M 71 -39.63 41.77 -45.79
N ALA M 72 -39.63 40.60 -45.14
CA ALA M 72 -40.57 39.50 -45.43
C ALA M 72 -41.99 39.79 -44.93
N ASN M 73 -42.21 40.82 -44.10
CA ASN M 73 -43.58 41.16 -43.60
C ASN M 73 -43.97 42.57 -44.04
N SER M 74 -43.36 43.09 -45.11
CA SER M 74 -43.35 44.55 -45.43
C SER M 74 -44.53 44.93 -46.32
N THR M 75 -45.15 44.02 -47.05
CA THR M 75 -46.33 44.30 -47.90
C THR M 75 -47.54 43.51 -47.40
N ASP M 76 -48.73 43.83 -47.90
CA ASP M 76 -50.01 43.19 -47.50
C ASP M 76 -49.98 41.73 -47.98
N THR M 77 -49.48 41.47 -49.19
CA THR M 77 -49.30 40.10 -49.72
C THR M 77 -48.38 39.29 -48.78
N PHE M 78 -47.23 39.84 -48.41
CA PHE M 78 -46.24 39.21 -47.52
C PHE M 78 -46.89 38.92 -46.18
N LYS M 79 -47.57 39.90 -45.62
CA LYS M 79 -48.25 39.76 -44.30
C LYS M 79 -49.23 38.59 -44.36
N ALA M 80 -50.02 38.54 -45.42
CA ALA M 80 -51.06 37.50 -45.59
C ALA M 80 -50.38 36.13 -45.80
N LYS M 81 -49.28 36.08 -46.53
CA LYS M 81 -48.59 34.79 -46.82
C LYS M 81 -47.96 34.28 -45.53
N CYS M 82 -47.39 35.18 -44.73
CA CYS M 82 -46.69 34.78 -43.49
C CYS M 82 -47.70 34.15 -42.52
N ALA M 83 -48.83 34.82 -42.31
CA ALA M 83 -49.91 34.33 -41.42
C ALA M 83 -50.44 32.99 -41.96
N ARG M 84 -50.63 32.91 -43.28
CA ARG M 84 -51.06 31.68 -43.97
C ARG M 84 -50.05 30.55 -43.67
N ASP M 85 -48.75 30.84 -43.76
CA ASP M 85 -47.72 29.79 -43.54
C ASP M 85 -47.84 29.25 -42.12
N ILE M 86 -48.07 30.10 -41.11
CA ILE M 86 -48.20 29.65 -39.70
C ILE M 86 -49.42 28.74 -39.62
N LYS M 87 -50.52 29.13 -40.26
CA LYS M 87 -51.75 28.29 -40.27
C LYS M 87 -51.48 26.94 -40.98
N HIS M 88 -50.72 26.93 -42.08
CA HIS M 88 -50.26 25.70 -42.80
C HIS M 88 -49.59 24.75 -41.80
N TYR M 89 -48.60 25.23 -41.04
CA TYR M 89 -47.89 24.39 -40.04
C TYR M 89 -48.88 23.83 -39.02
N LEU M 90 -49.78 24.66 -38.50
CA LEU M 90 -50.78 24.22 -37.50
C LEU M 90 -51.77 23.22 -38.13
N ARG M 91 -52.15 23.40 -39.39
CA ARG M 91 -53.03 22.43 -40.09
C ARG M 91 -52.29 21.10 -40.22
N LEU M 92 -51.01 21.13 -40.58
CA LEU M 92 -50.23 19.87 -40.70
C LEU M 92 -50.11 19.23 -39.31
N ILE M 93 -50.02 20.03 -38.26
CA ILE M 93 -49.96 19.50 -36.87
C ILE M 93 -51.32 18.87 -36.53
N GLN M 94 -52.43 19.51 -36.92
CA GLN M 94 -53.77 18.92 -36.76
C GLN M 94 -53.78 17.55 -37.46
N TYR M 95 -53.24 17.44 -38.67
CA TYR M 95 -53.19 16.18 -39.44
C TYR M 95 -52.38 15.12 -38.65
N CYS M 96 -51.24 15.49 -38.09
CA CYS M 96 -50.37 14.58 -37.29
C CYS M 96 -51.14 14.06 -36.07
N LEU M 97 -51.92 14.92 -35.41
CA LEU M 97 -52.74 14.51 -34.23
C LEU M 97 -53.84 13.52 -34.67
N VAL M 98 -54.40 13.71 -35.87
CA VAL M 98 -55.42 12.80 -36.44
C VAL M 98 -54.81 11.41 -36.71
N VAL M 99 -53.60 11.41 -37.25
CA VAL M 99 -52.91 10.22 -37.79
C VAL M 99 -52.09 9.53 -36.67
N GLY M 100 -51.63 10.28 -35.67
CA GLY M 100 -50.76 9.77 -34.58
C GLY M 100 -49.35 9.52 -35.10
N GLY M 101 -48.86 10.37 -36.00
CA GLY M 101 -47.48 10.33 -36.47
C GLY M 101 -47.10 11.61 -37.16
N THR M 102 -45.82 11.76 -37.50
CA THR M 102 -45.28 13.02 -38.09
C THR M 102 -45.47 13.03 -39.61
N GLY M 103 -45.98 11.94 -40.19
CA GLY M 103 -46.15 11.78 -41.65
C GLY M 103 -46.54 13.06 -42.37
N PRO M 104 -47.72 13.63 -42.06
CA PRO M 104 -48.22 14.82 -42.76
C PRO M 104 -47.26 16.01 -42.71
N LEU M 105 -46.64 16.21 -41.54
CA LEU M 105 -45.69 17.32 -41.34
C LEU M 105 -44.40 17.00 -42.13
N ASP M 106 -43.92 15.77 -42.06
CA ASP M 106 -42.73 15.29 -42.80
C ASP M 106 -42.91 15.54 -44.31
N GLU M 107 -44.03 15.12 -44.87
CA GLU M 107 -44.20 15.04 -46.34
C GLU M 107 -44.62 16.38 -46.93
N TRP M 108 -45.45 17.16 -46.21
CA TRP M 108 -46.11 18.36 -46.77
C TRP M 108 -45.56 19.67 -46.18
N GLY M 109 -44.87 19.63 -45.05
CA GLY M 109 -44.33 20.87 -44.46
C GLY M 109 -42.82 20.88 -44.47
N ILE M 110 -42.18 19.86 -43.93
CA ILE M 110 -40.72 19.88 -43.62
C ILE M 110 -39.93 19.61 -44.92
N ALA M 111 -40.31 18.61 -45.71
CA ALA M 111 -39.62 18.32 -46.99
C ALA M 111 -39.71 19.57 -47.88
N GLY M 112 -38.56 20.12 -48.25
CA GLY M 112 -38.47 21.31 -49.12
C GLY M 112 -38.49 22.64 -48.38
N GLN M 113 -38.84 22.69 -47.09
CA GLN M 113 -39.05 23.99 -46.40
C GLN M 113 -37.76 24.83 -46.51
N ARG M 114 -36.60 24.22 -46.30
CA ARG M 114 -35.31 24.94 -46.28
C ARG M 114 -34.98 25.44 -47.68
N GLU M 115 -35.19 24.64 -48.73
CA GLU M 115 -34.98 25.07 -50.14
CA GLU M 115 -34.95 25.09 -50.12
C GLU M 115 -35.84 26.30 -50.43
N VAL M 116 -37.10 26.27 -50.02
CA VAL M 116 -38.06 27.36 -50.35
C VAL M 116 -37.61 28.64 -49.65
N TYR M 117 -37.36 28.57 -48.34
CA TYR M 117 -37.10 29.77 -47.52
C TYR M 117 -35.77 30.39 -47.96
N ARG M 118 -34.79 29.55 -48.26
CA ARG M 118 -33.47 29.99 -48.75
C ARG M 118 -33.68 30.73 -50.08
N ALA M 119 -34.48 30.16 -50.99
CA ALA M 119 -34.62 30.69 -52.37
C ALA M 119 -35.32 32.04 -52.33
N LEU M 120 -36.25 32.25 -51.39
CA LEU M 120 -37.05 33.51 -51.33
C LEU M 120 -36.50 34.46 -50.27
N GLY M 121 -35.35 34.14 -49.67
CA GLY M 121 -34.74 34.97 -48.61
C GLY M 121 -35.66 35.15 -47.43
N LEU M 122 -36.47 34.15 -47.11
CA LEU M 122 -37.34 34.17 -45.91
C LEU M 122 -36.51 33.70 -44.72
N PRO M 123 -36.31 34.54 -43.70
CA PRO M 123 -35.58 34.13 -42.50
C PRO M 123 -36.40 33.06 -41.77
N THR M 124 -35.71 32.08 -41.18
CA THR M 124 -36.36 30.95 -40.48
C THR M 124 -36.73 31.36 -39.06
N ALA M 125 -36.03 32.31 -38.47
CA ALA M 125 -36.23 32.68 -37.04
C ALA M 125 -37.70 33.03 -36.77
N PRO M 126 -38.39 33.82 -37.61
CA PRO M 126 -39.80 34.13 -37.35
C PRO M 126 -40.69 32.89 -37.32
N TYR M 127 -40.41 31.90 -38.19
CA TYR M 127 -41.19 30.63 -38.20
C TYR M 127 -40.98 29.95 -36.84
N VAL M 128 -39.75 29.91 -36.38
CA VAL M 128 -39.38 29.23 -35.11
C VAL M 128 -40.05 29.96 -33.95
N GLU M 129 -40.07 31.29 -33.97
CA GLU M 129 -40.66 32.11 -32.90
C GLU M 129 -42.17 31.87 -32.84
N ALA M 130 -42.85 31.83 -33.98
CA ALA M 130 -44.30 31.56 -34.08
C ALA M 130 -44.59 30.21 -33.42
N LEU M 131 -43.86 29.15 -33.81
CA LEU M 131 -44.13 27.79 -33.30
C LEU M 131 -43.75 27.74 -31.82
N SER M 132 -42.64 28.38 -31.47
CA SER M 132 -42.12 28.42 -30.09
C SER M 132 -43.15 29.14 -29.19
N PHE M 133 -43.71 30.24 -29.66
CA PHE M 133 -44.81 30.92 -28.93
C PHE M 133 -45.96 29.93 -28.71
N ALA M 134 -46.39 29.24 -29.74
CA ALA M 134 -47.52 28.29 -29.66
C ALA M 134 -47.20 27.18 -28.65
N ARG M 135 -45.95 26.71 -28.66
CA ARG M 135 -45.44 25.64 -27.78
C ARG M 135 -45.51 26.07 -26.30
N ASN M 136 -45.21 27.33 -26.00
CA ASN M 136 -45.13 27.82 -24.61
C ASN M 136 -46.49 28.35 -24.14
N ARG M 137 -47.47 28.47 -25.03
CA ARG M 137 -48.74 29.19 -24.75
C ARG M 137 -49.69 28.31 -23.92
N GLY M 138 -49.80 27.03 -24.30
CA GLY M 138 -50.84 26.15 -23.80
C GLY M 138 -50.61 25.78 -22.35
N CYS M 139 -51.66 25.53 -21.62
CA CYS M 139 -51.58 24.90 -20.28
C CYS M 139 -52.83 24.06 -20.04
N ALA M 140 -52.65 23.02 -19.27
CA ALA M 140 -53.71 22.05 -18.89
C ALA M 140 -54.00 22.23 -17.41
N PRO M 141 -55.27 22.11 -16.96
CA PRO M 141 -56.38 21.72 -17.85
C PRO M 141 -57.12 22.86 -18.57
N ARG M 142 -56.65 24.10 -18.46
CA ARG M 142 -57.37 25.26 -19.07
C ARG M 142 -57.72 24.94 -20.52
N ASP M 143 -56.72 24.66 -21.37
CA ASP M 143 -56.84 24.63 -22.84
C ASP M 143 -57.30 23.25 -23.32
N MET M 144 -56.99 22.19 -22.57
CA MET M 144 -57.22 20.78 -22.97
C MET M 144 -56.60 19.91 -21.88
N SER M 145 -56.79 18.60 -21.95
CA SER M 145 -56.23 17.68 -20.93
C SER M 145 -54.70 17.69 -21.02
N ALA M 146 -54.01 17.26 -19.97
CA ALA M 146 -52.53 17.21 -19.90
C ALA M 146 -51.97 16.40 -21.08
N GLN M 147 -52.58 15.24 -21.38
CA GLN M 147 -52.06 14.33 -22.44
C GLN M 147 -52.33 14.93 -23.81
N ALA M 148 -53.48 15.57 -24.02
CA ALA M 148 -53.78 16.27 -25.30
C ALA M 148 -52.71 17.33 -25.51
N LEU M 149 -52.39 18.12 -24.48
CA LEU M 149 -51.41 19.22 -24.62
C LEU M 149 -50.02 18.64 -24.85
N THR M 150 -49.71 17.48 -24.25
CA THR M 150 -48.39 16.80 -24.42
C THR M 150 -48.20 16.47 -25.91
N GLU M 151 -49.24 15.90 -26.53
CA GLU M 151 -49.26 15.51 -27.97
C GLU M 151 -49.05 16.74 -28.84
N TYR M 152 -49.77 17.80 -28.58
CA TYR M 152 -49.72 19.08 -29.33
C TYR M 152 -48.32 19.69 -29.22
N ASN M 153 -47.80 19.75 -27.99
CA ASN M 153 -46.49 20.34 -27.70
C ASN M 153 -45.40 19.54 -28.41
N ALA M 154 -45.49 18.21 -28.40
CA ALA M 154 -44.46 17.34 -29.03
C ALA M 154 -44.38 17.64 -30.54
N LEU M 155 -45.52 17.86 -31.19
CA LEU M 155 -45.55 18.10 -32.64
C LEU M 155 -45.04 19.50 -32.96
N LEU M 156 -45.33 20.47 -32.11
CA LEU M 156 -44.73 21.83 -32.25
C LEU M 156 -43.21 21.73 -32.09
N ASP M 157 -42.73 20.99 -31.08
CA ASP M 157 -41.26 20.82 -30.83
C ASP M 157 -40.62 20.12 -32.02
N TYR M 158 -41.32 19.16 -32.62
CA TYR M 158 -40.84 18.42 -33.80
C TYR M 158 -40.65 19.41 -34.96
N ALA M 159 -41.63 20.27 -35.22
CA ALA M 159 -41.54 21.29 -36.28
C ALA M 159 -40.38 22.23 -35.95
N ILE M 160 -40.29 22.67 -34.70
CA ILE M 160 -39.22 23.61 -34.27
C ILE M 160 -37.86 22.97 -34.55
N ASN M 161 -37.69 21.73 -34.13
CA ASN M 161 -36.43 20.97 -34.32
C ASN M 161 -36.08 20.90 -35.82
N SER M 162 -37.06 20.71 -36.71
CA SER M 162 -36.87 20.57 -38.18
C SER M 162 -36.30 21.87 -38.75
N LEU M 163 -36.56 23.01 -38.12
CA LEU M 163 -36.11 24.34 -38.58
C LEU M 163 -34.86 24.79 -37.84
N SER M 164 -34.36 24.00 -36.88
CA SER M 164 -33.23 24.37 -36.01
C SER M 164 -32.04 23.44 -36.25
N MET N 1 -48.09 4.38 -47.89
CA MET N 1 -49.46 3.86 -47.81
C MET N 1 -50.25 4.76 -46.87
N LEU N 2 -51.56 4.69 -46.97
CA LEU N 2 -52.48 5.38 -46.05
C LEU N 2 -53.13 4.36 -45.13
N ASP N 3 -53.60 4.84 -44.01
CA ASP N 3 -54.52 4.11 -43.11
C ASP N 3 -55.81 4.93 -43.13
N ALA N 4 -56.81 4.50 -42.37
CA ALA N 4 -58.14 5.15 -42.37
C ALA N 4 -57.99 6.61 -41.99
N PHE N 5 -57.04 6.95 -41.13
CA PHE N 5 -56.91 8.31 -40.55
C PHE N 5 -56.22 9.20 -41.58
N SER N 6 -55.12 8.72 -42.17
CA SER N 6 -54.39 9.52 -43.19
C SER N 6 -55.24 9.59 -44.47
N ARG N 7 -56.15 8.66 -44.69
CA ARG N 7 -57.15 8.79 -45.79
C ARG N 7 -58.01 10.05 -45.55
N ALA N 8 -58.49 10.27 -44.33
CA ALA N 8 -59.29 11.46 -43.97
C ALA N 8 -58.45 12.73 -44.15
N VAL N 9 -57.20 12.69 -43.77
CA VAL N 9 -56.24 13.84 -43.98
C VAL N 9 -56.08 14.15 -45.48
N VAL N 10 -55.81 13.17 -46.31
CA VAL N 10 -55.61 13.38 -47.78
C VAL N 10 -56.90 13.98 -48.39
N SER N 11 -58.05 13.48 -48.02
CA SER N 11 -59.36 14.04 -48.47
C SER N 11 -59.49 15.52 -48.05
N ALA N 12 -59.16 15.84 -46.79
CA ALA N 12 -59.24 17.22 -46.26
C ALA N 12 -58.23 18.11 -46.99
N ASP N 13 -57.05 17.58 -47.33
CA ASP N 13 -55.97 18.41 -47.94
C ASP N 13 -56.36 18.86 -49.35
N ALA N 14 -57.34 18.19 -49.98
CA ALA N 14 -57.84 18.55 -51.33
C ALA N 14 -58.49 19.94 -51.29
N SER N 15 -58.91 20.42 -50.12
CA SER N 15 -59.43 21.80 -49.94
C SER N 15 -58.58 22.55 -48.88
N THR N 16 -57.35 22.11 -48.63
CA THR N 16 -56.44 22.65 -47.58
C THR N 16 -57.26 22.97 -46.33
N SER N 17 -58.09 22.03 -45.87
CA SER N 17 -58.97 22.19 -44.69
CA SER N 17 -58.95 22.20 -44.68
C SER N 17 -58.46 21.28 -43.56
N THR N 18 -58.73 21.65 -42.31
CA THR N 18 -58.54 20.77 -41.14
C THR N 18 -59.53 19.63 -41.25
N VAL N 19 -59.21 18.51 -40.61
CA VAL N 19 -60.15 17.36 -40.49
C VAL N 19 -61.16 17.72 -39.42
N SER N 20 -62.43 17.85 -39.80
CA SER N 20 -63.51 18.33 -38.90
C SER N 20 -64.36 17.16 -38.39
N ASP N 21 -64.46 16.05 -39.11
CA ASP N 21 -65.29 14.90 -38.72
C ASP N 21 -64.53 14.00 -37.75
N ILE N 22 -64.35 14.47 -36.53
CA ILE N 22 -63.60 13.74 -35.47
C ILE N 22 -64.45 12.58 -34.98
N ALA N 23 -65.77 12.68 -35.06
CA ALA N 23 -66.71 11.63 -34.65
C ALA N 23 -66.41 10.35 -35.41
N ALA N 24 -66.23 10.42 -36.72
CA ALA N 24 -65.90 9.23 -37.56
C ALA N 24 -64.58 8.63 -37.08
N LEU N 25 -63.61 9.47 -36.72
CA LEU N 25 -62.29 8.98 -36.27
C LEU N 25 -62.48 8.26 -34.94
N ARG N 26 -63.33 8.79 -34.08
CA ARG N 26 -63.60 8.18 -32.75
C ARG N 26 -64.28 6.82 -32.96
N ALA N 27 -65.14 6.72 -33.98
CA ALA N 27 -65.82 5.47 -34.33
C ALA N 27 -64.78 4.43 -34.77
N PHE N 28 -63.77 4.82 -35.56
CA PHE N 28 -62.68 3.90 -35.97
C PHE N 28 -62.03 3.35 -34.70
N VAL N 29 -61.68 4.22 -33.77
CA VAL N 29 -60.93 3.85 -32.54
C VAL N 29 -61.78 2.89 -31.68
N ALA N 30 -63.08 3.13 -31.59
CA ALA N 30 -64.01 2.34 -30.74
C ALA N 30 -64.10 0.91 -31.28
N SER N 31 -63.89 0.69 -32.59
CA SER N 31 -63.89 -0.67 -33.17
C SER N 31 -62.46 -1.21 -33.23
N GLY N 32 -61.49 -0.52 -32.66
CA GLY N 32 -60.07 -0.90 -32.67
C GLY N 32 -59.82 -2.30 -32.16
N ASN N 33 -60.33 -2.63 -30.97
CA ASN N 33 -60.11 -3.97 -30.37
C ASN N 33 -60.69 -5.06 -31.28
N ARG N 34 -61.90 -4.88 -31.78
CA ARG N 34 -62.52 -5.95 -32.60
C ARG N 34 -61.73 -6.05 -33.90
N ARG N 35 -61.20 -4.95 -34.43
CA ARG N 35 -60.36 -4.97 -35.65
C ARG N 35 -59.09 -5.81 -35.38
N LEU N 36 -58.47 -5.64 -34.23
CA LEU N 36 -57.28 -6.45 -33.88
C LEU N 36 -57.70 -7.92 -33.74
N ASP N 37 -58.87 -8.21 -33.18
CA ASP N 37 -59.37 -9.62 -33.16
C ASP N 37 -59.54 -10.13 -34.59
N ALA N 38 -60.03 -9.31 -35.52
CA ALA N 38 -60.30 -9.74 -36.90
C ALA N 38 -58.97 -10.08 -37.60
N VAL N 39 -57.95 -9.25 -37.41
CA VAL N 39 -56.61 -9.46 -38.01
C VAL N 39 -56.00 -10.73 -37.39
N ASN N 40 -56.11 -10.87 -36.09
CA ASN N 40 -55.59 -12.05 -35.36
C ASN N 40 -56.28 -13.33 -35.88
N ALA N 41 -57.59 -13.30 -36.15
CA ALA N 41 -58.34 -14.45 -36.68
C ALA N 41 -57.79 -14.87 -38.04
N ILE N 42 -57.45 -13.93 -38.90
CA ILE N 42 -56.87 -14.28 -40.24
C ILE N 42 -55.41 -14.73 -40.09
N ALA N 43 -54.54 -13.92 -39.51
CA ALA N 43 -53.10 -14.24 -39.37
C ALA N 43 -52.93 -15.62 -38.70
N SER N 44 -53.67 -15.89 -37.62
CA SER N 44 -53.55 -17.14 -36.82
C SER N 44 -53.95 -18.36 -37.67
N ASN N 45 -54.77 -18.20 -38.71
CA ASN N 45 -55.32 -19.34 -39.51
C ASN N 45 -54.83 -19.25 -40.96
N ALA N 46 -53.83 -18.42 -41.27
CA ALA N 46 -53.43 -18.10 -42.66
C ALA N 46 -52.97 -19.35 -43.42
N SER N 47 -52.20 -20.24 -42.81
CA SER N 47 -51.68 -21.46 -43.50
C SER N 47 -52.87 -22.35 -43.86
N CYS N 48 -53.78 -22.57 -42.93
CA CYS N 48 -54.98 -23.39 -43.19
C CYS N 48 -55.80 -22.75 -44.32
N MET N 49 -55.96 -21.43 -44.30
CA MET N 49 -56.77 -20.70 -45.32
C MET N 49 -56.13 -20.87 -46.69
N VAL N 50 -54.82 -20.63 -46.81
CA VAL N 50 -54.12 -20.64 -48.13
C VAL N 50 -54.21 -22.05 -48.70
N SER N 51 -53.85 -23.08 -47.93
CA SER N 51 -53.76 -24.45 -48.49
C SER N 51 -55.17 -24.90 -48.87
N ASP N 52 -56.17 -24.55 -48.09
CA ASP N 52 -57.58 -24.95 -48.32
C ASP N 52 -58.12 -24.22 -49.54
N ALA N 53 -57.75 -22.97 -49.71
CA ALA N 53 -58.24 -22.12 -50.84
C ALA N 53 -57.64 -22.63 -52.14
N VAL N 54 -56.33 -22.90 -52.16
CA VAL N 54 -55.64 -23.38 -53.38
C VAL N 54 -56.11 -24.82 -53.69
N ALA N 55 -56.22 -25.67 -52.66
CA ALA N 55 -56.75 -27.05 -52.81
C ALA N 55 -58.18 -27.00 -53.34
N GLY N 56 -58.98 -26.01 -52.93
CA GLY N 56 -60.38 -25.85 -53.34
C GLY N 56 -60.46 -25.46 -54.80
N MET N 57 -59.67 -24.47 -55.18
CA MET N 57 -59.53 -24.03 -56.58
C MET N 57 -59.24 -25.27 -57.45
N ILE N 58 -58.32 -26.12 -56.98
CA ILE N 58 -57.83 -27.30 -57.76
C ILE N 58 -58.90 -28.39 -57.77
N CYS N 59 -59.60 -28.64 -56.67
CA CYS N 59 -60.59 -29.76 -56.69
C CYS N 59 -61.77 -29.37 -57.58
N GLU N 60 -62.00 -28.08 -57.81
CA GLU N 60 -63.06 -27.58 -58.74
C GLU N 60 -62.54 -27.53 -60.17
N ASN N 61 -61.22 -27.38 -60.37
CA ASN N 61 -60.62 -27.39 -61.74
C ASN N 61 -59.36 -28.27 -61.73
N GLN N 62 -59.50 -29.53 -62.11
CA GLN N 62 -58.44 -30.57 -62.10
C GLN N 62 -57.38 -30.28 -63.18
N GLY N 63 -57.70 -29.46 -64.17
CA GLY N 63 -56.76 -29.10 -65.25
C GLY N 63 -55.54 -28.37 -64.73
N LEU N 64 -55.67 -27.68 -63.59
CA LEU N 64 -54.54 -26.93 -63.00
C LEU N 64 -53.39 -27.89 -62.66
N ILE N 65 -53.67 -29.16 -62.41
CA ILE N 65 -52.67 -30.21 -62.02
C ILE N 65 -52.54 -31.30 -63.10
N GLN N 66 -52.92 -31.00 -64.34
CA GLN N 66 -52.74 -31.91 -65.49
C GLN N 66 -51.82 -31.23 -66.50
N ALA N 67 -51.39 -31.96 -67.53
CA ALA N 67 -50.47 -31.44 -68.56
C ALA N 67 -50.94 -30.06 -69.01
N GLY N 68 -50.05 -29.08 -68.95
CA GLY N 68 -50.25 -27.71 -69.42
C GLY N 68 -51.01 -26.87 -68.42
N GLY N 69 -51.40 -27.42 -67.27
CA GLY N 69 -52.10 -26.68 -66.21
C GLY N 69 -51.11 -25.81 -65.43
N CYS N 71 -50.77 -25.03 -62.22
CA CYS N 71 -50.20 -25.53 -60.98
C CYS N 71 -49.36 -26.80 -61.21
N TYR N 72 -48.91 -27.03 -62.45
CA TYR N 72 -48.02 -28.14 -62.87
C TYR N 72 -46.80 -27.51 -63.53
N PRO N 73 -45.55 -27.93 -63.21
CA PRO N 73 -45.29 -28.96 -62.22
C PRO N 73 -45.11 -28.41 -60.81
N ASN N 74 -44.26 -29.04 -59.98
CA ASN N 74 -44.08 -28.70 -58.54
C ASN N 74 -43.82 -27.19 -58.40
N ARG N 75 -42.90 -26.64 -59.17
CA ARG N 75 -42.50 -25.21 -59.13
C ARG N 75 -43.74 -24.30 -59.24
N ARG N 76 -44.71 -24.64 -60.09
CA ARG N 76 -45.88 -23.76 -60.32
C ARG N 76 -46.86 -23.89 -59.15
N MET N 77 -47.12 -25.10 -58.65
CA MET N 77 -47.96 -25.25 -57.44
C MET N 77 -47.35 -24.40 -56.31
N ALA N 78 -46.03 -24.46 -56.11
CA ALA N 78 -45.33 -23.69 -55.06
C ALA N 78 -45.54 -22.19 -55.29
N ALA N 79 -45.37 -21.73 -56.52
CA ALA N 79 -45.51 -20.29 -56.88
C ALA N 79 -46.93 -19.83 -56.56
N CYS N 80 -47.92 -20.68 -56.81
CA CYS N 80 -49.34 -20.34 -56.63
C CYS N 80 -49.67 -20.28 -55.13
N LEU N 81 -49.22 -21.25 -54.35
CA LEU N 81 -49.35 -21.19 -52.87
C LEU N 81 -48.74 -19.87 -52.35
N ARG N 82 -47.58 -19.49 -52.87
CA ARG N 82 -46.89 -18.23 -52.49
CA ARG N 82 -46.88 -18.21 -52.50
C ARG N 82 -47.80 -17.04 -52.83
N ASP N 83 -48.39 -17.01 -54.02
CA ASP N 83 -49.24 -15.85 -54.45
C ASP N 83 -50.49 -15.75 -53.59
N ALA N 84 -51.16 -16.86 -53.28
CA ALA N 84 -52.36 -16.85 -52.41
C ALA N 84 -51.97 -16.29 -51.04
N GLU N 85 -50.82 -16.67 -50.50
CA GLU N 85 -50.34 -16.15 -49.19
C GLU N 85 -50.06 -14.65 -49.32
N ILE N 86 -49.43 -14.22 -50.41
CA ILE N 86 -49.10 -12.78 -50.62
C ILE N 86 -50.41 -11.98 -50.64
N ILE N 87 -51.36 -12.40 -51.44
CA ILE N 87 -52.65 -11.69 -51.58
C ILE N 87 -53.29 -11.63 -50.19
N LEU N 88 -53.31 -12.73 -49.47
CA LEU N 88 -53.97 -12.76 -48.13
C LEU N 88 -53.22 -11.80 -47.21
N ARG N 89 -51.90 -11.74 -47.33
CA ARG N 89 -51.06 -10.88 -46.46
C ARG N 89 -51.46 -9.42 -46.72
N TYR N 90 -51.54 -9.00 -47.96
CA TYR N 90 -51.84 -7.58 -48.29
C TYR N 90 -53.28 -7.25 -47.85
N VAL N 91 -54.19 -8.21 -47.94
CA VAL N 91 -55.59 -8.01 -47.48
C VAL N 91 -55.59 -7.84 -45.95
N THR N 92 -54.78 -8.62 -45.23
CA THR N 92 -54.71 -8.48 -43.76
C THR N 92 -54.11 -7.13 -43.40
N TYR N 93 -53.13 -6.64 -44.18
CA TYR N 93 -52.52 -5.30 -43.94
C TYR N 93 -53.61 -4.24 -44.10
N ALA N 94 -54.39 -4.33 -45.17
CA ALA N 94 -55.50 -3.41 -45.48
C ALA N 94 -56.51 -3.40 -44.34
N LEU N 95 -56.86 -4.55 -43.80
CA LEU N 95 -57.82 -4.68 -42.67
C LEU N 95 -57.18 -4.08 -41.42
N LEU N 96 -55.88 -4.26 -41.21
CA LEU N 96 -55.23 -3.69 -40.01
C LEU N 96 -55.21 -2.16 -40.12
N ALA N 97 -55.00 -1.63 -41.32
CA ALA N 97 -54.87 -0.17 -41.61
C ALA N 97 -56.24 0.47 -41.76
N GLY N 98 -57.27 -0.31 -42.06
CA GLY N 98 -58.59 0.23 -42.41
C GLY N 98 -58.55 1.02 -43.72
N ASP N 99 -57.71 0.59 -44.68
CA ASP N 99 -57.56 1.27 -45.99
C ASP N 99 -56.92 0.30 -47.01
N ALA N 100 -57.37 0.38 -48.27
CA ALA N 100 -56.93 -0.51 -49.36
C ALA N 100 -55.62 -0.03 -49.99
N SER N 101 -55.13 1.16 -49.66
CA SER N 101 -53.92 1.73 -50.34
CA SER N 101 -53.91 1.74 -50.31
C SER N 101 -52.80 0.69 -50.41
N VAL N 102 -52.45 0.03 -49.31
CA VAL N 102 -51.26 -0.87 -49.30
C VAL N 102 -51.51 -2.04 -50.26
N LEU N 103 -52.73 -2.55 -50.29
CA LEU N 103 -53.14 -3.66 -51.20
C LEU N 103 -53.08 -3.18 -52.65
N ASP N 104 -53.68 -2.03 -52.93
CA ASP N 104 -53.74 -1.43 -54.28
C ASP N 104 -52.32 -1.18 -54.79
N ASP N 105 -51.47 -0.56 -53.98
CA ASP N 105 -50.17 -0.04 -54.47
C ASP N 105 -49.14 -1.14 -54.51
N ARG N 106 -49.13 -2.05 -53.55
CA ARG N 106 -48.00 -3.00 -53.40
C ARG N 106 -48.36 -4.38 -53.95
N CYS N 107 -49.62 -4.66 -54.26
CA CYS N 107 -50.04 -6.02 -54.66
C CYS N 107 -50.82 -6.01 -55.98
N LEU N 108 -51.81 -5.13 -56.15
CA LEU N 108 -52.79 -5.25 -57.28
C LEU N 108 -52.30 -4.49 -58.52
N ASN N 109 -51.48 -3.46 -58.34
CA ASN N 109 -51.00 -2.58 -59.44
C ASN N 109 -50.13 -3.39 -60.40
N GLY N 110 -50.61 -3.65 -61.63
CA GLY N 110 -49.91 -4.46 -62.64
C GLY N 110 -50.07 -5.96 -62.45
N LEU N 111 -50.89 -6.43 -61.50
CA LEU N 111 -51.01 -7.89 -61.25
C LEU N 111 -51.61 -8.53 -62.50
N LYS N 112 -52.71 -8.00 -63.04
CA LYS N 112 -53.37 -8.62 -64.20
C LYS N 112 -52.39 -8.74 -65.37
N GLU N 113 -51.61 -7.68 -65.62
CA GLU N 113 -50.64 -7.63 -66.74
C GLU N 113 -49.55 -8.69 -66.51
N THR N 114 -49.09 -8.82 -65.27
CA THR N 114 -48.07 -9.84 -64.89
C THR N 114 -48.64 -11.23 -65.19
N TYR N 115 -49.85 -11.50 -64.73
CA TYR N 115 -50.51 -12.81 -64.89
C TYR N 115 -50.70 -13.06 -66.40
N ALA N 116 -51.09 -12.05 -67.16
CA ALA N 116 -51.29 -12.18 -68.63
C ALA N 116 -49.96 -12.63 -69.26
N ALA N 117 -48.88 -11.96 -68.90
CA ALA N 117 -47.51 -12.23 -69.43
C ALA N 117 -47.04 -13.63 -69.03
N LEU N 118 -47.43 -14.16 -67.87
CA LEU N 118 -46.94 -15.47 -67.38
C LEU N 118 -47.84 -16.61 -67.83
N GLY N 119 -49.08 -16.30 -68.24
CA GLY N 119 -50.11 -17.33 -68.51
C GLY N 119 -50.74 -17.86 -67.23
N VAL N 120 -50.76 -17.07 -66.15
CA VAL N 120 -51.46 -17.45 -64.91
C VAL N 120 -52.95 -17.19 -65.15
N PRO N 121 -53.85 -18.19 -64.98
CA PRO N 121 -55.28 -18.00 -65.18
C PRO N 121 -55.87 -17.08 -64.10
N THR N 122 -56.49 -15.97 -64.52
CA THR N 122 -57.12 -15.00 -63.61
C THR N 122 -58.44 -15.59 -63.07
N THR N 123 -59.13 -16.39 -63.87
CA THR N 123 -60.38 -17.07 -63.45
C THR N 123 -60.08 -17.93 -62.22
N SER N 124 -59.13 -18.85 -62.32
CA SER N 124 -58.85 -19.80 -61.20
C SER N 124 -58.36 -18.99 -60.01
N THR N 125 -57.60 -17.92 -60.25
CA THR N 125 -57.08 -17.07 -59.14
C THR N 125 -58.27 -16.44 -58.42
N VAL N 126 -59.24 -15.93 -59.18
CA VAL N 126 -60.48 -15.31 -58.62
C VAL N 126 -61.17 -16.33 -57.71
N ARG N 127 -61.20 -17.60 -58.11
CA ARG N 127 -61.87 -18.63 -57.30
C ARG N 127 -61.10 -18.82 -55.97
N ALA N 128 -59.76 -18.91 -56.00
CA ALA N 128 -58.95 -19.03 -54.77
C ALA N 128 -59.28 -17.86 -53.84
N VAL N 129 -59.37 -16.64 -54.38
CA VAL N 129 -59.64 -15.41 -53.59
C VAL N 129 -61.07 -15.50 -53.03
N GLN N 130 -62.05 -16.00 -53.80
CA GLN N 130 -63.43 -16.15 -53.29
C GLN N 130 -63.41 -17.04 -52.05
N ILE N 131 -62.66 -18.13 -52.08
CA ILE N 131 -62.64 -19.11 -50.95
C ILE N 131 -62.02 -18.42 -49.75
N MET N 132 -60.92 -17.70 -49.95
CA MET N 132 -60.24 -17.00 -48.84
C MET N 132 -61.20 -15.95 -48.27
N LYS N 133 -61.96 -15.27 -49.12
CA LYS N 133 -62.98 -14.29 -48.66
C LYS N 133 -63.99 -14.98 -47.73
N ALA N 134 -64.47 -16.16 -48.10
CA ALA N 134 -65.44 -16.91 -47.28
C ALA N 134 -64.77 -17.37 -45.99
N GLN N 135 -63.53 -17.83 -46.08
CA GLN N 135 -62.80 -18.33 -44.91
C GLN N 135 -62.66 -17.15 -43.93
N ALA N 136 -62.23 -16.00 -44.43
CA ALA N 136 -61.96 -14.80 -43.62
C ALA N 136 -63.24 -14.38 -42.88
N ALA N 137 -64.36 -14.34 -43.59
CA ALA N 137 -65.69 -13.99 -43.03
C ALA N 137 -65.98 -14.87 -41.82
N ALA N 138 -65.84 -16.20 -41.99
CA ALA N 138 -66.10 -17.18 -40.93
C ALA N 138 -65.14 -16.95 -39.75
N HIS N 139 -63.83 -16.78 -40.00
CA HIS N 139 -62.86 -16.65 -38.91
C HIS N 139 -63.09 -15.33 -38.15
N ILE N 140 -63.45 -14.25 -38.83
CA ILE N 140 -63.71 -12.94 -38.16
C ILE N 140 -64.91 -13.11 -37.22
N GLN N 141 -65.96 -13.79 -37.67
CA GLN N 141 -67.19 -14.05 -36.90
C GLN N 141 -66.97 -15.18 -35.86
N ASP N 142 -65.83 -15.86 -35.91
CA ASP N 142 -65.50 -17.00 -35.04
C ASP N 142 -66.57 -18.08 -35.18
N THR N 143 -67.00 -18.36 -36.43
CA THR N 143 -68.01 -19.39 -36.77
C THR N 143 -67.53 -20.28 -37.91
N PRO N 144 -66.27 -20.76 -37.93
CA PRO N 144 -65.87 -21.75 -38.92
C PRO N 144 -66.68 -23.03 -38.68
N SER N 145 -67.11 -23.70 -39.74
CA SER N 145 -67.86 -24.98 -39.65
C SER N 145 -66.89 -26.14 -39.42
N GLU N 146 -67.31 -27.14 -38.65
CA GLU N 146 -66.60 -28.42 -38.49
C GLU N 146 -66.57 -29.14 -39.86
N ALA N 147 -67.64 -29.02 -40.64
CA ALA N 147 -67.76 -29.68 -41.96
C ALA N 147 -66.53 -29.33 -42.84
N ARG N 148 -66.09 -28.07 -42.85
CA ARG N 148 -65.03 -27.61 -43.79
C ARG N 148 -63.66 -27.63 -43.10
N ALA N 149 -63.61 -27.73 -41.77
CA ALA N 149 -62.36 -27.63 -40.97
C ALA N 149 -61.89 -29.01 -40.50
N GLY N 150 -62.82 -29.90 -40.15
CA GLY N 150 -62.49 -31.17 -39.47
C GLY N 150 -61.62 -30.95 -38.24
N ALA N 151 -60.51 -31.67 -38.14
CA ALA N 151 -59.56 -31.64 -37.01
C ALA N 151 -58.81 -30.30 -36.93
N LYS N 152 -58.89 -29.45 -37.97
CA LYS N 152 -58.14 -28.17 -38.05
C LYS N 152 -58.99 -27.01 -37.52
N LEU N 153 -60.22 -27.28 -37.08
CA LEU N 153 -61.12 -26.25 -36.53
C LEU N 153 -60.39 -25.45 -35.44
N ARG N 154 -60.49 -24.12 -35.52
CA ARG N 154 -59.98 -23.20 -34.47
C ARG N 154 -61.08 -22.26 -34.00
N LYS N 155 -61.13 -22.05 -32.67
CA LYS N 155 -61.97 -21.06 -32.00
C LYS N 155 -61.05 -19.99 -31.40
N MET N 156 -61.32 -18.72 -31.69
CA MET N 156 -60.48 -17.56 -31.25
C MET N 156 -60.92 -17.09 -29.84
N GLY N 157 -62.20 -17.19 -29.51
CA GLY N 157 -62.73 -16.86 -28.18
C GLY N 157 -62.83 -15.38 -27.94
N SER N 158 -63.00 -14.57 -28.99
CA SER N 158 -63.31 -13.13 -28.87
C SER N 158 -64.69 -12.98 -28.23
N PRO N 159 -64.94 -11.89 -27.45
CA PRO N 159 -66.23 -11.66 -26.83
C PRO N 159 -67.34 -11.42 -27.86
N VAL N 160 -68.38 -12.23 -27.81
CA VAL N 160 -69.44 -12.29 -28.86
C VAL N 160 -70.40 -11.12 -28.72
N VAL N 161 -70.75 -10.52 -29.85
CA VAL N 161 -71.91 -9.59 -30.01
C VAL N 161 -72.84 -10.18 -31.07
N GLU N 162 -74.11 -9.75 -31.07
CA GLU N 162 -75.20 -10.28 -31.92
C GLU N 162 -74.78 -10.23 -33.40
N ASP N 163 -74.23 -9.09 -33.87
CA ASP N 163 -73.87 -8.86 -35.30
C ASP N 163 -72.59 -9.61 -35.69
N ARG N 164 -71.79 -10.09 -34.75
CA ARG N 164 -70.51 -10.83 -34.99
C ARG N 164 -69.59 -10.03 -35.94
N CYS N 165 -69.50 -8.72 -35.73
CA CYS N 165 -68.57 -7.80 -36.44
C CYS N 165 -68.94 -7.76 -37.91
N ALA N 166 -70.23 -7.64 -38.22
CA ALA N 166 -70.74 -7.63 -39.62
C ALA N 166 -70.00 -6.56 -40.42
N SER N 167 -69.76 -5.41 -39.81
CA SER N 167 -69.13 -4.24 -40.46
C SER N 167 -67.68 -4.59 -40.84
N LEU N 168 -66.93 -5.25 -39.96
CA LEU N 168 -65.56 -5.71 -40.26
C LEU N 168 -65.62 -6.82 -41.32
N VAL N 169 -66.62 -7.70 -41.27
CA VAL N 169 -66.75 -8.77 -42.31
C VAL N 169 -66.94 -8.10 -43.67
N ALA N 170 -67.77 -7.08 -43.77
CA ALA N 170 -68.08 -6.40 -45.04
C ALA N 170 -66.82 -5.70 -45.55
N GLU N 171 -66.08 -5.08 -44.64
CA GLU N 171 -64.82 -4.36 -44.96
C GLU N 171 -63.81 -5.36 -45.52
N ALA N 172 -63.55 -6.43 -44.80
CA ALA N 172 -62.63 -7.50 -45.23
C ALA N 172 -63.07 -8.00 -46.60
N SER N 173 -64.36 -8.29 -46.76
CA SER N 173 -64.92 -8.79 -48.03
C SER N 173 -64.67 -7.79 -49.17
N SER N 174 -64.81 -6.51 -48.90
CA SER N 174 -64.57 -5.45 -49.92
C SER N 174 -63.11 -5.45 -50.38
N TYR N 175 -62.15 -5.80 -49.51
CA TYR N 175 -60.72 -5.86 -49.90
C TYR N 175 -60.50 -7.03 -50.85
N PHE N 176 -61.05 -8.20 -50.52
CA PHE N 176 -60.98 -9.41 -51.39
C PHE N 176 -61.63 -9.05 -52.73
N ASP N 177 -62.74 -8.29 -52.71
CA ASP N 177 -63.46 -7.89 -53.94
C ASP N 177 -62.58 -6.93 -54.76
N ARG N 178 -61.73 -6.12 -54.14
CA ARG N 178 -60.78 -5.30 -54.95
C ARG N 178 -59.79 -6.21 -55.69
N VAL N 179 -59.37 -7.30 -55.06
CA VAL N 179 -58.45 -8.28 -55.73
C VAL N 179 -59.20 -8.83 -56.94
N ILE N 180 -60.39 -9.33 -56.73
CA ILE N 180 -61.22 -9.93 -57.81
C ILE N 180 -61.44 -8.90 -58.91
N SER N 181 -61.79 -7.66 -58.58
CA SER N 181 -61.97 -6.58 -59.59
C SER N 181 -60.65 -6.38 -60.36
N ALA N 182 -59.51 -6.41 -59.67
CA ALA N 182 -58.19 -6.14 -60.30
C ALA N 182 -57.83 -7.26 -61.30
N LEU N 183 -58.39 -8.46 -61.13
CA LEU N 183 -58.07 -9.63 -61.97
C LEU N 183 -59.19 -9.89 -62.97
N SER N 184 -60.31 -9.19 -62.89
CA SER N 184 -61.53 -9.41 -63.71
C SER N 184 -61.60 -8.34 -64.82
N MET O 1 -74.40 -7.90 -70.06
CA MET O 1 -75.44 -8.88 -69.73
CA MET O 1 -75.45 -8.89 -69.73
C MET O 1 -76.80 -8.20 -69.78
N LYS O 2 -77.59 -8.48 -70.83
CA LYS O 2 -78.93 -7.90 -71.01
C LYS O 2 -79.83 -8.21 -69.81
N SER O 3 -80.33 -7.13 -69.22
CA SER O 3 -81.37 -7.10 -68.17
C SER O 3 -82.19 -5.83 -68.43
N VAL O 4 -83.25 -5.59 -67.65
CA VAL O 4 -84.03 -4.33 -67.84
C VAL O 4 -83.10 -3.16 -67.56
N VAL O 5 -82.32 -3.19 -66.48
CA VAL O 5 -81.55 -1.99 -66.04
C VAL O 5 -80.36 -1.75 -66.97
N THR O 6 -79.69 -2.80 -67.46
CA THR O 6 -78.52 -2.60 -68.36
C THR O 6 -79.04 -2.08 -69.71
N THR O 7 -80.22 -2.53 -70.14
CA THR O 7 -80.81 -2.05 -71.40
C THR O 7 -81.12 -0.55 -71.29
N VAL O 8 -81.78 -0.08 -70.24
CA VAL O 8 -82.16 1.36 -70.15
C VAL O 8 -80.89 2.19 -69.94
N ILE O 9 -79.89 1.67 -69.21
CA ILE O 9 -78.62 2.43 -69.04
C ILE O 9 -77.92 2.57 -70.40
N ALA O 10 -77.85 1.48 -71.17
CA ALA O 10 -77.18 1.52 -72.49
C ALA O 10 -77.91 2.50 -73.40
N ALA O 11 -79.24 2.55 -73.35
CA ALA O 11 -80.03 3.46 -74.22
C ALA O 11 -79.80 4.89 -73.72
N ALA O 12 -79.78 5.12 -72.41
CA ALA O 12 -79.49 6.46 -71.84
C ALA O 12 -78.10 6.92 -72.29
N ASP O 13 -77.12 6.00 -72.22
CA ASP O 13 -75.71 6.36 -72.48
C ASP O 13 -75.52 6.71 -73.96
N ALA O 14 -76.16 5.98 -74.85
CA ALA O 14 -76.04 6.21 -76.31
C ALA O 14 -76.53 7.61 -76.65
N ALA O 15 -77.49 8.16 -75.88
CA ALA O 15 -78.06 9.51 -76.12
C ALA O 15 -77.46 10.56 -75.16
N GLY O 16 -76.52 10.19 -74.29
CA GLY O 16 -75.84 11.12 -73.35
C GLY O 16 -76.77 11.62 -72.25
N ARG O 17 -77.77 10.83 -71.83
CA ARG O 17 -78.84 11.35 -70.94
C ARG O 17 -78.64 10.76 -69.54
N PHE O 18 -79.01 11.53 -68.53
CA PHE O 18 -79.32 11.00 -67.18
C PHE O 18 -80.52 10.08 -67.31
N PRO O 19 -80.70 9.14 -66.36
CA PRO O 19 -81.96 8.41 -66.26
C PRO O 19 -83.10 9.43 -66.17
N SER O 20 -84.19 9.15 -66.89
CA SER O 20 -85.40 10.00 -66.93
C SER O 20 -86.65 9.17 -66.59
N SER O 21 -87.82 9.81 -66.57
CA SER O 21 -89.09 9.19 -66.12
C SER O 21 -89.25 7.77 -66.72
N SER O 22 -89.13 7.61 -68.03
CA SER O 22 -89.37 6.31 -68.71
C SER O 22 -88.29 5.27 -68.31
N ASP O 23 -87.08 5.70 -67.96
CA ASP O 23 -86.02 4.75 -67.58
C ASP O 23 -86.36 4.16 -66.20
N LEU O 24 -86.72 5.01 -65.23
CA LEU O 24 -87.03 4.53 -63.87
C LEU O 24 -88.29 3.67 -63.93
N GLU O 25 -89.27 4.08 -64.73
CA GLU O 25 -90.56 3.36 -64.89
C GLU O 25 -90.26 1.95 -65.40
N SER O 26 -89.35 1.79 -66.34
CA SER O 26 -88.97 0.47 -66.92
C SER O 26 -88.41 -0.41 -65.78
N VAL O 27 -87.55 0.17 -64.95
CA VAL O 27 -86.94 -0.58 -63.81
C VAL O 27 -88.04 -0.96 -62.79
N GLN O 28 -89.06 -0.14 -62.61
CA GLN O 28 -90.21 -0.51 -61.74
C GLN O 28 -90.81 -1.83 -62.21
N GLY O 29 -90.81 -2.11 -63.52
CA GLY O 29 -91.27 -3.40 -64.07
C GLY O 29 -90.50 -4.58 -63.47
N SER O 30 -89.17 -4.45 -63.39
CA SER O 30 -88.32 -5.47 -62.74
C SER O 30 -88.69 -5.62 -61.25
N ILE O 31 -88.91 -4.51 -60.57
CA ILE O 31 -89.25 -4.51 -59.12
C ILE O 31 -90.54 -5.34 -58.93
N GLN O 32 -91.54 -5.20 -59.82
CA GLN O 32 -92.81 -5.98 -59.75
C GLN O 32 -92.58 -7.46 -60.07
N ARG O 33 -91.76 -7.80 -61.05
CA ARG O 33 -91.60 -9.19 -61.53
C ARG O 33 -90.58 -9.99 -60.70
N ALA O 34 -89.70 -9.32 -59.97
CA ALA O 34 -88.53 -9.96 -59.33
C ALA O 34 -88.97 -11.04 -58.35
N ALA O 35 -90.01 -10.78 -57.55
CA ALA O 35 -90.48 -11.71 -56.50
C ALA O 35 -90.76 -13.09 -57.14
N ALA O 36 -91.50 -13.10 -58.25
CA ALA O 36 -91.87 -14.35 -58.96
C ALA O 36 -90.60 -15.06 -59.44
N ARG O 37 -89.71 -14.33 -60.11
CA ARG O 37 -88.53 -14.96 -60.72
C ARG O 37 -87.51 -15.37 -59.65
N LEU O 38 -87.37 -14.61 -58.56
CA LEU O 38 -86.46 -14.97 -57.44
C LEU O 38 -87.03 -16.19 -56.69
N GLU O 39 -88.37 -16.31 -56.62
CA GLU O 39 -89.01 -17.52 -56.07
C GLU O 39 -88.55 -18.74 -56.89
N ALA O 40 -88.68 -18.65 -58.22
CA ALA O 40 -88.24 -19.70 -59.18
C ALA O 40 -86.73 -19.96 -59.03
N ALA O 41 -85.93 -18.90 -58.96
CA ALA O 41 -84.46 -18.99 -58.86
C ALA O 41 -84.06 -19.78 -57.61
N GLU O 42 -84.75 -19.52 -56.50
CA GLU O 42 -84.46 -20.16 -55.20
C GLU O 42 -84.85 -21.65 -55.25
N LYS O 43 -86.01 -21.96 -55.82
CA LYS O 43 -86.49 -23.35 -55.98
C LYS O 43 -85.47 -24.14 -56.82
N LEU O 44 -85.04 -23.55 -57.94
CA LEU O 44 -84.14 -24.19 -58.91
C LEU O 44 -82.75 -24.39 -58.27
N ALA O 45 -82.27 -23.39 -57.53
CA ALA O 45 -80.99 -23.48 -56.79
C ALA O 45 -81.07 -24.64 -55.80
N GLY O 46 -82.18 -24.74 -55.07
CA GLY O 46 -82.39 -25.78 -54.07
C GLY O 46 -82.42 -27.20 -54.66
N ASN O 47 -82.93 -27.40 -55.88
CA ASN O 47 -83.30 -28.75 -56.37
C ASN O 47 -82.78 -29.02 -57.79
N ILE O 48 -81.76 -28.29 -58.22
CA ILE O 48 -81.34 -28.32 -59.65
C ILE O 48 -80.91 -29.76 -60.00
N ASP O 49 -80.19 -30.45 -59.13
CA ASP O 49 -79.69 -31.82 -59.44
C ASP O 49 -80.85 -32.78 -59.78
N ALA O 50 -81.94 -32.74 -59.01
CA ALA O 50 -83.10 -33.64 -59.21
C ALA O 50 -83.80 -33.23 -60.52
N VAL O 51 -83.93 -31.93 -60.76
CA VAL O 51 -84.63 -31.40 -61.96
C VAL O 51 -83.85 -31.80 -63.23
N ALA O 52 -82.53 -31.62 -63.21
CA ALA O 52 -81.62 -31.93 -64.34
C ALA O 52 -81.58 -33.45 -64.59
N THR O 53 -81.53 -34.23 -63.51
CA THR O 53 -81.43 -35.71 -63.63
C THR O 53 -82.67 -36.24 -64.36
N GLU O 54 -83.85 -35.80 -63.92
CA GLU O 54 -85.09 -36.37 -64.51
C GLU O 54 -85.24 -35.88 -65.97
N ALA O 55 -84.78 -34.69 -66.31
CA ALA O 55 -84.77 -34.18 -67.70
C ALA O 55 -83.81 -35.00 -68.58
N TYR O 56 -82.61 -35.30 -68.06
CA TYR O 56 -81.62 -36.16 -68.76
C TYR O 56 -82.25 -37.54 -69.04
N ASN O 57 -82.84 -38.13 -68.00
CA ASN O 57 -83.45 -39.49 -68.06
C ASN O 57 -84.57 -39.48 -69.12
N ALA O 58 -85.33 -38.41 -69.18
CA ALA O 58 -86.44 -38.26 -70.15
C ALA O 58 -85.87 -38.26 -71.58
N CYS O 59 -84.76 -37.57 -71.85
CA CYS O 59 -84.28 -37.43 -73.24
C CYS O 59 -83.68 -38.77 -73.69
N ILE O 60 -83.08 -39.54 -72.77
CA ILE O 60 -82.50 -40.88 -73.11
C ILE O 60 -83.65 -41.89 -73.29
N LYS O 61 -84.70 -41.76 -72.49
CA LYS O 61 -85.91 -42.59 -72.65
C LYS O 61 -86.50 -42.37 -74.05
N LYS O 62 -86.47 -41.14 -74.56
CA LYS O 62 -87.05 -40.83 -75.89
C LYS O 62 -86.12 -41.33 -77.01
N TYR O 63 -84.80 -41.34 -76.79
CA TYR O 63 -83.79 -41.64 -77.84
C TYR O 63 -82.83 -42.73 -77.35
N PRO O 64 -83.33 -43.95 -77.05
CA PRO O 64 -82.47 -45.01 -76.53
C PRO O 64 -81.35 -45.42 -77.49
N TYR O 65 -81.47 -45.11 -78.79
CA TYR O 65 -80.39 -45.33 -79.78
C TYR O 65 -79.10 -44.66 -79.29
N LEU O 66 -79.18 -43.61 -78.47
CA LEU O 66 -77.98 -42.90 -77.94
C LEU O 66 -77.12 -43.86 -77.11
N ASN O 67 -77.70 -44.95 -76.61
CA ASN O 67 -76.99 -45.95 -75.78
C ASN O 67 -76.14 -46.91 -76.63
N ASN O 68 -76.41 -47.01 -77.93
CA ASN O 68 -75.71 -47.96 -78.84
C ASN O 68 -74.26 -47.51 -79.02
N ALA O 69 -73.38 -48.49 -79.19
CA ALA O 69 -71.94 -48.33 -79.46
C ALA O 69 -71.73 -47.18 -80.44
N GLY O 70 -70.88 -46.22 -80.08
CA GLY O 70 -70.45 -45.10 -80.94
C GLY O 70 -71.40 -43.90 -80.88
N GLU O 71 -72.55 -44.02 -80.23
CA GLU O 71 -73.54 -42.92 -80.13
C GLU O 71 -73.26 -42.08 -78.86
N ALA O 72 -73.96 -40.95 -78.75
CA ALA O 72 -73.60 -39.82 -77.85
C ALA O 72 -73.84 -40.14 -76.37
N ASN O 73 -74.53 -41.22 -76.01
CA ASN O 73 -74.79 -41.57 -74.59
C ASN O 73 -74.22 -42.96 -74.28
N SER O 74 -73.24 -43.42 -75.07
CA SER O 74 -72.85 -44.86 -75.14
C SER O 74 -71.74 -45.20 -74.13
N THR O 75 -70.99 -44.23 -73.64
CA THR O 75 -69.91 -44.45 -72.64
C THR O 75 -70.26 -43.71 -71.36
N ASP O 76 -69.55 -44.01 -70.27
CA ASP O 76 -69.78 -43.41 -68.94
C ASP O 76 -69.43 -41.91 -69.01
N THR O 77 -68.35 -41.56 -69.71
CA THR O 77 -67.93 -40.16 -69.95
C THR O 77 -69.04 -39.41 -70.69
N PHE O 78 -69.55 -39.98 -71.78
CA PHE O 78 -70.62 -39.38 -72.61
C PHE O 78 -71.86 -39.17 -71.74
N LYS O 79 -72.25 -40.21 -71.00
CA LYS O 79 -73.45 -40.15 -70.12
C LYS O 79 -73.30 -38.99 -69.13
N ALA O 80 -72.13 -38.89 -68.52
CA ALA O 80 -71.86 -37.86 -67.49
C ALA O 80 -71.85 -36.46 -68.17
N LYS O 81 -71.31 -36.35 -69.38
CA LYS O 81 -71.23 -35.04 -70.07
C LYS O 81 -72.66 -34.62 -70.46
N CYS O 82 -73.48 -35.55 -70.92
CA CYS O 82 -74.84 -35.22 -71.37
C CYS O 82 -75.66 -34.67 -70.19
N ALA O 83 -75.62 -35.37 -69.05
CA ALA O 83 -76.32 -34.96 -67.81
C ALA O 83 -75.79 -33.60 -67.35
N ARG O 84 -74.47 -33.42 -67.41
CA ARG O 84 -73.79 -32.15 -67.08
C ARG O 84 -74.35 -31.03 -67.98
N ASP O 85 -74.48 -31.30 -69.28
CA ASP O 85 -74.96 -30.27 -70.23
C ASP O 85 -76.37 -29.83 -69.84
N ILE O 86 -77.25 -30.75 -69.46
CA ILE O 86 -78.64 -30.42 -69.07
C ILE O 86 -78.58 -29.52 -67.82
N LYS O 87 -77.73 -29.88 -66.86
CA LYS O 87 -77.56 -29.06 -65.64
C LYS O 87 -77.03 -27.67 -65.99
N HIS O 88 -76.08 -27.56 -66.93
CA HIS O 88 -75.55 -26.28 -67.46
C HIS O 88 -76.71 -25.38 -67.90
N TYR O 89 -77.58 -25.89 -68.77
CA TYR O 89 -78.72 -25.10 -69.28
C TYR O 89 -79.62 -24.64 -68.13
N LEU O 90 -79.91 -25.52 -67.18
CA LEU O 90 -80.78 -25.18 -66.01
C LEU O 90 -80.08 -24.16 -65.11
N ARG O 91 -78.75 -24.24 -64.94
CA ARG O 91 -78.00 -23.26 -64.15
C ARG O 91 -78.08 -21.90 -64.86
N LEU O 92 -77.94 -21.88 -66.18
CA LEU O 92 -78.03 -20.60 -66.93
C LEU O 92 -79.45 -20.06 -66.81
N ILE O 93 -80.46 -20.93 -66.74
CA ILE O 93 -81.87 -20.49 -66.56
C ILE O 93 -82.02 -19.90 -65.15
N GLN O 94 -81.41 -20.54 -64.14
CA GLN O 94 -81.38 -19.96 -62.77
C GLN O 94 -80.79 -18.54 -62.83
N TYR O 95 -79.69 -18.35 -63.57
CA TYR O 95 -79.02 -17.04 -63.72
C TYR O 95 -79.98 -16.02 -64.36
N CYS O 96 -80.72 -16.43 -65.41
CA CYS O 96 -81.69 -15.56 -66.13
C CYS O 96 -82.80 -15.13 -65.16
N LEU O 97 -83.27 -16.03 -64.29
CA LEU O 97 -84.31 -15.71 -63.29
C LEU O 97 -83.77 -14.68 -62.27
N VAL O 98 -82.50 -14.78 -61.91
CA VAL O 98 -81.84 -13.85 -60.95
C VAL O 98 -81.75 -12.46 -61.61
N VAL O 99 -81.42 -12.42 -62.89
CA VAL O 99 -81.05 -11.18 -63.63
C VAL O 99 -82.32 -10.54 -64.22
N GLY O 100 -83.33 -11.35 -64.55
CA GLY O 100 -84.56 -10.90 -65.23
C GLY O 100 -84.31 -10.60 -66.69
N GLY O 101 -83.44 -11.37 -67.32
CA GLY O 101 -83.16 -11.27 -68.77
C GLY O 101 -82.64 -12.60 -69.29
N THR O 102 -82.53 -12.73 -70.60
CA THR O 102 -81.94 -13.91 -71.28
C THR O 102 -80.42 -13.79 -71.32
N GLY O 103 -79.85 -12.66 -70.88
CA GLY O 103 -78.40 -12.39 -70.96
C GLY O 103 -77.52 -13.62 -70.73
N PRO O 104 -77.58 -14.23 -69.53
CA PRO O 104 -76.71 -15.37 -69.20
C PRO O 104 -76.88 -16.55 -70.17
N LEU O 105 -78.10 -16.82 -70.60
CA LEU O 105 -78.41 -17.91 -71.55
C LEU O 105 -77.87 -17.54 -72.94
N ASP O 106 -78.09 -16.30 -73.36
CA ASP O 106 -77.58 -15.74 -74.64
C ASP O 106 -76.06 -15.90 -74.72
N GLU O 107 -75.36 -15.46 -73.68
CA GLU O 107 -73.89 -15.27 -73.74
C GLU O 107 -73.17 -16.58 -73.45
N TRP O 108 -73.69 -17.42 -72.56
CA TRP O 108 -72.94 -18.58 -72.00
C TRP O 108 -73.51 -19.93 -72.46
N GLY O 109 -74.73 -19.97 -72.98
CA GLY O 109 -75.32 -21.23 -73.45
C GLY O 109 -75.50 -21.23 -74.94
N ILE O 110 -76.23 -20.24 -75.46
CA ILE O 110 -76.73 -20.26 -76.86
C ILE O 110 -75.61 -19.88 -77.83
N ALA O 111 -74.84 -18.83 -77.56
CA ALA O 111 -73.73 -18.41 -78.45
C ALA O 111 -72.74 -19.56 -78.60
N GLY O 112 -72.57 -20.06 -79.82
CA GLY O 112 -71.61 -21.14 -80.13
C GLY O 112 -72.19 -22.55 -79.96
N GLN O 113 -73.38 -22.73 -79.39
CA GLN O 113 -73.92 -24.08 -79.10
C GLN O 113 -73.97 -24.87 -80.40
N ARG O 114 -74.41 -24.27 -81.49
CA ARG O 114 -74.62 -25.00 -82.76
C ARG O 114 -73.27 -25.39 -83.35
N GLU O 115 -72.27 -24.53 -83.33
CA GLU O 115 -70.89 -24.84 -83.80
C GLU O 115 -70.34 -26.03 -82.99
N VAL O 116 -70.55 -26.05 -81.68
CA VAL O 116 -69.97 -27.12 -80.81
C VAL O 116 -70.66 -28.44 -81.14
N TYR O 117 -71.98 -28.46 -81.19
CA TYR O 117 -72.76 -29.72 -81.36
C TYR O 117 -72.51 -30.27 -82.76
N ARG O 118 -72.40 -29.40 -83.74
CA ARG O 118 -72.08 -29.80 -85.13
C ARG O 118 -70.69 -30.45 -85.15
N ALA O 119 -69.71 -29.84 -84.47
CA ALA O 119 -68.30 -30.29 -84.50
C ALA O 119 -68.19 -31.67 -83.84
N LEU O 120 -68.99 -31.95 -82.81
CA LEU O 120 -68.90 -33.21 -82.03
C LEU O 120 -69.98 -34.20 -82.46
N GLY O 121 -70.73 -33.90 -83.52
CA GLY O 121 -71.82 -34.77 -84.00
C GLY O 121 -72.88 -35.03 -82.92
N LEU O 122 -73.13 -34.05 -82.07
CA LEU O 122 -74.20 -34.15 -81.04
C LEU O 122 -75.50 -33.71 -81.69
N PRO O 123 -76.52 -34.59 -81.73
CA PRO O 123 -77.86 -34.20 -82.18
C PRO O 123 -78.45 -33.19 -81.18
N THR O 124 -79.21 -32.23 -81.66
CA THR O 124 -79.90 -31.21 -80.83
C THR O 124 -81.18 -31.78 -80.23
N ALA O 125 -81.82 -32.76 -80.87
CA ALA O 125 -83.15 -33.27 -80.45
C ALA O 125 -83.14 -33.68 -78.97
N PRO O 126 -82.13 -34.42 -78.46
CA PRO O 126 -82.13 -34.80 -77.05
C PRO O 126 -82.11 -33.58 -76.11
N TYR O 127 -81.37 -32.54 -76.48
CA TYR O 127 -81.34 -31.29 -75.68
C TYR O 127 -82.75 -30.70 -75.64
N VAL O 128 -83.43 -30.66 -76.78
CA VAL O 128 -84.81 -30.12 -76.90
C VAL O 128 -85.77 -30.94 -76.03
N GLU O 129 -85.62 -32.27 -76.06
CA GLU O 129 -86.50 -33.19 -75.30
C GLU O 129 -86.30 -32.97 -73.78
N ALA O 130 -85.05 -32.85 -73.34
CA ALA O 130 -84.70 -32.61 -71.92
C ALA O 130 -85.38 -31.31 -71.47
N LEU O 131 -85.23 -30.24 -72.21
CA LEU O 131 -85.77 -28.91 -71.81
C LEU O 131 -87.28 -28.96 -71.90
N SER O 132 -87.80 -29.62 -72.95
CA SER O 132 -89.26 -29.79 -73.17
C SER O 132 -89.87 -30.56 -72.00
N PHE O 133 -89.22 -31.62 -71.57
CA PHE O 133 -89.66 -32.36 -70.37
C PHE O 133 -89.73 -31.40 -69.16
N ALA O 134 -88.66 -30.64 -68.93
CA ALA O 134 -88.58 -29.71 -67.78
C ALA O 134 -89.71 -28.67 -67.87
N ARG O 135 -89.99 -28.21 -69.09
CA ARG O 135 -91.04 -27.20 -69.40
C ARG O 135 -92.43 -27.74 -69.02
N ASN O 136 -92.70 -29.02 -69.26
CA ASN O 136 -94.03 -29.63 -69.06
C ASN O 136 -94.18 -30.16 -67.62
N ARG O 137 -93.09 -30.21 -66.85
CA ARG O 137 -93.05 -30.97 -65.57
C ARG O 137 -93.71 -30.17 -64.44
N GLY O 138 -93.42 -28.88 -64.36
CA GLY O 138 -93.80 -28.05 -63.21
C GLY O 138 -95.30 -27.80 -63.17
N CYS O 139 -95.85 -27.64 -61.98
CA CYS O 139 -97.22 -27.14 -61.80
C CYS O 139 -97.28 -26.30 -60.53
N ALA O 140 -98.22 -25.34 -60.53
CA ALA O 140 -98.48 -24.41 -59.43
C ALA O 140 -99.84 -24.75 -58.82
N PRO O 141 -100.01 -24.61 -57.50
CA PRO O 141 -98.97 -24.09 -56.60
C PRO O 141 -98.00 -25.13 -56.01
N ARG O 142 -98.06 -26.39 -56.44
CA ARG O 142 -97.21 -27.47 -55.87
C ARG O 142 -95.75 -27.02 -55.82
N ASP O 143 -95.16 -26.68 -56.98
CA ASP O 143 -93.70 -26.49 -57.16
C ASP O 143 -93.31 -25.05 -56.81
N MET O 144 -94.22 -24.10 -56.98
CA MET O 144 -93.97 -22.64 -56.84
C MET O 144 -95.25 -21.93 -57.28
N SER O 145 -95.33 -20.60 -57.10
CA SER O 145 -96.53 -19.82 -57.50
C SER O 145 -96.67 -19.85 -59.03
N ALA O 146 -97.86 -19.56 -59.53
CA ALA O 146 -98.18 -19.56 -60.98
C ALA O 146 -97.23 -18.60 -61.73
N GLN O 147 -96.96 -17.41 -61.18
CA GLN O 147 -96.10 -16.39 -61.86
C GLN O 147 -94.63 -16.87 -61.84
N ALA O 148 -94.17 -17.48 -60.75
CA ALA O 148 -92.81 -18.06 -60.67
C ALA O 148 -92.68 -19.10 -61.78
N LEU O 149 -93.66 -19.98 -61.92
CA LEU O 149 -93.61 -21.07 -62.91
C LEU O 149 -93.69 -20.49 -64.34
N THR O 150 -94.43 -19.40 -64.53
CA THR O 150 -94.54 -18.72 -65.83
C THR O 150 -93.14 -18.26 -66.29
N GLU O 151 -92.39 -17.64 -65.38
CA GLU O 151 -91.03 -17.11 -65.59
C GLU O 151 -90.10 -18.25 -65.97
N TYR O 152 -90.15 -19.34 -65.22
CA TYR O 152 -89.31 -20.54 -65.43
C TYR O 152 -89.61 -21.15 -66.80
N ASN O 153 -90.90 -21.33 -67.10
CA ASN O 153 -91.36 -21.94 -68.36
C ASN O 153 -90.95 -21.06 -69.56
N ALA O 154 -91.04 -19.74 -69.44
CA ALA O 154 -90.69 -18.80 -70.54
C ALA O 154 -89.20 -18.97 -70.92
N LEU O 155 -88.35 -19.14 -69.91
CA LEU O 155 -86.89 -19.26 -70.16
C LEU O 155 -86.58 -20.64 -70.76
N LEU O 156 -87.28 -21.68 -70.33
CA LEU O 156 -87.15 -23.02 -70.95
C LEU O 156 -87.59 -22.96 -72.42
N ASP O 157 -88.71 -22.30 -72.71
CA ASP O 157 -89.23 -22.17 -74.09
C ASP O 157 -88.21 -21.39 -74.96
N TYR O 158 -87.59 -20.37 -74.37
CA TYR O 158 -86.56 -19.56 -75.05
C TYR O 158 -85.38 -20.48 -75.44
N ALA O 159 -84.89 -21.29 -74.50
CA ALA O 159 -83.77 -22.22 -74.77
C ALA O 159 -84.20 -23.21 -75.85
N ILE O 160 -85.42 -23.74 -75.74
CA ILE O 160 -85.94 -24.74 -76.72
C ILE O 160 -85.95 -24.10 -78.11
N ASN O 161 -86.49 -22.89 -78.21
CA ASN O 161 -86.54 -22.13 -79.50
C ASN O 161 -85.12 -22.00 -80.09
N SER O 162 -84.11 -21.71 -79.26
CA SER O 162 -82.71 -21.48 -79.70
C SER O 162 -82.13 -22.74 -80.35
N LEU O 163 -82.62 -23.93 -79.95
CA LEU O 163 -82.12 -25.23 -80.43
C LEU O 163 -83.01 -25.80 -81.53
N SER O 164 -84.07 -25.09 -81.90
CA SER O 164 -85.09 -25.59 -82.88
C SER O 164 -85.05 -24.71 -84.14
N MET P 1 -71.91 -4.40 -69.37
CA MET P 1 -71.85 -3.98 -67.97
C MET P 1 -72.64 -4.97 -67.12
N LEU P 2 -72.40 -4.96 -65.83
CA LEU P 2 -73.16 -5.74 -64.84
C LEU P 2 -74.06 -4.80 -64.03
N ASP P 3 -75.09 -5.37 -63.46
CA ASP P 3 -75.89 -4.74 -62.38
C ASP P 3 -75.68 -5.62 -61.15
N ALA P 4 -76.32 -5.27 -60.04
CA ALA P 4 -76.10 -5.99 -58.77
C ALA P 4 -76.43 -7.48 -58.94
N PHE P 5 -77.40 -7.81 -59.79
CA PHE P 5 -77.91 -9.19 -59.93
C PHE P 5 -76.95 -9.99 -60.80
N SER P 6 -76.52 -9.43 -61.93
CA SER P 6 -75.58 -10.13 -62.82
C SER P 6 -74.20 -10.17 -62.16
N ARG P 7 -73.90 -9.27 -61.22
CA ARG P 7 -72.68 -9.39 -60.40
C ARG P 7 -72.73 -10.70 -59.60
N ALA P 8 -73.86 -11.02 -58.96
CA ALA P 8 -74.06 -12.26 -58.18
C ALA P 8 -73.90 -13.48 -59.10
N VAL P 9 -74.45 -13.42 -60.31
CA VAL P 9 -74.32 -14.49 -61.32
C VAL P 9 -72.83 -14.72 -61.69
N VAL P 10 -72.09 -13.67 -62.02
CA VAL P 10 -70.65 -13.78 -62.42
C VAL P 10 -69.84 -14.40 -61.27
N SER P 11 -70.09 -13.99 -60.03
CA SER P 11 -69.43 -14.55 -58.84
C SER P 11 -69.74 -16.05 -58.73
N ALA P 12 -71.00 -16.45 -58.90
CA ALA P 12 -71.43 -17.86 -58.82
C ALA P 12 -70.79 -18.67 -59.95
N ASP P 13 -70.64 -18.07 -61.14
CA ASP P 13 -70.14 -18.82 -62.32
C ASP P 13 -68.67 -19.17 -62.13
N ALA P 14 -67.94 -18.50 -61.24
CA ALA P 14 -66.52 -18.80 -60.94
C ALA P 14 -66.38 -20.19 -60.34
N SER P 15 -67.45 -20.76 -59.78
CA SER P 15 -67.47 -22.17 -59.30
C SER P 15 -68.58 -22.97 -60.02
N THR P 16 -69.04 -22.50 -61.18
CA THR P 16 -70.20 -23.09 -61.94
C THR P 16 -71.27 -23.54 -60.97
N SER P 17 -71.66 -22.67 -60.04
CA SER P 17 -72.70 -22.92 -59.01
CA SER P 17 -72.70 -22.93 -59.02
C SER P 17 -73.95 -22.07 -59.29
N THR P 18 -75.10 -22.51 -58.81
CA THR P 18 -76.34 -21.69 -58.77
C THR P 18 -76.09 -20.52 -57.81
N VAL P 19 -76.85 -19.45 -57.99
CA VAL P 19 -76.92 -18.34 -57.01
C VAL P 19 -77.81 -18.83 -55.87
N SER P 20 -77.25 -18.97 -54.67
CA SER P 20 -77.94 -19.54 -53.49
C SER P 20 -78.40 -18.43 -52.53
N ASP P 21 -77.74 -17.27 -52.50
CA ASP P 21 -78.08 -16.18 -51.56
C ASP P 21 -79.21 -15.32 -52.14
N ILE P 22 -80.42 -15.88 -52.17
CA ILE P 22 -81.61 -15.21 -52.72
C ILE P 22 -82.06 -14.13 -51.74
N ALA P 23 -81.77 -14.29 -50.45
CA ALA P 23 -82.14 -13.30 -49.40
C ALA P 23 -81.52 -11.95 -49.74
N ALA P 24 -80.24 -11.93 -50.10
CA ALA P 24 -79.54 -10.67 -50.48
C ALA P 24 -80.23 -10.06 -51.71
N LEU P 25 -80.64 -10.89 -52.67
CA LEU P 25 -81.29 -10.38 -53.89
C LEU P 25 -82.64 -9.78 -53.50
N ARG P 26 -83.35 -10.40 -52.57
CA ARG P 26 -84.67 -9.89 -52.11
C ARG P 26 -84.46 -8.54 -51.42
N ALA P 27 -83.37 -8.40 -50.69
CA ALA P 27 -83.00 -7.13 -50.01
C ALA P 27 -82.77 -6.05 -51.08
N PHE P 28 -82.09 -6.35 -52.18
CA PHE P 28 -81.87 -5.38 -53.29
C PHE P 28 -83.24 -4.89 -53.76
N VAL P 29 -84.16 -5.82 -54.02
CA VAL P 29 -85.50 -5.51 -54.60
C VAL P 29 -86.29 -4.63 -53.62
N ALA P 30 -86.21 -4.92 -52.33
CA ALA P 30 -86.97 -4.21 -51.27
C ALA P 30 -86.49 -2.76 -51.18
N SER P 31 -85.25 -2.45 -51.53
CA SER P 31 -84.72 -1.06 -51.53
C SER P 31 -84.88 -0.45 -52.93
N GLY P 32 -85.55 -1.13 -53.85
CA GLY P 32 -85.73 -0.67 -55.24
C GLY P 32 -86.33 0.73 -55.34
N ASN P 33 -87.44 0.98 -54.66
CA ASN P 33 -88.15 2.29 -54.71
C ASN P 33 -87.22 3.40 -54.18
N ARG P 34 -86.55 3.17 -53.06
CA ARG P 34 -85.71 4.23 -52.48
C ARG P 34 -84.52 4.45 -53.43
N ARG P 35 -84.03 3.41 -54.08
CA ARG P 35 -82.92 3.54 -55.06
C ARG P 35 -83.38 4.45 -56.21
N LEU P 36 -84.60 4.25 -56.70
CA LEU P 36 -85.14 5.11 -57.80
C LEU P 36 -85.25 6.53 -57.27
N ASP P 37 -85.66 6.74 -56.03
CA ASP P 37 -85.69 8.11 -55.44
C ASP P 37 -84.27 8.69 -55.44
N ALA P 38 -83.26 7.91 -55.10
CA ALA P 38 -81.86 8.39 -54.99
C ALA P 38 -81.36 8.83 -56.38
N VAL P 39 -81.64 8.04 -57.42
CA VAL P 39 -81.22 8.36 -58.82
C VAL P 39 -81.97 9.62 -59.27
N ASN P 40 -83.26 9.69 -58.98
CA ASN P 40 -84.11 10.84 -59.35
C ASN P 40 -83.58 12.10 -58.65
N ALA P 41 -83.15 12.02 -57.40
CA ALA P 41 -82.60 13.18 -56.65
C ALA P 41 -81.35 13.72 -57.34
N ILE P 42 -80.48 12.85 -57.85
CA ILE P 42 -79.27 13.32 -58.57
C ILE P 42 -79.62 13.82 -59.96
N ALA P 43 -80.26 13.01 -60.80
CA ALA P 43 -80.63 13.39 -62.19
C ALA P 43 -81.38 14.72 -62.19
N SER P 44 -82.37 14.88 -61.32
CA SER P 44 -83.24 16.10 -61.25
C SER P 44 -82.42 17.36 -60.91
N ASN P 45 -81.26 17.22 -60.24
CA ASN P 45 -80.47 18.37 -59.74
C ASN P 45 -79.08 18.41 -60.39
N ALA P 46 -78.87 17.65 -61.47
CA ALA P 46 -77.53 17.45 -62.07
C ALA P 46 -76.91 18.78 -62.53
N SER P 47 -77.67 19.66 -63.16
CA SER P 47 -77.21 20.97 -63.68
C SER P 47 -76.66 21.81 -62.52
N CYS P 48 -77.45 21.93 -61.46
CA CYS P 48 -77.05 22.73 -60.29
C CYS P 48 -75.78 22.10 -59.68
N MET P 49 -75.73 20.78 -59.59
CA MET P 49 -74.58 20.08 -58.98
C MET P 49 -73.30 20.36 -59.78
N VAL P 50 -73.35 20.19 -61.11
CA VAL P 50 -72.16 20.33 -61.97
C VAL P 50 -71.64 21.78 -61.87
N SER P 51 -72.51 22.78 -62.06
CA SER P 51 -72.04 24.17 -62.16
C SER P 51 -71.48 24.58 -60.80
N ASP P 52 -72.11 24.12 -59.71
CA ASP P 52 -71.71 24.49 -58.34
C ASP P 52 -70.38 23.80 -58.01
N ALA P 53 -70.20 22.57 -58.47
CA ALA P 53 -69.00 21.76 -58.18
C ALA P 53 -67.81 22.37 -58.91
N VAL P 54 -67.98 22.72 -60.19
CA VAL P 54 -66.87 23.30 -61.00
C VAL P 54 -66.58 24.72 -60.50
N ALA P 55 -67.61 25.51 -60.20
CA ALA P 55 -67.45 26.86 -59.61
C ALA P 55 -66.72 26.77 -58.26
N GLY P 56 -67.00 25.72 -57.48
CA GLY P 56 -66.39 25.51 -56.15
C GLY P 56 -64.91 25.17 -56.29
N MET P 57 -64.61 24.24 -57.19
CA MET P 57 -63.22 23.89 -57.53
C MET P 57 -62.46 25.19 -57.86
N ILE P 58 -63.08 26.07 -58.65
CA ILE P 58 -62.44 27.31 -59.17
C ILE P 58 -62.31 28.33 -58.04
N CYS P 59 -63.32 28.49 -57.16
CA CYS P 59 -63.23 29.54 -56.12
C CYS P 59 -62.15 29.13 -55.11
N GLU P 60 -61.84 27.83 -54.99
CA GLU P 60 -60.76 27.33 -54.09
C GLU P 60 -59.41 27.38 -54.81
N ASN P 61 -59.37 27.31 -56.15
CA ASN P 61 -58.10 27.41 -56.92
C ASN P 61 -58.33 28.33 -58.12
N GLN P 62 -57.97 29.60 -57.94
CA GLN P 62 -58.17 30.70 -58.93
C GLN P 62 -57.24 30.52 -60.14
N GLY P 63 -56.17 29.73 -60.00
CA GLY P 63 -55.24 29.48 -61.11
C GLY P 63 -55.91 28.80 -62.30
N LEU P 64 -56.99 28.07 -62.06
CA LEU P 64 -57.71 27.35 -63.16
C LEU P 64 -58.23 28.36 -64.20
N ILE P 65 -58.46 29.61 -63.79
CA ILE P 65 -59.02 30.70 -64.66
C ILE P 65 -58.00 31.82 -64.85
N GLN P 66 -56.72 31.56 -64.64
CA GLN P 66 -55.63 32.53 -64.90
C GLN P 66 -54.70 31.97 -65.97
N ALA P 67 -53.71 32.75 -66.41
CA ALA P 67 -52.75 32.36 -67.45
C ALA P 67 -52.24 30.95 -67.17
N GLY P 68 -52.37 30.08 -68.16
CA GLY P 68 -51.89 28.68 -68.16
C GLY P 68 -52.80 27.75 -67.37
N GLY P 69 -53.90 28.23 -66.79
CA GLY P 69 -54.84 27.40 -66.02
C GLY P 69 -55.72 26.57 -66.96
N CYS P 71 -58.92 25.65 -66.93
CA CYS P 71 -60.27 26.13 -67.28
C CYS P 71 -60.19 27.45 -68.07
N TYR P 72 -59.03 27.75 -68.66
CA TYR P 72 -58.79 28.93 -69.53
C TYR P 72 -58.30 28.41 -70.88
N PRO P 73 -58.82 28.91 -72.02
CA PRO P 73 -59.88 29.93 -72.06
C PRO P 73 -61.29 29.32 -72.07
N ASN P 74 -62.25 29.97 -72.76
CA ASN P 74 -63.67 29.56 -72.77
C ASN P 74 -63.79 28.07 -73.11
N ARG P 75 -63.13 27.61 -74.16
CA ARG P 75 -63.17 26.22 -74.67
C ARG P 75 -62.84 25.24 -73.53
N ARG P 76 -61.87 25.54 -72.67
CA ARG P 76 -61.46 24.60 -71.59
C ARG P 76 -62.49 24.61 -70.45
N MET P 77 -63.00 25.78 -70.04
CA MET P 77 -64.10 25.83 -69.06
C MET P 77 -65.26 24.97 -69.55
N ALA P 78 -65.64 25.09 -70.83
CA ALA P 78 -66.76 24.32 -71.40
C ALA P 78 -66.44 22.81 -71.35
N ALA P 79 -65.21 22.42 -71.72
CA ALA P 79 -64.77 21.01 -71.74
C ALA P 79 -64.86 20.43 -70.32
N CYS P 80 -64.53 21.23 -69.31
CA CYS P 80 -64.49 20.81 -67.90
C CYS P 80 -65.92 20.64 -67.38
N LEU P 81 -66.81 21.60 -67.65
CA LEU P 81 -68.24 21.45 -67.32
C LEU P 81 -68.79 20.16 -67.95
N ARG P 82 -68.41 19.87 -69.19
CA ARG P 82 -68.84 18.64 -69.91
CA ARG P 82 -68.87 18.63 -69.90
C ARG P 82 -68.34 17.40 -69.13
N ASP P 83 -67.06 17.41 -68.72
CA ASP P 83 -66.48 16.23 -68.02
C ASP P 83 -67.15 16.00 -66.67
N ALA P 84 -67.41 17.05 -65.90
CA ALA P 84 -68.07 16.92 -64.58
C ALA P 84 -69.47 16.30 -64.80
N GLU P 85 -70.19 16.73 -65.83
CA GLU P 85 -71.51 16.16 -66.16
C GLU P 85 -71.35 14.68 -66.53
N ILE P 86 -70.35 14.33 -67.34
CA ILE P 86 -70.13 12.94 -67.79
C ILE P 86 -69.87 12.06 -66.56
N ILE P 87 -68.94 12.48 -65.73
CA ILE P 87 -68.57 11.71 -64.51
C ILE P 87 -69.85 11.53 -63.67
N LEU P 88 -70.62 12.59 -63.46
CA LEU P 88 -71.83 12.50 -62.59
C LEU P 88 -72.82 11.53 -63.26
N ARG P 89 -72.91 11.56 -64.58
CA ARG P 89 -73.84 10.69 -65.33
C ARG P 89 -73.45 9.22 -65.08
N TYR P 90 -72.18 8.86 -65.20
CA TYR P 90 -71.74 7.46 -65.02
C TYR P 90 -71.94 7.04 -63.56
N VAL P 91 -71.77 7.98 -62.61
CA VAL P 91 -72.01 7.66 -61.18
C VAL P 91 -73.50 7.36 -60.98
N THR P 92 -74.38 8.13 -61.62
CA THR P 92 -75.83 7.91 -61.50
C THR P 92 -76.19 6.57 -62.14
N TYR P 93 -75.51 6.18 -63.23
CA TYR P 93 -75.77 4.87 -63.89
C TYR P 93 -75.42 3.75 -62.91
N ALA P 94 -74.26 3.87 -62.27
CA ALA P 94 -73.76 2.89 -61.28
C ALA P 94 -74.78 2.75 -60.14
N LEU P 95 -75.31 3.88 -59.65
CA LEU P 95 -76.31 3.86 -58.55
C LEU P 95 -77.60 3.20 -59.06
N LEU P 96 -78.00 3.43 -60.30
CA LEU P 96 -79.24 2.83 -60.83
C LEU P 96 -79.04 1.31 -60.95
N ALA P 97 -77.85 0.87 -61.35
CA ALA P 97 -77.50 -0.56 -61.60
C ALA P 97 -77.14 -1.26 -60.28
N GLY P 98 -76.75 -0.51 -59.25
CA GLY P 98 -76.19 -1.09 -58.03
C GLY P 98 -74.87 -1.79 -58.28
N ASP P 99 -74.07 -1.27 -59.21
CA ASP P 99 -72.76 -1.88 -59.57
C ASP P 99 -71.91 -0.84 -60.31
N ALA P 100 -70.60 -0.84 -60.03
CA ALA P 100 -69.64 0.15 -60.56
C ALA P 100 -69.17 -0.23 -61.97
N SER P 101 -69.47 -1.42 -62.48
CA SER P 101 -68.94 -1.86 -63.79
C SER P 101 -69.10 -0.76 -64.86
N VAL P 102 -70.28 -0.16 -65.01
CA VAL P 102 -70.50 0.82 -66.12
C VAL P 102 -69.59 2.04 -65.93
N LEU P 103 -69.41 2.47 -64.69
CA LEU P 103 -68.53 3.61 -64.33
C LEU P 103 -67.07 3.24 -64.63
N ASP P 104 -66.65 2.07 -64.15
CA ASP P 104 -65.27 1.55 -64.32
C ASP P 104 -64.97 1.43 -65.82
N ASP P 105 -65.86 0.80 -66.59
CA ASP P 105 -65.54 0.38 -67.98
C ASP P 105 -65.69 1.55 -68.94
N ARG P 106 -66.69 2.40 -68.75
CA ARG P 106 -67.05 3.40 -69.78
C ARG P 106 -66.52 4.78 -69.41
N CYS P 107 -66.03 5.00 -68.19
CA CYS P 107 -65.63 6.35 -67.75
C CYS P 107 -64.22 6.36 -67.15
N LEU P 108 -63.88 5.46 -66.25
CA LEU P 108 -62.64 5.58 -65.42
C LEU P 108 -61.43 4.90 -66.08
N ASN P 109 -61.68 3.91 -66.94
CA ASN P 109 -60.64 3.12 -67.62
C ASN P 109 -59.86 4.05 -68.57
N GLY P 110 -58.58 4.33 -68.24
CA GLY P 110 -57.71 5.23 -69.02
C GLY P 110 -57.96 6.71 -68.76
N LEU P 111 -58.80 7.08 -67.80
CA LEU P 111 -59.12 8.52 -67.58
C LEU P 111 -57.84 9.20 -67.12
N LYS P 112 -57.13 8.66 -66.12
CA LYS P 112 -55.92 9.33 -65.60
C LYS P 112 -54.90 9.55 -66.73
N GLU P 113 -54.71 8.57 -67.60
CA GLU P 113 -53.72 8.60 -68.70
C GLU P 113 -54.16 9.66 -69.71
N THR P 114 -55.46 9.75 -69.99
CA THR P 114 -56.02 10.79 -70.89
C THR P 114 -55.73 12.16 -70.31
N TYR P 115 -56.03 12.35 -69.03
CA TYR P 115 -55.83 13.65 -68.33
C TYR P 115 -54.34 13.97 -68.32
N ALA P 116 -53.48 12.97 -68.11
CA ALA P 116 -52.01 13.16 -68.11
C ALA P 116 -51.59 13.72 -69.47
N ALA P 117 -52.07 13.09 -70.53
CA ALA P 117 -51.75 13.44 -71.94
C ALA P 117 -52.26 14.85 -72.27
N LEU P 118 -53.37 15.29 -71.68
CA LEU P 118 -53.99 16.60 -72.02
C LEU P 118 -53.46 17.71 -71.12
N GLY P 119 -52.88 17.37 -69.97
CA GLY P 119 -52.51 18.35 -68.91
C GLY P 119 -53.70 18.77 -68.06
N VAL P 120 -54.73 17.93 -67.97
CA VAL P 120 -55.88 18.22 -67.08
C VAL P 120 -55.44 17.88 -65.66
N PRO P 121 -55.53 18.83 -64.69
CA PRO P 121 -55.15 18.55 -63.30
C PRO P 121 -56.10 17.54 -62.63
N THR P 122 -55.56 16.44 -62.15
CA THR P 122 -56.30 15.37 -61.46
C THR P 122 -56.65 15.85 -60.05
N THR P 123 -55.79 16.65 -59.43
CA THR P 123 -56.02 17.21 -58.09
C THR P 123 -57.31 18.05 -58.13
N SER P 124 -57.38 19.01 -59.03
CA SER P 124 -58.54 19.93 -59.06
C SER P 124 -59.77 19.11 -59.45
N THR P 125 -59.61 18.09 -60.31
CA THR P 125 -60.76 17.24 -60.71
C THR P 125 -61.28 16.52 -59.48
N VAL P 126 -60.38 15.98 -58.65
CA VAL P 126 -60.73 15.27 -57.40
C VAL P 126 -61.56 16.20 -56.52
N ARG P 127 -61.20 17.48 -56.45
CA ARG P 127 -61.96 18.44 -55.62
C ARG P 127 -63.38 18.61 -56.19
N ALA P 128 -63.54 18.79 -57.51
CA ALA P 128 -64.88 18.87 -58.15
C ALA P 128 -65.71 17.63 -57.79
N VAL P 129 -65.11 16.45 -57.84
CA VAL P 129 -65.80 15.17 -57.53
C VAL P 129 -66.15 15.14 -56.03
N GLN P 130 -65.28 15.62 -55.14
CA GLN P 130 -65.59 15.69 -53.68
C GLN P 130 -66.87 16.51 -53.49
N ILE P 131 -67.00 17.64 -54.18
CA ILE P 131 -68.15 18.56 -53.97
C ILE P 131 -69.41 17.85 -54.47
N MET P 132 -69.33 17.19 -55.63
CA MET P 132 -70.49 16.46 -56.21
C MET P 132 -70.88 15.34 -55.23
N LYS P 133 -69.90 14.67 -54.62
CA LYS P 133 -70.17 13.61 -53.64
C LYS P 133 -70.98 14.18 -52.47
N ALA P 134 -70.59 15.34 -51.95
CA ALA P 134 -71.30 15.99 -50.83
C ALA P 134 -72.70 16.42 -51.32
N GLN P 135 -72.80 16.96 -52.52
CA GLN P 135 -74.09 17.44 -53.07
C GLN P 135 -75.03 16.23 -53.15
N ALA P 136 -74.54 15.12 -53.71
CA ALA P 136 -75.34 13.89 -53.94
C ALA P 136 -75.87 13.37 -52.61
N ALA P 137 -75.02 13.30 -51.60
CA ALA P 137 -75.39 12.84 -50.23
C ALA P 137 -76.58 13.67 -49.73
N ALA P 138 -76.49 14.99 -49.80
CA ALA P 138 -77.55 15.92 -49.36
C ALA P 138 -78.82 15.70 -50.18
N HIS P 139 -78.74 15.61 -51.51
CA HIS P 139 -79.96 15.45 -52.37
C HIS P 139 -80.62 14.09 -52.11
N ILE P 140 -79.83 13.02 -51.89
CA ILE P 140 -80.41 11.67 -51.63
C ILE P 140 -81.20 11.72 -50.31
N GLN P 141 -80.64 12.37 -49.30
CA GLN P 141 -81.25 12.54 -47.95
C GLN P 141 -82.35 13.60 -47.98
N ASP P 142 -82.49 14.34 -49.07
CA ASP P 142 -83.46 15.44 -49.21
C ASP P 142 -83.23 16.47 -48.09
N THR P 143 -81.96 16.81 -47.83
CA THR P 143 -81.54 17.82 -46.82
C THR P 143 -80.54 18.82 -47.41
N PRO P 144 -80.72 19.32 -48.65
CA PRO P 144 -79.82 20.33 -49.19
C PRO P 144 -79.92 21.59 -48.33
N SER P 145 -78.79 22.24 -48.06
CA SER P 145 -78.73 23.48 -47.27
C SER P 145 -79.10 24.68 -48.15
N GLU P 146 -79.81 25.66 -47.58
CA GLU P 146 -80.08 26.96 -48.21
C GLU P 146 -78.76 27.70 -48.42
N ALA P 147 -77.79 27.57 -47.52
CA ALA P 147 -76.50 28.29 -47.60
C ALA P 147 -75.82 28.00 -48.95
N ARG P 148 -75.84 26.73 -49.43
CA ARG P 148 -75.09 26.37 -50.66
CA ARG P 148 -75.09 26.31 -50.65
C ARG P 148 -76.00 26.38 -51.89
N ALA P 149 -77.32 26.45 -51.71
CA ALA P 149 -78.31 26.40 -52.81
C ALA P 149 -78.85 27.79 -53.16
N GLY P 150 -79.05 28.64 -52.15
CA GLY P 150 -79.80 29.90 -52.29
C GLY P 150 -81.15 29.68 -52.94
N ALA P 151 -81.46 30.47 -53.97
CA ALA P 151 -82.76 30.45 -54.70
C ALA P 151 -82.91 29.16 -55.52
N LYS P 152 -81.86 28.37 -55.68
CA LYS P 152 -81.86 27.14 -56.54
C LYS P 152 -82.21 25.90 -55.70
N LEU P 153 -82.44 26.06 -54.40
CA LEU P 153 -82.81 24.94 -53.49
C LEU P 153 -83.96 24.14 -54.11
N ARG P 154 -83.83 22.81 -54.12
CA ARG P 154 -84.90 21.87 -54.56
C ARG P 154 -85.18 20.81 -53.50
N LYS P 155 -86.46 20.47 -53.31
CA LYS P 155 -86.94 19.48 -52.30
C LYS P 155 -87.67 18.38 -53.08
N MET P 156 -87.31 17.11 -52.85
CA MET P 156 -87.78 15.95 -53.66
C MET P 156 -89.11 15.40 -53.11
N GLY P 157 -89.32 15.43 -51.80
CA GLY P 157 -90.55 14.94 -51.15
C GLY P 157 -90.67 13.42 -51.14
N SER P 158 -89.55 12.70 -51.17
CA SER P 158 -89.53 11.23 -50.98
C SER P 158 -89.98 10.91 -49.56
N PRO P 159 -90.66 9.76 -49.32
CA PRO P 159 -91.18 9.42 -47.99
C PRO P 159 -90.06 9.16 -46.97
N VAL P 160 -90.04 9.91 -45.88
CA VAL P 160 -88.87 10.03 -44.97
C VAL P 160 -88.79 8.82 -44.05
N VAL P 161 -87.57 8.28 -43.86
CA VAL P 161 -87.22 7.35 -42.76
C VAL P 161 -86.09 7.99 -41.93
N GLU P 162 -85.89 7.51 -40.70
CA GLU P 162 -84.96 8.11 -39.72
C GLU P 162 -83.54 8.18 -40.31
N ASP P 163 -83.06 7.10 -40.92
CA ASP P 163 -81.67 6.97 -41.46
C ASP P 163 -81.49 7.78 -42.76
N ARG P 164 -82.58 8.20 -43.42
CA ARG P 164 -82.55 9.01 -44.68
C ARG P 164 -81.68 8.31 -45.73
N CYS P 165 -81.83 6.98 -45.86
CA CYS P 165 -81.20 6.16 -46.92
C CYS P 165 -79.69 6.19 -46.76
N ALA P 166 -79.19 6.05 -45.53
CA ALA P 166 -77.77 6.04 -45.19
C ALA P 166 -77.03 5.03 -46.09
N SER P 167 -77.62 3.86 -46.32
CA SER P 167 -76.98 2.77 -47.10
CA SER P 167 -76.95 2.77 -47.11
C SER P 167 -76.82 3.21 -48.57
N LEU P 168 -77.84 3.84 -49.15
CA LEU P 168 -77.73 4.39 -50.53
C LEU P 168 -76.74 5.55 -50.55
N VAL P 169 -76.71 6.39 -49.52
CA VAL P 169 -75.72 7.50 -49.47
C VAL P 169 -74.30 6.91 -49.50
N ALA P 170 -74.05 5.87 -48.72
CA ALA P 170 -72.71 5.24 -48.61
C ALA P 170 -72.33 4.64 -49.98
N GLU P 171 -73.30 3.99 -50.62
CA GLU P 171 -73.08 3.34 -51.94
C GLU P 171 -72.73 4.43 -52.96
N ALA P 172 -73.56 5.45 -53.08
CA ALA P 172 -73.32 6.60 -53.99
C ALA P 172 -71.92 7.16 -53.69
N SER P 173 -71.61 7.40 -52.43
CA SER P 173 -70.30 7.97 -52.00
C SER P 173 -69.14 7.05 -52.45
N SER P 174 -69.33 5.74 -52.34
CA SER P 174 -68.29 4.77 -52.76
C SER P 174 -68.03 4.87 -54.28
N TYR P 175 -69.04 5.22 -55.09
CA TYR P 175 -68.85 5.37 -56.56
C TYR P 175 -68.01 6.62 -56.83
N PHE P 176 -68.32 7.73 -56.18
CA PHE P 176 -67.53 8.98 -56.28
C PHE P 176 -66.10 8.67 -55.85
N ASP P 177 -65.94 7.87 -54.79
CA ASP P 177 -64.60 7.50 -54.28
C ASP P 177 -63.85 6.65 -55.30
N ARG P 178 -64.54 5.84 -56.12
CA ARG P 178 -63.84 5.12 -57.20
C ARG P 178 -63.29 6.12 -58.22
N VAL P 179 -64.03 7.20 -58.51
CA VAL P 179 -63.54 8.25 -59.45
C VAL P 179 -62.26 8.82 -58.85
N ILE P 180 -62.33 9.26 -57.61
CA ILE P 180 -61.18 9.89 -56.91
C ILE P 180 -60.01 8.91 -56.91
N SER P 181 -60.23 7.64 -56.57
CA SER P 181 -59.15 6.61 -56.57
C SER P 181 -58.56 6.49 -57.98
N ALA P 182 -59.38 6.54 -59.02
CA ALA P 182 -58.95 6.33 -60.42
C ALA P 182 -58.07 7.51 -60.86
N LEU P 183 -58.22 8.68 -60.23
CA LEU P 183 -57.46 9.90 -60.63
C LEU P 183 -56.31 10.16 -59.66
N SER P 184 -56.23 9.43 -58.53
CA SER P 184 -55.27 9.75 -57.42
C SER P 184 -54.15 8.69 -57.45
#